data_6HC2
#
_entry.id   6HC2
#
_cell.length_a   153.940
_cell.length_b   153.940
_cell.length_c   732.950
_cell.angle_alpha   90.00
_cell.angle_beta   90.00
_cell.angle_gamma   90.00
#
_symmetry.space_group_name_H-M   'P 41 21 2'
#
loop_
_entity.id
_entity.type
_entity.pdbx_description
1 polymer 'G-protein-signaling modulator 2'
2 polymer 'Nuclear mitotic apparatus protein 1'
#
loop_
_entity_poly.entity_id
_entity_poly.type
_entity_poly.pdbx_seq_one_letter_code
_entity_poly.pdbx_strand_id
1 'polypeptide(L)'
;GPLGSMFHVRYRMEASCLELALEGERLCKSGDCRAGVSFFEAAVQVGTEDLKTLSAIYSQLGNAYFYLHDYAKALEYHHH
DLTLARTIGDQLGEAKASGNLGNTLKVLGNFDEAIVCCQRHLDISRELNDKVGEARALYNLGNVYHAKGKSFGCPGPQDV
GEFPEEVRDALQAAVDFYEENLSLVTALGDRAAQGRAFGNLGNTHYLLGNFRDAVIAHEQRLLIAKEFGDKAAERRAYSN
LGNAYIFLGEFETASEYYKKTLLLARQLKDRAVEAQSCYSLGNTYTLLQDYEKAIDYHLKHLAIAQELNDRIGEGRACWS
LGNAYTALGNHDQAMHFAEKHLEISREVGDKSGELTARLNLSDLQMV
;
A,C,E,G,I,K,M,O,Q,S,U,W
2 'polypeptide(L)' GPLGSPDYGNSALLSLPGYRPTTRSSARRSQAGVSSGAPPGRNSFYMGTCQDEPEQLDDWNRIAELQQRNR B,D,F,H,J,L,N,P,R,T,V,X
#
# COMPACT_ATOMS: atom_id res chain seq x y z
N LEU A 3 52.45 95.24 27.87
CA LEU A 3 51.71 95.37 29.12
C LEU A 3 50.21 95.17 28.86
N GLY A 4 49.65 94.11 29.46
CA GLY A 4 48.23 93.82 29.31
C GLY A 4 47.93 92.37 29.58
N SER A 5 48.49 91.84 30.67
CA SER A 5 48.38 90.43 31.03
C SER A 5 47.19 90.11 31.94
N MET A 6 46.11 90.91 31.90
CA MET A 6 44.82 90.47 32.43
C MET A 6 43.94 89.80 31.40
N PHE A 7 44.51 89.30 30.32
CA PHE A 7 43.85 88.38 29.39
C PHE A 7 44.57 87.03 29.40
N HIS A 8 44.06 86.09 30.21
CA HIS A 8 44.61 84.74 30.24
C HIS A 8 43.58 83.64 30.35
N VAL A 9 42.28 83.97 30.36
CA VAL A 9 41.25 82.98 30.10
C VAL A 9 41.34 82.48 28.65
N ARG A 10 42.01 83.23 27.77
CA ARG A 10 42.21 82.76 26.41
C ARG A 10 43.30 81.70 26.33
N TYR A 11 44.26 81.74 27.26
CA TYR A 11 45.26 80.69 27.36
C TYR A 11 44.72 79.43 28.04
N ARG A 12 43.51 79.49 28.61
CA ARG A 12 43.02 78.39 29.44
C ARG A 12 42.41 77.27 28.61
N MET A 13 41.77 77.62 27.49
CA MET A 13 41.16 76.66 26.56
C MET A 13 42.12 75.55 26.15
N GLU A 14 43.29 75.95 25.69
CA GLU A 14 44.14 75.34 24.67
C GLU A 14 44.47 73.85 24.70
N ALA A 15 45.58 73.57 24.01
CA ALA A 15 46.36 72.36 23.76
C ALA A 15 46.56 72.28 22.25
N SER A 16 47.59 72.94 21.73
CA SER A 16 47.74 73.03 20.30
C SER A 16 48.49 71.82 19.73
N CYS A 17 48.34 71.60 18.43
CA CYS A 17 48.95 70.46 17.78
C CYS A 17 50.43 70.46 18.02
N LEU A 18 50.99 71.65 17.93
CA LEU A 18 52.39 71.95 18.16
C LEU A 18 52.79 71.77 19.63
N GLU A 19 51.95 72.23 20.56
CA GLU A 19 52.31 72.21 21.99
C GLU A 19 52.43 70.79 22.51
N LEU A 20 51.49 69.93 22.16
CA LEU A 20 51.56 68.51 22.52
C LEU A 20 52.81 67.87 21.94
N ALA A 21 53.13 68.20 20.69
CA ALA A 21 54.30 67.64 20.03
C ALA A 21 55.59 68.07 20.73
N LEU A 22 55.69 69.35 21.09
CA LEU A 22 56.90 69.84 21.75
C LEU A 22 57.08 69.16 23.11
N GLU A 23 55.99 68.92 23.82
CA GLU A 23 56.08 68.21 25.10
C GLU A 23 56.57 66.79 24.90
N GLY A 24 56.06 66.09 23.88
CA GLY A 24 56.56 64.76 23.58
C GLY A 24 58.05 64.75 23.32
N GLU A 25 58.53 65.73 22.56
CA GLU A 25 59.95 65.79 22.24
C GLU A 25 60.80 66.05 23.48
N ARG A 26 60.34 66.93 24.39
CA ARG A 26 61.10 67.19 25.62
C ARG A 26 61.15 65.94 26.51
N LEU A 27 60.09 65.14 26.52
CA LEU A 27 60.12 63.93 27.33
C LEU A 27 61.11 62.92 26.77
N CYS A 28 61.18 62.80 25.44
CA CYS A 28 62.16 61.92 24.82
C CYS A 28 63.59 62.43 25.06
N LYS A 29 63.76 63.76 25.05
CA LYS A 29 65.09 64.33 25.34
C LYS A 29 65.54 63.95 26.74
N SER A 30 64.62 63.91 27.71
CA SER A 30 64.94 63.54 29.07
C SER A 30 65.09 62.03 29.26
N GLY A 31 64.67 61.22 28.28
CA GLY A 31 64.85 59.79 28.32
C GLY A 31 63.65 59.01 28.77
N ASP A 32 62.51 59.68 28.98
CA ASP A 32 61.25 59.02 29.32
C ASP A 32 60.39 58.98 28.05
N CYS A 33 60.69 58.01 27.20
CA CYS A 33 60.02 57.94 25.91
C CYS A 33 58.64 57.31 26.01
N ARG A 34 58.36 56.65 27.13
CA ARG A 34 57.05 56.06 27.38
C ARG A 34 56.00 57.15 27.54
N ALA A 35 56.32 58.21 28.29
CA ALA A 35 55.40 59.33 28.39
C ALA A 35 55.40 60.17 27.12
N GLY A 36 56.55 60.28 26.44
CA GLY A 36 56.61 61.06 25.22
C GLY A 36 55.69 60.53 24.13
N VAL A 37 55.57 59.20 24.05
CA VAL A 37 54.72 58.59 23.03
C VAL A 37 53.27 59.02 23.21
N SER A 38 52.80 59.04 24.46
CA SER A 38 51.41 59.44 24.72
C SER A 38 51.14 60.84 24.21
N PHE A 39 52.06 61.77 24.46
CA PHE A 39 51.87 63.15 24.00
C PHE A 39 52.01 63.28 22.50
N PHE A 40 52.84 62.45 21.87
CA PHE A 40 52.92 62.47 20.41
C PHE A 40 51.64 61.96 19.78
N GLU A 41 51.14 60.81 20.23
CA GLU A 41 49.90 60.28 19.68
C GLU A 41 48.74 61.21 19.98
N ALA A 42 48.82 61.99 21.05
CA ALA A 42 47.78 62.97 21.32
C ALA A 42 47.82 64.08 20.27
N ALA A 43 49.02 64.51 19.89
CA ALA A 43 49.14 65.50 18.83
C ALA A 43 48.62 64.95 17.51
N VAL A 44 48.82 63.65 17.27
CA VAL A 44 48.26 63.01 16.08
C VAL A 44 46.73 63.10 16.10
N GLN A 45 46.13 62.91 17.27
CA GLN A 45 44.67 62.98 17.36
C GLN A 45 44.17 64.37 17.02
N VAL A 46 44.89 65.41 17.48
CA VAL A 46 44.49 66.78 17.17
C VAL A 46 44.64 67.07 15.69
N GLY A 47 45.76 66.65 15.10
CA GLY A 47 46.03 66.89 13.69
C GLY A 47 46.43 68.32 13.40
N THR A 48 47.04 68.50 12.24
CA THR A 48 47.57 69.81 11.87
C THR A 48 47.42 70.03 10.38
N GLU A 49 47.52 71.31 9.98
CA GLU A 49 47.52 71.66 8.57
C GLU A 49 48.92 71.59 7.96
N ASP A 50 49.94 71.71 8.80
CA ASP A 50 51.32 71.88 8.36
C ASP A 50 51.93 70.51 8.10
N LEU A 51 52.14 70.17 6.83
CA LEU A 51 52.62 68.83 6.51
C LEU A 51 54.07 68.65 6.91
N LYS A 52 54.86 69.72 6.93
CA LYS A 52 56.24 69.62 7.41
C LYS A 52 56.27 69.22 8.88
N THR A 53 55.39 69.81 9.69
CA THR A 53 55.29 69.44 11.09
C THR A 53 54.83 67.99 11.24
N LEU A 54 53.79 67.61 10.50
CA LEU A 54 53.26 66.26 10.57
C LEU A 54 54.32 65.23 10.23
N SER A 55 55.15 65.51 9.21
CA SER A 55 56.24 64.62 8.85
C SER A 55 57.19 64.43 10.04
N ALA A 56 57.53 65.53 10.73
CA ALA A 56 58.41 65.44 11.88
C ALA A 56 57.79 64.62 13.01
N ILE A 57 56.47 64.75 13.20
CA ILE A 57 55.81 64.01 14.27
C ILE A 57 55.89 62.51 14.00
N TYR A 58 55.53 62.11 12.77
CA TYR A 58 55.56 60.70 12.41
C TYR A 58 56.96 60.12 12.61
N SER A 59 57.98 60.83 12.15
CA SER A 59 59.35 60.31 12.21
C SER A 59 59.81 60.16 13.65
N GLN A 60 59.52 61.14 14.50
CA GLN A 60 59.96 61.05 15.89
C GLN A 60 59.12 60.07 16.67
N LEU A 61 57.89 59.81 16.24
CA LEU A 61 57.13 58.73 16.85
C LEU A 61 57.72 57.38 16.47
N GLY A 62 58.07 57.20 15.19
CA GLY A 62 58.74 55.98 14.78
C GLY A 62 60.02 55.75 15.53
N ASN A 63 60.84 56.80 15.65
CA ASN A 63 62.09 56.69 16.37
C ASN A 63 61.86 56.42 17.85
N ALA A 64 60.79 56.97 18.42
CA ALA A 64 60.50 56.74 19.83
C ALA A 64 60.03 55.31 20.07
N TYR A 65 59.12 54.81 19.21
CA TYR A 65 58.68 53.43 19.33
C TYR A 65 59.82 52.46 19.09
N PHE A 66 60.72 52.83 18.18
CA PHE A 66 61.90 52.02 17.89
C PHE A 66 62.72 51.83 19.15
N TYR A 67 62.97 52.92 19.87
CA TYR A 67 63.74 52.88 21.10
C TYR A 67 63.01 52.11 22.20
N LEU A 68 61.68 52.16 22.22
CA LEU A 68 60.88 51.38 23.16
C LEU A 68 60.65 49.94 22.72
N HIS A 69 61.33 49.50 21.66
CA HIS A 69 61.27 48.13 21.17
C HIS A 69 59.86 47.72 20.74
N ASP A 70 59.00 48.67 20.41
CA ASP A 70 57.69 48.36 19.83
C ASP A 70 57.79 48.55 18.32
N TYR A 71 58.49 47.58 17.71
CA TYR A 71 58.86 47.70 16.30
C TYR A 71 57.64 47.68 15.39
N ALA A 72 56.52 47.11 15.84
CA ALA A 72 55.32 47.09 15.01
C ALA A 72 54.78 48.50 14.77
N LYS A 73 54.66 49.29 15.84
CA LYS A 73 54.20 50.67 15.67
C LYS A 73 55.31 51.56 15.12
N ALA A 74 56.58 51.22 15.34
CA ALA A 74 57.66 51.95 14.67
C ALA A 74 57.53 51.82 13.16
N LEU A 75 57.15 50.63 12.71
CA LEU A 75 56.89 50.38 11.29
C LEU A 75 55.74 51.25 10.81
N GLU A 76 54.68 51.32 11.61
CA GLU A 76 53.49 52.09 11.25
C GLU A 76 53.82 53.55 10.95
N TYR A 77 54.44 54.23 11.91
CA TYR A 77 54.63 55.67 11.75
C TYR A 77 55.72 56.01 10.75
N HIS A 78 56.77 55.18 10.64
CA HIS A 78 57.76 55.44 9.59
C HIS A 78 57.17 55.18 8.21
N HIS A 79 56.20 54.27 8.13
CA HIS A 79 55.52 54.02 6.87
C HIS A 79 54.64 55.21 6.50
N HIS A 80 53.98 55.82 7.49
CA HIS A 80 53.20 57.02 7.23
C HIS A 80 54.09 58.18 6.81
N ASP A 81 55.25 58.33 7.45
CA ASP A 81 56.17 59.40 7.07
C ASP A 81 56.63 59.22 5.62
N LEU A 82 56.93 57.98 5.24
CA LEU A 82 57.32 57.69 3.85
C LEU A 82 56.18 58.02 2.89
N THR A 83 54.96 57.59 3.22
CA THR A 83 53.80 57.86 2.36
C THR A 83 53.59 59.36 2.17
N LEU A 84 53.69 60.12 3.26
CA LEU A 84 53.50 61.57 3.18
C LEU A 84 54.61 62.22 2.35
N ALA A 85 55.87 61.84 2.59
CA ALA A 85 56.99 62.41 1.85
C ALA A 85 56.87 62.12 0.36
N ARG A 86 56.27 60.97 0.01
CA ARG A 86 56.14 60.59 -1.38
C ARG A 86 55.08 61.40 -2.09
N THR A 87 53.94 61.61 -1.44
CA THR A 87 52.85 62.33 -2.09
C THR A 87 53.22 63.78 -2.38
N ILE A 88 53.82 64.48 -1.41
CA ILE A 88 54.19 65.88 -1.66
C ILE A 88 55.56 66.02 -2.30
N GLY A 89 56.28 64.93 -2.57
CA GLY A 89 57.53 65.01 -3.31
C GLY A 89 58.74 65.57 -2.57
N ASP A 90 58.78 65.54 -1.22
CA ASP A 90 60.01 65.88 -0.52
C ASP A 90 60.99 64.72 -0.59
N GLN A 91 61.52 64.44 -1.77
CA GLN A 91 62.37 63.28 -1.93
C GLN A 91 63.48 63.30 -0.89
N LEU A 92 63.82 64.50 -0.41
CA LEU A 92 64.70 64.58 0.74
C LEU A 92 64.07 63.90 1.94
N GLY A 93 62.77 64.18 2.19
CA GLY A 93 62.05 63.48 3.24
C GLY A 93 61.87 62.01 2.93
N GLU A 94 61.69 61.68 1.65
CA GLU A 94 61.47 60.29 1.24
C GLU A 94 62.67 59.41 1.55
N ALA A 95 63.87 59.90 1.24
CA ALA A 95 65.08 59.12 1.47
C ALA A 95 65.29 58.85 2.95
N LYS A 96 65.15 59.89 3.78
CA LYS A 96 65.36 59.72 5.21
C LYS A 96 64.34 58.77 5.81
N ALA A 97 63.09 58.82 5.34
CA ALA A 97 62.06 57.92 5.85
C ALA A 97 62.34 56.49 5.42
N SER A 98 62.83 56.30 4.19
CA SER A 98 63.19 54.97 3.72
C SER A 98 64.30 54.37 4.58
N GLY A 99 65.29 55.19 4.96
CA GLY A 99 66.36 54.70 5.81
C GLY A 99 65.86 54.22 7.15
N ASN A 100 64.99 55.00 7.79
CA ASN A 100 64.44 54.59 9.08
C ASN A 100 63.57 53.35 8.93
N LEU A 101 62.78 53.28 7.85
CA LEU A 101 61.97 52.10 7.60
C LEU A 101 62.86 50.89 7.38
N GLY A 102 64.00 51.07 6.71
CA GLY A 102 64.94 49.98 6.50
C GLY A 102 65.53 49.44 7.79
N ASN A 103 65.98 50.34 8.66
CA ASN A 103 66.55 49.91 9.94
C ASN A 103 65.51 49.20 10.78
N THR A 104 64.26 49.66 10.72
CA THR A 104 63.20 48.99 11.46
C THR A 104 63.02 47.57 10.93
N LEU A 105 62.94 47.44 9.59
CA LEU A 105 62.83 46.13 8.96
C LEU A 105 64.04 45.26 9.27
N LYS A 106 65.21 45.87 9.43
CA LYS A 106 66.43 45.12 9.72
C LYS A 106 66.30 44.41 11.06
N VAL A 107 65.78 45.10 12.07
CA VAL A 107 65.60 44.48 13.38
C VAL A 107 64.55 43.40 13.34
N LEU A 108 63.50 43.58 12.54
CA LEU A 108 62.44 42.60 12.50
C LEU A 108 62.83 41.34 11.73
N GLY A 109 64.00 41.35 11.09
CA GLY A 109 64.48 40.23 10.30
C GLY A 109 63.93 40.15 8.90
N ASN A 110 63.28 41.19 8.39
CA ASN A 110 62.79 41.22 7.01
C ASN A 110 63.85 41.88 6.11
N PHE A 111 64.95 41.15 5.94
CA PHE A 111 66.14 41.69 5.29
C PHE A 111 65.87 42.07 3.85
N ASP A 112 65.05 41.28 3.14
CA ASP A 112 64.84 41.53 1.71
C ASP A 112 64.23 42.90 1.47
N GLU A 113 63.18 43.26 2.22
CA GLU A 113 62.61 44.60 2.10
C GLU A 113 63.55 45.65 2.68
N ALA A 114 64.29 45.31 3.72
CA ALA A 114 65.22 46.27 4.31
C ALA A 114 66.29 46.70 3.32
N ILE A 115 66.74 45.77 2.47
CA ILE A 115 67.73 46.11 1.44
C ILE A 115 67.16 47.15 0.48
N VAL A 116 65.94 46.92 0.02
CA VAL A 116 65.29 47.81 -0.95
C VAL A 116 65.14 49.22 -0.37
N CYS A 117 64.66 49.31 0.86
CA CYS A 117 64.42 50.63 1.43
C CYS A 117 65.71 51.40 1.60
N CYS A 118 66.78 50.75 2.07
CA CYS A 118 68.00 51.52 2.23
C CYS A 118 68.65 51.78 0.87
N GLN A 119 68.42 50.89 -0.12
CA GLN A 119 68.85 51.17 -1.48
C GLN A 119 68.13 52.42 -2.01
N ARG A 120 66.85 52.59 -1.67
CA ARG A 120 66.14 53.80 -2.08
C ARG A 120 66.78 55.03 -1.46
N HIS A 121 67.16 54.94 -0.19
CA HIS A 121 67.86 56.03 0.47
C HIS A 121 69.17 56.37 -0.24
N LEU A 122 69.94 55.34 -0.60
CA LEU A 122 71.20 55.58 -1.29
C LEU A 122 70.97 56.24 -2.65
N ASP A 123 70.05 55.70 -3.46
CA ASP A 123 69.87 56.23 -4.80
C ASP A 123 69.44 57.69 -4.77
N ILE A 124 68.48 58.04 -3.91
CA ILE A 124 68.03 59.43 -3.84
C ILE A 124 69.15 60.35 -3.36
N SER A 125 69.95 59.90 -2.39
CA SER A 125 71.04 60.75 -1.92
C SER A 125 72.04 61.02 -3.05
N ARG A 126 72.37 59.99 -3.84
CA ARG A 126 73.29 60.20 -4.96
C ARG A 126 72.67 61.12 -6.01
N GLU A 127 71.35 61.03 -6.20
CA GLU A 127 70.68 61.85 -7.21
C GLU A 127 70.68 63.33 -6.82
N LEU A 128 70.51 63.63 -5.52
CA LEU A 128 70.50 64.98 -5.02
C LEU A 128 71.89 65.50 -4.66
N ASN A 129 72.93 64.66 -4.86
CA ASN A 129 74.31 65.00 -4.51
C ASN A 129 74.43 65.35 -3.02
N ASP A 130 73.66 64.62 -2.21
CA ASP A 130 73.71 64.77 -0.76
C ASP A 130 74.77 63.80 -0.23
N LYS A 131 75.98 64.31 -0.02
CA LYS A 131 77.12 63.45 0.31
C LYS A 131 77.00 62.89 1.72
N VAL A 132 76.50 63.68 2.67
CA VAL A 132 76.32 63.19 4.03
C VAL A 132 75.20 62.15 4.07
N GLY A 133 74.14 62.35 3.28
CA GLY A 133 73.10 61.35 3.20
C GLY A 133 73.57 60.09 2.49
N GLU A 134 74.41 60.25 1.47
CA GLU A 134 74.95 59.10 0.77
C GLU A 134 75.77 58.24 1.72
N ALA A 135 76.61 58.88 2.53
CA ALA A 135 77.43 58.16 3.49
C ALA A 135 76.56 57.41 4.51
N ARG A 136 75.53 58.07 5.03
CA ARG A 136 74.66 57.43 6.02
C ARG A 136 73.94 56.23 5.41
N ALA A 137 73.60 56.31 4.13
CA ALA A 137 72.99 55.19 3.41
C ALA A 137 73.93 54.01 3.32
N LEU A 138 75.19 54.30 3.00
CA LEU A 138 76.19 53.26 2.88
C LEU A 138 76.37 52.56 4.21
N TYR A 139 76.45 53.34 5.30
CA TYR A 139 76.57 52.77 6.63
C TYR A 139 75.36 51.90 6.97
N ASN A 140 74.15 52.35 6.61
CA ASN A 140 72.95 51.56 6.88
C ASN A 140 73.00 50.24 6.11
N LEU A 141 73.37 50.28 4.82
CA LEU A 141 73.44 49.05 4.03
C LEU A 141 74.46 48.09 4.62
N GLY A 142 75.62 48.61 5.04
CA GLY A 142 76.59 47.77 5.71
C GLY A 142 76.01 47.10 6.94
N ASN A 143 75.27 47.87 7.74
CA ASN A 143 74.67 47.32 8.95
C ASN A 143 73.65 46.22 8.63
N VAL A 144 72.86 46.40 7.57
CA VAL A 144 71.83 45.42 7.27
C VAL A 144 72.47 44.09 6.87
N TYR A 145 73.44 44.14 5.96
CA TYR A 145 74.13 42.91 5.54
C TYR A 145 74.90 42.30 6.68
N HIS A 146 75.47 43.13 7.56
CA HIS A 146 76.15 42.61 8.74
C HIS A 146 75.17 41.83 9.60
N ALA A 147 73.97 42.37 9.79
CA ALA A 147 72.96 41.70 10.59
C ALA A 147 72.43 40.46 9.88
N LYS A 148 72.27 40.53 8.56
CA LYS A 148 71.79 39.36 7.82
C LYS A 148 72.77 38.20 7.96
N GLY A 149 74.06 38.50 7.80
CA GLY A 149 75.06 37.46 7.96
C GLY A 149 75.10 36.89 9.36
N LYS A 150 74.86 37.75 10.36
CA LYS A 150 74.89 37.31 11.76
C LYS A 150 73.65 36.49 12.12
N SER A 151 72.55 36.62 11.38
CA SER A 151 71.32 35.90 11.72
C SER A 151 71.35 34.44 11.30
N PHE A 152 72.41 33.97 10.67
CA PHE A 152 72.55 32.56 10.39
C PHE A 152 73.61 31.91 11.26
N GLY A 153 74.26 32.69 12.12
CA GLY A 153 75.55 32.30 12.65
C GLY A 153 75.40 31.52 13.94
N CYS A 154 75.87 30.25 13.94
CA CYS A 154 76.46 29.58 15.08
C CYS A 154 77.96 29.62 14.78
N PRO A 155 78.57 30.83 14.76
CA PRO A 155 79.76 31.11 13.93
C PRO A 155 80.91 30.11 14.03
N GLY A 156 81.35 29.55 12.90
CA GLY A 156 82.32 28.46 12.87
C GLY A 156 83.56 28.78 12.05
N PRO A 157 84.59 29.37 12.65
CA PRO A 157 85.95 29.17 12.15
C PRO A 157 86.67 27.99 12.78
N GLN A 158 85.93 27.02 13.32
CA GLN A 158 86.45 26.07 14.29
C GLN A 158 87.42 25.08 13.62
N ASP A 159 88.59 24.93 14.25
CA ASP A 159 89.74 24.21 13.71
C ASP A 159 90.02 24.65 12.28
N VAL A 160 89.44 23.96 11.31
CA VAL A 160 89.29 24.48 9.95
C VAL A 160 87.85 24.22 9.56
N GLY A 161 87.04 25.28 9.55
CA GLY A 161 85.61 25.15 9.37
C GLY A 161 85.12 25.78 8.08
N GLU A 162 83.96 25.32 7.63
CA GLU A 162 83.23 25.93 6.53
C GLU A 162 81.93 26.57 7.00
N PHE A 163 81.54 27.64 6.30
CA PHE A 163 80.29 28.37 6.50
C PHE A 163 79.52 28.44 5.20
N PRO A 164 78.20 28.62 5.26
CA PRO A 164 77.41 28.66 4.02
C PRO A 164 77.80 29.86 3.16
N GLU A 165 77.72 29.66 1.84
CA GLU A 165 78.01 30.72 0.89
C GLU A 165 77.12 31.94 1.12
N GLU A 166 75.87 31.71 1.54
CA GLU A 166 74.97 32.84 1.80
C GLU A 166 75.56 33.78 2.85
N VAL A 167 76.17 33.22 3.90
CA VAL A 167 76.70 34.06 4.97
C VAL A 167 77.92 34.83 4.49
N ARG A 168 78.84 34.16 3.81
CA ARG A 168 80.04 34.81 3.30
C ARG A 168 79.69 35.94 2.32
N ASP A 169 78.71 35.69 1.44
CA ASP A 169 78.31 36.73 0.49
C ASP A 169 77.74 37.95 1.22
N ALA A 170 76.94 37.72 2.27
CA ALA A 170 76.35 38.86 2.97
C ALA A 170 77.41 39.65 3.73
N LEU A 171 78.35 38.95 4.38
CA LEU A 171 79.41 39.64 5.11
C LEU A 171 80.35 40.36 4.16
N GLN A 172 80.64 39.79 3.00
CA GLN A 172 81.49 40.48 2.03
C GLN A 172 80.80 41.72 1.50
N ALA A 173 79.48 41.66 1.32
CA ALA A 173 78.74 42.84 0.90
C ALA A 173 78.83 43.92 1.96
N ALA A 174 78.79 43.54 3.24
CA ALA A 174 78.93 44.51 4.32
C ALA A 174 80.30 45.17 4.29
N VAL A 175 81.34 44.37 4.00
CA VAL A 175 82.70 44.92 3.93
C VAL A 175 82.77 45.97 2.83
N ASP A 176 82.19 45.66 1.67
CA ASP A 176 82.19 46.60 0.55
C ASP A 176 81.50 47.91 0.91
N PHE A 177 80.30 47.82 1.50
CA PHE A 177 79.59 49.03 1.89
C PHE A 177 80.33 49.82 2.96
N TYR A 178 80.89 49.15 3.97
CA TYR A 178 81.62 49.88 5.00
C TYR A 178 82.83 50.58 4.42
N GLU A 179 83.54 49.94 3.49
CA GLU A 179 84.72 50.57 2.91
C GLU A 179 84.32 51.75 2.01
N GLU A 180 83.20 51.63 1.30
CA GLU A 180 82.69 52.76 0.54
C GLU A 180 82.31 53.91 1.47
N ASN A 181 81.61 53.59 2.57
CA ASN A 181 81.31 54.59 3.59
C ASN A 181 82.58 55.25 4.11
N LEU A 182 83.58 54.42 4.45
CA LEU A 182 84.85 54.92 4.96
C LEU A 182 85.51 55.88 3.98
N SER A 183 85.51 55.53 2.70
CA SER A 183 86.11 56.40 1.69
C SER A 183 85.43 57.77 1.66
N LEU A 184 84.10 57.78 1.66
CA LEU A 184 83.35 59.04 1.60
C LEU A 184 83.48 59.82 2.91
N VAL A 185 83.53 59.10 4.03
CA VAL A 185 83.60 59.76 5.34
C VAL A 185 84.99 60.37 5.55
N THR A 186 86.04 59.65 5.14
CA THR A 186 87.38 60.21 5.24
C THR A 186 87.54 61.44 4.36
N ALA A 187 86.86 61.46 3.21
CA ALA A 187 86.92 62.62 2.33
C ALA A 187 86.15 63.81 2.92
N LEU A 188 85.07 63.54 3.65
CA LEU A 188 84.32 64.61 4.30
C LEU A 188 84.97 65.06 5.60
N GLY A 189 85.97 64.35 6.10
CA GLY A 189 86.65 64.71 7.33
C GLY A 189 85.80 64.55 8.58
N ASP A 190 84.95 63.53 8.63
CA ASP A 190 84.10 63.26 9.78
C ASP A 190 84.76 62.16 10.60
N ARG A 191 85.51 62.56 11.63
CA ARG A 191 86.29 61.59 12.41
C ARG A 191 85.38 60.65 13.19
N ALA A 192 84.27 61.16 13.72
CA ALA A 192 83.34 60.31 14.46
C ALA A 192 82.81 59.18 13.59
N ALA A 193 82.35 59.51 12.37
CA ALA A 193 81.83 58.49 11.48
C ALA A 193 82.93 57.54 11.03
N GLN A 194 84.17 58.02 10.93
CA GLN A 194 85.29 57.14 10.60
C GLN A 194 85.47 56.09 11.69
N GLY A 195 85.37 56.50 12.95
CA GLY A 195 85.48 55.56 14.05
C GLY A 195 84.41 54.48 13.98
N ARG A 196 83.16 54.89 13.76
CA ARG A 196 82.08 53.92 13.73
C ARG A 196 82.28 52.93 12.59
N ALA A 197 82.74 53.43 11.44
CA ALA A 197 83.02 52.56 10.29
C ALA A 197 84.11 51.55 10.59
N PHE A 198 85.22 52.00 11.19
CA PHE A 198 86.33 51.10 11.49
C PHE A 198 85.88 49.98 12.44
N GLY A 199 85.09 50.32 13.46
CA GLY A 199 84.61 49.31 14.38
C GLY A 199 83.80 48.22 13.71
N ASN A 200 82.79 48.61 12.93
CA ASN A 200 81.93 47.63 12.27
C ASN A 200 82.69 46.86 11.18
N LEU A 201 83.61 47.55 10.49
CA LEU A 201 84.43 46.86 9.51
C LEU A 201 85.28 45.79 10.18
N GLY A 202 85.87 46.13 11.34
CA GLY A 202 86.68 45.17 12.06
C GLY A 202 85.89 43.95 12.53
N ASN A 203 84.68 44.17 13.05
CA ASN A 203 83.86 43.05 13.49
C ASN A 203 83.36 42.21 12.32
N THR A 204 83.21 42.80 11.14
CA THR A 204 82.78 42.01 10.00
C THR A 204 83.92 41.11 9.53
N HIS A 205 85.13 41.66 9.44
CA HIS A 205 86.30 40.84 9.12
C HIS A 205 86.48 39.74 10.16
N TYR A 206 86.18 40.05 11.42
CA TYR A 206 86.31 39.07 12.50
C TYR A 206 85.39 37.87 12.28
N LEU A 207 84.14 38.14 11.87
CA LEU A 207 83.22 37.05 11.59
C LEU A 207 83.62 36.30 10.33
N LEU A 208 84.19 37.00 9.35
CA LEU A 208 84.59 36.36 8.10
C LEU A 208 85.78 35.43 8.29
N GLY A 209 86.59 35.67 9.32
CA GLY A 209 87.81 34.95 9.51
C GLY A 209 89.05 35.68 9.05
N ASN A 210 88.91 36.96 8.68
CA ASN A 210 90.03 37.77 8.22
C ASN A 210 90.60 38.54 9.42
N PHE A 211 91.27 37.79 10.31
CA PHE A 211 91.61 38.33 11.61
C PHE A 211 92.65 39.44 11.54
N ARG A 212 93.61 39.33 10.60
CA ARG A 212 94.62 40.37 10.49
C ARG A 212 93.98 41.70 10.07
N ASP A 213 93.07 41.65 9.10
CA ASP A 213 92.36 42.87 8.71
C ASP A 213 91.50 43.39 9.84
N ALA A 214 90.97 42.50 10.69
CA ALA A 214 90.16 42.95 11.82
C ALA A 214 91.02 43.72 12.81
N VAL A 215 92.21 43.19 13.11
CA VAL A 215 93.15 43.88 14.00
C VAL A 215 93.45 45.28 13.48
N ILE A 216 93.76 45.39 12.19
CA ILE A 216 94.09 46.68 11.61
C ILE A 216 92.94 47.67 11.78
N ALA A 217 91.71 47.22 11.50
CA ALA A 217 90.57 48.12 11.61
C ALA A 217 90.31 48.54 13.05
N HIS A 218 90.42 47.61 14.00
CA HIS A 218 90.19 47.96 15.40
C HIS A 218 91.30 48.83 15.97
N GLU A 219 92.52 48.68 15.46
CA GLU A 219 93.59 49.58 15.88
C GLU A 219 93.27 51.02 15.48
N GLN A 220 92.67 51.20 14.30
CA GLN A 220 92.23 52.53 13.89
C GLN A 220 91.08 53.02 14.74
N ARG A 221 90.16 52.12 15.12
CA ARG A 221 89.07 52.51 16.01
C ARG A 221 89.63 52.97 17.36
N LEU A 222 90.66 52.28 17.84
CA LEU A 222 91.28 52.63 19.11
C LEU A 222 91.91 54.02 19.03
N LEU A 223 92.64 54.30 17.96
CA LEU A 223 93.28 55.60 17.80
C LEU A 223 92.26 56.72 17.78
N ILE A 224 91.14 56.52 17.06
CA ILE A 224 90.11 57.55 17.00
C ILE A 224 89.41 57.70 18.34
N ALA A 225 89.23 56.59 19.07
CA ALA A 225 88.61 56.66 20.39
C ALA A 225 89.45 57.49 21.36
N LYS A 226 90.77 57.31 21.31
CA LYS A 226 91.67 58.13 22.12
C LYS A 226 91.58 59.60 21.74
N GLU A 227 91.50 59.88 20.44
CA GLU A 227 91.40 61.24 19.94
C GLU A 227 90.18 61.97 20.50
N PHE A 228 89.06 61.27 20.63
CA PHE A 228 87.83 61.83 21.17
C PHE A 228 87.71 61.66 22.69
N GLY A 229 88.67 60.98 23.31
CA GLY A 229 88.59 60.70 24.74
C GLY A 229 87.41 59.84 25.14
N ASP A 230 86.84 59.10 24.19
CA ASP A 230 85.71 58.22 24.44
C ASP A 230 86.21 56.91 25.06
N LYS A 231 86.20 56.86 26.39
CA LYS A 231 86.66 55.67 27.11
C LYS A 231 85.81 54.44 26.78
N ALA A 232 84.50 54.63 26.57
CA ALA A 232 83.65 53.48 26.23
C ALA A 232 84.09 52.85 24.92
N ALA A 233 84.28 53.67 23.89
CA ALA A 233 84.77 53.18 22.61
C ALA A 233 86.18 52.60 22.74
N GLU A 234 87.03 53.20 23.58
CA GLU A 234 88.36 52.64 23.80
C GLU A 234 88.27 51.22 24.33
N ARG A 235 87.35 51.01 25.27
CA ARG A 235 87.20 49.69 25.88
C ARG A 235 86.64 48.69 24.87
N ARG A 236 85.74 49.13 24.01
CA ARG A 236 85.25 48.21 22.99
C ARG A 236 86.35 47.80 22.04
N ALA A 237 87.21 48.74 21.62
CA ALA A 237 88.33 48.42 20.75
C ALA A 237 89.27 47.42 21.43
N TYR A 238 89.58 47.63 22.70
CA TYR A 238 90.44 46.70 23.42
C TYR A 238 89.83 45.30 23.44
N SER A 239 88.51 45.21 23.63
CA SER A 239 87.86 43.91 23.71
C SER A 239 87.88 43.21 22.35
N ASN A 240 87.59 43.94 21.28
CA ASN A 240 87.61 43.36 19.95
C ASN A 240 89.01 42.92 19.56
N LEU A 241 90.03 43.68 19.97
CA LEU A 241 91.40 43.31 19.67
C LEU A 241 91.78 42.00 20.36
N GLY A 242 91.44 41.87 21.64
CA GLY A 242 91.68 40.63 22.35
C GLY A 242 91.04 39.44 21.67
N ASN A 243 89.77 39.60 21.26
CA ASN A 243 89.06 38.52 20.58
C ASN A 243 89.82 38.08 19.34
N ALA A 244 90.30 39.04 18.56
CA ALA A 244 90.96 38.70 17.29
C ALA A 244 92.29 38.00 17.52
N TYR A 245 93.06 38.45 18.52
CA TYR A 245 94.35 37.83 18.79
C TYR A 245 94.19 36.40 19.30
N ILE A 246 93.08 36.11 19.98
CA ILE A 246 92.79 34.72 20.36
C ILE A 246 92.74 33.82 19.13
N PHE A 247 91.99 34.23 18.11
CA PHE A 247 91.85 33.42 16.91
C PHE A 247 93.10 33.41 16.05
N LEU A 248 93.99 34.37 16.23
CA LEU A 248 95.26 34.31 15.53
C LEU A 248 96.20 33.31 16.18
N GLY A 249 95.99 33.01 17.46
CA GLY A 249 96.80 32.09 18.21
C GLY A 249 97.80 32.74 19.12
N GLU A 250 97.83 34.08 19.17
CA GLU A 250 98.77 34.82 20.01
C GLU A 250 98.08 35.17 21.33
N PHE A 251 98.06 34.18 22.23
CA PHE A 251 97.30 34.32 23.47
C PHE A 251 97.93 35.32 24.42
N GLU A 252 99.26 35.42 24.44
CA GLU A 252 99.93 36.41 25.28
C GLU A 252 99.50 37.83 24.92
N THR A 253 99.50 38.15 23.62
CA THR A 253 99.04 39.47 23.19
C THR A 253 97.58 39.68 23.59
N ALA A 254 96.76 38.64 23.44
CA ALA A 254 95.34 38.76 23.77
C ALA A 254 95.14 39.07 25.25
N SER A 255 95.92 38.43 26.12
CA SER A 255 95.77 38.67 27.55
C SER A 255 96.01 40.13 27.91
N GLU A 256 97.02 40.75 27.29
CA GLU A 256 97.31 42.15 27.60
C GLU A 256 96.23 43.10 27.08
N TYR A 257 95.55 42.74 25.99
CA TYR A 257 94.40 43.56 25.57
C TYR A 257 93.21 43.36 26.49
N TYR A 258 92.97 42.12 26.96
CA TYR A 258 91.87 41.92 27.90
C TYR A 258 92.19 42.57 29.24
N LYS A 259 93.47 42.65 29.60
CA LYS A 259 93.86 43.35 30.81
C LYS A 259 93.53 44.84 30.70
N LYS A 260 93.73 45.42 29.53
CA LYS A 260 93.41 46.84 29.36
C LYS A 260 91.90 47.07 29.37
N THR A 261 91.10 46.10 28.94
CA THR A 261 89.66 46.22 29.11
C THR A 261 89.29 46.24 30.59
N LEU A 262 89.95 45.40 31.37
CA LEU A 262 89.67 45.34 32.81
C LEU A 262 90.06 46.64 33.49
N LEU A 263 91.20 47.21 33.09
CA LEU A 263 91.64 48.49 33.65
C LEU A 263 90.57 49.56 33.47
N LEU A 264 90.09 49.74 32.23
CA LEU A 264 89.06 50.74 31.96
C LEU A 264 87.72 50.36 32.60
N ALA A 265 87.44 49.07 32.74
CA ALA A 265 86.17 48.66 33.36
C ALA A 265 86.14 49.02 34.83
N ARG A 266 87.25 48.81 35.53
CA ARG A 266 87.39 49.16 36.94
C ARG A 266 87.37 50.67 37.15
N GLN A 267 87.88 51.46 36.20
CA GLN A 267 87.82 52.91 36.36
C GLN A 267 86.43 53.48 36.04
N LEU A 268 85.70 52.85 35.12
CA LEU A 268 84.33 53.25 34.87
C LEU A 268 83.37 52.66 35.89
N LYS A 269 83.87 51.81 36.79
CA LYS A 269 83.06 51.12 37.80
C LYS A 269 81.91 50.35 37.17
N ASP A 270 82.15 49.79 35.99
CA ASP A 270 81.16 48.97 35.29
C ASP A 270 81.39 47.52 35.72
N ARG A 271 80.57 47.04 36.65
CA ARG A 271 80.76 45.69 37.18
C ARG A 271 80.49 44.64 36.11
N ALA A 272 79.52 44.90 35.22
CA ALA A 272 79.17 43.91 34.20
C ALA A 272 80.30 43.72 33.21
N VAL A 273 80.85 44.82 32.67
CA VAL A 273 82.00 44.73 31.79
C VAL A 273 83.21 44.16 32.53
N GLU A 274 83.35 44.51 33.81
CA GLU A 274 84.46 44.00 34.60
C GLU A 274 84.40 42.48 34.69
N ALA A 275 83.19 41.93 34.82
CA ALA A 275 83.05 40.48 34.94
C ALA A 275 83.32 39.80 33.61
N GLN A 276 82.80 40.36 32.51
CA GLN A 276 83.09 39.81 31.19
C GLN A 276 84.59 39.83 30.90
N SER A 277 85.29 40.85 31.39
CA SER A 277 86.73 40.91 31.20
C SER A 277 87.45 39.80 31.95
N CYS A 278 87.04 39.56 33.20
CA CYS A 278 87.63 38.47 33.97
C CYS A 278 87.36 37.12 33.32
N TYR A 279 86.15 36.95 32.76
CA TYR A 279 85.82 35.69 32.10
C TYR A 279 86.70 35.47 30.88
N SER A 280 86.94 36.53 30.10
CA SER A 280 87.82 36.40 28.94
C SER A 280 89.24 36.08 29.37
N LEU A 281 89.69 36.70 30.47
CA LEU A 281 91.03 36.40 30.97
C LEU A 281 91.12 34.96 31.46
N GLY A 282 90.05 34.46 32.08
CA GLY A 282 90.05 33.08 32.51
C GLY A 282 90.21 32.10 31.36
N ASN A 283 89.51 32.36 30.25
CA ASN A 283 89.64 31.52 29.08
C ASN A 283 91.00 31.70 28.40
N THR A 284 91.57 32.89 28.47
CA THR A 284 92.88 33.12 27.86
C THR A 284 93.96 32.30 28.55
N TYR A 285 94.04 32.40 29.88
CA TYR A 285 94.99 31.58 30.64
C TYR A 285 94.67 30.09 30.55
N THR A 286 93.42 29.71 30.27
CA THR A 286 93.15 28.31 29.99
C THR A 286 93.84 27.87 28.71
N LEU A 287 93.79 28.72 27.68
CA LEU A 287 94.50 28.44 26.44
C LEU A 287 96.01 28.44 26.65
N LEU A 288 96.50 29.27 27.56
CA LEU A 288 97.92 29.25 27.88
C LEU A 288 98.28 28.11 28.83
N GLN A 289 97.27 27.36 29.27
CA GLN A 289 97.40 26.19 30.14
C GLN A 289 97.93 26.54 31.52
N ASP A 290 97.76 27.80 31.94
CA ASP A 290 98.12 28.24 33.27
C ASP A 290 96.83 28.22 34.08
N TYR A 291 96.44 27.01 34.51
CA TYR A 291 95.11 26.82 35.06
C TYR A 291 94.95 27.49 36.41
N GLU A 292 96.05 27.74 37.13
CA GLU A 292 95.97 28.44 38.40
C GLU A 292 95.49 29.88 38.20
N LYS A 293 96.08 30.58 37.22
CA LYS A 293 95.62 31.93 36.91
C LYS A 293 94.23 31.92 36.32
N ALA A 294 93.87 30.86 35.58
CA ALA A 294 92.53 30.77 35.01
C ALA A 294 91.49 30.69 36.11
N ILE A 295 91.76 29.90 37.14
CA ILE A 295 90.84 29.78 38.27
C ILE A 295 90.70 31.12 38.98
N ASP A 296 91.81 31.85 39.15
CA ASP A 296 91.77 33.14 39.82
C ASP A 296 90.80 34.09 39.13
N TYR A 297 90.88 34.22 37.80
CA TYR A 297 90.00 35.14 37.09
C TYR A 297 88.58 34.62 37.00
N HIS A 298 88.40 33.30 36.84
CA HIS A 298 87.05 32.76 36.80
C HIS A 298 86.36 32.93 38.15
N LEU A 299 87.11 32.95 39.24
CA LEU A 299 86.52 33.20 40.55
C LEU A 299 86.09 34.65 40.67
N LYS A 300 86.94 35.58 40.21
CA LYS A 300 86.60 36.99 40.23
C LYS A 300 85.32 37.24 39.42
N HIS A 301 85.18 36.54 38.30
CA HIS A 301 83.96 36.63 37.50
C HIS A 301 82.77 36.07 38.26
N LEU A 302 82.96 34.95 38.95
CA LEU A 302 81.89 34.32 39.70
C LEU A 302 81.35 35.26 40.77
N ALA A 303 82.25 35.91 41.51
CA ALA A 303 81.82 36.78 42.62
C ALA A 303 81.00 37.95 42.11
N ILE A 304 81.44 38.59 41.02
CA ILE A 304 80.66 39.69 40.45
C ILE A 304 79.32 39.19 39.93
N ALA A 305 79.31 37.97 39.37
CA ALA A 305 78.06 37.40 38.86
C ALA A 305 77.07 37.19 40.00
N GLN A 306 77.53 36.65 41.12
CA GLN A 306 76.66 36.47 42.28
C GLN A 306 76.18 37.81 42.82
N GLU A 307 77.05 38.83 42.77
CA GLU A 307 76.67 40.18 43.18
C GLU A 307 75.52 40.71 42.33
N LEU A 308 75.69 40.71 41.01
CA LEU A 308 74.68 41.21 40.10
C LEU A 308 73.51 40.25 39.94
N ASN A 309 73.50 39.13 40.68
CA ASN A 309 72.48 38.09 40.56
C ASN A 309 72.32 37.61 39.12
N ASP A 310 73.40 37.66 38.33
CA ASP A 310 73.40 37.11 36.98
C ASP A 310 73.51 35.61 37.07
N ARG A 311 72.34 34.96 37.10
CA ARG A 311 72.30 33.51 37.30
C ARG A 311 72.88 32.76 36.11
N ILE A 312 72.68 33.28 34.89
CA ILE A 312 73.22 32.63 33.71
C ILE A 312 74.75 32.59 33.78
N GLY A 313 75.36 33.74 34.01
CA GLY A 313 76.81 33.82 34.12
C GLY A 313 77.38 33.03 35.29
N GLU A 314 76.58 32.81 36.34
CA GLU A 314 77.04 31.96 37.44
C GLU A 314 77.28 30.54 36.97
N GLY A 315 76.35 29.99 36.18
CA GLY A 315 76.52 28.65 35.67
C GLY A 315 77.70 28.55 34.73
N ARG A 316 77.94 29.61 33.96
CA ARG A 316 79.08 29.63 33.04
C ARG A 316 80.39 29.56 33.82
N ALA A 317 80.46 30.27 34.95
CA ALA A 317 81.65 30.22 35.78
C ALA A 317 81.82 28.84 36.42
N CYS A 318 80.72 28.25 36.88
CA CYS A 318 80.79 26.94 37.53
C CYS A 318 81.32 25.88 36.57
N TRP A 319 80.82 25.88 35.34
CA TRP A 319 81.29 24.90 34.36
C TRP A 319 82.76 25.10 34.05
N SER A 320 83.18 26.36 33.89
CA SER A 320 84.58 26.65 33.59
C SER A 320 85.47 26.26 34.75
N LEU A 321 85.06 26.60 35.98
CA LEU A 321 85.85 26.25 37.16
C LEU A 321 85.99 24.75 37.30
N GLY A 322 84.90 24.01 37.07
CA GLY A 322 84.96 22.56 37.11
C GLY A 322 86.04 22.00 36.21
N ASN A 323 86.12 22.53 34.99
CA ASN A 323 87.09 22.01 34.02
C ASN A 323 88.49 22.52 34.30
N ALA A 324 88.62 23.71 34.87
CA ALA A 324 89.93 24.20 35.28
C ALA A 324 90.48 23.37 36.44
N TYR A 325 89.64 23.08 37.44
CA TYR A 325 90.09 22.26 38.56
C TYR A 325 90.37 20.84 38.10
N THR A 326 89.61 20.34 37.14
CA THR A 326 89.86 19.01 36.59
C THR A 326 91.22 18.94 35.90
N ALA A 327 91.60 20.01 35.21
CA ALA A 327 92.89 20.03 34.55
C ALA A 327 94.04 20.09 35.54
N LEU A 328 93.76 20.52 36.77
CA LEU A 328 94.77 20.53 37.82
C LEU A 328 94.78 19.25 38.63
N GLY A 329 93.62 18.61 38.81
CA GLY A 329 93.50 17.35 39.52
C GLY A 329 92.69 17.41 40.79
N ASN A 330 92.19 18.60 41.17
CA ASN A 330 91.34 18.81 42.34
C ASN A 330 89.96 18.21 42.08
N HIS A 331 89.84 16.90 42.27
CA HIS A 331 88.58 16.24 41.92
C HIS A 331 87.48 16.60 42.91
N ASP A 332 87.82 16.93 44.16
CA ASP A 332 86.80 17.31 45.12
C ASP A 332 86.25 18.70 44.81
N GLN A 333 87.12 19.65 44.47
CA GLN A 333 86.67 20.99 44.10
C GLN A 333 85.94 20.97 42.76
N ALA A 334 86.37 20.11 41.84
CA ALA A 334 85.67 19.98 40.57
C ALA A 334 84.25 19.46 40.80
N MET A 335 84.09 18.45 41.67
CA MET A 335 82.75 17.93 41.94
C MET A 335 81.85 19.00 42.57
N HIS A 336 82.43 19.95 43.29
CA HIS A 336 81.61 20.98 43.93
C HIS A 336 80.98 21.89 42.87
N PHE A 337 81.81 22.40 41.95
CA PHE A 337 81.30 23.30 40.93
C PHE A 337 80.47 22.57 39.89
N ALA A 338 80.72 21.27 39.68
CA ALA A 338 79.87 20.50 38.77
C ALA A 338 78.47 20.36 39.36
N GLU A 339 78.36 20.21 40.69
CA GLU A 339 77.04 20.23 41.32
C GLU A 339 76.38 21.57 41.11
N LYS A 340 77.13 22.65 41.36
CA LYS A 340 76.56 23.98 41.20
C LYS A 340 76.19 24.24 39.75
N HIS A 341 76.92 23.65 38.81
CA HIS A 341 76.55 23.76 37.42
C HIS A 341 75.22 23.05 37.14
N LEU A 342 75.04 21.85 37.69
CA LEU A 342 73.78 21.14 37.53
C LEU A 342 72.63 21.95 38.12
N GLU A 343 72.83 22.52 39.32
CA GLU A 343 71.76 23.26 39.98
C GLU A 343 71.35 24.47 39.17
N ILE A 344 72.31 25.28 38.75
CA ILE A 344 71.99 26.48 37.99
C ILE A 344 71.35 26.11 36.64
N SER A 345 71.90 25.11 35.94
CA SER A 345 71.36 24.74 34.62
C SER A 345 69.90 24.31 34.72
N ARG A 346 69.53 23.63 35.80
CA ARG A 346 68.10 23.33 36.00
C ARG A 346 67.30 24.60 36.20
N GLU A 347 67.84 25.52 36.99
CA GLU A 347 67.08 26.68 37.43
C GLU A 347 66.82 27.66 36.27
N VAL A 348 67.70 27.66 35.26
CA VAL A 348 67.61 28.60 34.15
C VAL A 348 67.13 27.94 32.87
N GLY A 349 66.88 26.63 32.89
CA GLY A 349 66.40 25.93 31.71
C GLY A 349 67.45 25.63 30.68
N ASP A 350 68.73 25.68 31.04
CA ASP A 350 69.79 25.31 30.11
C ASP A 350 69.80 23.79 29.97
N LYS A 351 69.02 23.26 29.03
CA LYS A 351 68.89 21.81 28.90
C LYS A 351 70.22 21.18 28.49
N SER A 352 70.98 21.89 27.64
CA SER A 352 72.30 21.40 27.26
C SER A 352 73.22 21.29 28.48
N GLY A 353 73.27 22.34 29.29
CA GLY A 353 74.15 22.34 30.46
C GLY A 353 73.78 21.27 31.47
N GLU A 354 72.48 21.02 31.63
CA GLU A 354 72.02 20.04 32.61
C GLU A 354 72.52 18.66 32.26
N LEU A 355 72.48 18.31 30.97
CA LEU A 355 72.92 16.98 30.55
C LEU A 355 74.43 16.85 30.67
N THR A 356 75.15 17.93 30.41
CA THR A 356 76.61 17.90 30.54
C THR A 356 77.04 17.76 32.00
N ALA A 357 76.39 18.51 32.90
CA ALA A 357 76.75 18.42 34.31
C ALA A 357 76.52 17.02 34.85
N ARG A 358 75.50 16.31 34.36
CA ARG A 358 75.31 14.92 34.76
C ARG A 358 76.45 14.05 34.25
N LEU A 359 76.77 14.17 32.96
CA LEU A 359 77.87 13.39 32.40
C LEU A 359 79.19 13.75 33.04
N ASN A 360 79.32 14.94 33.64
CA ASN A 360 80.54 15.31 34.34
C ASN A 360 80.63 14.68 35.72
N LEU A 361 79.54 14.68 36.47
CA LEU A 361 79.58 14.15 37.83
C LEU A 361 79.77 12.64 37.83
N SER A 362 79.12 11.94 36.89
CA SER A 362 79.31 10.50 36.74
C SER A 362 80.78 10.14 36.66
N ASP A 363 81.52 10.85 35.80
CA ASP A 363 82.94 10.54 35.60
C ASP A 363 83.77 10.96 36.80
N LEU A 364 83.51 12.16 37.33
CA LEU A 364 84.27 12.68 38.46
C LEU A 364 84.13 11.81 39.70
N GLN A 365 82.96 11.23 39.92
CA GLN A 365 82.74 10.42 41.12
C GLN A 365 83.67 9.21 41.17
N MET A 366 84.08 8.68 40.01
CA MET A 366 84.86 7.45 40.01
C MET A 366 86.30 7.66 40.46
N VAL A 367 86.79 8.90 40.54
CA VAL A 367 88.11 9.12 41.17
C VAL A 367 88.09 10.08 42.35
N ASP B 7 58.50 18.77 -7.36
CA ASP B 7 59.37 19.94 -7.38
C ASP B 7 60.83 19.53 -7.53
N TYR B 8 61.61 20.38 -8.20
CA TYR B 8 63.04 20.19 -8.34
C TYR B 8 63.74 21.13 -7.37
N GLY B 9 64.45 20.55 -6.39
CA GLY B 9 65.09 21.34 -5.36
C GLY B 9 65.84 20.55 -4.30
N ASN B 10 67.12 20.26 -4.58
CA ASN B 10 67.97 19.47 -3.69
C ASN B 10 68.39 20.23 -2.44
N SER B 11 68.39 21.55 -2.49
CA SER B 11 68.76 22.39 -1.36
C SER B 11 67.65 23.35 -0.95
N ALA B 12 66.56 23.42 -1.69
CA ALA B 12 65.48 24.34 -1.35
C ALA B 12 64.68 23.86 -0.14
N LEU B 13 64.84 22.62 0.27
CA LEU B 13 64.19 22.11 1.47
C LEU B 13 64.84 22.61 2.76
N LEU B 14 65.83 23.48 2.67
CA LEU B 14 66.58 23.98 3.82
C LEU B 14 65.72 24.86 4.72
N SER B 15 64.42 24.89 4.45
CA SER B 15 63.47 25.60 5.29
C SER B 15 63.15 24.81 6.55
N LEU B 16 63.71 23.59 6.66
CA LEU B 16 63.48 22.68 7.78
C LEU B 16 64.55 22.91 8.85
N PRO B 17 64.15 22.95 10.12
CA PRO B 17 65.04 23.40 11.20
C PRO B 17 66.39 22.71 11.41
N GLY B 18 67.47 23.42 11.03
CA GLY B 18 68.87 23.09 11.22
C GLY B 18 69.43 21.74 10.82
N TYR B 19 70.27 21.72 9.76
CA TYR B 19 70.86 20.51 9.22
C TYR B 19 72.08 20.80 8.33
N ARG B 20 72.39 19.90 7.36
CA ARG B 20 73.26 20.11 6.19
C ARG B 20 74.70 19.71 6.45
N PRO B 21 75.22 18.66 5.76
CA PRO B 21 76.60 18.22 6.00
C PRO B 21 77.62 18.59 4.93
N THR B 22 78.82 19.04 5.32
CA THR B 22 79.95 19.19 4.39
C THR B 22 81.18 18.58 5.04
N THR B 23 81.89 17.75 4.28
CA THR B 23 83.06 17.02 4.78
C THR B 23 84.25 17.96 4.99
N PRO B 40 102.12 29.31 15.76
CA PRO B 40 100.91 30.02 16.19
C PRO B 40 99.62 29.46 15.58
N GLY B 41 98.55 29.41 16.36
CA GLY B 41 97.26 28.91 15.91
C GLY B 41 96.47 28.21 17.01
N ARG B 42 95.14 28.25 16.90
CA ARG B 42 94.24 27.79 17.98
C ARG B 42 93.06 27.02 17.42
N ASN B 43 93.17 25.69 17.40
CA ASN B 43 92.07 24.83 16.96
C ASN B 43 91.21 24.39 18.14
N SER B 44 89.90 24.64 18.03
CA SER B 44 88.88 24.31 19.03
C SER B 44 89.06 25.00 20.38
N PHE B 45 88.24 24.56 21.35
CA PHE B 45 88.04 25.15 22.68
C PHE B 45 87.51 26.59 22.64
N TYR B 46 86.70 26.97 23.64
CA TYR B 46 85.71 28.04 23.52
C TYR B 46 86.25 29.46 23.73
N MET B 47 85.55 30.44 23.13
CA MET B 47 85.99 31.83 23.07
C MET B 47 85.03 32.89 23.66
N GLY B 48 83.87 33.17 23.07
CA GLY B 48 83.04 34.29 23.55
C GLY B 48 82.27 34.98 22.42
N THR B 49 81.96 36.28 22.64
CA THR B 49 81.27 37.16 21.67
C THR B 49 82.06 38.46 21.47
N CYS B 50 81.46 39.50 20.84
CA CYS B 50 82.31 40.60 20.35
C CYS B 50 81.85 42.05 20.53
N GLN B 51 80.55 42.34 20.58
CA GLN B 51 79.98 43.69 20.80
C GLN B 51 80.31 44.74 19.74
N ASP B 52 79.30 45.15 18.96
CA ASP B 52 79.45 46.08 17.83
C ASP B 52 79.41 47.57 18.20
N GLU B 53 78.89 48.42 17.30
CA GLU B 53 78.92 49.87 17.45
C GLU B 53 77.55 50.51 17.77
N PRO B 54 77.53 51.68 18.46
CA PRO B 54 76.27 52.21 19.02
C PRO B 54 75.23 52.59 17.99
N GLU B 55 73.96 52.24 18.26
CA GLU B 55 72.87 52.75 17.46
C GLU B 55 72.80 54.23 17.78
N GLN B 56 73.10 55.08 16.80
CA GLN B 56 73.31 56.49 17.03
C GLN B 56 72.01 57.26 16.80
N LEU B 57 71.41 57.73 17.90
CA LEU B 57 70.20 58.55 17.81
C LEU B 57 70.57 59.94 18.34
N ASP B 58 70.79 60.84 17.40
CA ASP B 58 71.02 62.25 17.63
C ASP B 58 69.70 62.99 17.62
N ASP B 59 68.70 62.34 17.02
CA ASP B 59 67.36 62.86 16.83
C ASP B 59 66.57 62.92 18.13
N TRP B 60 66.71 64.02 18.87
CA TRP B 60 65.68 64.47 19.80
C TRP B 60 65.43 65.96 19.67
N ASN B 61 65.81 66.56 18.54
CA ASN B 61 65.59 67.98 18.31
C ASN B 61 65.41 68.27 16.82
N ARG B 62 64.46 67.56 16.21
CA ARG B 62 64.04 67.79 14.83
C ARG B 62 62.79 68.65 14.76
N ILE B 63 61.91 68.47 15.74
CA ILE B 63 60.68 69.25 15.86
C ILE B 63 60.98 70.66 16.35
N ALA B 64 61.90 70.81 17.30
CA ALA B 64 62.03 72.08 18.02
C ALA B 64 62.35 73.27 17.11
N GLU B 65 62.97 73.05 15.97
CA GLU B 65 63.20 74.16 15.05
C GLU B 65 62.00 74.23 14.09
N LEU B 66 61.26 75.34 14.14
CA LEU B 66 60.10 75.52 13.29
C LEU B 66 59.90 76.98 12.96
N GLN B 67 59.23 77.21 11.83
CA GLN B 67 59.15 78.52 11.20
C GLN B 67 58.34 79.52 12.02
N GLY C 1 95.46 5.59 39.42
CA GLY C 1 95.17 6.33 38.20
C GLY C 1 93.85 6.00 37.54
N PRO C 2 93.18 7.03 37.02
CA PRO C 2 91.89 6.83 36.37
C PRO C 2 92.04 6.27 34.96
N LEU C 3 90.90 5.98 34.34
CA LEU C 3 90.98 5.46 32.99
C LEU C 3 90.63 6.60 32.07
N GLY C 4 90.34 7.77 32.65
CA GLY C 4 89.75 8.91 31.97
C GLY C 4 89.67 10.17 32.83
N SER C 5 90.81 10.69 33.29
CA SER C 5 90.77 11.93 34.04
C SER C 5 90.83 13.11 33.08
N MET C 6 91.40 12.90 31.90
CA MET C 6 91.34 13.85 30.80
C MET C 6 90.27 13.48 29.77
N PHE C 7 89.76 12.26 29.77
CA PHE C 7 88.50 12.02 29.06
C PHE C 7 87.27 12.42 29.88
N HIS C 8 87.48 12.92 31.10
CA HIS C 8 86.43 13.66 31.77
C HIS C 8 86.31 15.08 31.24
N VAL C 9 87.43 15.64 30.77
CA VAL C 9 87.44 16.96 30.16
C VAL C 9 86.72 16.92 28.82
N ARG C 10 86.62 15.75 28.19
CA ARG C 10 85.92 15.62 26.92
C ARG C 10 84.42 15.72 27.09
N TYR C 11 83.89 15.36 28.25
CA TYR C 11 82.48 15.66 28.53
C TYR C 11 82.25 17.05 29.11
N ARG C 12 83.31 17.76 29.54
CA ARG C 12 83.06 19.12 30.03
C ARG C 12 82.71 20.07 28.88
N MET C 13 82.74 19.59 27.66
CA MET C 13 82.35 20.28 26.44
C MET C 13 81.06 21.07 26.45
N GLU C 14 79.97 20.32 26.32
CA GLU C 14 78.60 20.66 25.94
C GLU C 14 77.95 19.44 25.31
N ALA C 15 76.65 19.55 24.94
CA ALA C 15 75.81 18.39 24.68
C ALA C 15 75.46 18.31 23.20
N SER C 16 75.57 17.13 22.65
CA SER C 16 75.34 16.89 21.24
C SER C 16 73.85 16.71 20.96
N CYS C 17 73.49 16.86 19.69
CA CYS C 17 72.08 16.76 19.31
C CYS C 17 71.52 15.40 19.71
N LEU C 18 72.27 14.33 19.43
CA LEU C 18 71.81 12.99 19.77
C LEU C 18 71.61 12.84 21.28
N GLU C 19 72.51 13.41 22.08
CA GLU C 19 72.41 13.28 23.53
C GLU C 19 71.17 13.96 24.06
N LEU C 20 70.88 15.18 23.58
CA LEU C 20 69.67 15.87 23.99
C LEU C 20 68.43 15.08 23.58
N ALA C 21 68.46 14.52 22.36
CA ALA C 21 67.33 13.74 21.86
C ALA C 21 67.08 12.50 22.71
N LEU C 22 68.15 11.80 23.08
CA LEU C 22 68.00 10.58 23.89
C LEU C 22 67.42 10.91 25.26
N GLU C 23 67.81 12.05 25.83
CA GLU C 23 67.24 12.47 27.12
C GLU C 23 65.76 12.77 26.98
N GLY C 24 65.36 13.46 25.91
CA GLY C 24 63.95 13.69 25.68
C GLY C 24 63.15 12.41 25.59
N GLU C 25 63.70 11.41 24.89
CA GLU C 25 63.00 10.14 24.74
C GLU C 25 62.86 9.41 26.07
N ARG C 26 63.90 9.43 26.91
CA ARG C 26 63.81 8.79 28.22
C ARG C 26 62.78 9.47 29.10
N LEU C 27 62.64 10.79 29.01
CA LEU C 27 61.64 11.48 29.81
C LEU C 27 60.23 11.10 29.38
N CYS C 28 60.02 10.97 28.07
CA CYS C 28 58.71 10.52 27.59
C CYS C 28 58.44 9.08 27.98
N LYS C 29 59.47 8.23 28.00
CA LYS C 29 59.30 6.85 28.47
C LYS C 29 58.82 6.81 29.90
N SER C 30 59.34 7.71 30.72
CA SER C 30 58.96 7.77 32.13
C SER C 30 57.61 8.43 32.35
N GLY C 31 57.07 9.09 31.34
CA GLY C 31 55.75 9.67 31.40
C GLY C 31 55.72 11.15 31.69
N ASP C 32 56.88 11.80 31.77
CA ASP C 32 56.97 13.24 31.95
C ASP C 32 57.31 13.87 30.60
N CYS C 33 56.27 14.03 29.78
CA CYS C 33 56.48 14.52 28.41
C CYS C 33 56.66 16.02 28.38
N ARG C 34 56.28 16.71 29.46
CA ARG C 34 56.47 18.15 29.56
C ARG C 34 57.96 18.50 29.57
N ALA C 35 58.76 17.76 30.34
CA ALA C 35 60.20 17.97 30.34
C ALA C 35 60.85 17.41 29.08
N GLY C 36 60.30 16.31 28.54
CA GLY C 36 60.86 15.73 27.32
C GLY C 36 60.79 16.68 26.14
N VAL C 37 59.71 17.46 26.06
CA VAL C 37 59.56 18.41 24.95
C VAL C 37 60.69 19.42 24.95
N SER C 38 61.05 19.95 26.13
CA SER C 38 62.11 20.94 26.22
C SER C 38 63.42 20.39 25.67
N PHE C 39 63.75 19.15 26.03
CA PHE C 39 65.00 18.56 25.55
C PHE C 39 64.95 18.23 24.07
N PHE C 40 63.76 17.89 23.54
CA PHE C 40 63.64 17.66 22.10
C PHE C 40 63.82 18.96 21.33
N GLU C 41 63.11 20.02 21.71
CA GLU C 41 63.28 21.29 21.03
C GLU C 41 64.69 21.83 21.19
N ALA C 42 65.38 21.45 22.27
CA ALA C 42 66.77 21.86 22.40
C ALA C 42 67.62 21.15 21.36
N ALA C 43 67.37 19.87 21.13
CA ALA C 43 68.08 19.15 20.08
C ALA C 43 67.79 19.74 18.71
N VAL C 44 66.57 20.22 18.51
CA VAL C 44 66.24 20.91 17.26
C VAL C 44 67.10 22.16 17.09
N GLN C 45 67.31 22.91 18.18
CA GLN C 45 68.13 24.11 18.10
C GLN C 45 69.56 23.77 17.70
N VAL C 46 70.10 22.68 18.25
CA VAL C 46 71.46 22.27 17.90
C VAL C 46 71.53 21.84 16.44
N GLY C 47 70.56 21.06 15.99
CA GLY C 47 70.54 20.54 14.64
C GLY C 47 71.46 19.36 14.47
N THR C 48 71.28 18.68 13.33
CA THR C 48 72.08 17.50 13.04
C THR C 48 72.26 17.38 11.52
N GLU C 49 73.26 16.59 11.13
CA GLU C 49 73.47 16.26 9.73
C GLU C 49 72.63 15.06 9.30
N ASP C 50 72.27 14.20 10.25
CA ASP C 50 71.68 12.89 9.99
C ASP C 50 70.17 13.06 9.81
N LEU C 51 69.70 12.93 8.57
CA LEU C 51 68.28 13.18 8.30
C LEU C 51 67.40 12.08 8.88
N LYS C 52 67.92 10.85 9.00
CA LYS C 52 67.14 9.78 9.62
C LYS C 52 66.87 10.10 11.08
N THR C 53 67.88 10.63 11.79
CA THR C 53 67.70 11.05 13.16
C THR C 53 66.72 12.21 13.26
N LEU C 54 66.88 13.22 12.40
CA LEU C 54 66.00 14.38 12.40
C LEU C 54 64.55 13.97 12.20
N SER C 55 64.31 13.02 11.30
CA SER C 55 62.96 12.52 11.07
C SER C 55 62.38 11.94 12.36
N ALA C 56 63.19 11.15 13.09
CA ALA C 56 62.73 10.58 14.34
C ALA C 56 62.42 11.65 15.38
N ILE C 57 63.23 12.72 15.41
CA ILE C 57 63.01 13.78 16.39
C ILE C 57 61.68 14.46 16.13
N TYR C 58 61.43 14.83 14.87
CA TYR C 58 60.19 15.50 14.52
C TYR C 58 58.98 14.64 14.90
N SER C 59 59.04 13.35 14.56
CA SER C 59 57.89 12.47 14.79
C SER C 59 57.62 12.31 16.28
N GLN C 60 58.67 12.13 17.08
CA GLN C 60 58.47 11.96 18.52
C GLN C 60 58.11 13.27 19.19
N LEU C 61 58.51 14.40 18.61
CA LEU C 61 58.02 15.67 19.13
C LEU C 61 56.53 15.84 18.84
N GLY C 62 56.11 15.49 17.62
CA GLY C 62 54.69 15.53 17.29
C GLY C 62 53.88 14.63 18.20
N ASN C 63 54.36 13.41 18.42
CA ASN C 63 53.66 12.49 19.29
C ASN C 63 53.65 12.97 20.73
N ALA C 64 54.73 13.66 21.16
CA ALA C 64 54.78 14.17 22.52
C ALA C 64 53.82 15.34 22.70
N TYR C 65 53.81 16.27 21.74
CA TYR C 65 52.87 17.38 21.80
C TYR C 65 51.44 16.89 21.71
N PHE C 66 51.21 15.85 20.90
CA PHE C 66 49.89 15.26 20.79
C PHE C 66 49.42 14.78 22.16
N TYR C 67 50.29 14.08 22.88
CA TYR C 67 49.92 13.58 24.19
C TYR C 67 49.67 14.70 25.18
N LEU C 68 50.40 15.81 25.05
CA LEU C 68 50.22 16.98 25.91
C LEU C 68 49.10 17.88 25.45
N HIS C 69 48.30 17.44 24.48
CA HIS C 69 47.13 18.18 23.99
C HIS C 69 47.49 19.53 23.38
N ASP C 70 48.72 19.72 22.94
CA ASP C 70 49.10 20.93 22.20
C ASP C 70 49.09 20.59 20.72
N TYR C 71 47.87 20.42 20.21
CA TYR C 71 47.68 19.92 18.86
C TYR C 71 48.22 20.86 17.79
N ALA C 72 48.36 22.15 18.11
CA ALA C 72 48.91 23.08 17.12
C ALA C 72 50.37 22.77 16.82
N LYS C 73 51.19 22.56 17.86
CA LYS C 73 52.57 22.20 17.62
C LYS C 73 52.73 20.74 17.21
N ALA C 74 51.78 19.88 17.60
CA ALA C 74 51.81 18.52 17.09
C ALA C 74 51.66 18.54 15.57
N LEU C 75 50.80 19.42 15.07
CA LEU C 75 50.65 19.57 13.62
C LEU C 75 51.93 20.10 13.00
N GLU C 76 52.59 21.07 13.65
CA GLU C 76 53.84 21.63 13.14
C GLU C 76 54.88 20.56 12.88
N TYR C 77 55.23 19.77 13.90
CA TYR C 77 56.34 18.84 13.77
C TYR C 77 55.99 17.62 12.91
N HIS C 78 54.73 17.17 12.93
CA HIS C 78 54.37 16.08 12.02
C HIS C 78 54.36 16.57 10.59
N HIS C 79 54.08 17.85 10.38
CA HIS C 79 54.14 18.42 9.05
C HIS C 79 55.57 18.52 8.56
N HIS C 80 56.50 18.87 9.46
CA HIS C 80 57.92 18.87 9.11
C HIS C 80 58.42 17.47 8.78
N ASP C 81 57.99 16.47 9.57
CA ASP C 81 58.38 15.09 9.29
C ASP C 81 57.90 14.65 7.92
N LEU C 82 56.65 14.98 7.58
CA LEU C 82 56.11 14.67 6.26
C LEU C 82 56.92 15.36 5.16
N THR C 83 57.21 16.65 5.35
CA THR C 83 57.98 17.40 4.36
C THR C 83 59.35 16.78 4.13
N LEU C 84 60.03 16.40 5.22
CA LEU C 84 61.35 15.79 5.09
C LEU C 84 61.28 14.44 4.39
N ALA C 85 60.31 13.60 4.78
CA ALA C 85 60.16 12.29 4.16
C ALA C 85 59.87 12.39 2.68
N ARG C 86 59.19 13.46 2.27
CA ARG C 86 58.80 13.66 0.88
C ARG C 86 60.00 14.09 0.03
N THR C 87 60.82 14.99 0.55
CA THR C 87 61.98 15.47 -0.20
C THR C 87 63.00 14.36 -0.43
N ILE C 88 63.25 13.53 0.59
CA ILE C 88 64.23 12.45 0.46
C ILE C 88 63.63 11.19 -0.17
N GLY C 89 62.34 11.22 -0.51
CA GLY C 89 61.71 10.08 -1.17
C GLY C 89 61.57 8.85 -0.32
N ASP C 90 61.64 8.98 0.99
CA ASP C 90 61.42 7.87 1.92
C ASP C 90 59.92 7.63 1.98
N GLN C 91 59.44 6.68 1.17
CA GLN C 91 58.00 6.46 1.05
C GLN C 91 57.43 5.82 2.31
N LEU C 92 58.19 4.93 2.96
CA LEU C 92 57.74 4.35 4.22
C LEU C 92 57.60 5.43 5.29
N GLY C 93 58.59 6.31 5.39
CA GLY C 93 58.49 7.44 6.31
C GLY C 93 57.37 8.39 5.94
N GLU C 94 57.11 8.55 4.64
CA GLU C 94 56.05 9.43 4.19
C GLU C 94 54.70 8.91 4.64
N ALA C 95 54.48 7.60 4.53
CA ALA C 95 53.21 7.00 4.93
C ALA C 95 52.99 7.15 6.43
N LYS C 96 54.01 6.86 7.24
CA LYS C 96 53.85 6.95 8.69
C LYS C 96 53.58 8.37 9.12
N ALA C 97 54.24 9.35 8.48
CA ALA C 97 54.01 10.74 8.84
C ALA C 97 52.60 11.19 8.43
N SER C 98 52.12 10.71 7.29
CA SER C 98 50.77 11.02 6.86
C SER C 98 49.74 10.52 7.87
N GLY C 99 49.95 9.30 8.38
CA GLY C 99 49.05 8.75 9.38
C GLY C 99 48.98 9.60 10.63
N ASN C 100 50.14 9.99 11.15
CA ASN C 100 50.17 10.82 12.34
C ASN C 100 49.56 12.20 12.08
N LEU C 101 49.84 12.76 10.90
CA LEU C 101 49.23 14.04 10.54
C LEU C 101 47.72 13.89 10.45
N GLY C 102 47.24 12.76 9.94
CA GLY C 102 45.81 12.53 9.85
C GLY C 102 45.13 12.47 11.22
N ASN C 103 45.73 11.72 12.15
CA ASN C 103 45.16 11.62 13.48
C ASN C 103 45.17 12.97 14.20
N THR C 104 46.21 13.78 13.98
CA THR C 104 46.21 15.13 14.54
C THR C 104 45.05 15.95 13.98
N LEU C 105 44.90 15.92 12.66
CA LEU C 105 43.80 16.63 12.01
C LEU C 105 42.45 16.09 12.47
N LYS C 106 42.39 14.80 12.79
CA LYS C 106 41.14 14.22 13.25
C LYS C 106 40.69 14.85 14.55
N VAL C 107 41.62 15.08 15.48
CA VAL C 107 41.27 15.67 16.76
C VAL C 107 40.86 17.13 16.61
N LEU C 108 41.60 17.91 15.80
CA LEU C 108 41.25 19.31 15.60
C LEU C 108 40.14 19.49 14.57
N GLY C 109 39.30 18.47 14.36
CA GLY C 109 38.05 18.62 13.63
C GLY C 109 38.12 18.80 12.13
N ASN C 110 39.30 18.71 11.52
CA ASN C 110 39.42 18.90 10.08
C ASN C 110 39.41 17.54 9.37
N PHE C 111 38.22 16.95 9.35
CA PHE C 111 38.06 15.57 8.88
C PHE C 111 38.40 15.44 7.40
N ASP C 112 38.06 16.47 6.61
CA ASP C 112 38.26 16.36 5.16
C ASP C 112 39.74 16.17 4.81
N GLU C 113 40.62 16.96 5.41
CA GLU C 113 42.05 16.77 5.19
C GLU C 113 42.57 15.53 5.90
N ALA C 114 41.97 15.16 7.04
CA ALA C 114 42.37 13.95 7.74
C ALA C 114 42.13 12.71 6.88
N ILE C 115 41.04 12.72 6.11
CA ILE C 115 40.77 11.60 5.20
C ILE C 115 41.88 11.50 4.17
N VAL C 116 42.28 12.63 3.62
CA VAL C 116 43.31 12.66 2.58
C VAL C 116 44.61 12.06 3.08
N CYS C 117 45.04 12.48 4.28
CA CYS C 117 46.31 12.03 4.82
C CYS C 117 46.30 10.54 5.12
N CYS C 118 45.22 10.04 5.73
CA CYS C 118 45.13 8.62 6.05
C CYS C 118 44.94 7.78 4.80
N GLN C 119 44.27 8.34 3.78
CA GLN C 119 44.16 7.66 2.50
C GLN C 119 45.54 7.53 1.86
N ARG C 120 46.36 8.57 1.99
CA ARG C 120 47.72 8.53 1.47
C ARG C 120 48.53 7.44 2.16
N HIS C 121 48.36 7.32 3.48
CA HIS C 121 49.02 6.26 4.23
C HIS C 121 48.61 4.89 3.71
N LEU C 122 47.31 4.69 3.47
CA LEU C 122 46.83 3.42 2.95
C LEU C 122 47.41 3.13 1.57
N ASP C 123 47.35 4.10 0.66
CA ASP C 123 47.80 3.87 -0.71
C ASP C 123 49.28 3.49 -0.77
N ILE C 124 50.13 4.22 -0.04
CA ILE C 124 51.55 3.90 -0.06
C ILE C 124 51.81 2.53 0.54
N SER C 125 51.07 2.18 1.60
CA SER C 125 51.24 0.87 2.22
C SER C 125 50.90 -0.25 1.25
N ARG C 126 49.81 -0.09 0.50
CA ARG C 126 49.44 -1.09 -0.49
C ARG C 126 50.46 -1.17 -1.61
N GLU C 127 51.04 -0.02 -1.96
CA GLU C 127 52.02 0.03 -3.05
C GLU C 127 53.30 -0.70 -2.69
N LEU C 128 53.74 -0.59 -1.44
CA LEU C 128 54.94 -1.23 -0.95
C LEU C 128 54.68 -2.64 -0.42
N ASN C 129 53.43 -3.10 -0.46
CA ASN C 129 53.03 -4.41 0.09
C ASN C 129 53.38 -4.52 1.57
N ASP C 130 53.21 -3.42 2.29
CA ASP C 130 53.44 -3.40 3.74
C ASP C 130 52.11 -3.71 4.41
N LYS C 131 51.92 -4.97 4.80
CA LYS C 131 50.63 -5.44 5.29
C LYS C 131 50.32 -4.88 6.68
N VAL C 132 51.34 -4.77 7.53
CA VAL C 132 51.12 -4.19 8.85
C VAL C 132 50.81 -2.71 8.74
N GLY C 133 51.46 -2.01 7.81
CA GLY C 133 51.13 -0.61 7.58
C GLY C 133 49.76 -0.44 6.96
N GLU C 134 49.39 -1.35 6.06
CA GLU C 134 48.06 -1.31 5.46
C GLU C 134 46.99 -1.44 6.52
N ALA C 135 47.19 -2.39 7.45
CA ALA C 135 46.24 -2.58 8.54
C ALA C 135 46.13 -1.34 9.42
N ARG C 136 47.27 -0.75 9.82
CA ARG C 136 47.20 0.43 10.68
C ARG C 136 46.50 1.58 9.98
N ALA C 137 46.68 1.71 8.66
CA ALA C 137 46.00 2.78 7.93
C ALA C 137 44.50 2.54 7.88
N LEU C 138 44.09 1.28 7.72
CA LEU C 138 42.67 0.94 7.74
C LEU C 138 42.05 1.31 9.09
N TYR C 139 42.76 0.96 10.18
CA TYR C 139 42.28 1.31 11.52
C TYR C 139 42.19 2.82 11.69
N ASN C 140 43.17 3.57 11.17
CA ASN C 140 43.13 5.02 11.28
C ASN C 140 41.92 5.58 10.54
N LEU C 141 41.67 5.10 9.31
CA LEU C 141 40.54 5.58 8.53
C LEU C 141 39.23 5.29 9.25
N GLY C 142 39.11 4.09 9.82
CA GLY C 142 37.94 3.78 10.63
C GLY C 142 37.76 4.76 11.77
N ASN C 143 38.86 5.09 12.46
CA ASN C 143 38.77 6.03 13.58
C ASN C 143 38.33 7.41 13.11
N VAL C 144 38.80 7.86 11.95
CA VAL C 144 38.46 9.20 11.50
C VAL C 144 36.96 9.30 11.19
N TYR C 145 36.44 8.32 10.44
CA TYR C 145 35.02 8.32 10.12
C TYR C 145 34.18 8.14 11.37
N HIS C 146 34.67 7.36 12.32
CA HIS C 146 33.97 7.20 13.59
C HIS C 146 33.85 8.55 14.29
N ALA C 147 34.95 9.31 14.29
CA ALA C 147 34.94 10.62 14.94
C ALA C 147 34.09 11.61 14.16
N LYS C 148 34.14 11.54 12.82
CA LYS C 148 33.32 12.44 12.00
C LYS C 148 31.84 12.21 12.27
N GLY C 149 31.43 10.94 12.32
CA GLY C 149 30.04 10.65 12.61
C GLY C 149 29.64 11.09 14.01
N LYS C 150 30.57 11.00 14.96
CA LYS C 150 30.29 11.36 16.35
C LYS C 150 30.18 12.88 16.55
N SER C 151 30.81 13.67 15.67
CA SER C 151 30.74 15.12 15.77
C SER C 151 29.38 15.54 15.22
N PHE C 152 28.57 16.18 16.08
CA PHE C 152 27.19 16.62 15.81
C PHE C 152 26.17 15.55 16.18
N GLY C 153 25.06 15.96 16.78
CA GLY C 153 23.96 15.07 17.13
C GLY C 153 24.31 14.15 18.30
N CYS C 154 24.65 14.75 19.43
CA CYS C 154 25.46 14.10 20.45
C CYS C 154 24.71 13.41 21.60
N PRO C 155 23.91 14.08 22.43
CA PRO C 155 22.95 15.19 22.42
C PRO C 155 22.36 15.60 21.06
N GLY C 156 21.13 15.12 20.84
CA GLY C 156 20.41 15.32 19.59
C GLY C 156 19.59 14.08 19.26
N PRO C 157 18.37 14.29 18.69
CA PRO C 157 17.38 13.19 18.59
C PRO C 157 17.86 11.90 17.91
N GLN C 158 17.94 10.78 18.64
CA GLN C 158 18.66 9.60 18.16
C GLN C 158 17.86 8.30 18.12
N ASP C 159 16.66 8.22 18.70
CA ASP C 159 15.97 6.94 18.80
C ASP C 159 15.22 6.56 17.53
N VAL C 160 15.41 5.31 17.09
CA VAL C 160 14.92 4.74 15.83
C VAL C 160 15.21 5.66 14.64
N GLY C 161 16.43 5.57 14.10
CA GLY C 161 16.79 6.48 13.02
C GLY C 161 16.78 7.88 13.58
N GLU C 162 16.53 8.86 12.72
CA GLU C 162 16.77 8.76 11.29
C GLU C 162 18.02 9.61 11.05
N PHE C 163 18.23 10.55 11.98
CA PHE C 163 19.37 11.48 12.04
C PHE C 163 19.55 12.32 10.78
N PRO C 164 20.82 12.75 10.47
CA PRO C 164 21.18 13.03 9.08
C PRO C 164 21.73 11.83 8.32
N GLU C 165 21.49 11.76 7.00
CA GLU C 165 22.16 10.75 6.17
C GLU C 165 23.67 10.86 6.24
N GLU C 166 24.20 12.07 6.43
CA GLU C 166 25.64 12.26 6.53
C GLU C 166 26.23 11.44 7.67
N VAL C 167 25.53 11.37 8.79
CA VAL C 167 26.04 10.63 9.95
C VAL C 167 26.03 9.13 9.69
N ARG C 168 24.91 8.61 9.16
CA ARG C 168 24.85 7.17 8.86
C ARG C 168 25.91 6.77 7.84
N ASP C 169 26.12 7.60 6.82
CA ASP C 169 27.14 7.29 5.81
C ASP C 169 28.53 7.24 6.43
N ALA C 170 28.85 8.17 7.33
CA ALA C 170 30.17 8.18 7.92
C ALA C 170 30.38 6.98 8.84
N LEU C 171 29.36 6.65 9.64
CA LEU C 171 29.47 5.49 10.52
C LEU C 171 29.55 4.19 9.73
N GLN C 172 28.80 4.09 8.63
CA GLN C 172 28.89 2.88 7.80
C GLN C 172 30.26 2.76 7.15
N ALA C 173 30.86 3.90 6.78
CA ALA C 173 32.21 3.85 6.24
C ALA C 173 33.20 3.36 7.29
N ALA C 174 32.98 3.76 8.56
CA ALA C 174 33.83 3.28 9.65
C ALA C 174 33.70 1.78 9.81
N VAL C 175 32.47 1.26 9.70
CA VAL C 175 32.25 -0.17 9.82
C VAL C 175 33.02 -0.92 8.74
N ASP C 176 32.96 -0.40 7.51
CA ASP C 176 33.66 -1.04 6.39
C ASP C 176 35.17 -1.08 6.64
N PHE C 177 35.74 0.07 7.05
CA PHE C 177 37.18 0.10 7.32
C PHE C 177 37.56 -0.81 8.48
N TYR C 178 36.79 -0.81 9.56
CA TYR C 178 37.12 -1.68 10.69
C TYR C 178 37.06 -3.14 10.30
N GLU C 179 36.08 -3.53 9.48
CA GLU C 179 35.97 -4.92 9.07
C GLU C 179 37.10 -5.30 8.13
N GLU C 180 37.51 -4.38 7.25
CA GLU C 180 38.68 -4.63 6.41
C GLU C 180 39.94 -4.78 7.26
N ASN C 181 40.11 -3.89 8.25
CA ASN C 181 41.21 -4.03 9.20
C ASN C 181 41.15 -5.39 9.91
N LEU C 182 39.96 -5.76 10.41
CA LEU C 182 39.79 -7.03 11.10
C LEU C 182 40.19 -8.20 10.22
N SER C 183 39.78 -8.18 8.95
CA SER C 183 40.13 -9.27 8.04
C SER C 183 41.65 -9.41 7.89
N LEU C 184 42.34 -8.28 7.69
CA LEU C 184 43.79 -8.33 7.50
C LEU C 184 44.50 -8.66 8.81
N VAL C 185 43.95 -8.19 9.94
CA VAL C 185 44.60 -8.44 11.22
C VAL C 185 44.43 -9.89 11.65
N THR C 186 43.24 -10.46 11.41
CA THR C 186 43.04 -11.87 11.72
C THR C 186 43.94 -12.76 10.86
N ALA C 187 44.19 -12.35 9.62
CA ALA C 187 45.08 -13.11 8.75
C ALA C 187 46.53 -13.01 9.20
N LEU C 188 46.92 -11.87 9.76
CA LEU C 188 48.28 -11.71 10.27
C LEU C 188 48.45 -12.31 11.66
N GLY C 189 47.37 -12.71 12.31
CA GLY C 189 47.44 -13.32 13.63
C GLY C 189 47.83 -12.37 14.74
N ASP C 190 47.40 -11.11 14.66
CA ASP C 190 47.72 -10.10 15.67
C ASP C 190 46.51 -9.97 16.58
N ARG C 191 46.55 -10.68 17.71
CA ARG C 191 45.41 -10.73 18.61
C ARG C 191 45.14 -9.38 19.28
N ALA C 192 46.19 -8.63 19.61
CA ALA C 192 46.01 -7.32 20.20
C ALA C 192 45.23 -6.39 19.27
N ALA C 193 45.65 -6.33 17.99
CA ALA C 193 44.95 -5.48 17.03
C ALA C 193 43.53 -5.98 16.77
N GLN C 194 43.30 -7.29 16.86
CA GLN C 194 41.95 -7.83 16.72
C GLN C 194 41.06 -7.30 17.83
N GLY C 195 41.57 -7.25 19.05
CA GLY C 195 40.79 -6.72 20.16
C GLY C 195 40.41 -5.27 19.94
N ARG C 196 41.38 -4.45 19.54
CA ARG C 196 41.10 -3.04 19.34
C ARG C 196 40.05 -2.85 18.25
N ALA C 197 40.13 -3.64 17.19
CA ALA C 197 39.15 -3.58 16.10
C ALA C 197 37.76 -3.95 16.58
N PHE C 198 37.64 -5.04 17.33
CA PHE C 198 36.32 -5.48 17.81
C PHE C 198 35.68 -4.41 18.68
N GLY C 199 36.45 -3.78 19.57
CA GLY C 199 35.90 -2.73 20.42
C GLY C 199 35.32 -1.58 19.64
N ASN C 200 36.10 -1.01 18.71
CA ASN C 200 35.63 0.13 17.95
C ASN C 200 34.51 -0.27 16.99
N LEU C 201 34.57 -1.47 16.42
CA LEU C 201 33.47 -1.94 15.59
C LEU C 201 32.19 -2.04 16.40
N GLY C 202 32.28 -2.56 17.62
CA GLY C 202 31.11 -2.66 18.47
C GLY C 202 30.50 -1.32 18.82
N ASN C 203 31.34 -0.34 19.14
CA ASN C 203 30.83 0.99 19.47
C ASN C 203 30.26 1.70 18.25
N THR C 204 30.76 1.39 17.06
CA THR C 204 30.19 2.01 15.86
C THR C 204 28.80 1.45 15.58
N HIS C 205 28.66 0.13 15.67
CA HIS C 205 27.33 -0.48 15.53
C HIS C 205 26.38 0.05 16.60
N TYR C 206 26.89 0.31 17.80
CA TYR C 206 26.07 0.82 18.89
C TYR C 206 25.50 2.19 18.54
N LEU C 207 26.33 3.07 17.95
CA LEU C 207 25.84 4.38 17.55
C LEU C 207 24.89 4.27 16.37
N LEU C 208 25.12 3.31 15.47
CA LEU C 208 24.27 3.14 14.30
C LEU C 208 22.89 2.61 14.68
N GLY C 209 22.77 1.94 15.82
CA GLY C 209 21.54 1.28 16.19
C GLY C 209 21.51 -0.20 15.91
N ASN C 210 22.64 -0.79 15.51
CA ASN C 210 22.73 -2.21 15.21
C ASN C 210 23.21 -2.94 16.47
N PHE C 211 22.29 -3.02 17.45
CA PHE C 211 22.70 -3.43 18.79
C PHE C 211 23.11 -4.90 18.85
N ARG C 212 22.46 -5.77 18.05
CA ARG C 212 22.84 -7.18 18.07
C ARG C 212 24.27 -7.36 17.58
N ASP C 213 24.63 -6.67 16.48
CA ASP C 213 26.00 -6.73 16.00
C ASP C 213 26.98 -6.13 17.00
N ALA C 214 26.54 -5.12 17.76
CA ALA C 214 27.41 -4.52 18.76
C ALA C 214 27.72 -5.51 19.86
N VAL C 215 26.70 -6.22 20.33
CA VAL C 215 26.89 -7.26 21.35
C VAL C 215 27.90 -8.29 20.87
N ILE C 216 27.74 -8.77 19.64
CA ILE C 216 28.65 -9.79 19.10
C ILE C 216 30.09 -9.30 19.10
N ALA C 217 30.30 -8.05 18.64
CA ALA C 217 31.66 -7.53 18.58
C ALA C 217 32.26 -7.35 19.97
N HIS C 218 31.48 -6.85 20.93
CA HIS C 218 32.00 -6.63 22.28
C HIS C 218 32.23 -7.95 23.00
N GLU C 219 31.46 -8.99 22.69
CA GLU C 219 31.73 -10.31 23.26
C GLU C 219 33.10 -10.81 22.81
N GLN C 220 33.46 -10.55 21.55
CA GLN C 220 34.78 -10.90 21.07
C GLN C 220 35.86 -10.07 21.74
N ARG C 221 35.59 -8.77 21.97
CA ARG C 221 36.55 -7.93 22.69
C ARG C 221 36.75 -8.46 24.10
N LEU C 222 35.68 -8.92 24.73
CA LEU C 222 35.77 -9.46 26.09
C LEU C 222 36.64 -10.71 26.12
N LEU C 223 36.43 -11.63 25.17
CA LEU C 223 37.22 -12.86 25.14
C LEU C 223 38.70 -12.56 24.94
N ILE C 224 39.02 -11.61 24.05
CA ILE C 224 40.42 -11.25 23.81
C ILE C 224 41.01 -10.54 25.02
N ALA C 225 40.21 -9.72 25.70
CA ALA C 225 40.69 -9.06 26.92
C ALA C 225 41.05 -10.06 27.99
N LYS C 226 40.23 -11.11 28.15
CA LYS C 226 40.55 -12.17 29.09
C LYS C 226 41.84 -12.89 28.70
N GLU C 227 42.03 -13.14 27.40
CA GLU C 227 43.23 -13.83 26.92
C GLU C 227 44.50 -13.09 27.30
N PHE C 228 44.47 -11.76 27.25
CA PHE C 228 45.61 -10.92 27.59
C PHE C 228 45.63 -10.52 29.06
N GLY C 229 44.60 -10.90 29.83
CA GLY C 229 44.53 -10.49 31.23
C GLY C 229 44.42 -9.00 31.43
N ASP C 230 43.98 -8.28 30.40
CA ASP C 230 43.81 -6.82 30.47
C ASP C 230 42.50 -6.51 31.17
N LYS C 231 42.58 -6.28 32.49
CA LYS C 231 41.38 -5.98 33.27
C LYS C 231 40.72 -4.68 32.82
N ALA C 232 41.51 -3.68 32.39
CA ALA C 232 40.93 -2.43 31.94
C ALA C 232 40.05 -2.64 30.70
N ALA C 233 40.57 -3.37 29.72
CA ALA C 233 39.78 -3.69 28.53
C ALA C 233 38.59 -4.56 28.87
N GLU C 234 38.76 -5.49 29.82
CA GLU C 234 37.66 -6.33 30.25
C GLU C 234 36.53 -5.49 30.82
N ARG C 235 36.87 -4.46 31.59
CA ARG C 235 35.86 -3.58 32.17
C ARG C 235 35.17 -2.75 31.10
N ARG C 236 35.92 -2.30 30.10
CA ARG C 236 35.30 -1.55 29.00
C ARG C 236 34.31 -2.42 28.25
N ALA C 237 34.67 -3.67 27.98
CA ALA C 237 33.76 -4.59 27.30
C ALA C 237 32.48 -4.81 28.11
N TYR C 238 32.62 -5.01 29.43
CA TYR C 238 31.45 -5.19 30.27
C TYR C 238 30.54 -3.98 30.20
N SER C 239 31.12 -2.77 30.19
CA SER C 239 30.33 -1.55 30.18
C SER C 239 29.60 -1.39 28.85
N ASN C 240 30.30 -1.66 27.74
CA ASN C 240 29.66 -1.54 26.43
C ASN C 240 28.56 -2.57 26.26
N LEU C 241 28.76 -3.77 26.81
CA LEU C 241 27.74 -4.80 26.71
C LEU C 241 26.47 -4.38 27.47
N GLY C 242 26.63 -3.87 28.69
CA GLY C 242 25.49 -3.37 29.43
C GLY C 242 24.72 -2.31 28.67
N ASN C 243 25.44 -1.35 28.10
CA ASN C 243 24.80 -0.30 27.32
C ASN C 243 23.94 -0.87 26.21
N ALA C 244 24.48 -1.86 25.49
CA ALA C 244 23.77 -2.41 24.35
C ALA C 244 22.52 -3.17 24.77
N TYR C 245 22.62 -3.94 25.86
CA TYR C 245 21.47 -4.71 26.31
C TYR C 245 20.35 -3.80 26.82
N ILE C 246 20.69 -2.62 27.33
CA ILE C 246 19.66 -1.64 27.68
C ILE C 246 18.81 -1.29 26.45
N PHE C 247 19.46 -0.98 25.34
CA PHE C 247 18.73 -0.58 24.13
C PHE C 247 18.03 -1.74 23.46
N LEU C 248 18.44 -2.97 23.75
CA LEU C 248 17.70 -4.11 23.25
C LEU C 248 16.43 -4.35 24.04
N GLY C 249 16.38 -3.87 25.28
CA GLY C 249 15.25 -4.02 26.16
C GLY C 249 15.40 -5.12 27.19
N GLU C 250 16.54 -5.81 27.22
CA GLU C 250 16.79 -6.89 28.18
C GLU C 250 17.53 -6.31 29.39
N PHE C 251 16.76 -5.71 30.28
CA PHE C 251 17.34 -4.97 31.40
C PHE C 251 17.99 -5.90 32.42
N GLU C 252 17.42 -7.09 32.64
CA GLU C 252 18.04 -8.04 33.56
C GLU C 252 19.45 -8.41 33.12
N THR C 253 19.63 -8.74 31.83
CA THR C 253 20.96 -9.03 31.33
C THR C 253 21.89 -7.84 31.51
N ALA C 254 21.36 -6.64 31.25
CA ALA C 254 22.19 -5.44 31.38
C ALA C 254 22.67 -5.25 32.81
N SER C 255 21.80 -5.50 33.80
CA SER C 255 22.19 -5.30 35.19
C SER C 255 23.38 -6.18 35.56
N GLU C 256 23.38 -7.43 35.10
CA GLU C 256 24.49 -8.31 35.45
C GLU C 256 25.79 -7.92 34.76
N TYR C 257 25.72 -7.32 33.57
CA TYR C 257 26.95 -6.79 32.99
C TYR C 257 27.43 -5.55 33.73
N TYR C 258 26.51 -4.67 34.16
CA TYR C 258 26.93 -3.50 34.93
C TYR C 258 27.46 -3.92 36.30
N LYS C 259 26.93 -5.01 36.85
CA LYS C 259 27.46 -5.55 38.11
C LYS C 259 28.89 -5.99 37.94
N LYS C 260 29.23 -6.61 36.80
CA LYS C 260 30.59 -7.05 36.58
C LYS C 260 31.54 -5.86 36.37
N THR C 261 31.05 -4.75 35.82
CA THR C 261 31.87 -3.55 35.76
C THR C 261 32.18 -3.05 37.17
N LEU C 262 31.19 -3.09 38.05
CA LEU C 262 31.37 -2.61 39.42
C LEU C 262 32.36 -3.49 40.16
N LEU C 263 32.28 -4.81 39.98
CA LEU C 263 33.25 -5.72 40.61
C LEU C 263 34.68 -5.33 40.26
N LEU C 264 34.96 -5.19 38.96
CA LEU C 264 36.31 -4.84 38.52
C LEU C 264 36.68 -3.42 38.92
N ALA C 265 35.70 -2.51 38.98
CA ALA C 265 35.99 -1.15 39.40
C ALA C 265 36.41 -1.10 40.86
N ARG C 266 35.71 -1.87 41.71
CA ARG C 266 36.09 -1.92 43.12
C ARG C 266 37.45 -2.58 43.33
N GLN C 267 37.82 -3.55 42.49
CA GLN C 267 39.12 -4.20 42.67
C GLN C 267 40.26 -3.34 42.15
N LEU C 268 40.02 -2.55 41.11
CA LEU C 268 41.02 -1.60 40.64
C LEU C 268 41.03 -0.33 41.49
N LYS C 269 40.10 -0.22 42.44
CA LYS C 269 39.95 0.94 43.32
C LYS C 269 39.81 2.23 42.51
N ASP C 270 39.12 2.13 41.38
CA ASP C 270 38.84 3.29 40.53
C ASP C 270 37.51 3.86 40.98
N ARG C 271 37.57 4.95 41.76
CA ARG C 271 36.34 5.54 42.32
C ARG C 271 35.46 6.12 41.22
N ALA C 272 36.08 6.68 40.18
CA ALA C 272 35.30 7.32 39.12
C ALA C 272 34.49 6.29 38.33
N VAL C 273 35.16 5.21 37.89
CA VAL C 273 34.44 4.14 37.20
C VAL C 273 33.44 3.49 38.13
N GLU C 274 33.79 3.39 39.42
CA GLU C 274 32.87 2.78 40.39
C GLU C 274 31.58 3.59 40.48
N ALA C 275 31.69 4.91 40.40
CA ALA C 275 30.50 5.76 40.50
C ALA C 275 29.66 5.66 39.23
N GLN C 276 30.32 5.68 38.06
CA GLN C 276 29.61 5.51 36.80
C GLN C 276 28.87 4.18 36.76
N SER C 277 29.45 3.14 37.36
CA SER C 277 28.80 1.83 37.41
C SER C 277 27.55 1.88 38.28
N CYS C 278 27.64 2.52 39.45
CA CYS C 278 26.48 2.64 40.32
C CYS C 278 25.38 3.45 39.66
N TYR C 279 25.74 4.49 38.92
CA TYR C 279 24.73 5.30 38.24
C TYR C 279 24.02 4.48 37.18
N SER C 280 24.77 3.65 36.43
CA SER C 280 24.13 2.82 35.42
C SER C 280 23.22 1.79 36.08
N LEU C 281 23.64 1.23 37.21
CA LEU C 281 22.80 0.28 37.93
C LEU C 281 21.54 0.96 38.45
N GLY C 282 21.67 2.20 38.91
CA GLY C 282 20.49 2.93 39.39
C GLY C 282 19.45 3.10 38.30
N ASN C 283 19.90 3.46 37.10
CA ASN C 283 18.98 3.61 35.98
C ASN C 283 18.43 2.27 35.51
N THR C 284 19.22 1.20 35.62
CA THR C 284 18.74 -0.12 35.20
C THR C 284 17.60 -0.59 36.08
N TYR C 285 17.79 -0.55 37.39
CA TYR C 285 16.70 -0.91 38.30
C TYR C 285 15.53 0.06 38.23
N THR C 286 15.74 1.29 37.78
CA THR C 286 14.60 2.16 37.53
C THR C 286 13.78 1.62 36.35
N LEU C 287 14.46 1.16 35.30
CA LEU C 287 13.77 0.54 34.17
C LEU C 287 13.08 -0.75 34.59
N LEU C 288 13.67 -1.49 35.53
CA LEU C 288 13.03 -2.69 36.05
C LEU C 288 11.95 -2.37 37.07
N GLN C 289 11.78 -1.08 37.39
CA GLN C 289 10.77 -0.56 38.30
C GLN C 289 10.98 -1.02 39.74
N ASP C 290 12.20 -1.42 40.09
CA ASP C 290 12.54 -1.80 41.46
C ASP C 290 13.20 -0.58 42.08
N TYR C 291 12.35 0.39 42.48
CA TYR C 291 12.83 1.71 42.85
C TYR C 291 13.64 1.68 44.14
N GLU C 292 13.41 0.70 45.01
CA GLU C 292 14.21 0.59 46.22
C GLU C 292 15.68 0.31 45.91
N LYS C 293 15.94 -0.65 45.02
CA LYS C 293 17.31 -0.92 44.59
C LYS C 293 17.88 0.25 43.81
N ALA C 294 17.04 0.96 43.06
CA ALA C 294 17.53 2.09 42.29
C ALA C 294 18.04 3.18 43.22
N ILE C 295 17.31 3.43 44.32
CA ILE C 295 17.74 4.43 45.28
C ILE C 295 19.06 4.02 45.94
N ASP C 296 19.21 2.73 46.26
CA ASP C 296 20.43 2.24 46.88
C ASP C 296 21.65 2.56 46.02
N TYR C 297 21.60 2.25 44.71
CA TYR C 297 22.76 2.48 43.86
C TYR C 297 22.95 3.96 43.56
N HIS C 298 21.86 4.71 43.40
CA HIS C 298 21.97 6.14 43.15
C HIS C 298 22.58 6.86 44.35
N LEU C 299 22.36 6.34 45.55
CA LEU C 299 22.97 6.91 46.74
C LEU C 299 24.48 6.62 46.77
N LYS C 300 24.85 5.38 46.44
CA LYS C 300 26.27 5.02 46.38
C LYS C 300 27.00 5.91 45.38
N HIS C 301 26.33 6.21 44.25
CA HIS C 301 26.90 7.11 43.26
C HIS C 301 27.03 8.53 43.83
N LEU C 302 26.00 8.98 44.55
CA LEU C 302 26.01 10.32 45.13
C LEU C 302 27.20 10.50 46.08
N ALA C 303 27.43 9.51 46.94
CA ALA C 303 28.49 9.64 47.94
C ALA C 303 29.86 9.73 47.28
N ILE C 304 30.12 8.90 46.26
CA ILE C 304 31.39 8.98 45.55
C ILE C 304 31.51 10.30 44.81
N ALA C 305 30.38 10.80 44.28
CA ALA C 305 30.40 12.09 43.58
C ALA C 305 30.79 13.22 44.52
N GLN C 306 30.22 13.23 45.72
CA GLN C 306 30.57 14.24 46.70
C GLN C 306 32.03 14.10 47.12
N GLU C 307 32.52 12.86 47.21
CA GLU C 307 33.93 12.63 47.51
C GLU C 307 34.83 13.26 46.46
N LEU C 308 34.62 12.92 45.20
CA LEU C 308 35.43 13.43 44.11
C LEU C 308 35.09 14.87 43.76
N ASN C 309 34.21 15.51 44.52
CA ASN C 309 33.75 16.88 44.28
C ASN C 309 33.24 17.07 42.85
N ASP C 310 32.69 16.01 42.25
CA ASP C 310 32.07 16.09 40.93
C ASP C 310 30.70 16.73 41.08
N ARG C 311 30.65 18.06 40.93
CA ARG C 311 29.41 18.79 41.15
C ARG C 311 28.36 18.44 40.09
N ILE C 312 28.79 18.19 38.86
CA ILE C 312 27.87 17.83 37.79
C ILE C 312 27.14 16.53 38.12
N GLY C 313 27.93 15.49 38.44
CA GLY C 313 27.33 14.21 38.79
C GLY C 313 26.48 14.25 40.04
N GLU C 314 26.75 15.20 40.94
CA GLU C 314 25.90 15.35 42.12
C GLU C 314 24.48 15.74 41.71
N GLY C 315 24.35 16.68 40.79
CA GLY C 315 23.04 17.08 40.31
C GLY C 315 22.33 15.95 39.60
N ARG C 316 23.09 15.13 38.87
CA ARG C 316 22.49 13.98 38.17
C ARG C 316 21.90 13.00 39.17
N ALA C 317 22.61 12.77 40.30
CA ALA C 317 22.09 11.88 41.32
C ALA C 317 20.87 12.46 41.99
N CYS C 318 20.88 13.77 42.27
CA CYS C 318 19.76 14.40 42.93
C CYS C 318 18.49 14.29 42.10
N TRP C 319 18.59 14.54 40.78
CA TRP C 319 17.42 14.45 39.92
C TRP C 319 16.89 13.02 39.87
N SER C 320 17.79 12.04 39.77
CA SER C 320 17.37 10.64 39.72
C SER C 320 16.72 10.23 41.03
N LEU C 321 17.33 10.59 42.15
CA LEU C 321 16.79 10.26 43.46
C LEU C 321 15.42 10.87 43.67
N GLY C 322 15.24 12.13 43.27
CA GLY C 322 13.94 12.78 43.38
C GLY C 322 12.83 11.99 42.72
N ASN C 323 13.09 11.50 41.51
CA ASN C 323 12.08 10.78 40.76
C ASN C 323 11.95 9.33 41.22
N ALA C 324 13.02 8.75 41.74
CA ALA C 324 12.89 7.42 42.35
C ALA C 324 12.04 7.50 43.61
N TYR C 325 12.28 8.49 44.46
CA TYR C 325 11.48 8.64 45.67
C TYR C 325 10.03 9.00 45.31
N THR C 326 9.85 9.78 44.25
CA THR C 326 8.49 10.13 43.82
C THR C 326 7.74 8.89 43.36
N ALA C 327 8.43 7.95 42.70
CA ALA C 327 7.76 6.74 42.25
C ALA C 327 7.41 5.83 43.41
N LEU C 328 8.05 6.02 44.57
CA LEU C 328 7.72 5.26 45.76
C LEU C 328 6.67 5.96 46.62
N GLY C 329 6.66 7.29 46.63
CA GLY C 329 5.68 8.06 47.38
C GLY C 329 6.26 8.90 48.50
N ASN C 330 7.57 8.83 48.74
CA ASN C 330 8.26 9.64 49.74
C ASN C 330 8.31 11.10 49.28
N HIS C 331 7.22 11.83 49.52
CA HIS C 331 7.15 13.20 49.02
C HIS C 331 8.10 14.13 49.76
N ASP C 332 8.39 13.84 51.02
CA ASP C 332 9.32 14.70 51.75
C ASP C 332 10.75 14.50 51.29
N GLN C 333 11.16 13.24 51.08
CA GLN C 333 12.51 12.98 50.59
C GLN C 333 12.66 13.43 49.13
N ALA C 334 11.60 13.32 48.34
CA ALA C 334 11.66 13.80 46.97
C ALA C 334 11.86 15.32 46.94
N MET C 335 11.13 16.06 47.79
CA MET C 335 11.30 17.51 47.82
C MET C 335 12.71 17.90 48.23
N HIS C 336 13.38 17.06 49.03
CA HIS C 336 14.72 17.41 49.48
C HIS C 336 15.70 17.37 48.31
N PHE C 337 15.69 16.27 47.55
CA PHE C 337 16.61 16.14 46.42
C PHE C 337 16.23 17.06 45.27
N ALA C 338 14.95 17.40 45.12
CA ALA C 338 14.56 18.34 44.07
C ALA C 338 15.12 19.72 44.36
N GLU C 339 15.15 20.09 45.65
CA GLU C 339 15.79 21.35 46.04
C GLU C 339 17.28 21.29 45.77
N LYS C 340 17.93 20.18 46.14
CA LYS C 340 19.34 20.03 45.86
C LYS C 340 19.60 20.03 44.35
N HIS C 341 18.66 19.50 43.57
CA HIS C 341 18.80 19.55 42.12
C HIS C 341 18.74 20.99 41.62
N LEU C 342 17.81 21.79 42.14
CA LEU C 342 17.73 23.19 41.76
C LEU C 342 19.02 23.93 42.12
N GLU C 343 19.55 23.67 43.31
CA GLU C 343 20.74 24.39 43.77
C GLU C 343 21.94 24.07 42.87
N ILE C 344 22.19 22.78 42.63
CA ILE C 344 23.32 22.39 41.79
C ILE C 344 23.13 22.93 40.37
N SER C 345 21.91 22.81 39.83
CA SER C 345 21.65 23.22 38.46
C SER C 345 21.97 24.71 38.25
N ARG C 346 21.67 25.54 39.26
CA ARG C 346 22.09 26.94 39.22
C ARG C 346 23.60 27.07 39.25
N GLU C 347 24.25 26.30 40.13
CA GLU C 347 25.68 26.51 40.38
C GLU C 347 26.52 26.12 39.18
N VAL C 348 26.05 25.18 38.36
CA VAL C 348 26.82 24.66 37.24
C VAL C 348 26.32 25.18 35.91
N GLY C 349 25.28 26.00 35.89
CA GLY C 349 24.77 26.57 34.67
C GLY C 349 23.92 25.63 33.84
N ASP C 350 23.41 24.55 34.42
CA ASP C 350 22.52 23.66 33.69
C ASP C 350 21.15 24.34 33.59
N LYS C 351 20.95 25.13 32.53
CA LYS C 351 19.70 25.89 32.41
C LYS C 351 18.52 24.95 32.24
N SER C 352 18.72 23.84 31.53
CA SER C 352 17.65 22.86 31.39
C SER C 352 17.27 22.28 32.76
N GLY C 353 18.26 21.87 33.55
CA GLY C 353 17.98 21.28 34.86
C GLY C 353 17.28 22.24 35.80
N GLU C 354 17.65 23.52 35.74
CA GLU C 354 17.08 24.50 36.65
C GLU C 354 15.59 24.64 36.41
N LEU C 355 15.17 24.65 35.14
CA LEU C 355 13.74 24.83 34.85
C LEU C 355 12.95 23.60 35.26
N THR C 356 13.56 22.43 35.14
CA THR C 356 12.88 21.19 35.49
C THR C 356 12.73 21.04 37.00
N ALA C 357 13.78 21.40 37.75
CA ALA C 357 13.68 21.33 39.21
C ALA C 357 12.57 22.24 39.71
N ARG C 358 12.35 23.37 39.04
CA ARG C 358 11.24 24.24 39.41
C ARG C 358 9.90 23.58 39.10
N LEU C 359 9.75 23.04 37.89
CA LEU C 359 8.52 22.33 37.55
C LEU C 359 8.31 21.10 38.41
N ASN C 360 9.38 20.55 39.00
CA ASN C 360 9.24 19.42 39.91
C ASN C 360 8.75 19.83 41.28
N LEU C 361 9.29 20.91 41.83
CA LEU C 361 8.91 21.31 43.17
C LEU C 361 7.47 21.81 43.21
N SER C 362 7.05 22.55 42.17
CA SER C 362 5.67 23.01 42.05
C SER C 362 4.70 21.85 42.22
N ASP C 363 4.96 20.75 41.51
CA ASP C 363 4.06 19.61 41.54
C ASP C 363 4.14 18.87 42.87
N LEU C 364 5.37 18.66 43.36
CA LEU C 364 5.59 17.93 44.60
C LEU C 364 4.92 18.61 45.79
N GLN C 365 4.91 19.94 45.80
CA GLN C 365 4.36 20.67 46.95
C GLN C 365 2.87 20.41 47.11
N MET C 366 2.17 20.21 46.00
CA MET C 366 0.72 20.12 46.04
C MET C 366 0.21 18.78 46.54
N VAL C 367 1.03 17.73 46.53
CA VAL C 367 0.60 16.48 47.18
C VAL C 367 1.58 15.99 48.25
N ASN D 10 15.27 23.58 1.11
CA ASN D 10 15.31 22.33 1.86
C ASN D 10 16.70 22.10 2.44
N SER D 11 17.72 22.33 1.60
CA SER D 11 19.09 22.22 2.09
C SER D 11 19.49 23.46 2.88
N ALA D 12 18.95 24.62 2.51
CA ALA D 12 19.09 25.79 3.37
C ALA D 12 18.16 25.72 4.56
N LEU D 13 17.07 24.94 4.47
CA LEU D 13 16.08 24.93 5.55
C LEU D 13 16.68 24.37 6.83
N LEU D 14 17.32 23.20 6.79
CA LEU D 14 17.90 22.63 8.01
C LEU D 14 19.35 23.08 8.17
N SER D 15 19.52 24.39 8.22
CA SER D 15 20.82 25.01 8.47
C SER D 15 20.86 25.72 9.80
N LEU D 16 19.71 25.88 10.45
CA LEU D 16 19.37 26.57 11.68
C LEU D 16 19.17 25.61 12.85
N PRO D 17 19.57 26.03 14.04
CA PRO D 17 19.58 25.09 15.18
C PRO D 17 18.19 24.71 15.67
N GLY D 18 17.71 23.54 15.28
CA GLY D 18 16.51 22.96 15.85
C GLY D 18 15.49 22.61 14.78
N TYR D 19 15.23 21.33 14.47
CA TYR D 19 14.35 21.11 13.33
C TYR D 19 13.66 19.75 13.30
N ARG D 20 12.70 19.62 12.36
CA ARG D 20 12.30 18.47 11.54
C ARG D 20 11.36 17.45 12.17
N PRO D 21 10.27 17.08 11.48
CA PRO D 21 9.41 15.93 11.81
C PRO D 21 9.76 14.65 11.05
N PHE D 45 15.40 8.95 30.48
CA PHE D 45 16.54 8.43 31.24
C PHE D 45 17.87 9.05 30.74
N TYR D 46 18.97 8.58 31.32
CA TYR D 46 20.32 8.98 30.95
C TYR D 46 21.17 7.76 30.59
N MET D 47 22.15 7.95 29.71
CA MET D 47 22.92 6.83 29.17
C MET D 47 24.35 6.69 29.68
N GLY D 48 25.29 7.45 29.14
CA GLY D 48 26.68 7.05 29.29
C GLY D 48 27.24 6.67 27.93
N THR D 49 28.51 7.01 27.66
CA THR D 49 28.99 6.90 26.28
C THR D 49 29.31 5.47 25.88
N CYS D 50 29.84 5.37 24.65
CA CYS D 50 30.21 4.09 24.09
C CYS D 50 31.61 3.68 24.52
N GLN D 51 32.29 4.54 25.27
CA GLN D 51 33.63 4.31 25.81
C GLN D 51 34.58 3.61 24.82
N ASP D 52 35.21 4.36 23.92
CA ASP D 52 36.00 3.80 22.81
C ASP D 52 37.27 3.13 23.30
N GLU D 53 38.09 2.66 22.34
CA GLU D 53 39.37 2.03 22.63
C GLU D 53 40.49 3.07 22.64
N PRO D 54 41.38 3.01 23.61
CA PRO D 54 42.35 4.08 23.87
C PRO D 54 43.36 4.26 22.74
N GLU D 55 43.64 5.54 22.45
CA GLU D 55 44.55 5.94 21.38
C GLU D 55 45.93 5.31 21.55
N GLN D 56 46.40 4.64 20.50
CA GLN D 56 47.61 3.84 20.54
C GLN D 56 48.84 4.69 20.28
N LEU D 57 49.60 4.96 21.35
CA LEU D 57 50.93 5.56 21.31
C LEU D 57 51.88 4.67 22.13
N ASP D 58 51.99 3.40 21.72
CA ASP D 58 52.89 2.44 22.34
C ASP D 58 54.35 2.79 22.06
N ASP D 59 54.57 3.72 21.15
CA ASP D 59 55.88 4.24 20.78
C ASP D 59 56.50 5.11 21.86
N TRP D 60 57.58 4.62 22.48
CA TRP D 60 58.60 5.49 23.03
C TRP D 60 60.07 5.11 22.84
N ASN D 61 60.46 4.28 21.88
CA ASN D 61 61.86 3.83 21.91
C ASN D 61 62.46 3.69 20.52
N ARG D 62 62.24 4.71 19.69
CA ARG D 62 62.85 4.74 18.37
C ARG D 62 64.27 5.27 18.43
N ILE D 63 64.48 6.32 19.24
CA ILE D 63 65.74 7.06 19.18
C ILE D 63 66.88 6.29 19.85
N ALA D 64 66.57 5.53 20.90
CA ALA D 64 67.61 4.71 21.53
C ALA D 64 68.00 3.54 20.63
N GLU D 65 67.07 3.03 19.85
CA GLU D 65 67.44 1.98 18.90
C GLU D 65 68.09 2.58 17.66
N LEU D 66 67.92 3.89 17.44
CA LEU D 66 68.67 4.58 16.39
C LEU D 66 70.12 4.88 16.77
N GLN D 67 70.57 4.42 17.95
CA GLN D 67 71.97 4.60 18.32
C GLN D 67 72.81 3.53 17.65
N GLN D 68 73.05 3.67 16.36
CA GLN D 68 73.75 2.65 15.58
C GLN D 68 75.09 3.16 15.04
N PRO E 2 -4.14 13.60 48.04
CA PRO E 2 -4.82 14.64 47.27
C PRO E 2 -5.15 14.15 45.85
N LEU E 3 -6.02 14.88 45.16
CA LEU E 3 -6.82 14.29 44.09
C LEU E 3 -6.17 14.38 42.72
N GLY E 4 -4.95 13.86 42.61
CA GLY E 4 -4.23 13.76 41.34
C GLY E 4 -2.73 13.63 41.55
N SER E 5 -2.35 12.66 42.38
CA SER E 5 -0.93 12.53 42.74
C SER E 5 -0.15 11.68 41.76
N MET E 6 -0.77 11.22 40.67
CA MET E 6 -0.04 10.66 39.54
C MET E 6 0.40 11.82 38.65
N PHE E 7 1.14 12.74 39.24
CA PHE E 7 1.68 13.90 38.55
C PHE E 7 3.11 14.11 39.05
N HIS E 8 4.04 14.26 38.10
CA HIS E 8 5.45 14.68 38.21
C HIS E 8 6.39 13.66 37.58
N VAL E 9 5.91 12.86 36.64
CA VAL E 9 6.81 12.15 35.77
C VAL E 9 6.91 12.79 34.40
N ARG E 10 5.94 13.67 34.08
CA ARG E 10 5.95 14.37 32.80
C ARG E 10 6.64 15.71 32.93
N TYR E 11 6.42 16.42 34.03
CA TYR E 11 7.20 17.61 34.30
C TYR E 11 8.58 17.30 34.85
N ARG E 12 8.86 16.05 35.19
CA ARG E 12 10.16 15.67 35.75
C ARG E 12 11.20 15.42 34.69
N MET E 13 10.76 14.87 33.58
CA MET E 13 11.57 14.43 32.46
C MET E 13 12.82 15.27 32.26
N GLU E 14 12.63 16.59 32.15
CA GLU E 14 13.62 17.66 31.98
C GLU E 14 13.95 18.03 30.53
N ALA E 15 13.31 19.05 29.91
CA ALA E 15 13.62 19.28 28.48
C ALA E 15 13.13 20.51 27.71
N SER E 16 11.83 20.83 27.70
CA SER E 16 11.25 21.20 26.41
C SER E 16 11.67 22.61 25.95
N CYS E 17 11.71 22.77 24.62
CA CYS E 17 12.15 24.02 23.99
C CYS E 17 11.27 25.20 24.38
N LEU E 18 9.95 25.00 24.31
CA LEU E 18 9.03 26.10 24.62
C LEU E 18 9.22 26.58 26.05
N GLU E 19 9.43 25.65 26.98
CA GLU E 19 9.58 26.01 28.40
C GLU E 19 10.84 26.84 28.62
N LEU E 20 11.97 26.43 28.02
CA LEU E 20 13.18 27.22 28.11
C LEU E 20 12.99 28.61 27.51
N ALA E 21 12.32 28.67 26.37
CA ALA E 21 12.07 29.94 25.70
C ALA E 21 11.23 30.88 26.56
N LEU E 22 10.18 30.34 27.19
CA LEU E 22 9.31 31.16 28.02
C LEU E 22 10.07 31.71 29.23
N GLU E 23 10.97 30.91 29.80
CA GLU E 23 11.79 31.39 30.91
C GLU E 23 12.71 32.51 30.46
N GLY E 24 13.33 32.37 29.29
CA GLY E 24 14.15 33.44 28.76
C GLY E 24 13.38 34.74 28.60
N GLU E 25 12.15 34.66 28.09
CA GLU E 25 11.35 35.86 27.87
C GLU E 25 10.98 36.52 29.19
N ARG E 26 10.62 35.73 30.21
CA ARG E 26 10.30 36.30 31.52
C ARG E 26 11.50 37.00 32.13
N LEU E 27 12.71 36.47 31.93
CA LEU E 27 13.88 37.12 32.48
C LEU E 27 14.13 38.46 31.78
N CYS E 28 13.92 38.52 30.47
CA CYS E 28 14.03 39.79 29.76
C CYS E 28 12.94 40.77 30.18
N LYS E 29 11.73 40.27 30.46
CA LYS E 29 10.67 41.14 30.96
C LYS E 29 11.08 41.81 32.26
N SER E 30 11.78 41.07 33.12
CA SER E 30 12.22 41.59 34.41
C SER E 30 13.47 42.47 34.29
N GLY E 31 14.14 42.46 33.15
CA GLY E 31 15.28 43.32 32.92
C GLY E 31 16.63 42.68 33.11
N ASP E 32 16.66 41.38 33.39
CA ASP E 32 17.91 40.62 33.52
C ASP E 32 18.11 39.82 32.23
N CYS E 33 18.62 40.51 31.21
CA CYS E 33 18.74 39.89 29.89
C CYS E 33 19.98 39.01 29.79
N ARG E 34 20.91 39.16 30.72
CA ARG E 34 22.08 38.30 30.79
C ARG E 34 21.70 36.86 31.11
N ALA E 35 20.79 36.67 32.07
CA ALA E 35 20.30 35.33 32.34
C ALA E 35 19.34 34.86 31.26
N GLY E 36 18.54 35.77 30.68
CA GLY E 36 17.60 35.39 29.63
C GLY E 36 18.29 34.80 28.42
N VAL E 37 19.47 35.34 28.07
CA VAL E 37 20.20 34.86 26.90
C VAL E 37 20.57 33.39 27.06
N SER E 38 21.04 33.02 28.26
CA SER E 38 21.43 31.63 28.50
C SER E 38 20.26 30.68 28.26
N PHE E 39 19.07 31.03 28.75
CA PHE E 39 17.90 30.18 28.57
C PHE E 39 17.42 30.17 27.13
N PHE E 40 17.60 31.27 26.40
CA PHE E 40 17.24 31.28 24.99
C PHE E 40 18.18 30.39 24.18
N GLU E 41 19.48 30.55 24.36
CA GLU E 41 20.43 29.70 23.64
C GLU E 41 20.27 28.24 24.05
N ALA E 42 19.78 27.97 25.25
CA ALA E 42 19.50 26.60 25.63
C ALA E 42 18.34 26.04 24.82
N ALA E 43 17.29 26.85 24.63
CA ALA E 43 16.17 26.44 23.79
C ALA E 43 16.62 26.21 22.36
N VAL E 44 17.57 27.00 21.90
CA VAL E 44 18.17 26.81 20.58
C VAL E 44 18.83 25.45 20.47
N GLN E 45 19.54 25.03 21.54
CA GLN E 45 20.20 23.74 21.53
C GLN E 45 19.19 22.60 21.45
N VAL E 46 18.07 22.72 22.17
CA VAL E 46 17.03 21.71 22.12
C VAL E 46 16.38 21.67 20.74
N GLY E 47 16.06 22.84 20.20
CA GLY E 47 15.43 22.95 18.92
C GLY E 47 13.94 22.66 18.96
N THR E 48 13.28 22.99 17.85
CA THR E 48 11.85 22.81 17.75
C THR E 48 11.46 22.51 16.32
N GLU E 49 10.26 21.97 16.17
CA GLU E 49 9.66 21.75 14.85
C GLU E 49 8.90 22.97 14.35
N ASP E 50 8.46 23.82 15.28
CA ASP E 50 7.53 24.92 14.99
C ASP E 50 8.35 26.11 14.50
N LEU E 51 8.28 26.41 13.21
CA LEU E 51 9.12 27.46 12.65
C LEU E 51 8.66 28.85 13.11
N LYS E 52 7.37 29.02 13.38
CA LYS E 52 6.89 30.28 13.91
C LYS E 52 7.48 30.56 15.29
N THR E 53 7.56 29.53 16.14
CA THR E 53 8.22 29.69 17.44
C THR E 53 9.70 30.00 17.27
N LEU E 54 10.38 29.25 16.40
CA LEU E 54 11.81 29.44 16.16
C LEU E 54 12.10 30.87 15.71
N SER E 55 11.25 31.40 14.83
CA SER E 55 11.41 32.78 14.37
C SER E 55 11.36 33.74 15.55
N ALA E 56 10.40 33.53 16.47
CA ALA E 56 10.28 34.38 17.64
C ALA E 56 11.52 34.28 18.54
N ILE E 57 12.08 33.08 18.65
CA ILE E 57 13.25 32.90 19.51
C ILE E 57 14.43 33.68 18.94
N TYR E 58 14.68 33.53 17.64
CA TYR E 58 15.80 34.23 17.01
C TYR E 58 15.66 35.74 17.21
N SER E 59 14.46 36.27 16.97
CA SER E 59 14.26 37.71 17.02
C SER E 59 14.47 38.24 18.44
N GLN E 60 13.95 37.53 19.44
CA GLN E 60 14.11 38.01 20.81
C GLN E 60 15.52 37.77 21.32
N LEU E 61 16.24 36.79 20.75
CA LEU E 61 17.66 36.68 21.08
C LEU E 61 18.45 37.84 20.48
N GLY E 62 18.16 38.19 19.22
CA GLY E 62 18.80 39.34 18.62
C GLY E 62 18.53 40.61 19.41
N ASN E 63 17.28 40.82 19.79
CA ASN E 63 16.93 42.01 20.57
C ASN E 63 17.58 41.98 21.93
N ALA E 64 17.73 40.79 22.54
CA ALA E 64 18.37 40.69 23.84
C ALA E 64 19.86 40.97 23.75
N TYR E 65 20.53 40.39 22.75
CA TYR E 65 21.95 40.66 22.56
C TYR E 65 22.19 42.11 22.21
N PHE E 66 21.28 42.71 21.44
CA PHE E 66 21.37 44.12 21.12
C PHE E 66 21.37 44.97 22.38
N TYR E 67 20.46 44.68 23.30
CA TYR E 67 20.38 45.42 24.56
C TYR E 67 21.62 45.20 25.41
N LEU E 68 22.22 44.02 25.36
CA LEU E 68 23.45 43.73 26.08
C LEU E 68 24.70 44.19 25.34
N HIS E 69 24.55 44.95 24.25
CA HIS E 69 25.65 45.53 23.50
C HIS E 69 26.58 44.47 22.90
N ASP E 70 26.09 43.25 22.70
CA ASP E 70 26.86 42.23 21.99
C ASP E 70 26.35 42.18 20.56
N TYR E 71 26.70 43.22 19.82
CA TYR E 71 26.14 43.44 18.48
C TYR E 71 26.56 42.35 17.50
N ALA E 72 27.66 41.66 17.77
CA ALA E 72 28.09 40.58 16.86
C ALA E 72 27.08 39.44 16.87
N LYS E 73 26.67 38.99 18.06
CA LYS E 73 25.66 37.95 18.13
C LYS E 73 24.26 38.47 17.85
N ALA E 74 24.01 39.75 18.10
CA ALA E 74 22.73 40.33 17.67
C ALA E 74 22.59 40.21 16.16
N LEU E 75 23.69 40.44 15.44
CA LEU E 75 23.68 40.29 13.99
C LEU E 75 23.44 38.83 13.60
N GLU E 76 24.07 37.90 14.31
CA GLU E 76 23.90 36.47 14.02
C GLU E 76 22.43 36.06 14.05
N TYR E 77 21.74 36.30 15.16
CA TYR E 77 20.38 35.78 15.31
C TYR E 77 19.35 36.56 14.49
N HIS E 78 19.54 37.86 14.30
CA HIS E 78 18.64 38.57 13.39
C HIS E 78 18.86 38.14 11.95
N HIS E 79 20.10 37.74 11.62
CA HIS E 79 20.36 37.21 10.28
C HIS E 79 19.68 35.87 10.09
N HIS E 80 19.68 35.03 11.12
CA HIS E 80 18.95 33.76 11.06
C HIS E 80 17.45 33.98 10.94
N ASP E 81 16.91 34.95 11.68
CA ASP E 81 15.48 35.24 11.58
C ASP E 81 15.12 35.69 10.17
N LEU E 82 15.95 36.55 9.57
CA LEU E 82 15.72 36.97 8.19
C LEU E 82 15.77 35.80 7.23
N THR E 83 16.78 34.94 7.38
CA THR E 83 16.91 33.77 6.51
C THR E 83 15.70 32.87 6.59
N LEU E 84 15.22 32.61 7.82
CA LEU E 84 14.05 31.76 8.01
C LEU E 84 12.81 32.39 7.42
N ALA E 85 12.59 33.68 7.67
CA ALA E 85 11.42 34.36 7.13
C ALA E 85 11.42 34.36 5.60
N ARG E 86 12.60 34.37 4.99
CA ARG E 86 12.68 34.40 3.54
C ARG E 86 12.35 33.04 2.94
N THR E 87 12.87 31.97 3.53
CA THR E 87 12.63 30.64 2.98
C THR E 87 11.16 30.26 3.04
N ILE E 88 10.47 30.58 4.15
CA ILE E 88 9.06 30.25 4.30
C ILE E 88 8.15 31.30 3.65
N GLY E 89 8.72 32.35 3.07
CA GLY E 89 7.92 33.35 2.38
C GLY E 89 7.02 34.19 3.26
N ASP E 90 7.33 34.26 4.56
CA ASP E 90 6.61 35.13 5.49
C ASP E 90 7.12 36.55 5.26
N GLN E 91 6.40 37.31 4.43
CA GLN E 91 6.88 38.63 4.03
C GLN E 91 6.78 39.63 5.18
N LEU E 92 5.74 39.52 6.01
CA LEU E 92 5.66 40.40 7.18
C LEU E 92 6.82 40.13 8.13
N GLY E 93 7.13 38.86 8.38
CA GLY E 93 8.29 38.51 9.19
C GLY E 93 9.59 38.94 8.55
N GLU E 94 9.65 38.90 7.22
CA GLU E 94 10.86 39.31 6.50
C GLU E 94 11.11 40.80 6.70
N ALA E 95 10.06 41.61 6.62
CA ALA E 95 10.20 43.05 6.80
C ALA E 95 10.67 43.39 8.21
N LYS E 96 10.06 42.77 9.22
CA LYS E 96 10.43 43.08 10.60
C LYS E 96 11.87 42.66 10.88
N ALA E 97 12.30 41.52 10.32
CA ALA E 97 13.67 41.08 10.54
C ALA E 97 14.66 41.99 9.84
N SER E 98 14.30 42.48 8.64
CA SER E 98 15.15 43.43 7.93
C SER E 98 15.35 44.70 8.75
N GLY E 99 14.28 45.20 9.37
CA GLY E 99 14.39 46.39 10.19
C GLY E 99 15.35 46.21 11.35
N ASN E 100 15.22 45.09 12.07
CA ASN E 100 16.11 44.81 13.18
C ASN E 100 17.54 44.62 12.71
N LEU E 101 17.73 43.94 11.58
CA LEU E 101 19.07 43.78 11.03
C LEU E 101 19.65 45.14 10.64
N GLY E 102 18.81 46.03 10.12
CA GLY E 102 19.28 47.36 9.75
C GLY E 102 19.76 48.17 10.94
N ASN E 103 18.98 48.18 12.02
CA ASN E 103 19.37 48.92 13.20
C ASN E 103 20.64 48.35 13.83
N THR E 104 20.81 47.03 13.79
CA THR E 104 22.04 46.43 14.27
C THR E 104 23.22 46.90 13.43
N LEU E 105 23.07 46.84 12.10
CA LEU E 105 24.12 47.33 11.21
C LEU E 105 24.38 48.82 11.41
N LYS E 106 23.35 49.57 11.79
CA LYS E 106 23.51 51.01 11.99
C LYS E 106 24.47 51.28 13.14
N VAL E 107 24.33 50.53 14.23
CA VAL E 107 25.23 50.71 15.39
C VAL E 107 26.63 50.25 15.03
N LEU E 108 26.76 49.22 14.21
CA LEU E 108 28.05 48.68 13.82
C LEU E 108 28.78 49.55 12.80
N GLY E 109 28.16 50.63 12.35
CA GLY E 109 28.79 51.55 11.41
C GLY E 109 28.76 51.10 9.97
N ASN E 110 28.02 50.03 9.65
CA ASN E 110 27.90 49.54 8.29
C ASN E 110 26.63 50.15 7.65
N PHE E 111 26.73 51.47 7.43
CA PHE E 111 25.54 52.23 7.02
C PHE E 111 25.03 51.78 5.66
N ASP E 112 25.94 51.44 4.74
CA ASP E 112 25.52 51.12 3.37
C ASP E 112 24.58 49.91 3.35
N GLU E 113 24.95 48.85 4.08
CA GLU E 113 24.06 47.70 4.17
C GLU E 113 22.84 47.98 5.04
N ALA E 114 22.99 48.85 6.05
CA ALA E 114 21.85 49.23 6.88
C ALA E 114 20.77 49.92 6.07
N ILE E 115 21.18 50.74 5.09
CA ILE E 115 20.22 51.39 4.21
C ILE E 115 19.44 50.33 3.44
N VAL E 116 20.14 49.33 2.91
CA VAL E 116 19.51 48.29 2.11
C VAL E 116 18.44 47.56 2.91
N CYS E 117 18.77 47.18 4.15
CA CYS E 117 17.85 46.39 4.96
C CYS E 117 16.62 47.21 5.35
N CYS E 118 16.81 48.47 5.73
CA CYS E 118 15.66 49.30 6.10
C CYS E 118 14.85 49.70 4.88
N GLN E 119 15.49 49.83 3.71
CA GLN E 119 14.76 50.06 2.47
C GLN E 119 13.88 48.86 2.15
N ARG E 120 14.42 47.66 2.38
CA ARG E 120 13.65 46.44 2.17
C ARG E 120 12.44 46.39 3.08
N HIS E 121 12.61 46.81 4.34
CA HIS E 121 11.49 46.88 5.27
C HIS E 121 10.42 47.84 4.74
N LEU E 122 10.84 49.00 4.26
CA LEU E 122 9.90 49.97 3.71
C LEU E 122 9.16 49.41 2.50
N ASP E 123 9.90 48.82 1.54
CA ASP E 123 9.28 48.34 0.31
C ASP E 123 8.23 47.27 0.59
N ILE E 124 8.56 46.28 1.43
CA ILE E 124 7.60 45.23 1.73
C ILE E 124 6.37 45.79 2.44
N SER E 125 6.59 46.76 3.34
CA SER E 125 5.46 47.37 4.04
C SER E 125 4.52 48.07 3.07
N ARG E 126 5.07 48.78 2.10
CA ARG E 126 4.25 49.46 1.09
C ARG E 126 3.52 48.44 0.22
N GLU E 127 4.17 47.30 -0.04
CA GLU E 127 3.59 46.28 -0.91
C GLU E 127 2.41 45.61 -0.24
N LEU E 128 2.49 45.37 1.06
CA LEU E 128 1.41 44.75 1.81
C LEU E 128 0.40 45.77 2.33
N ASN E 129 0.62 47.06 2.03
CA ASN E 129 -0.25 48.15 2.49
C ASN E 129 -0.35 48.19 4.01
N ASP E 130 0.75 47.87 4.70
CA ASP E 130 0.82 47.95 6.16
C ASP E 130 1.32 49.33 6.55
N LYS E 131 0.41 50.20 6.99
CA LYS E 131 0.77 51.59 7.21
C LYS E 131 1.62 51.76 8.47
N VAL E 132 1.34 50.98 9.53
CA VAL E 132 2.14 51.09 10.73
C VAL E 132 3.56 50.59 10.49
N GLY E 133 3.72 49.53 9.70
CA GLY E 133 5.06 49.07 9.35
C GLY E 133 5.77 50.04 8.44
N GLU E 134 5.02 50.67 7.53
CA GLU E 134 5.60 51.67 6.65
C GLU E 134 6.16 52.84 7.47
N ALA E 135 5.38 53.29 8.45
CA ALA E 135 5.84 54.38 9.32
C ALA E 135 7.09 54.00 10.09
N ARG E 136 7.12 52.80 10.69
CA ARG E 136 8.30 52.37 11.44
C ARG E 136 9.53 52.29 10.56
N ALA E 137 9.35 51.87 9.30
CA ALA E 137 10.49 51.78 8.40
C ALA E 137 11.02 53.17 8.05
N LEU E 138 10.11 54.14 7.88
CA LEU E 138 10.51 55.52 7.62
C LEU E 138 11.31 56.06 8.79
N TYR E 139 10.83 55.81 10.02
CA TYR E 139 11.55 56.24 11.21
C TYR E 139 12.93 55.60 11.29
N ASN E 140 13.03 54.31 10.95
CA ASN E 140 14.31 53.62 10.97
C ASN E 140 15.27 54.25 9.96
N LEU E 141 14.78 54.51 8.75
CA LEU E 141 15.63 55.11 7.72
C LEU E 141 16.13 56.48 8.16
N GLY E 142 15.24 57.28 8.77
CA GLY E 142 15.66 58.55 9.34
C GLY E 142 16.76 58.39 10.37
N ASN E 143 16.61 57.40 11.24
CA ASN E 143 17.62 57.15 12.27
C ASN E 143 18.97 56.77 11.66
N VAL E 144 18.95 55.97 10.59
CA VAL E 144 20.22 55.51 10.01
C VAL E 144 20.97 56.68 9.40
N TYR E 145 20.28 57.50 8.60
CA TYR E 145 20.93 58.66 8.00
C TYR E 145 21.36 59.66 9.06
N HIS E 146 20.59 59.78 10.13
CA HIS E 146 20.97 60.65 11.24
C HIS E 146 22.28 60.18 11.84
N ALA E 147 22.42 58.87 12.03
CA ALA E 147 23.65 58.30 12.59
C ALA E 147 24.80 58.40 11.59
N LYS E 148 24.51 58.20 10.31
CA LYS E 148 25.56 58.31 9.29
C LYS E 148 26.13 59.72 9.25
N GLY E 149 25.25 60.73 9.29
CA GLY E 149 25.72 62.11 9.30
C GLY E 149 26.50 62.43 10.57
N LYS E 150 26.11 61.83 11.69
CA LYS E 150 26.76 62.07 12.97
C LYS E 150 28.15 61.45 13.03
N SER E 151 28.41 60.43 12.21
CA SER E 151 29.67 59.69 12.26
C SER E 151 30.83 60.35 11.54
N PHE E 152 30.69 61.55 10.96
CA PHE E 152 31.82 62.19 10.30
C PHE E 152 32.41 63.30 11.17
N GLY E 153 33.19 62.85 12.15
CA GLY E 153 34.19 63.61 12.89
C GLY E 153 33.60 64.50 13.96
N CYS E 154 33.98 64.18 15.22
CA CYS E 154 33.72 64.97 16.42
C CYS E 154 34.44 66.32 16.37
N PRO E 155 35.59 66.44 15.67
CA PRO E 155 36.20 67.78 15.51
C PRO E 155 35.36 68.81 14.77
N GLY E 156 34.02 68.73 14.83
CA GLY E 156 33.17 69.81 14.39
C GLY E 156 32.38 70.34 15.57
N PRO E 157 33.01 71.11 16.45
CA PRO E 157 32.36 71.45 17.72
C PRO E 157 31.43 72.64 17.65
N GLN E 158 31.88 73.80 18.13
CA GLN E 158 31.08 75.02 18.11
C GLN E 158 31.76 75.98 17.15
N ASP E 159 31.15 76.20 15.98
CA ASP E 159 30.02 75.42 15.49
C ASP E 159 30.33 75.04 14.05
N VAL E 160 31.57 74.57 13.85
CA VAL E 160 32.11 74.17 12.54
C VAL E 160 32.10 75.31 11.54
N GLY E 161 31.32 75.18 10.49
CA GLY E 161 31.38 76.11 9.40
C GLY E 161 31.62 75.46 8.06
N GLU E 162 32.67 74.65 7.96
CA GLU E 162 32.90 73.82 6.78
C GLU E 162 32.18 72.48 7.01
N PHE E 163 30.88 72.42 6.70
CA PHE E 163 30.23 71.12 6.67
C PHE E 163 30.44 70.43 5.34
N PRO E 164 30.97 69.22 5.33
CA PRO E 164 31.19 68.50 4.08
C PRO E 164 29.85 68.13 3.45
N GLU E 165 29.81 68.08 2.13
CA GLU E 165 28.54 67.88 1.46
C GLU E 165 27.99 66.50 1.75
N GLU E 166 28.86 65.54 2.02
CA GLU E 166 28.41 64.20 2.40
C GLU E 166 27.56 64.24 3.66
N VAL E 167 27.97 65.06 4.63
CA VAL E 167 27.24 65.15 5.89
C VAL E 167 25.89 65.85 5.71
N ARG E 168 25.91 66.97 4.99
CA ARG E 168 24.67 67.71 4.73
C ARG E 168 23.66 66.85 3.99
N ASP E 169 24.12 66.09 3.00
CA ASP E 169 23.22 65.24 2.24
C ASP E 169 22.59 64.17 3.13
N ALA E 170 23.37 63.58 4.02
CA ALA E 170 22.83 62.53 4.88
C ALA E 170 21.83 63.08 5.88
N LEU E 171 22.14 64.23 6.47
CA LEU E 171 21.23 64.85 7.43
C LEU E 171 19.95 65.33 6.75
N GLN E 172 20.07 65.86 5.52
CA GLN E 172 18.86 66.28 4.80
C GLN E 172 18.00 65.08 4.45
N ALA E 173 18.62 63.95 4.14
CA ALA E 173 17.85 62.73 3.87
C ALA E 173 17.11 62.31 5.13
N ALA E 174 17.74 62.47 6.31
CA ALA E 174 17.08 62.14 7.56
C ALA E 174 15.88 63.04 7.78
N VAL E 175 16.02 64.32 7.45
CA VAL E 175 14.91 65.27 7.61
C VAL E 175 13.73 64.83 6.75
N ASP E 176 14.02 64.45 5.51
CA ASP E 176 12.97 63.99 4.59
C ASP E 176 12.25 62.77 5.13
N PHE E 177 13.00 61.76 5.59
CA PHE E 177 12.37 60.56 6.14
C PHE E 177 11.57 60.87 7.40
N TYR E 178 12.12 61.70 8.30
CA TYR E 178 11.36 62.02 9.51
C TYR E 178 10.07 62.74 9.18
N GLU E 179 10.10 63.64 8.21
CA GLU E 179 8.89 64.37 7.85
C GLU E 179 7.88 63.45 7.16
N GLU E 180 8.36 62.51 6.35
CA GLU E 180 7.46 61.52 5.78
C GLU E 180 6.83 60.65 6.88
N ASN E 181 7.65 60.21 7.84
CA ASN E 181 7.13 59.50 9.00
C ASN E 181 6.08 60.33 9.73
N LEU E 182 6.41 61.60 10.00
CA LEU E 182 5.50 62.50 10.69
C LEU E 182 4.16 62.61 9.95
N SER E 183 4.20 62.75 8.63
CA SER E 183 2.98 62.86 7.84
C SER E 183 2.10 61.62 8.01
N LEU E 184 2.70 60.44 7.91
CA LEU E 184 1.94 59.20 8.03
C LEU E 184 1.48 58.97 9.46
N VAL E 185 2.29 59.37 10.44
CA VAL E 185 1.95 59.16 11.84
C VAL E 185 0.84 60.11 12.28
N THR E 186 0.89 61.35 11.82
CA THR E 186 -0.20 62.29 12.13
C THR E 186 -1.51 61.83 11.51
N ALA E 187 -1.44 61.19 10.34
CA ALA E 187 -2.65 60.68 9.70
C ALA E 187 -3.19 59.46 10.42
N LEU E 188 -2.33 58.63 10.97
CA LEU E 188 -2.77 57.47 11.74
C LEU E 188 -3.19 57.83 13.15
N GLY E 189 -2.92 59.06 13.58
CA GLY E 189 -3.29 59.49 14.91
C GLY E 189 -2.50 58.87 16.04
N ASP E 190 -1.21 58.62 15.84
CA ASP E 190 -0.35 58.05 16.87
C ASP E 190 0.45 59.18 17.51
N ARG E 191 -0.03 59.70 18.63
CA ARG E 191 0.62 60.84 19.28
C ARG E 191 2.00 60.49 19.81
N ALA E 192 2.17 59.28 20.34
CA ALA E 192 3.48 58.88 20.85
C ALA E 192 4.53 58.92 19.73
N ALA E 193 4.21 58.32 18.57
CA ALA E 193 5.15 58.32 17.45
C ALA E 193 5.38 59.72 16.92
N GLN E 194 4.38 60.60 17.00
CA GLN E 194 4.57 61.99 16.62
C GLN E 194 5.62 62.66 17.50
N GLY E 195 5.56 62.39 18.81
CA GLY E 195 6.56 62.95 19.70
C GLY E 195 7.96 62.49 19.35
N ARG E 196 8.12 61.19 19.12
CA ARG E 196 9.45 60.67 18.82
C ARG E 196 9.99 61.29 17.52
N ALA E 197 9.10 61.47 16.53
CA ALA E 197 9.51 62.09 15.27
C ALA E 197 9.95 63.54 15.47
N PHE E 198 9.18 64.31 16.24
CA PHE E 198 9.53 65.72 16.46
C PHE E 198 10.89 65.85 17.14
N GLY E 199 11.16 64.99 18.13
CA GLY E 199 12.45 65.04 18.81
C GLY E 199 13.63 64.83 17.88
N ASN E 200 13.59 63.74 17.10
CA ASN E 200 14.69 63.43 16.20
C ASN E 200 14.78 64.45 15.06
N LEU E 201 13.63 64.94 14.60
CA LEU E 201 13.65 65.99 13.58
C LEU E 201 14.33 67.23 14.11
N GLY E 202 14.02 67.60 15.37
CA GLY E 202 14.64 68.77 15.96
C GLY E 202 16.14 68.64 16.12
N ASN E 203 16.61 67.47 16.57
CA ASN E 203 18.04 67.26 16.72
C ASN E 203 18.75 67.19 15.37
N THR E 204 18.06 66.77 14.31
CA THR E 204 18.71 66.76 13.01
C THR E 204 18.88 68.17 12.48
N HIS E 205 17.84 69.00 12.60
CA HIS E 205 17.96 70.41 12.25
C HIS E 205 19.05 71.08 13.07
N TYR E 206 19.19 70.69 14.33
CA TYR E 206 20.20 71.26 15.21
C TYR E 206 21.60 71.00 14.67
N LEU E 207 21.85 69.77 14.22
CA LEU E 207 23.15 69.44 13.65
C LEU E 207 23.36 70.14 12.31
N LEU E 208 22.28 70.31 11.55
CA LEU E 208 22.38 70.96 10.25
C LEU E 208 22.70 72.45 10.37
N GLY E 209 22.35 73.05 11.50
CA GLY E 209 22.47 74.48 11.68
C GLY E 209 21.17 75.23 11.47
N ASN E 210 20.06 74.52 11.34
CA ASN E 210 18.75 75.15 11.13
C ASN E 210 18.08 75.30 12.49
N PHE E 211 18.60 76.24 13.28
CA PHE E 211 18.25 76.29 14.70
C PHE E 211 16.80 76.71 14.91
N ARG E 212 16.27 77.61 14.08
CA ARG E 212 14.87 78.01 14.25
C ARG E 212 13.93 76.84 14.02
N ASP E 213 14.19 76.04 12.98
CA ASP E 213 13.37 74.85 12.76
C ASP E 213 13.54 73.85 13.89
N ALA E 214 14.73 73.80 14.49
CA ALA E 214 14.95 72.89 15.61
C ALA E 214 14.10 73.29 16.80
N VAL E 215 14.08 74.59 17.11
CA VAL E 215 13.24 75.11 18.20
C VAL E 215 11.78 74.72 17.98
N ILE E 216 11.27 74.95 16.76
CA ILE E 216 9.87 74.64 16.46
C ILE E 216 9.58 73.16 16.70
N ALA E 217 10.47 72.28 16.23
CA ALA E 217 10.22 70.85 16.40
C ALA E 217 10.26 70.43 17.87
N HIS E 218 11.22 70.97 18.63
CA HIS E 218 11.32 70.60 20.04
C HIS E 218 10.17 71.18 20.85
N GLU E 219 9.63 72.33 20.45
CA GLU E 219 8.46 72.87 21.13
C GLU E 219 7.28 71.92 20.96
N GLN E 220 7.16 71.31 19.78
CA GLN E 220 6.11 70.31 19.57
C GLN E 220 6.38 69.05 20.40
N ARG E 221 7.65 68.66 20.52
CA ARG E 221 7.98 67.52 21.38
C ARG E 221 7.60 67.82 22.83
N LEU E 222 7.83 69.05 23.26
CA LEU E 222 7.51 69.45 24.62
C LEU E 222 6.00 69.36 24.88
N LEU E 223 5.20 69.88 23.94
CA LEU E 223 3.74 69.83 24.10
C LEU E 223 3.24 68.40 24.18
N ILE E 224 3.78 67.51 23.34
CA ILE E 224 3.35 66.12 23.36
C ILE E 224 3.82 65.44 24.64
N ALA E 225 5.01 65.78 25.13
CA ALA E 225 5.50 65.21 26.38
C ALA E 225 4.60 65.58 27.54
N LYS E 226 4.13 66.82 27.57
CA LYS E 226 3.18 67.25 28.60
C LYS E 226 1.87 66.49 28.49
N GLU E 227 1.39 66.26 27.26
CA GLU E 227 0.13 65.55 27.04
C GLU E 227 0.17 64.16 27.65
N PHE E 228 1.31 63.48 27.54
CA PHE E 228 1.51 62.14 28.06
C PHE E 228 2.04 62.14 29.49
N GLY E 229 2.33 63.30 30.07
CA GLY E 229 2.90 63.36 31.40
C GLY E 229 4.26 62.71 31.52
N ASP E 230 4.96 62.55 30.40
CA ASP E 230 6.29 61.93 30.37
C ASP E 230 7.31 62.99 30.77
N LYS E 231 7.64 63.00 32.07
CA LYS E 231 8.63 63.95 32.59
C LYS E 231 10.01 63.76 31.96
N ALA E 232 10.39 62.52 31.65
CA ALA E 232 11.69 62.28 31.05
C ALA E 232 11.78 62.96 29.68
N ALA E 233 10.76 62.75 28.85
CA ALA E 233 10.73 63.40 27.54
C ALA E 233 10.64 64.91 27.68
N GLU E 234 9.89 65.40 28.67
CA GLU E 234 9.78 66.83 28.92
C GLU E 234 11.16 67.42 29.22
N ARG E 235 11.96 66.70 30.00
CA ARG E 235 13.30 67.16 30.35
C ARG E 235 14.21 67.15 29.13
N ARG E 236 14.08 66.14 28.28
CA ARG E 236 14.88 66.10 27.05
C ARG E 236 14.55 67.29 26.15
N ALA E 237 13.26 67.61 26.00
CA ALA E 237 12.86 68.76 25.21
C ALA E 237 13.43 70.07 25.76
N TYR E 238 13.35 70.24 27.08
CA TYR E 238 13.92 71.44 27.70
C TYR E 238 15.41 71.55 27.41
N SER E 239 16.13 70.42 27.47
CA SER E 239 17.57 70.43 27.26
C SER E 239 17.90 70.78 25.81
N ASN E 240 17.18 70.18 24.86
CA ASN E 240 17.43 70.47 23.44
C ASN E 240 17.09 71.92 23.12
N LEU E 241 16.05 72.46 23.76
CA LEU E 241 15.68 73.85 23.52
C LEU E 241 16.77 74.79 24.00
N GLY E 242 17.30 74.55 25.21
CA GLY E 242 18.41 75.35 25.70
C GLY E 242 19.60 75.33 24.78
N ASN E 243 19.96 74.14 24.30
CA ASN E 243 21.08 74.00 23.38
C ASN E 243 20.88 74.87 22.14
N ALA E 244 19.67 74.85 21.58
CA ALA E 244 19.42 75.58 20.35
C ALA E 244 19.47 77.08 20.56
N TYR E 245 18.91 77.56 21.67
CA TYR E 245 18.92 79.00 21.94
C TYR E 245 20.33 79.51 22.18
N ILE E 246 21.23 78.67 22.68
CA ILE E 246 22.64 79.05 22.78
C ILE E 246 23.20 79.41 21.41
N PHE E 247 22.97 78.55 20.42
CA PHE E 247 23.50 78.78 19.08
C PHE E 247 22.78 79.91 18.36
N LEU E 248 21.58 80.27 18.78
CA LEU E 248 20.91 81.41 18.20
C LEU E 248 21.48 82.71 18.75
N GLY E 249 22.10 82.65 19.94
CA GLY E 249 22.68 83.81 20.59
C GLY E 249 21.83 84.41 21.67
N GLU E 250 20.66 83.82 21.95
CA GLU E 250 19.75 84.31 22.97
C GLU E 250 20.01 83.56 24.27
N PHE E 251 21.04 84.02 24.99
CA PHE E 251 21.51 83.30 26.18
C PHE E 251 20.53 83.39 27.34
N GLU E 252 19.83 84.52 27.48
CA GLU E 252 18.82 84.64 28.54
C GLU E 252 17.74 83.60 28.39
N THR E 253 17.20 83.44 27.18
CA THR E 253 16.21 82.40 26.95
C THR E 253 16.77 81.02 27.24
N ALA E 254 18.02 80.79 26.84
CA ALA E 254 18.64 79.48 27.07
C ALA E 254 18.73 79.17 28.56
N SER E 255 19.10 80.16 29.37
CA SER E 255 19.24 79.94 30.80
C SER E 255 17.92 79.46 31.42
N GLU E 256 16.79 80.04 31.02
CA GLU E 256 15.52 79.64 31.60
C GLU E 256 15.10 78.25 31.15
N TYR E 257 15.50 77.81 29.96
CA TYR E 257 15.25 76.41 29.60
C TYR E 257 16.15 75.46 30.36
N TYR E 258 17.41 75.83 30.57
CA TYR E 258 18.28 74.97 31.37
C TYR E 258 17.84 74.95 32.82
N LYS E 259 17.25 76.04 33.31
CA LYS E 259 16.69 76.07 34.65
C LYS E 259 15.54 75.08 34.78
N LYS E 260 14.71 74.97 33.74
CA LYS E 260 13.60 74.02 33.80
C LYS E 260 14.09 72.58 33.72
N THR E 261 15.21 72.32 33.04
CA THR E 261 15.79 70.98 33.10
C THR E 261 16.24 70.66 34.51
N LEU E 262 16.83 71.63 35.19
CA LEU E 262 17.29 71.41 36.56
C LEU E 262 16.12 71.15 37.49
N LEU E 263 15.01 71.88 37.32
CA LEU E 263 13.83 71.65 38.14
C LEU E 263 13.37 70.20 38.03
N LEU E 264 13.18 69.71 36.81
CA LEU E 264 12.72 68.33 36.63
C LEU E 264 13.78 67.33 37.02
N ALA E 265 15.05 67.68 36.89
CA ALA E 265 16.12 66.76 37.31
C ALA E 265 16.10 66.58 38.82
N ARG E 266 15.91 67.67 39.57
CA ARG E 266 15.83 67.58 41.02
C ARG E 266 14.59 66.82 41.49
N GLN E 267 13.48 66.90 40.75
CA GLN E 267 12.28 66.18 41.15
C GLN E 267 12.37 64.70 40.80
N LEU E 268 13.07 64.36 39.72
CA LEU E 268 13.30 62.95 39.41
C LEU E 268 14.45 62.38 40.21
N LYS E 269 15.13 63.23 41.00
CA LYS E 269 16.29 62.85 41.81
C LYS E 269 17.37 62.19 40.96
N ASP E 270 17.52 62.67 39.72
CA ASP E 270 18.57 62.19 38.82
C ASP E 270 19.78 63.09 39.03
N ARG E 271 20.76 62.59 39.80
CA ARG E 271 21.93 63.39 40.13
C ARG E 271 22.78 63.67 38.88
N ALA E 272 22.85 62.70 37.97
CA ALA E 272 23.68 62.86 36.78
C ALA E 272 23.13 63.95 35.86
N VAL E 273 21.83 63.90 35.56
CA VAL E 273 21.21 64.95 34.77
C VAL E 273 21.27 66.28 35.51
N GLU E 274 21.13 66.24 36.85
CA GLU E 274 21.19 67.46 37.64
C GLU E 274 22.54 68.13 37.48
N ALA E 275 23.61 67.34 37.42
CA ALA E 275 24.95 67.90 37.29
C ALA E 275 25.17 68.46 35.90
N GLN E 276 24.74 67.73 34.86
CA GLN E 276 24.85 68.24 33.50
C GLN E 276 24.09 69.55 33.36
N SER E 277 22.96 69.69 34.05
CA SER E 277 22.18 70.92 33.99
C SER E 277 22.94 72.08 34.61
N CYS E 278 23.57 71.85 35.76
CA CYS E 278 24.36 72.88 36.41
C CYS E 278 25.53 73.30 35.54
N TYR E 279 26.15 72.33 34.86
CA TYR E 279 27.29 72.65 34.01
C TYR E 279 26.85 73.50 32.83
N SER E 280 25.68 73.20 32.25
CA SER E 280 25.17 74.01 31.15
C SER E 280 24.83 75.42 31.63
N LEU E 281 24.27 75.53 32.84
CA LEU E 281 23.96 76.84 33.40
C LEU E 281 25.24 77.62 33.67
N GLY E 282 26.28 76.95 34.14
CA GLY E 282 27.53 77.63 34.37
C GLY E 282 28.09 78.22 33.09
N ASN E 283 27.98 77.48 31.99
CA ASN E 283 28.54 77.99 30.76
C ASN E 283 27.65 79.07 30.17
N THR E 284 26.33 79.00 30.42
CA THR E 284 25.42 80.02 29.93
C THR E 284 25.70 81.37 30.58
N TYR E 285 25.79 81.40 31.91
CA TYR E 285 26.17 82.63 32.61
C TYR E 285 27.59 83.08 32.28
N THR E 286 28.47 82.16 31.86
CA THR E 286 29.77 82.62 31.37
C THR E 286 29.60 83.42 30.08
N LEU E 287 28.73 82.94 29.18
CA LEU E 287 28.42 83.67 27.96
C LEU E 287 27.75 85.00 28.27
N LEU E 288 26.95 85.04 29.34
CA LEU E 288 26.33 86.27 29.81
C LEU E 288 27.31 87.15 30.57
N GLN E 289 28.52 86.66 30.81
CA GLN E 289 29.59 87.36 31.50
C GLN E 289 29.24 87.66 32.95
N ASP E 290 28.29 86.90 33.52
CA ASP E 290 27.95 87.03 34.94
C ASP E 290 28.72 85.91 35.65
N TYR E 291 30.01 86.18 35.87
CA TYR E 291 30.92 85.11 36.31
C TYR E 291 30.62 84.66 37.73
N GLU E 292 30.00 85.51 38.54
CA GLU E 292 29.62 85.11 39.89
C GLU E 292 28.59 83.99 39.86
N LYS E 293 27.54 84.15 39.04
CA LYS E 293 26.55 83.10 38.89
C LYS E 293 27.14 81.87 38.21
N ALA E 294 28.11 82.07 37.30
CA ALA E 294 28.74 80.93 36.65
C ALA E 294 29.49 80.07 37.65
N ILE E 295 30.19 80.72 38.58
CA ILE E 295 30.92 79.98 39.61
C ILE E 295 29.96 79.21 40.50
N ASP E 296 28.82 79.83 40.84
CA ASP E 296 27.83 79.15 41.68
C ASP E 296 27.38 77.82 41.08
N TYR E 297 27.01 77.83 39.79
CA TYR E 297 26.53 76.61 39.16
C TYR E 297 27.67 75.62 38.89
N HIS E 298 28.85 76.12 38.54
CA HIS E 298 29.97 75.20 38.33
C HIS E 298 30.38 74.52 39.63
N LEU E 299 30.17 75.19 40.77
CA LEU E 299 30.45 74.55 42.05
C LEU E 299 29.43 73.46 42.35
N LYS E 300 28.15 73.75 42.09
CA LYS E 300 27.11 72.75 42.29
C LYS E 300 27.38 71.52 41.43
N HIS E 301 27.87 71.73 40.21
CA HIS E 301 28.25 70.62 39.34
C HIS E 301 29.44 69.86 39.93
N LEU E 302 30.42 70.59 40.46
CA LEU E 302 31.60 69.96 41.04
C LEU E 302 31.22 69.03 42.19
N ALA E 303 30.34 69.49 43.07
CA ALA E 303 29.98 68.70 44.24
C ALA E 303 29.28 67.41 43.86
N ILE E 304 28.35 67.47 42.90
CA ILE E 304 27.69 66.26 42.44
C ILE E 304 28.69 65.33 41.75
N ALA E 305 29.65 65.91 41.03
CA ALA E 305 30.67 65.11 40.35
C ALA E 305 31.51 64.34 41.37
N GLN E 306 31.93 65.02 42.44
CA GLN E 306 32.67 64.34 43.49
C GLN E 306 31.83 63.27 44.17
N GLU E 307 30.53 63.53 44.33
CA GLU E 307 29.62 62.53 44.89
C GLU E 307 29.59 61.28 44.03
N LEU E 308 29.29 61.43 42.74
CA LEU E 308 29.21 60.30 41.83
C LEU E 308 30.58 59.76 41.45
N ASN E 309 31.65 60.29 42.05
CA ASN E 309 33.04 59.91 41.73
C ASN E 309 33.33 59.99 40.24
N ASP E 310 32.66 60.91 39.53
CA ASP E 310 32.94 61.16 38.12
C ASP E 310 34.21 61.98 38.02
N ARG E 311 35.35 61.30 37.89
CA ARG E 311 36.63 61.99 37.88
C ARG E 311 36.79 62.87 36.65
N ILE E 312 36.25 62.43 35.51
CA ILE E 312 36.36 63.22 34.29
C ILE E 312 35.65 64.55 34.45
N GLY E 313 34.38 64.51 34.89
CA GLY E 313 33.64 65.74 35.10
C GLY E 313 34.22 66.64 36.17
N GLU E 314 34.96 66.06 37.12
CA GLU E 314 35.64 66.88 38.13
C GLU E 314 36.67 67.78 37.48
N GLY E 315 37.46 67.23 36.56
CA GLY E 315 38.44 68.03 35.86
C GLY E 315 37.80 69.10 35.00
N ARG E 316 36.64 68.79 34.43
CA ARG E 316 35.95 69.78 33.61
C ARG E 316 35.50 70.96 34.47
N ALA E 317 35.04 70.69 35.69
CA ALA E 317 34.62 71.75 36.59
C ALA E 317 35.82 72.57 37.04
N CYS E 318 36.94 71.91 37.34
CA CYS E 318 38.13 72.61 37.80
C CYS E 318 38.63 73.58 36.75
N TRP E 319 38.71 73.15 35.49
CA TRP E 319 39.16 74.03 34.42
C TRP E 319 38.23 75.22 34.26
N SER E 320 36.91 74.96 34.29
CA SER E 320 35.94 76.05 34.15
C SER E 320 36.02 77.02 35.31
N LEU E 321 36.11 76.49 36.54
CA LEU E 321 36.20 77.35 37.71
C LEU E 321 37.46 78.21 37.66
N GLY E 322 38.59 77.61 37.25
CA GLY E 322 39.81 78.38 37.09
C GLY E 322 39.64 79.60 36.21
N ASN E 323 38.98 79.42 35.05
CA ASN E 323 38.82 80.53 34.13
C ASN E 323 37.71 81.48 34.57
N ALA E 324 36.70 81.00 35.30
CA ALA E 324 35.70 81.91 35.87
C ALA E 324 36.32 82.80 36.93
N TYR E 325 37.12 82.21 37.83
CA TYR E 325 37.77 83.01 38.86
C TYR E 325 38.79 83.96 38.25
N THR E 326 39.45 83.54 37.17
CA THR E 326 40.39 84.42 36.48
C THR E 326 39.69 85.62 35.88
N ALA E 327 38.47 85.43 35.38
CA ALA E 327 37.73 86.54 34.81
C ALA E 327 37.25 87.51 35.87
N LEU E 328 37.18 87.08 37.13
CA LEU E 328 36.82 87.93 38.25
C LEU E 328 38.04 88.59 38.88
N GLY E 329 39.17 87.90 38.88
CA GLY E 329 40.41 88.44 39.42
C GLY E 329 40.94 87.70 40.63
N ASN E 330 40.24 86.67 41.10
CA ASN E 330 40.67 85.85 42.23
C ASN E 330 41.86 84.98 41.82
N HIS E 331 43.06 85.57 41.92
CA HIS E 331 44.26 84.86 41.46
C HIS E 331 44.57 83.65 42.33
N ASP E 332 44.26 83.73 43.62
CA ASP E 332 44.56 82.63 44.52
C ASP E 332 43.60 81.46 44.32
N GLN E 333 42.31 81.75 44.17
CA GLN E 333 41.33 80.69 43.94
C GLN E 333 41.50 80.07 42.55
N ALA E 334 41.91 80.88 41.57
CA ALA E 334 42.19 80.33 40.25
C ALA E 334 43.35 79.36 40.30
N MET E 335 44.43 79.72 41.01
CA MET E 335 45.58 78.82 41.12
C MET E 335 45.20 77.51 41.82
N HIS E 336 44.20 77.53 42.70
CA HIS E 336 43.82 76.31 43.40
C HIS E 336 43.18 75.33 42.44
N PHE E 337 42.20 75.78 41.65
CA PHE E 337 41.53 74.89 40.71
C PHE E 337 42.40 74.52 39.53
N ALA E 338 43.36 75.39 39.16
CA ALA E 338 44.27 75.02 38.08
C ALA E 338 45.18 73.88 38.53
N GLU E 339 45.57 73.88 39.79
CA GLU E 339 46.32 72.75 40.34
C GLU E 339 45.46 71.50 40.34
N LYS E 340 44.20 71.61 40.78
CA LYS E 340 43.32 70.46 40.76
C LYS E 340 43.06 70.00 39.33
N HIS E 341 43.05 70.92 38.37
CA HIS E 341 42.92 70.54 36.98
C HIS E 341 44.13 69.73 36.53
N LEU E 342 45.34 70.17 36.90
CA LEU E 342 46.55 69.41 36.56
C LEU E 342 46.51 68.02 37.18
N GLU E 343 46.09 67.92 38.44
CA GLU E 343 46.09 66.63 39.13
C GLU E 343 45.13 65.65 38.45
N ILE E 344 43.89 66.09 38.21
CA ILE E 344 42.90 65.21 37.57
C ILE E 344 43.36 64.84 36.17
N SER E 345 43.89 65.81 35.41
CA SER E 345 44.29 65.56 34.03
C SER E 345 45.37 64.48 33.95
N ARG E 346 46.28 64.46 34.92
CA ARG E 346 47.26 63.39 35.01
C ARG E 346 46.59 62.06 35.32
N GLU E 347 45.64 62.07 36.28
CA GLU E 347 45.08 60.82 36.78
C GLU E 347 44.22 60.12 35.73
N VAL E 348 43.64 60.87 34.80
CA VAL E 348 42.72 60.30 33.81
C VAL E 348 43.35 60.21 32.43
N GLY E 349 44.61 60.64 32.28
CA GLY E 349 45.29 60.54 31.01
C GLY E 349 44.90 61.60 30.01
N ASP E 350 44.26 62.68 30.43
CA ASP E 350 43.93 63.77 29.52
C ASP E 350 45.21 64.54 29.20
N LYS E 351 45.94 64.13 28.16
CA LYS E 351 47.22 64.74 27.84
C LYS E 351 47.04 66.19 27.44
N SER E 352 45.95 66.48 26.73
CA SER E 352 45.64 67.86 26.36
C SER E 352 45.44 68.71 27.61
N GLY E 353 44.63 68.24 28.55
CA GLY E 353 44.35 69.01 29.76
C GLY E 353 45.59 69.25 30.60
N GLU E 354 46.48 68.25 30.66
CA GLU E 354 47.66 68.37 31.50
C GLU E 354 48.55 69.51 31.01
N LEU E 355 48.70 69.62 29.68
CA LEU E 355 49.57 70.66 29.13
C LEU E 355 48.94 72.04 29.31
N THR E 356 47.63 72.12 29.24
CA THR E 356 46.95 73.41 29.45
C THR E 356 47.05 73.87 30.90
N ALA E 357 46.85 72.95 31.84
CA ALA E 357 46.95 73.33 33.24
C ALA E 357 48.33 73.84 33.59
N ARG E 358 49.37 73.30 32.94
CA ARG E 358 50.72 73.81 33.13
C ARG E 358 50.84 75.22 32.57
N LEU E 359 50.39 75.42 31.33
CA LEU E 359 50.41 76.75 30.73
C LEU E 359 49.55 77.74 31.50
N ASN E 360 48.56 77.26 32.26
CA ASN E 360 47.72 78.15 33.07
C ASN E 360 48.43 78.57 34.36
N LEU E 361 49.08 77.64 35.03
CA LEU E 361 49.72 77.96 36.30
C LEU E 361 50.92 78.88 36.10
N SER E 362 51.68 78.65 35.03
CA SER E 362 52.81 79.53 34.70
C SER E 362 52.36 80.99 34.65
N ASP E 363 51.25 81.25 33.95
CA ASP E 363 50.79 82.62 33.79
C ASP E 363 50.20 83.16 35.09
N LEU E 364 49.39 82.33 35.76
CA LEU E 364 48.73 82.74 37.00
C LEU E 364 49.73 83.11 38.09
N GLN E 365 50.87 82.41 38.14
CA GLN E 365 51.86 82.68 39.18
C GLN E 365 52.38 84.10 39.14
N MET E 366 52.38 84.73 37.96
CA MET E 366 53.02 86.04 37.83
C MET E 366 52.24 87.15 38.56
N VAL E 367 51.02 86.89 39.03
CA VAL E 367 50.45 87.75 40.09
C VAL E 367 50.10 86.89 41.31
N LEU F 13 48.16 61.22 -0.20
CA LEU F 13 48.08 62.18 0.90
C LEU F 13 46.73 62.16 1.60
N LEU F 14 45.67 61.86 0.85
CA LEU F 14 44.31 62.08 1.35
C LEU F 14 43.89 61.13 2.48
N SER F 15 44.66 60.10 2.81
CA SER F 15 44.24 59.11 3.79
C SER F 15 45.04 59.11 5.10
N LEU F 16 46.15 59.84 5.16
CA LEU F 16 47.11 59.88 6.27
C LEU F 16 46.52 60.54 7.51
N PRO F 17 46.84 60.02 8.70
CA PRO F 17 46.06 60.32 9.90
C PRO F 17 46.21 61.75 10.42
N GLY F 18 45.07 62.43 10.51
CA GLY F 18 44.93 63.72 11.17
C GLY F 18 45.53 64.94 10.52
N TYR F 19 44.82 65.53 9.56
CA TYR F 19 45.29 66.75 8.90
C TYR F 19 44.22 67.29 7.95
N ARG F 20 44.43 68.55 7.52
CA ARG F 20 43.65 69.31 6.55
C ARG F 20 44.18 70.74 6.43
N PRO F 21 44.87 71.09 5.34
CA PRO F 21 45.36 72.46 5.12
C PRO F 21 44.24 73.47 4.79
N SER F 44 36.88 73.90 21.28
CA SER F 44 35.55 73.31 21.30
C SER F 44 34.65 73.93 22.37
N PHE F 45 35.13 73.85 23.61
CA PHE F 45 34.42 74.30 24.80
C PHE F 45 33.18 73.43 25.04
N TYR F 46 33.10 72.90 26.27
CA TYR F 46 32.19 71.83 26.70
C TYR F 46 30.76 72.32 26.83
N MET F 47 29.83 71.45 26.41
CA MET F 47 28.40 71.72 26.42
C MET F 47 27.66 70.50 26.97
N GLY F 48 27.78 69.38 26.27
CA GLY F 48 26.92 68.23 26.49
C GLY F 48 25.85 68.28 25.43
N THR F 49 26.23 68.22 24.17
CA THR F 49 25.29 68.52 23.10
C THR F 49 24.32 67.36 22.83
N CYS F 50 23.52 67.55 21.78
CA CYS F 50 22.43 66.71 21.33
C CYS F 50 21.35 66.40 22.36
N GLN F 51 21.39 65.20 22.98
CA GLN F 51 20.31 64.60 23.78
C GLN F 51 19.18 64.06 22.91
N ASP F 52 19.43 62.88 22.34
CA ASP F 52 18.56 62.24 21.36
C ASP F 52 17.31 61.63 22.00
N GLU F 53 16.50 60.93 21.18
CA GLU F 53 15.30 60.22 21.60
C GLU F 53 15.54 58.71 21.73
N PRO F 54 15.03 58.11 22.81
CA PRO F 54 15.40 56.73 23.19
C PRO F 54 14.92 55.61 22.25
N GLU F 55 15.83 54.66 21.99
CA GLU F 55 15.53 53.46 21.21
C GLU F 55 14.49 52.59 21.91
N GLN F 56 13.38 52.31 21.20
CA GLN F 56 12.22 51.60 21.73
C GLN F 56 12.32 50.08 21.60
N LEU F 57 12.41 49.39 22.73
CA LEU F 57 12.26 47.94 22.81
C LEU F 57 11.17 47.58 23.81
N ASP F 58 10.25 46.70 23.37
CA ASP F 58 9.17 46.16 24.18
C ASP F 58 8.90 44.67 23.97
N ASP F 59 9.53 44.04 23.00
CA ASP F 59 9.31 42.68 22.49
C ASP F 59 9.15 41.54 23.51
N TRP F 60 9.49 41.76 24.78
CA TRP F 60 9.43 40.64 25.71
C TRP F 60 8.01 40.14 25.97
N ASN F 61 7.25 39.85 24.92
CA ASN F 61 5.86 39.42 25.01
C ASN F 61 5.45 38.42 23.92
N ARG F 62 6.20 38.34 22.82
CA ARG F 62 5.77 37.62 21.63
C ARG F 62 5.67 36.13 21.86
N ILE F 63 6.54 35.56 22.71
CA ILE F 63 6.55 34.11 22.89
C ILE F 63 5.41 33.68 23.82
N ALA F 64 5.22 34.39 24.93
CA ALA F 64 4.09 34.07 25.80
C ALA F 64 2.78 34.37 25.11
N GLU F 65 2.79 35.34 24.19
CA GLU F 65 1.63 35.67 23.38
C GLU F 65 1.27 34.53 22.43
N LEU F 66 2.29 33.89 21.86
CA LEU F 66 2.06 32.69 21.04
C LEU F 66 1.62 31.50 21.89
N GLN F 67 1.79 31.58 23.21
CA GLN F 67 1.47 30.45 24.09
C GLN F 67 0.02 30.47 24.57
N GLN F 68 -0.75 31.50 24.22
CA GLN F 68 -2.20 31.44 24.26
C GLN F 68 -2.81 31.38 22.87
N ARG F 69 -1.99 31.57 21.83
CA ARG F 69 -2.42 31.40 20.44
C ARG F 69 -2.54 29.95 20.04
N ASN F 70 -2.05 29.02 20.87
CA ASN F 70 -2.23 27.59 20.65
C ASN F 70 -2.61 26.88 21.93
N ARG F 71 -2.97 27.60 22.98
CA ARG F 71 -3.44 26.99 24.23
C ARG F 71 -4.57 27.81 24.83
N GLY G 1 -15.56 -0.73 60.44
CA GLY G 1 -15.39 -0.22 59.08
C GLY G 1 -15.54 -1.27 58.00
N PRO G 2 -16.09 -0.88 56.86
CA PRO G 2 -16.35 -1.84 55.75
C PRO G 2 -15.17 -1.98 54.81
N LEU G 3 -14.10 -2.60 55.30
CA LEU G 3 -12.85 -2.66 54.56
C LEU G 3 -12.82 -3.79 53.54
N GLY G 4 -13.90 -4.54 53.40
CA GLY G 4 -13.99 -5.69 52.54
C GLY G 4 -14.98 -5.47 51.43
N SER G 5 -16.03 -4.70 51.74
CA SER G 5 -17.10 -4.45 50.79
C SER G 5 -16.66 -3.68 49.57
N MET G 6 -15.46 -3.09 49.58
CA MET G 6 -14.86 -2.57 48.35
C MET G 6 -14.10 -3.67 47.61
N PHE G 7 -13.07 -4.24 48.27
CA PHE G 7 -12.19 -5.22 47.65
C PHE G 7 -12.85 -6.59 47.44
N HIS G 8 -14.17 -6.69 47.58
CA HIS G 8 -14.92 -7.93 47.37
C HIS G 8 -14.80 -8.42 45.94
N VAL G 9 -15.44 -7.74 45.00
CA VAL G 9 -15.45 -8.16 43.60
C VAL G 9 -14.14 -7.93 42.90
N ARG G 10 -13.11 -7.49 43.63
CA ARG G 10 -11.82 -7.12 43.04
C ARG G 10 -10.84 -8.29 42.98
N TYR G 11 -10.87 -9.17 43.97
CA TYR G 11 -9.99 -10.34 43.97
C TYR G 11 -10.46 -11.45 43.06
N ARG G 12 -11.28 -11.15 42.06
CA ARG G 12 -12.14 -12.15 41.44
C ARG G 12 -11.59 -12.76 40.14
N MET G 13 -11.03 -11.93 39.26
CA MET G 13 -10.92 -12.32 37.85
C MET G 13 -9.92 -13.43 37.55
N GLU G 14 -8.62 -13.12 37.57
CA GLU G 14 -7.63 -13.96 36.89
C GLU G 14 -7.02 -15.05 37.76
N ALA G 15 -5.95 -14.69 38.48
CA ALA G 15 -4.97 -15.50 39.19
C ALA G 15 -3.62 -15.34 38.51
N SER G 16 -2.72 -14.61 39.17
CA SER G 16 -1.46 -14.21 38.58
C SER G 16 -0.41 -15.31 38.67
N CYS G 17 0.63 -15.16 37.85
CA CYS G 17 1.69 -16.15 37.82
C CYS G 17 2.31 -16.32 39.20
N LEU G 18 2.60 -15.20 39.87
CA LEU G 18 3.19 -15.26 41.21
C LEU G 18 2.28 -15.97 42.19
N GLU G 19 0.97 -15.75 42.10
CA GLU G 19 0.03 -16.36 43.03
C GLU G 19 0.01 -17.88 42.86
N LEU G 20 -0.04 -18.34 41.61
CA LEU G 20 0.02 -19.78 41.36
C LEU G 20 1.32 -20.38 41.87
N ALA G 21 2.43 -19.66 41.64
CA ALA G 21 3.73 -20.13 42.09
C ALA G 21 3.81 -20.25 43.61
N LEU G 22 3.28 -19.26 44.32
CA LEU G 22 3.32 -19.29 45.78
C LEU G 22 2.49 -20.45 46.31
N GLU G 23 1.36 -20.75 45.68
CA GLU G 23 0.56 -21.90 46.09
C GLU G 23 1.33 -23.20 45.87
N GLY G 24 2.01 -23.33 44.74
CA GLY G 24 2.84 -24.51 44.51
C GLY G 24 3.89 -24.69 45.59
N GLU G 25 4.54 -23.59 45.97
CA GLU G 25 5.59 -23.66 46.99
C GLU G 25 5.03 -24.07 48.34
N ARG G 26 3.86 -23.55 48.73
CA ARG G 26 3.25 -23.94 49.99
C ARG G 26 2.86 -25.41 50.01
N LEU G 27 2.43 -25.95 48.87
CA LEU G 27 2.08 -27.37 48.83
C LEU G 27 3.32 -28.24 49.00
N CYS G 28 4.44 -27.84 48.39
CA CYS G 28 5.69 -28.56 48.58
C CYS G 28 6.19 -28.44 50.02
N LYS G 29 5.98 -27.27 50.65
CA LYS G 29 6.35 -27.12 52.05
C LYS G 29 5.60 -28.11 52.93
N SER G 30 4.33 -28.35 52.62
CA SER G 30 3.51 -29.28 53.39
C SER G 30 3.80 -30.73 53.05
N GLY G 31 4.52 -31.00 51.97
CA GLY G 31 4.92 -32.34 51.62
C GLY G 31 4.07 -33.01 50.57
N ASP G 32 3.10 -32.28 50.00
CA ASP G 32 2.26 -32.78 48.92
C ASP G 32 2.79 -32.18 47.61
N CYS G 33 3.86 -32.77 47.09
CA CYS G 33 4.51 -32.20 45.92
C CYS G 33 3.79 -32.57 44.64
N ARG G 34 2.90 -33.57 44.70
CA ARG G 34 2.09 -33.96 43.55
C ARG G 34 1.12 -32.85 43.17
N ALA G 35 0.47 -32.23 44.17
CA ALA G 35 -0.39 -31.10 43.89
C ALA G 35 0.41 -29.83 43.59
N GLY G 36 1.57 -29.67 44.24
CA GLY G 36 2.41 -28.51 43.99
C GLY G 36 2.87 -28.40 42.56
N VAL G 37 3.16 -29.55 41.94
CA VAL G 37 3.63 -29.56 40.56
C VAL G 37 2.58 -28.97 39.62
N SER G 38 1.30 -29.35 39.83
CA SER G 38 0.24 -28.85 38.98
C SER G 38 0.16 -27.33 39.03
N PHE G 39 0.27 -26.75 40.23
CA PHE G 39 0.20 -25.30 40.36
C PHE G 39 1.45 -24.63 39.81
N PHE G 40 2.61 -25.28 39.89
CA PHE G 40 3.81 -24.71 39.27
C PHE G 40 3.70 -24.68 37.75
N GLU G 41 3.33 -25.82 37.16
CA GLU G 41 3.19 -25.86 35.71
C GLU G 41 2.08 -24.93 35.24
N ALA G 42 1.10 -24.65 36.09
CA ALA G 42 0.08 -23.68 35.74
C ALA G 42 0.67 -22.27 35.67
N ALA G 43 1.54 -21.94 36.63
CA ALA G 43 2.23 -20.65 36.60
C ALA G 43 3.10 -20.54 35.36
N VAL G 44 3.69 -21.66 34.95
CA VAL G 44 4.46 -21.70 33.72
C VAL G 44 3.60 -21.35 32.51
N GLN G 45 2.37 -21.88 32.47
CA GLN G 45 1.47 -21.58 31.36
C GLN G 45 1.13 -20.09 31.32
N VAL G 46 0.93 -19.47 32.48
CA VAL G 46 0.64 -18.05 32.53
C VAL G 46 1.84 -17.23 32.07
N GLY G 47 3.03 -17.59 32.54
CA GLY G 47 4.24 -16.88 32.21
C GLY G 47 4.39 -15.60 33.02
N THR G 48 5.60 -15.05 32.97
CA THR G 48 5.89 -13.83 33.71
C THR G 48 6.94 -13.03 32.95
N GLU G 49 7.05 -11.75 33.31
CA GLU G 49 8.10 -10.89 32.79
C GLU G 49 9.36 -10.97 33.60
N ASP G 50 9.25 -11.36 34.87
CA ASP G 50 10.33 -11.28 35.84
C ASP G 50 11.20 -12.51 35.71
N LEU G 51 12.41 -12.35 35.16
CA LEU G 51 13.27 -13.51 34.91
C LEU G 51 13.79 -14.12 36.21
N LYS G 52 13.98 -13.29 37.24
CA LYS G 52 14.40 -13.83 38.54
C LYS G 52 13.34 -14.76 39.11
N THR G 53 12.06 -14.38 38.99
CA THR G 53 10.98 -15.25 39.42
C THR G 53 10.93 -16.53 38.58
N LEU G 54 11.02 -16.39 37.26
CA LEU G 54 10.97 -17.54 36.36
C LEU G 54 12.08 -18.54 36.67
N SER G 55 13.30 -18.04 36.89
CA SER G 55 14.40 -18.90 37.31
C SER G 55 14.01 -19.66 38.56
N ALA G 56 13.32 -18.96 39.47
CA ALA G 56 12.87 -19.55 40.72
C ALA G 56 11.90 -20.70 40.48
N ILE G 57 10.97 -20.52 39.55
CA ILE G 57 9.95 -21.51 39.29
C ILE G 57 10.57 -22.76 38.70
N TYR G 58 11.45 -22.58 37.70
CA TYR G 58 12.08 -23.71 37.04
C TYR G 58 12.84 -24.57 38.05
N SER G 59 13.63 -23.93 38.92
CA SER G 59 14.48 -24.67 39.85
C SER G 59 13.63 -25.46 40.84
N GLN G 60 12.58 -24.84 41.37
CA GLN G 60 11.74 -25.55 42.34
C GLN G 60 10.86 -26.59 41.67
N LEU G 61 10.56 -26.41 40.39
CA LEU G 61 9.89 -27.48 39.65
C LEU G 61 10.82 -28.67 39.45
N GLY G 62 12.08 -28.39 39.07
CA GLY G 62 13.05 -29.46 38.95
C GLY G 62 13.25 -30.21 40.25
N ASN G 63 13.38 -29.45 41.34
CA ASN G 63 13.55 -30.08 42.65
C ASN G 63 12.31 -30.85 43.07
N ALA G 64 11.13 -30.37 42.69
CA ALA G 64 9.90 -31.08 43.03
C ALA G 64 9.76 -32.37 42.24
N TYR G 65 10.03 -32.32 40.92
CA TYR G 65 9.98 -33.53 40.10
C TYR G 65 11.05 -34.52 40.55
N PHE G 66 12.21 -34.00 40.97
CA PHE G 66 13.28 -34.85 41.47
C PHE G 66 12.79 -35.67 42.67
N TYR G 67 12.12 -35.00 43.60
CA TYR G 67 11.58 -35.67 44.79
C TYR G 67 10.48 -36.66 44.43
N LEU G 68 9.69 -36.36 43.39
CA LEU G 68 8.66 -37.28 42.92
C LEU G 68 9.21 -38.35 41.99
N HIS G 69 10.53 -38.47 41.86
CA HIS G 69 11.19 -39.51 41.07
C HIS G 69 10.82 -39.45 39.59
N ASP G 70 10.38 -38.29 39.10
CA ASP G 70 10.15 -38.10 37.67
C ASP G 70 11.36 -37.36 37.10
N TYR G 71 12.46 -38.11 37.02
CA TYR G 71 13.75 -37.52 36.68
C TYR G 71 13.79 -36.97 35.27
N ALA G 72 12.91 -37.43 34.38
CA ALA G 72 12.89 -36.91 33.02
C ALA G 72 12.46 -35.45 33.00
N LYS G 73 11.37 -35.12 33.71
CA LYS G 73 10.94 -33.73 33.80
C LYS G 73 11.81 -32.91 34.76
N ALA G 74 12.44 -33.56 35.75
CA ALA G 74 13.40 -32.84 36.56
C ALA G 74 14.54 -32.35 35.69
N LEU G 75 14.97 -33.17 34.73
CA LEU G 75 16.00 -32.76 33.80
C LEU G 75 15.52 -31.60 32.92
N GLU G 76 14.27 -31.66 32.47
CA GLU G 76 13.71 -30.61 31.63
C GLU G 76 13.82 -29.23 32.30
N TYR G 77 13.26 -29.10 33.50
CA TYR G 77 13.18 -27.79 34.12
C TYR G 77 14.52 -27.31 34.66
N HIS G 78 15.38 -28.21 35.12
CA HIS G 78 16.72 -27.75 35.52
C HIS G 78 17.52 -27.34 34.31
N HIS G 79 17.24 -27.94 33.15
CA HIS G 79 17.91 -27.54 31.92
C HIS G 79 17.44 -26.15 31.49
N HIS G 80 16.14 -25.87 31.65
CA HIS G 80 15.64 -24.52 31.36
C HIS G 80 16.23 -23.49 32.30
N ASP G 81 16.36 -23.84 33.59
CA ASP G 81 16.96 -22.90 34.54
C ASP G 81 18.40 -22.59 34.17
N LEU G 82 19.16 -23.62 33.76
CA LEU G 82 20.53 -23.41 33.31
C LEU G 82 20.56 -22.52 32.06
N THR G 83 19.69 -22.81 31.10
CA THR G 83 19.65 -22.01 29.87
C THR G 83 19.36 -20.55 30.16
N LEU G 84 18.38 -20.29 31.04
CA LEU G 84 18.03 -18.92 31.39
C LEU G 84 19.18 -18.22 32.11
N ALA G 85 19.80 -18.90 33.09
CA ALA G 85 20.92 -18.31 33.82
C ALA G 85 22.08 -17.99 32.89
N ARG G 86 22.26 -18.77 31.82
CA ARG G 86 23.37 -18.55 30.92
C ARG G 86 23.13 -17.34 30.02
N THR G 87 21.91 -17.20 29.49
CA THR G 87 21.61 -16.09 28.60
C THR G 87 21.74 -14.74 29.31
N ILE G 88 21.25 -14.66 30.56
CA ILE G 88 21.30 -13.41 31.30
C ILE G 88 22.64 -13.21 32.01
N GLY G 89 23.57 -14.16 31.88
CA GLY G 89 24.88 -14.02 32.48
C GLY G 89 24.91 -14.06 33.99
N ASP G 90 23.87 -14.63 34.61
CA ASP G 90 23.84 -14.80 36.06
C ASP G 90 24.73 -15.99 36.40
N GLN G 91 26.00 -15.70 36.74
CA GLN G 91 26.96 -16.77 36.94
C GLN G 91 26.68 -17.55 38.22
N LEU G 92 26.23 -16.88 39.28
CA LEU G 92 25.86 -17.59 40.49
C LEU G 92 24.68 -18.53 40.23
N GLY G 93 23.67 -18.04 39.51
CA GLY G 93 22.55 -18.88 39.13
C GLY G 93 22.96 -19.99 38.20
N GLU G 94 23.94 -19.73 37.33
CA GLU G 94 24.42 -20.76 36.39
C GLU G 94 25.07 -21.91 37.17
N ALA G 95 25.88 -21.58 38.17
CA ALA G 95 26.55 -22.61 38.97
C ALA G 95 25.54 -23.47 39.72
N LYS G 96 24.56 -22.85 40.37
CA LYS G 96 23.57 -23.60 41.14
C LYS G 96 22.74 -24.50 40.23
N ALA G 97 22.40 -24.01 39.03
CA ALA G 97 21.61 -24.83 38.11
C ALA G 97 22.44 -26.00 37.61
N SER G 98 23.74 -25.78 37.36
CA SER G 98 24.62 -26.85 36.93
C SER G 98 24.69 -27.95 37.98
N GLY G 99 24.77 -27.56 39.25
CA GLY G 99 24.82 -28.55 40.33
C GLY G 99 23.58 -29.41 40.37
N ASN G 100 22.40 -28.79 40.27
CA ASN G 100 21.16 -29.55 40.28
C ASN G 100 21.06 -30.43 39.03
N LEU G 101 21.47 -29.90 37.88
CA LEU G 101 21.47 -30.72 36.66
C LEU G 101 22.41 -31.90 36.80
N GLY G 102 23.55 -31.69 37.47
CA GLY G 102 24.49 -32.78 37.67
C GLY G 102 23.93 -33.89 38.54
N ASN G 103 23.30 -33.52 39.65
CA ASN G 103 22.73 -34.52 40.54
C ASN G 103 21.60 -35.29 39.86
N THR G 104 20.81 -34.60 39.03
CA THR G 104 19.78 -35.29 38.26
C THR G 104 20.40 -36.31 37.32
N LEU G 105 21.43 -35.88 36.58
CA LEU G 105 22.14 -36.78 35.68
C LEU G 105 22.79 -37.93 36.45
N LYS G 106 23.21 -37.67 37.69
CA LYS G 106 23.85 -38.71 38.50
C LYS G 106 22.89 -39.87 38.77
N VAL G 107 21.64 -39.54 39.11
CA VAL G 107 20.64 -40.57 39.38
C VAL G 107 20.30 -41.31 38.09
N LEU G 108 20.28 -40.60 36.97
CA LEU G 108 19.94 -41.20 35.68
C LEU G 108 21.05 -42.06 35.10
N GLY G 109 22.20 -42.14 35.76
CA GLY G 109 23.29 -42.98 35.31
C GLY G 109 24.12 -42.37 34.21
N ASN G 110 23.91 -41.10 33.88
CA ASN G 110 24.71 -40.41 32.85
C ASN G 110 25.87 -39.69 33.53
N PHE G 111 26.80 -40.49 34.04
CA PHE G 111 27.86 -39.96 34.89
C PHE G 111 28.77 -39.00 34.11
N ASP G 112 29.03 -39.29 32.83
CA ASP G 112 29.98 -38.48 32.07
C ASP G 112 29.52 -37.03 31.98
N GLU G 113 28.24 -36.82 31.66
CA GLU G 113 27.71 -35.46 31.63
C GLU G 113 27.54 -34.90 33.03
N ALA G 114 27.24 -35.74 34.02
CA ALA G 114 27.12 -35.29 35.40
C ALA G 114 28.44 -34.71 35.90
N ILE G 115 29.57 -35.30 35.50
CA ILE G 115 30.88 -34.77 35.87
C ILE G 115 31.03 -33.37 35.31
N VAL G 116 30.65 -33.18 34.04
CA VAL G 116 30.81 -31.89 33.37
C VAL G 116 30.05 -30.81 34.11
N CYS G 117 28.80 -31.09 34.47
CA CYS G 117 27.95 -30.08 35.09
C CYS G 117 28.45 -29.72 36.48
N CYS G 118 28.85 -30.71 37.28
CA CYS G 118 29.34 -30.43 38.62
C CYS G 118 30.73 -29.78 38.57
N GLN G 119 31.53 -30.12 37.56
CA GLN G 119 32.81 -29.43 37.37
C GLN G 119 32.57 -27.96 37.04
N ARG G 120 31.55 -27.69 36.24
CA ARG G 120 31.20 -26.32 35.91
C ARG G 120 30.79 -25.54 37.16
N HIS G 121 30.02 -26.20 38.04
CA HIS G 121 29.64 -25.59 39.30
C HIS G 121 30.88 -25.24 40.12
N LEU G 122 31.83 -26.17 40.21
CA LEU G 122 33.06 -25.93 40.95
C LEU G 122 33.86 -24.76 40.36
N ASP G 123 34.06 -24.77 39.04
CA ASP G 123 34.88 -23.74 38.40
C ASP G 123 34.30 -22.34 38.62
N ILE G 124 33.00 -22.17 38.43
CA ILE G 124 32.39 -20.86 38.61
C ILE G 124 32.50 -20.42 40.07
N SER G 125 32.32 -21.37 41.00
CA SER G 125 32.42 -21.04 42.42
C SER G 125 33.82 -20.53 42.77
N ARG G 126 34.85 -21.19 42.24
CA ARG G 126 36.22 -20.75 42.49
C ARG G 126 36.48 -19.39 41.84
N GLU G 127 35.86 -19.15 40.70
CA GLU G 127 36.08 -17.89 39.98
C GLU G 127 35.49 -16.72 40.74
N LEU G 128 34.32 -16.91 41.35
CA LEU G 128 33.66 -15.88 42.12
C LEU G 128 34.10 -15.85 43.58
N ASN G 129 35.02 -16.74 43.98
CA ASN G 129 35.48 -16.87 45.37
C ASN G 129 34.31 -17.14 46.32
N ASP G 130 33.35 -17.93 45.85
CA ASP G 130 32.21 -18.36 46.65
C ASP G 130 32.60 -19.65 47.35
N LYS G 131 33.04 -19.54 48.61
CA LYS G 131 33.62 -20.66 49.32
C LYS G 131 32.55 -21.69 49.70
N VAL G 132 31.36 -21.21 50.07
CA VAL G 132 30.27 -22.15 50.39
C VAL G 132 29.81 -22.88 49.14
N GLY G 133 29.78 -22.18 48.00
CA GLY G 133 29.44 -22.84 46.75
C GLY G 133 30.53 -23.79 46.31
N GLU G 134 31.80 -23.42 46.55
CA GLU G 134 32.91 -24.30 46.20
C GLU G 134 32.81 -25.60 46.98
N ALA G 135 32.52 -25.50 48.27
CA ALA G 135 32.38 -26.69 49.12
C ALA G 135 31.24 -27.58 48.63
N ARG G 136 30.07 -27.00 48.33
CA ARG G 136 28.94 -27.81 47.87
C ARG G 136 29.24 -28.48 46.55
N ALA G 137 30.01 -27.83 45.68
CA ALA G 137 30.37 -28.45 44.40
C ALA G 137 31.33 -29.61 44.63
N LEU G 138 32.26 -29.47 45.58
CA LEU G 138 33.17 -30.56 45.92
C LEU G 138 32.39 -31.76 46.44
N TYR G 139 31.42 -31.51 47.32
CA TYR G 139 30.58 -32.58 47.85
C TYR G 139 29.80 -33.26 46.73
N ASN G 140 29.27 -32.48 45.78
CA ASN G 140 28.54 -33.05 44.65
C ASN G 140 29.44 -33.94 43.81
N LEU G 141 30.65 -33.46 43.51
CA LEU G 141 31.58 -34.26 42.70
C LEU G 141 31.93 -35.55 43.40
N GLY G 142 32.16 -35.49 44.71
CA GLY G 142 32.38 -36.71 45.48
C GLY G 142 31.22 -37.68 45.36
N ASN G 143 30.00 -37.16 45.45
CA ASN G 143 28.82 -38.02 45.34
C ASN G 143 28.73 -38.68 43.97
N VAL G 144 29.06 -37.94 42.91
CA VAL G 144 28.91 -38.50 41.57
C VAL G 144 29.90 -39.65 41.36
N TYR G 145 31.16 -39.43 41.72
CA TYR G 145 32.15 -40.48 41.58
C TYR G 145 31.85 -41.65 42.50
N HIS G 146 31.29 -41.38 43.68
CA HIS G 146 30.89 -42.45 44.59
C HIS G 146 29.81 -43.31 43.92
N ALA G 147 28.84 -42.66 43.26
CA ALA G 147 27.78 -43.39 42.59
C ALA G 147 28.30 -44.11 41.35
N LYS G 148 29.22 -43.48 40.61
CA LYS G 148 29.80 -44.13 39.44
C LYS G 148 30.53 -45.40 39.84
N GLY G 149 31.34 -45.32 40.89
CA GLY G 149 32.04 -46.51 41.36
C GLY G 149 31.10 -47.59 41.83
N LYS G 150 29.99 -47.20 42.46
CA LYS G 150 29.03 -48.16 42.97
C LYS G 150 28.22 -48.81 41.86
N SER G 151 28.12 -48.20 40.69
CA SER G 151 27.31 -48.76 39.61
C SER G 151 27.98 -49.88 38.84
N PHE G 152 29.24 -50.21 39.12
CA PHE G 152 29.90 -51.37 38.51
C PHE G 152 30.10 -52.52 39.48
N GLY G 153 30.50 -52.22 40.72
CA GLY G 153 30.77 -53.24 41.72
C GLY G 153 29.52 -53.78 42.37
N CYS G 154 28.81 -54.64 41.64
CA CYS G 154 27.57 -55.24 42.14
C CYS G 154 27.82 -56.70 42.51
N PRO G 155 28.74 -57.39 41.82
CA PRO G 155 29.34 -58.56 42.50
C PRO G 155 30.39 -58.18 43.54
N GLY G 156 29.91 -57.54 44.62
CA GLY G 156 30.64 -57.47 45.87
C GLY G 156 31.72 -56.42 45.96
N PRO G 157 32.14 -56.10 47.20
CA PRO G 157 33.34 -55.27 47.39
C PRO G 157 34.66 -56.04 47.24
N GLN G 158 34.73 -57.35 47.59
CA GLN G 158 35.94 -58.15 47.30
C GLN G 158 35.76 -59.66 47.17
N ASP G 159 36.36 -60.27 46.13
CA ASP G 159 36.47 -61.73 46.02
C ASP G 159 37.87 -62.14 45.54
N VAL G 160 38.10 -62.18 44.24
CA VAL G 160 39.46 -62.35 43.73
C VAL G 160 39.86 -61.27 42.73
N GLY G 161 38.92 -60.54 42.15
CA GLY G 161 39.26 -59.59 41.12
C GLY G 161 39.98 -58.36 41.66
N GLU G 162 40.62 -57.63 40.77
CA GLU G 162 41.17 -56.33 41.10
C GLU G 162 40.14 -55.21 41.04
N PHE G 163 38.86 -55.55 41.10
CA PHE G 163 37.67 -54.70 40.95
C PHE G 163 37.79 -53.79 39.74
N PRO G 164 38.39 -54.28 38.63
CA PRO G 164 38.88 -53.34 37.60
C PRO G 164 39.46 -51.97 38.01
N GLU G 165 40.35 -51.44 37.18
CA GLU G 165 40.95 -50.13 37.43
C GLU G 165 39.89 -49.04 37.49
N GLU G 166 38.82 -49.16 36.68
CA GLU G 166 37.89 -48.06 36.56
C GLU G 166 37.16 -47.79 37.88
N VAL G 167 36.80 -48.85 38.60
CA VAL G 167 36.07 -48.67 39.86
C VAL G 167 36.97 -48.06 40.92
N ARG G 168 38.19 -48.58 41.05
CA ARG G 168 39.13 -48.05 42.05
C ARG G 168 39.46 -46.59 41.75
N ASP G 169 39.64 -46.24 40.48
CA ASP G 169 39.92 -44.85 40.13
C ASP G 169 38.76 -43.93 40.50
N ALA G 170 37.53 -44.39 40.27
CA ALA G 170 36.38 -43.55 40.58
C ALA G 170 36.21 -43.37 42.08
N LEU G 171 36.39 -44.45 42.86
CA LEU G 171 36.27 -44.34 44.31
C LEU G 171 37.39 -43.50 44.89
N GLN G 172 38.61 -43.61 44.35
CA GLN G 172 39.71 -42.79 44.85
C GLN G 172 39.46 -41.32 44.53
N ALA G 173 38.85 -41.04 43.38
CA ALA G 173 38.51 -39.65 43.05
C ALA G 173 37.47 -39.12 44.05
N ALA G 174 36.53 -39.98 44.47
CA ALA G 174 35.54 -39.56 45.45
C ALA G 174 36.21 -39.24 46.78
N VAL G 175 37.20 -40.04 47.17
CA VAL G 175 37.91 -39.80 48.42
C VAL G 175 38.60 -38.43 48.36
N ASP G 176 39.25 -38.14 47.25
CA ASP G 176 39.93 -36.86 47.10
C ASP G 176 38.96 -35.69 47.21
N PHE G 177 37.83 -35.77 46.51
CA PHE G 177 36.84 -34.69 46.58
C PHE G 177 36.26 -34.55 47.99
N TYR G 178 35.93 -35.67 48.64
CA TYR G 178 35.37 -35.57 49.99
C TYR G 178 36.38 -34.95 50.95
N GLU G 179 37.66 -35.30 50.82
CA GLU G 179 38.65 -34.73 51.74
C GLU G 179 38.86 -33.25 51.45
N GLU G 180 38.82 -32.86 50.18
CA GLU G 180 38.89 -31.43 49.86
C GLU G 180 37.69 -30.69 50.42
N ASN G 181 36.49 -31.27 50.27
CA ASN G 181 35.29 -30.70 50.89
C ASN G 181 35.48 -30.59 52.40
N LEU G 182 35.94 -31.67 53.03
CA LEU G 182 36.16 -31.67 54.48
C LEU G 182 37.11 -30.54 54.91
N SER G 183 38.20 -30.36 54.16
CA SER G 183 39.16 -29.31 54.50
C SER G 183 38.50 -27.93 54.47
N LEU G 184 37.72 -27.67 53.42
CA LEU G 184 37.06 -26.37 53.25
C LEU G 184 35.95 -26.17 54.28
N VAL G 185 35.25 -27.26 54.61
CA VAL G 185 34.12 -27.18 55.54
C VAL G 185 34.62 -27.02 56.97
N THR G 186 35.70 -27.72 57.32
CA THR G 186 36.28 -27.53 58.65
C THR G 186 36.81 -26.12 58.83
N ALA G 187 37.32 -25.51 57.76
CA ALA G 187 37.80 -24.14 57.84
C ALA G 187 36.65 -23.14 57.96
N LEU G 188 35.51 -23.45 57.36
CA LEU G 188 34.34 -22.59 57.48
C LEU G 188 33.57 -22.82 58.78
N GLY G 189 33.92 -23.88 59.52
CA GLY G 189 33.26 -24.17 60.78
C GLY G 189 31.83 -24.62 60.66
N ASP G 190 31.51 -25.38 59.61
CA ASP G 190 30.16 -25.90 59.39
C ASP G 190 30.13 -27.35 59.88
N ARG G 191 29.67 -27.55 61.12
CA ARG G 191 29.71 -28.88 61.71
C ARG G 191 28.76 -29.84 60.99
N ALA G 192 27.59 -29.36 60.55
CA ALA G 192 26.65 -30.22 59.84
C ALA G 192 27.28 -30.78 58.57
N ALA G 193 27.90 -29.91 57.76
CA ALA G 193 28.53 -30.37 56.53
C ALA G 193 29.72 -31.27 56.82
N GLN G 194 30.41 -31.06 57.94
CA GLN G 194 31.50 -31.95 58.33
C GLN G 194 30.97 -33.36 58.58
N GLY G 195 29.83 -33.46 59.24
CA GLY G 195 29.23 -34.77 59.47
C GLY G 195 28.90 -35.48 58.18
N ARG G 196 28.27 -34.77 57.25
CA ARG G 196 27.87 -35.39 55.99
C ARG G 196 29.10 -35.87 55.24
N ALA G 197 30.18 -35.08 55.25
CA ALA G 197 31.42 -35.46 54.61
C ALA G 197 32.03 -36.72 55.23
N PHE G 198 32.08 -36.78 56.56
CA PHE G 198 32.66 -37.95 57.23
C PHE G 198 31.90 -39.22 56.89
N GLY G 199 30.57 -39.15 56.86
CA GLY G 199 29.77 -40.32 56.52
C GLY G 199 30.09 -40.87 55.13
N ASN G 200 30.05 -40.00 54.12
CA ASN G 200 30.29 -40.45 52.76
C ASN G 200 31.75 -40.87 52.56
N LEU G 201 32.68 -40.17 53.22
CA LEU G 201 34.07 -40.58 53.17
C LEU G 201 34.25 -41.97 53.75
N GLY G 202 33.58 -42.24 54.87
CA GLY G 202 33.66 -43.56 55.48
C GLY G 202 33.12 -44.67 54.60
N ASN G 203 31.97 -44.43 53.96
CA ASN G 203 31.41 -45.44 53.07
C ASN G 203 32.24 -45.63 51.82
N THR G 204 32.97 -44.61 51.37
CA THR G 204 33.82 -44.79 50.20
C THR G 204 35.02 -45.65 50.55
N HIS G 205 35.66 -45.37 51.69
CA HIS G 205 36.74 -46.22 52.17
C HIS G 205 36.26 -47.65 52.37
N TYR G 206 35.01 -47.80 52.82
CA TYR G 206 34.44 -49.12 53.05
C TYR G 206 34.36 -49.91 51.74
N LEU G 207 33.92 -49.26 50.66
CA LEU G 207 33.86 -49.94 49.37
C LEU G 207 35.24 -50.21 48.82
N LEU G 208 36.20 -49.32 49.09
CA LEU G 208 37.56 -49.49 48.61
C LEU G 208 38.29 -50.63 49.30
N GLY G 209 37.87 -51.00 50.51
CA GLY G 209 38.56 -51.98 51.30
C GLY G 209 39.45 -51.40 52.37
N ASN G 210 39.40 -50.08 52.58
CA ASN G 210 40.23 -49.41 53.58
C ASN G 210 39.43 -49.30 54.88
N PHE G 211 39.26 -50.45 55.54
CA PHE G 211 38.28 -50.56 56.62
C PHE G 211 38.68 -49.75 57.85
N ARG G 212 39.99 -49.68 58.15
CA ARG G 212 40.41 -48.91 59.31
C ARG G 212 40.10 -47.42 59.11
N ASP G 213 40.38 -46.89 57.92
CA ASP G 213 40.03 -45.50 57.64
C ASP G 213 38.52 -45.30 57.67
N ALA G 214 37.75 -46.32 57.28
CA ALA G 214 36.30 -46.19 57.32
C ALA G 214 35.81 -46.08 58.75
N VAL G 215 36.34 -46.92 59.64
CA VAL G 215 35.99 -46.83 61.07
C VAL G 215 36.28 -45.44 61.60
N ILE G 216 37.47 -44.90 61.32
CA ILE G 216 37.83 -43.58 61.82
C ILE G 216 36.85 -42.52 61.35
N ALA G 217 36.48 -42.56 60.07
CA ALA G 217 35.56 -41.56 59.54
C ALA G 217 34.17 -41.68 60.16
N HIS G 218 33.68 -42.91 60.32
CA HIS G 218 32.34 -43.09 60.89
C HIS G 218 32.32 -42.76 62.38
N GLU G 219 33.44 -42.96 63.09
CA GLU G 219 33.51 -42.53 64.47
C GLU G 219 33.34 -41.02 64.59
N GLN G 220 33.91 -40.28 63.64
CA GLN G 220 33.74 -38.84 63.61
C GLN G 220 32.30 -38.47 63.28
N ARG G 221 31.67 -39.22 62.36
CA ARG G 221 30.26 -38.99 62.05
C ARG G 221 29.40 -39.23 63.29
N LEU G 222 29.73 -40.26 64.07
CA LEU G 222 28.98 -40.56 65.28
C LEU G 222 29.09 -39.42 66.28
N LEU G 223 30.30 -38.91 66.49
CA LEU G 223 30.51 -37.83 67.45
C LEU G 223 29.73 -36.59 67.04
N ILE G 224 29.73 -36.25 65.75
CA ILE G 224 29.00 -35.08 65.28
C ILE G 224 27.49 -35.31 65.38
N ALA G 225 27.03 -36.53 65.11
CA ALA G 225 25.61 -36.84 65.23
C ALA G 225 25.12 -36.65 66.67
N LYS G 226 25.93 -37.08 67.63
CA LYS G 226 25.59 -36.87 69.04
C LYS G 226 25.55 -35.38 69.37
N GLU G 227 26.49 -34.61 68.84
CA GLU G 227 26.55 -33.17 69.09
C GLU G 227 25.25 -32.48 68.67
N PHE G 228 24.68 -32.90 67.55
CA PHE G 228 23.44 -32.32 67.04
C PHE G 228 22.20 -33.04 67.55
N GLY G 229 22.36 -34.12 68.31
CA GLY G 229 21.23 -34.89 68.77
C GLY G 229 20.44 -35.55 67.66
N ASP G 230 21.05 -35.72 66.48
CA ASP G 230 20.41 -36.34 65.32
C ASP G 230 20.45 -37.86 65.48
N LYS G 231 19.37 -38.41 66.04
CA LYS G 231 19.27 -39.85 66.27
C LYS G 231 19.35 -40.64 64.96
N ALA G 232 18.78 -40.09 63.88
CA ALA G 232 18.82 -40.79 62.60
C ALA G 232 20.25 -40.96 62.11
N ALA G 233 21.03 -39.87 62.14
CA ALA G 233 22.43 -39.94 61.76
C ALA G 233 23.21 -40.84 62.70
N GLU G 234 22.89 -40.79 64.00
CA GLU G 234 23.54 -41.66 64.97
C GLU G 234 23.34 -43.13 64.62
N ARG G 235 22.12 -43.47 64.19
CA ARG G 235 21.83 -44.85 63.81
C ARG G 235 22.57 -45.24 62.54
N ARG G 236 22.69 -44.32 61.58
CA ARG G 236 23.44 -44.62 60.37
C ARG G 236 24.91 -44.89 60.69
N ALA G 237 25.51 -44.08 61.58
CA ALA G 237 26.88 -44.29 61.99
C ALA G 237 27.06 -45.65 62.66
N TYR G 238 26.14 -46.02 63.56
CA TYR G 238 26.22 -47.31 64.20
C TYR G 238 26.17 -48.44 63.19
N SER G 239 25.33 -48.31 62.16
CA SER G 239 25.18 -49.36 61.16
C SER G 239 26.45 -49.48 60.32
N ASN G 240 27.00 -48.34 59.90
CA ASN G 240 28.21 -48.37 59.09
C ASN G 240 29.39 -48.92 59.87
N LEU G 241 29.46 -48.61 61.17
CA LEU G 241 30.54 -49.12 62.01
C LEU G 241 30.46 -50.64 62.11
N GLY G 242 29.26 -51.17 62.36
CA GLY G 242 29.08 -52.61 62.39
C GLY G 242 29.53 -53.29 61.11
N ASN G 243 29.14 -52.72 59.97
CA ASN G 243 29.53 -53.27 58.68
C ASN G 243 31.04 -53.36 58.57
N ALA G 244 31.74 -52.30 58.97
CA ALA G 244 33.19 -52.26 58.82
C ALA G 244 33.88 -53.26 59.73
N TYR G 245 33.41 -53.40 60.97
CA TYR G 245 34.03 -54.33 61.90
C TYR G 245 33.83 -55.78 61.46
N ILE G 246 32.75 -56.07 60.73
CA ILE G 246 32.58 -57.40 60.15
C ILE G 246 33.74 -57.73 59.22
N PHE G 247 34.07 -56.80 58.31
CA PHE G 247 35.13 -57.05 57.34
C PHE G 247 36.51 -57.01 57.97
N LEU G 248 36.65 -56.40 59.15
CA LEU G 248 37.92 -56.45 59.85
C LEU G 248 38.11 -57.80 60.53
N GLY G 249 37.02 -58.51 60.80
CA GLY G 249 37.05 -59.80 61.45
C GLY G 249 36.72 -59.76 62.92
N GLU G 250 36.42 -58.59 63.47
CA GLU G 250 36.09 -58.44 64.89
C GLU G 250 34.58 -58.49 65.05
N PHE G 251 34.04 -59.72 65.07
CA PHE G 251 32.60 -59.92 65.05
C PHE G 251 31.95 -59.51 66.37
N GLU G 252 32.64 -59.71 67.49
CA GLU G 252 32.10 -59.27 68.78
C GLU G 252 31.86 -57.77 68.81
N THR G 253 32.84 -56.99 68.36
CA THR G 253 32.65 -55.55 68.28
C THR G 253 31.49 -55.19 67.36
N ALA G 254 31.39 -55.90 66.23
CA ALA G 254 30.32 -55.62 65.28
C ALA G 254 28.94 -55.86 65.89
N SER G 255 28.81 -56.94 66.66
CA SER G 255 27.52 -57.25 67.26
C SER G 255 27.04 -56.11 68.18
N GLU G 256 27.95 -55.53 68.96
CA GLU G 256 27.53 -54.46 69.87
C GLU G 256 27.17 -53.19 69.13
N TYR G 257 27.77 -52.93 67.95
CA TYR G 257 27.30 -51.80 67.16
C TYR G 257 25.95 -52.08 66.51
N TYR G 258 25.71 -53.31 66.05
CA TYR G 258 24.41 -53.63 65.50
C TYR G 258 23.34 -53.62 66.58
N LYS G 259 23.72 -53.98 67.81
CA LYS G 259 22.80 -53.89 68.93
C LYS G 259 22.37 -52.45 69.18
N LYS G 260 23.30 -51.51 69.05
CA LYS G 260 22.95 -50.10 69.26
C LYS G 260 22.07 -49.57 68.14
N THR G 261 22.22 -50.10 66.91
CA THR G 261 21.28 -49.73 65.86
C THR G 261 19.89 -50.21 66.20
N LEU G 262 19.77 -51.42 66.75
CA LEU G 262 18.47 -51.97 67.10
C LEU G 262 17.83 -51.15 68.21
N LEU G 263 18.61 -50.73 69.21
CA LEU G 263 18.10 -49.89 70.28
C LEU G 263 17.44 -48.63 69.72
N LEU G 264 18.18 -47.89 68.89
CA LEU G 264 17.63 -46.65 68.33
C LEU G 264 16.51 -46.93 67.35
N ALA G 265 16.54 -48.07 66.66
CA ALA G 265 15.46 -48.40 65.74
C ALA G 265 14.16 -48.66 66.49
N ARG G 266 14.25 -49.36 67.63
CA ARG G 266 13.05 -49.61 68.45
C ARG G 266 12.52 -48.32 69.07
N GLN G 267 13.39 -47.37 69.39
CA GLN G 267 12.91 -46.12 69.98
C GLN G 267 12.31 -45.18 68.94
N LEU G 268 12.82 -45.23 67.71
CA LEU G 268 12.21 -44.46 66.63
C LEU G 268 10.99 -45.18 66.05
N LYS G 269 10.72 -46.40 66.52
CA LYS G 269 9.61 -47.23 66.05
C LYS G 269 9.67 -47.43 64.53
N ASP G 270 10.88 -47.53 64.00
CA ASP G 270 11.11 -47.78 62.58
C ASP G 270 11.19 -49.30 62.40
N ARG G 271 10.09 -49.91 61.94
CA ARG G 271 10.05 -51.36 61.81
C ARG G 271 11.01 -51.84 60.73
N ALA G 272 11.17 -51.07 59.66
CA ALA G 272 12.03 -51.50 58.56
C ALA G 272 13.50 -51.54 58.99
N VAL G 273 13.98 -50.47 59.62
CA VAL G 273 15.34 -50.45 60.14
C VAL G 273 15.50 -51.51 61.24
N GLU G 274 14.45 -51.70 62.04
CA GLU G 274 14.50 -52.71 63.10
C GLU G 274 14.72 -54.09 62.52
N ALA G 275 14.09 -54.38 61.38
CA ALA G 275 14.24 -55.70 60.76
C ALA G 275 15.62 -55.86 60.15
N GLN G 276 16.12 -54.83 59.46
CA GLN G 276 17.47 -54.88 58.92
C GLN G 276 18.50 -55.08 60.02
N SER G 277 18.25 -54.50 61.20
CA SER G 277 19.17 -54.66 62.32
C SER G 277 19.18 -56.11 62.80
N CYS G 278 18.00 -56.72 62.92
CA CYS G 278 17.92 -58.12 63.33
C CYS G 278 18.59 -59.03 62.32
N TYR G 279 18.46 -58.71 61.03
CA TYR G 279 19.09 -59.53 60.00
C TYR G 279 20.60 -59.45 60.10
N SER G 280 21.13 -58.25 60.35
CA SER G 280 22.58 -58.11 60.52
C SER G 280 23.06 -58.85 61.76
N LEU G 281 22.27 -58.81 62.83
CA LEU G 281 22.64 -59.53 64.04
C LEU G 281 22.61 -61.04 63.79
N GLY G 282 21.64 -61.52 63.00
CA GLY G 282 21.58 -62.93 62.68
C GLY G 282 22.82 -63.41 61.95
N ASN G 283 23.29 -62.61 60.97
CA ASN G 283 24.50 -62.97 60.25
C ASN G 283 25.74 -62.83 61.12
N THR G 284 25.73 -61.89 62.07
CA THR G 284 26.90 -61.72 62.94
C THR G 284 27.09 -62.95 63.83
N TYR G 285 26.02 -63.38 64.51
CA TYR G 285 26.09 -64.59 65.31
C TYR G 285 26.31 -65.84 64.47
N THR G 286 25.95 -65.81 63.18
CA THR G 286 26.33 -66.92 62.32
C THR G 286 27.84 -66.98 62.15
N LEU G 287 28.46 -65.81 61.96
CA LEU G 287 29.92 -65.74 61.89
C LEU G 287 30.56 -66.14 63.21
N LEU G 288 29.91 -65.84 64.33
CA LEU G 288 30.41 -66.27 65.63
C LEU G 288 30.08 -67.72 65.91
N GLN G 289 29.33 -68.37 65.00
CA GLN G 289 28.96 -69.78 65.06
C GLN G 289 28.03 -70.09 66.23
N ASP G 290 27.34 -69.08 66.75
CA ASP G 290 26.35 -69.25 67.81
C ASP G 290 25.00 -69.32 67.09
N TYR G 291 24.71 -70.49 66.52
CA TYR G 291 23.58 -70.60 65.60
C TYR G 291 22.24 -70.46 66.33
N GLU G 292 22.20 -70.73 67.63
CA GLU G 292 20.96 -70.54 68.38
C GLU G 292 20.57 -69.07 68.42
N LYS G 293 21.53 -68.20 68.74
CA LYS G 293 21.25 -66.77 68.73
C LYS G 293 20.98 -66.26 67.32
N ALA G 294 21.62 -66.87 66.32
CA ALA G 294 21.38 -66.45 64.94
C ALA G 294 19.93 -66.73 64.54
N ILE G 295 19.41 -67.89 64.93
CA ILE G 295 18.03 -68.23 64.62
C ILE G 295 17.07 -67.26 65.31
N ASP G 296 17.38 -66.90 66.57
CA ASP G 296 16.53 -65.97 67.30
C ASP G 296 16.36 -64.65 66.56
N TYR G 297 17.47 -64.05 66.10
CA TYR G 297 17.38 -62.77 65.41
C TYR G 297 16.80 -62.92 64.01
N HIS G 298 17.12 -64.00 63.31
CA HIS G 298 16.55 -64.20 61.98
C HIS G 298 15.04 -64.41 62.05
N LEU G 299 14.54 -64.97 63.16
CA LEU G 299 13.10 -65.11 63.33
C LEU G 299 12.45 -63.75 63.57
N LYS G 300 13.08 -62.91 64.40
CA LYS G 300 12.56 -61.58 64.66
C LYS G 300 12.49 -60.78 63.36
N HIS G 301 13.50 -60.96 62.50
CA HIS G 301 13.48 -60.32 61.19
C HIS G 301 12.35 -60.87 60.32
N LEU G 302 12.14 -62.19 60.36
CA LEU G 302 11.09 -62.81 59.57
C LEU G 302 9.71 -62.25 59.94
N ALA G 303 9.45 -62.12 61.24
CA ALA G 303 8.13 -61.67 61.68
C ALA G 303 7.84 -60.25 61.22
N ILE G 304 8.83 -59.35 61.36
CA ILE G 304 8.64 -57.99 60.88
C ILE G 304 8.47 -57.97 59.37
N ALA G 305 9.20 -58.84 58.66
CA ALA G 305 9.08 -58.91 57.21
C ALA G 305 7.67 -59.32 56.79
N GLN G 306 7.11 -60.33 57.45
CA GLN G 306 5.74 -60.73 57.17
C GLN G 306 4.75 -59.62 57.51
N GLU G 307 5.02 -58.87 58.57
CA GLU G 307 4.20 -57.72 58.93
C GLU G 307 4.17 -56.69 57.82
N LEU G 308 5.35 -56.24 57.39
CA LEU G 308 5.45 -55.23 56.35
C LEU G 308 5.19 -55.80 54.96
N ASN G 309 4.80 -57.07 54.86
CA ASN G 309 4.59 -57.77 53.59
C ASN G 309 5.79 -57.64 52.64
N ASP G 310 7.00 -57.53 53.20
CA ASP G 310 8.21 -57.52 52.40
C ASP G 310 8.51 -58.95 51.96
N ARG G 311 8.01 -59.32 50.78
CA ARG G 311 8.13 -60.69 50.31
C ARG G 311 9.58 -61.05 50.01
N ILE G 312 10.37 -60.08 49.52
CA ILE G 312 11.78 -60.33 49.22
C ILE G 312 12.53 -60.70 50.49
N GLY G 313 12.42 -59.87 51.52
CA GLY G 313 13.09 -60.14 52.78
C GLY G 313 12.61 -61.40 53.46
N GLU G 314 11.37 -61.82 53.18
CA GLU G 314 10.89 -63.10 53.73
C GLU G 314 11.71 -64.26 53.20
N GLY G 315 11.99 -64.27 51.89
CA GLY G 315 12.79 -65.33 51.32
C GLY G 315 14.20 -65.31 51.84
N ARG G 316 14.74 -64.12 52.10
CA ARG G 316 16.08 -63.99 52.64
C ARG G 316 16.16 -64.60 54.03
N ALA G 317 15.12 -64.41 54.84
CA ALA G 317 15.08 -65.00 56.18
C ALA G 317 14.95 -66.51 56.08
N CYS G 318 14.11 -67.00 55.15
CA CYS G 318 13.90 -68.44 55.01
C CYS G 318 15.21 -69.15 54.63
N TRP G 319 15.95 -68.58 53.68
CA TRP G 319 17.21 -69.20 53.29
C TRP G 319 18.20 -69.21 54.45
N SER G 320 18.28 -68.10 55.18
CA SER G 320 19.21 -68.02 56.31
C SER G 320 18.82 -69.00 57.40
N LEU G 321 17.52 -69.05 57.73
CA LEU G 321 17.04 -69.97 58.76
C LEU G 321 17.32 -71.42 58.38
N GLY G 322 17.10 -71.77 57.10
CA GLY G 322 17.39 -73.11 56.63
C GLY G 322 18.81 -73.53 56.92
N ASN G 323 19.77 -72.63 56.63
CA ASN G 323 21.17 -72.96 56.83
C ASN G 323 21.59 -72.86 58.29
N ALA G 324 20.93 -72.01 59.07
CA ALA G 324 21.20 -71.99 60.50
C ALA G 324 20.72 -73.27 61.16
N TYR G 325 19.51 -73.73 60.81
CA TYR G 325 19.01 -74.97 61.37
C TYR G 325 19.85 -76.16 60.89
N THR G 326 20.34 -76.09 59.65
CA THR G 326 21.20 -77.16 59.14
C THR G 326 22.50 -77.24 59.91
N ALA G 327 23.05 -76.09 60.31
CA ALA G 327 24.28 -76.10 61.08
C ALA G 327 24.07 -76.63 62.49
N LEU G 328 22.82 -76.64 62.96
CA LEU G 328 22.51 -77.23 64.26
C LEU G 328 22.12 -78.69 64.15
N GLY G 329 21.50 -79.10 63.05
CA GLY G 329 21.12 -80.48 62.81
C GLY G 329 19.63 -80.72 62.72
N ASN G 330 18.81 -79.69 62.92
CA ASN G 330 17.35 -79.78 62.81
C ASN G 330 16.94 -79.95 61.35
N HIS G 331 16.99 -81.20 60.86
CA HIS G 331 16.73 -81.41 59.44
C HIS G 331 15.25 -81.22 59.10
N ASP G 332 14.35 -81.45 60.05
CA ASP G 332 12.93 -81.23 59.75
C ASP G 332 12.62 -79.74 59.65
N GLN G 333 13.15 -78.94 60.57
CA GLN G 333 12.92 -77.50 60.52
C GLN G 333 13.66 -76.87 59.34
N ALA G 334 14.83 -77.40 58.98
CA ALA G 334 15.54 -76.89 57.81
C ALA G 334 14.73 -77.16 56.54
N MET G 335 14.17 -78.36 56.41
CA MET G 335 13.36 -78.67 55.22
C MET G 335 12.12 -77.77 55.14
N HIS G 336 11.61 -77.29 56.27
CA HIS G 336 10.43 -76.44 56.24
C HIS G 336 10.77 -75.08 55.61
N PHE G 337 11.84 -74.44 56.08
CA PHE G 337 12.22 -73.14 55.56
C PHE G 337 12.80 -73.24 54.15
N ALA G 338 13.40 -74.37 53.79
CA ALA G 338 13.90 -74.51 52.42
C ALA G 338 12.73 -74.58 51.45
N GLU G 339 11.62 -75.20 51.87
CA GLU G 339 10.42 -75.20 51.07
C GLU G 339 9.86 -73.80 50.94
N LYS G 340 9.79 -73.07 52.06
CA LYS G 340 9.33 -71.69 52.03
C LYS G 340 10.27 -70.83 51.18
N HIS G 341 11.56 -71.14 51.17
CA HIS G 341 12.48 -70.41 50.30
C HIS G 341 12.16 -70.69 48.84
N LEU G 342 11.90 -71.94 48.49
CA LEU G 342 11.53 -72.27 47.11
C LEU G 342 10.25 -71.55 46.70
N GLU G 343 9.26 -71.52 47.59
CA GLU G 343 7.98 -70.90 47.27
C GLU G 343 8.14 -69.41 47.00
N ILE G 344 8.81 -68.70 47.91
CA ILE G 344 9.01 -67.26 47.75
C ILE G 344 9.86 -66.98 46.52
N SER G 345 10.92 -67.77 46.31
CA SER G 345 11.82 -67.54 45.18
C SER G 345 11.07 -67.63 43.86
N ARG G 346 10.11 -68.54 43.75
CA ARG G 346 9.25 -68.59 42.58
C ARG G 346 8.38 -67.35 42.48
N GLU G 347 7.79 -66.92 43.60
CA GLU G 347 6.78 -65.86 43.56
C GLU G 347 7.40 -64.52 43.18
N VAL G 348 8.69 -64.31 43.48
CA VAL G 348 9.33 -63.02 43.26
C VAL G 348 10.26 -63.05 42.07
N GLY G 349 10.39 -64.19 41.40
CA GLY G 349 11.24 -64.29 40.23
C GLY G 349 12.72 -64.39 40.52
N ASP G 350 13.10 -64.74 41.75
CA ASP G 350 14.51 -64.94 42.07
C ASP G 350 14.97 -66.27 41.48
N LYS G 351 15.44 -66.25 40.22
CA LYS G 351 15.80 -67.49 39.54
C LYS G 351 16.98 -68.16 40.22
N SER G 352 17.91 -67.36 40.73
CA SER G 352 19.04 -67.91 41.47
C SER G 352 18.56 -68.63 42.73
N GLY G 353 17.69 -67.99 43.50
CA GLY G 353 17.20 -68.59 44.73
C GLY G 353 16.42 -69.88 44.50
N GLU G 354 15.66 -69.93 43.41
CA GLU G 354 14.84 -71.10 43.14
C GLU G 354 15.71 -72.32 42.90
N LEU G 355 16.81 -72.14 42.16
CA LEU G 355 17.70 -73.26 41.86
C LEU G 355 18.46 -73.70 43.11
N THR G 356 18.80 -72.75 43.98
CA THR G 356 19.49 -73.10 45.22
C THR G 356 18.58 -73.86 46.18
N ALA G 357 17.32 -73.42 46.31
CA ALA G 357 16.38 -74.11 47.20
C ALA G 357 16.16 -75.55 46.76
N ARG G 358 16.17 -75.81 45.46
CA ARG G 358 16.07 -77.17 44.96
C ARG G 358 17.31 -77.99 45.35
N LEU G 359 18.50 -77.43 45.10
CA LEU G 359 19.73 -78.10 45.49
C LEU G 359 19.83 -78.28 47.00
N ASN G 360 19.12 -77.46 47.78
CA ASN G 360 19.13 -77.61 49.23
C ASN G 360 18.22 -78.74 49.69
N LEU G 361 17.02 -78.83 49.11
CA LEU G 361 16.08 -79.87 49.55
C LEU G 361 16.58 -81.25 49.17
N SER G 362 17.16 -81.39 47.97
CA SER G 362 17.74 -82.66 47.55
C SER G 362 18.71 -83.20 48.60
N ASP G 363 19.60 -82.35 49.09
CA ASP G 363 20.61 -82.79 50.05
C ASP G 363 19.99 -83.05 51.42
N LEU G 364 19.10 -82.15 51.86
CA LEU G 364 18.47 -82.26 53.17
C LEU G 364 17.65 -83.55 53.30
N GLN G 365 16.99 -83.97 52.22
CA GLN G 365 16.17 -85.17 52.29
C GLN G 365 17.00 -86.39 52.63
N MET G 366 18.25 -86.41 52.18
CA MET G 366 19.12 -87.57 52.26
C MET G 366 19.72 -87.78 53.65
N VAL G 367 19.76 -86.76 54.50
CA VAL G 367 20.16 -86.99 55.89
C VAL G 367 19.17 -86.46 56.92
N ALA H 12 37.40 -56.98 25.28
CA ALA H 12 36.06 -57.48 24.96
C ALA H 12 35.24 -57.81 26.20
N LEU H 13 35.33 -56.93 27.21
CA LEU H 13 34.38 -56.99 28.32
C LEU H 13 33.22 -56.04 28.07
N LEU H 14 33.50 -54.81 27.67
CA LEU H 14 32.43 -53.86 27.41
C LEU H 14 31.75 -54.11 26.07
N SER H 15 32.05 -55.25 25.41
CA SER H 15 31.34 -55.66 24.20
C SER H 15 30.56 -56.96 24.35
N LEU H 16 30.85 -57.81 25.34
CA LEU H 16 30.06 -59.02 25.53
C LEU H 16 29.51 -59.06 26.96
N PRO H 17 28.17 -59.13 27.12
CA PRO H 17 27.46 -58.95 28.39
C PRO H 17 28.17 -58.90 29.74
N GLY H 18 29.24 -59.68 29.93
CA GLY H 18 30.04 -59.48 31.13
C GLY H 18 30.65 -60.70 31.77
N TYR H 19 31.80 -60.51 32.42
CA TYR H 19 32.49 -61.57 33.16
C TYR H 19 33.81 -61.12 33.78
N ARG H 20 34.90 -61.06 32.99
CA ARG H 20 36.23 -60.63 33.39
C ARG H 20 36.92 -61.71 34.21
N PRO H 21 37.95 -62.36 33.67
CA PRO H 21 38.49 -63.57 34.32
C PRO H 21 39.80 -63.40 35.09
N THR H 22 39.80 -63.76 36.38
CA THR H 22 41.01 -63.81 37.19
C THR H 22 41.54 -65.24 37.27
N THR H 23 42.85 -65.39 37.08
CA THR H 23 43.51 -66.69 37.23
C THR H 23 44.46 -66.69 38.43
N PHE H 45 28.67 -65.08 51.87
CA PHE H 45 27.35 -64.49 51.74
C PHE H 45 27.28 -62.95 51.87
N TYR H 46 26.22 -62.43 52.47
CA TYR H 46 26.01 -60.99 52.63
C TYR H 46 25.68 -60.64 54.06
N MET H 47 26.22 -59.49 54.49
CA MET H 47 26.12 -59.04 55.88
C MET H 47 25.20 -57.83 55.99
N GLY H 48 25.49 -56.72 55.30
CA GLY H 48 24.82 -55.46 55.53
C GLY H 48 25.22 -54.40 54.51
N THR H 49 24.27 -53.63 53.97
CA THR H 49 24.63 -52.69 52.92
C THR H 49 25.29 -51.44 53.54
N CYS H 50 25.74 -50.52 52.66
CA CYS H 50 26.58 -49.42 53.12
C CYS H 50 25.86 -48.25 53.79
N GLN H 51 24.53 -48.17 53.73
CA GLN H 51 23.76 -47.10 54.38
C GLN H 51 24.35 -45.68 54.27
N ASP H 52 24.09 -45.00 53.15
CA ASP H 52 24.68 -43.71 52.78
C ASP H 52 24.14 -42.55 53.61
N GLU H 53 24.59 -41.28 53.23
CA GLU H 53 24.19 -39.98 53.77
C GLU H 53 23.08 -39.35 52.93
N PRO H 54 22.07 -38.78 53.59
CA PRO H 54 20.85 -38.34 52.89
C PRO H 54 21.05 -37.15 51.96
N GLU H 55 20.42 -37.24 50.78
CA GLU H 55 20.45 -36.17 49.78
C GLU H 55 19.82 -34.90 50.33
N GLN H 56 20.56 -33.79 50.29
CA GLN H 56 20.16 -32.53 50.92
C GLN H 56 19.24 -31.74 50.00
N LEU H 57 17.95 -31.75 50.34
CA LEU H 57 16.90 -30.97 49.69
C LEU H 57 16.06 -30.24 50.73
N ASP H 58 16.15 -28.91 50.77
CA ASP H 58 15.00 -28.14 51.24
C ASP H 58 15.06 -26.70 50.72
N ASP H 59 14.54 -26.50 49.51
CA ASP H 59 14.33 -25.17 48.94
C ASP H 59 13.11 -24.48 49.54
N TRP H 60 11.98 -25.16 49.50
CA TRP H 60 10.63 -24.65 49.76
C TRP H 60 10.52 -23.48 50.74
N ASN H 61 11.24 -22.39 50.45
CA ASN H 61 11.07 -21.09 51.10
C ASN H 61 11.48 -19.95 50.17
N ARG H 62 12.11 -20.27 49.03
CA ARG H 62 12.80 -19.24 48.26
C ARG H 62 11.83 -18.28 47.54
N ILE H 63 10.69 -18.76 47.05
CA ILE H 63 9.85 -17.92 46.19
C ILE H 63 9.12 -16.85 47.00
N ALA H 64 8.62 -17.20 48.18
CA ALA H 64 7.94 -16.20 49.01
C ALA H 64 8.88 -15.11 49.49
N GLU H 65 10.17 -15.43 49.66
CA GLU H 65 11.12 -14.41 50.09
C GLU H 65 11.46 -13.45 48.95
N LEU H 66 11.31 -13.88 47.71
CA LEU H 66 11.45 -12.99 46.56
C LEU H 66 10.23 -12.09 46.46
N GLN H 67 10.13 -11.15 47.40
CA GLN H 67 9.02 -10.21 47.55
C GLN H 67 9.43 -9.11 48.51
N GLN H 68 8.70 -8.96 49.61
CA GLN H 68 9.13 -8.11 50.72
C GLN H 68 9.12 -8.92 52.02
N GLY I 1 29.74 -92.31 56.04
CA GLY I 1 30.28 -91.48 57.11
C GLY I 1 29.22 -90.89 58.02
N PRO I 2 29.55 -90.72 59.30
CA PRO I 2 28.55 -90.25 60.28
C PRO I 2 28.01 -88.85 59.97
N LEU I 3 28.84 -87.89 59.60
CA LEU I 3 28.32 -86.64 59.04
C LEU I 3 28.28 -86.75 57.51
N GLY I 4 27.31 -87.52 57.04
CA GLY I 4 27.00 -87.56 55.62
C GLY I 4 26.25 -86.31 55.22
N SER I 5 26.37 -85.29 56.04
CA SER I 5 25.71 -84.01 55.83
C SER I 5 26.64 -82.92 56.36
N MET I 6 27.41 -82.31 55.45
CA MET I 6 28.26 -81.18 55.81
C MET I 6 28.54 -80.31 54.59
N PHE I 7 27.65 -80.36 53.62
CA PHE I 7 27.81 -79.76 52.30
C PHE I 7 26.48 -79.12 51.95
N HIS I 8 26.11 -78.07 52.69
CA HIS I 8 24.71 -77.68 52.76
C HIS I 8 24.55 -76.16 52.69
N VAL I 9 25.20 -75.43 53.61
CA VAL I 9 25.22 -73.98 53.53
C VAL I 9 26.03 -73.51 52.32
N ARG I 10 26.87 -74.39 51.75
CA ARG I 10 27.64 -74.05 50.55
C ARG I 10 26.83 -74.20 49.28
N TYR I 11 25.96 -75.21 49.19
CA TYR I 11 25.00 -75.28 48.10
C TYR I 11 23.93 -74.20 48.21
N ARG I 12 23.87 -73.48 49.33
CA ARG I 12 22.72 -72.64 49.63
C ARG I 12 22.92 -71.20 49.16
N MET I 13 24.15 -70.70 49.23
CA MET I 13 24.41 -69.27 49.14
C MET I 13 23.97 -68.65 47.82
N GLU I 14 24.59 -69.05 46.73
CA GLU I 14 24.07 -68.65 45.43
C GLU I 14 24.11 -69.82 44.45
N ALA I 15 23.69 -69.57 43.22
CA ALA I 15 23.73 -70.57 42.16
C ALA I 15 24.81 -70.16 41.15
N SER I 16 25.52 -71.15 40.63
CA SER I 16 26.64 -70.86 39.77
C SER I 16 26.14 -70.62 38.35
N CYS I 17 26.99 -69.98 37.54
CA CYS I 17 26.60 -69.66 36.18
C CYS I 17 26.24 -70.93 35.41
N LEU I 18 27.08 -71.96 35.53
CA LEU I 18 26.82 -73.22 34.82
C LEU I 18 25.49 -73.83 35.26
N GLU I 19 25.19 -73.77 36.55
CA GLU I 19 23.96 -74.39 37.07
C GLU I 19 22.72 -73.69 36.52
N LEU I 20 22.71 -72.36 36.53
CA LEU I 20 21.59 -71.62 35.95
C LEU I 20 21.45 -71.95 34.47
N ALA I 21 22.58 -72.01 33.78
CA ALA I 21 22.57 -72.30 32.36
C ALA I 21 22.01 -73.69 32.07
N LEU I 22 22.39 -74.69 32.86
CA LEU I 22 21.89 -76.05 32.65
C LEU I 22 20.39 -76.12 32.88
N GLU I 23 19.88 -75.38 33.86
CA GLU I 23 18.45 -75.33 34.11
C GLU I 23 17.71 -74.71 32.93
N GLY I 24 18.25 -73.63 32.36
CA GLY I 24 17.66 -73.05 31.17
C GLY I 24 17.56 -74.03 30.02
N GLU I 25 18.63 -74.79 29.79
CA GLU I 25 18.63 -75.76 28.71
C GLU I 25 17.62 -76.87 28.93
N ARG I 26 17.49 -77.35 30.17
CA ARG I 26 16.52 -78.40 30.48
C ARG I 26 15.09 -77.90 30.26
N LEU I 27 14.82 -76.62 30.55
CA LEU I 27 13.48 -76.08 30.32
C LEU I 27 13.18 -75.99 28.83
N CYS I 28 14.15 -75.60 28.02
CA CYS I 28 13.96 -75.57 26.58
C CYS I 28 13.78 -76.97 26.01
N LYS I 29 14.49 -77.96 26.58
CA LYS I 29 14.31 -79.34 26.17
C LYS I 29 12.87 -79.80 26.38
N SER I 30 12.27 -79.37 27.48
CA SER I 30 10.88 -79.74 27.80
C SER I 30 9.87 -78.93 27.01
N GLY I 31 10.30 -77.84 26.36
CA GLY I 31 9.43 -77.06 25.51
C GLY I 31 8.87 -75.82 26.14
N ASP I 32 9.29 -75.50 27.37
CA ASP I 32 8.88 -74.27 28.05
C ASP I 32 10.05 -73.29 27.96
N CYS I 33 10.15 -72.64 26.80
CA CYS I 33 11.28 -71.76 26.54
C CYS I 33 11.10 -70.40 27.18
N ARG I 34 9.87 -70.09 27.61
CA ARG I 34 9.59 -68.84 28.31
C ARG I 34 10.29 -68.82 29.67
N ALA I 35 10.23 -69.93 30.41
CA ALA I 35 10.97 -70.03 31.66
C ALA I 35 12.45 -70.22 31.42
N GLY I 36 12.84 -70.93 30.36
CA GLY I 36 14.25 -71.14 30.07
C GLY I 36 15.00 -69.85 29.84
N VAL I 37 14.35 -68.88 29.19
CA VAL I 37 14.99 -67.60 28.90
C VAL I 37 15.38 -66.89 30.18
N SER I 38 14.49 -66.91 31.18
CA SER I 38 14.78 -66.24 32.45
C SER I 38 16.03 -66.82 33.09
N PHE I 39 16.16 -68.14 33.10
CA PHE I 39 17.34 -68.77 33.70
C PHE I 39 18.59 -68.55 32.87
N PHE I 40 18.47 -68.43 31.55
CA PHE I 40 19.64 -68.10 30.74
C PHE I 40 20.12 -66.69 31.01
N GLU I 41 19.20 -65.72 30.96
CA GLU I 41 19.61 -64.34 31.25
C GLU I 41 20.11 -64.19 32.67
N ALA I 42 19.66 -65.06 33.58
CA ALA I 42 20.21 -65.01 34.93
C ALA I 42 21.66 -65.46 34.93
N ALA I 43 21.98 -66.50 34.17
CA ALA I 43 23.35 -66.95 34.04
C ALA I 43 24.22 -65.86 33.41
N VAL I 44 23.65 -65.10 32.48
CA VAL I 44 24.37 -63.97 31.89
C VAL I 44 24.71 -62.94 32.97
N GLN I 45 23.77 -62.68 33.89
CA GLN I 45 24.03 -61.71 34.96
C GLN I 45 25.17 -62.18 35.85
N VAL I 46 25.23 -63.48 36.13
CA VAL I 46 26.30 -64.01 36.97
C VAL I 46 27.65 -63.91 36.25
N GLY I 47 27.68 -64.25 34.97
CA GLY I 47 28.91 -64.24 34.20
C GLY I 47 29.77 -65.47 34.47
N THR I 48 30.76 -65.67 33.60
CA THR I 48 31.63 -66.82 33.69
C THR I 48 33.02 -66.48 33.17
N GLU I 49 33.99 -67.31 33.54
CA GLU I 49 35.34 -67.13 33.01
C GLU I 49 35.51 -67.80 31.66
N ASP I 50 34.70 -68.83 31.40
CA ASP I 50 34.86 -69.75 30.29
C ASP I 50 34.19 -69.18 29.04
N LEU I 51 34.99 -68.73 28.08
CA LEU I 51 34.40 -68.13 26.88
C LEU I 51 33.69 -69.17 26.01
N LYS I 52 34.14 -70.43 26.05
CA LYS I 52 33.43 -71.47 25.30
C LYS I 52 32.02 -71.66 25.84
N THR I 53 31.87 -71.65 27.16
CA THR I 53 30.55 -71.73 27.77
C THR I 53 29.70 -70.52 27.42
N LEU I 54 30.28 -69.32 27.54
CA LEU I 54 29.57 -68.08 27.22
C LEU I 54 29.04 -68.09 25.80
N SER I 55 29.86 -68.57 24.86
CA SER I 55 29.44 -68.67 23.47
C SER I 55 28.20 -69.56 23.35
N ALA I 56 28.21 -70.69 24.05
CA ALA I 56 27.06 -71.60 24.01
C ALA I 56 25.82 -70.95 24.62
N ILE I 57 25.99 -70.15 25.67
CA ILE I 57 24.85 -69.50 26.30
C ILE I 57 24.20 -68.51 25.34
N TYR I 58 25.02 -67.67 24.69
CA TYR I 58 24.50 -66.68 23.76
C TYR I 58 23.73 -67.36 22.64
N SER I 59 24.31 -68.43 22.08
CA SER I 59 23.70 -69.10 20.93
C SER I 59 22.37 -69.72 21.30
N GLN I 60 22.30 -70.38 22.46
CA GLN I 60 21.05 -71.00 22.86
C GLN I 60 20.04 -69.98 23.34
N LEU I 61 20.48 -68.82 23.80
CA LEU I 61 19.54 -67.73 24.07
C LEU I 61 18.96 -67.18 22.77
N GLY I 62 19.81 -66.98 21.77
CA GLY I 62 19.33 -66.56 20.47
C GLY I 62 18.33 -67.55 19.88
N ASN I 63 18.67 -68.83 19.95
CA ASN I 63 17.76 -69.85 19.43
C ASN I 63 16.47 -69.91 20.24
N ALA I 64 16.55 -69.65 21.55
CA ALA I 64 15.35 -69.68 22.38
C ALA I 64 14.45 -68.48 22.08
N TYR I 65 15.04 -67.29 21.97
CA TYR I 65 14.25 -66.11 21.62
C TYR I 65 13.67 -66.25 20.23
N PHE I 66 14.43 -66.87 19.32
CA PHE I 66 13.95 -67.10 17.96
C PHE I 66 12.68 -67.92 17.99
N TYR I 67 12.66 -68.99 18.77
CA TYR I 67 11.49 -69.85 18.89
C TYR I 67 10.32 -69.13 19.55
N LEU I 68 10.60 -68.22 20.49
CA LEU I 68 9.57 -67.40 21.13
C LEU I 68 9.16 -66.19 20.30
N HIS I 69 9.63 -66.10 19.05
CA HIS I 69 9.26 -65.03 18.12
C HIS I 69 9.65 -63.65 18.62
N ASP I 70 10.64 -63.57 19.53
CA ASP I 70 11.19 -62.28 19.92
C ASP I 70 12.48 -62.06 19.15
N TYR I 71 12.30 -61.78 17.86
CA TYR I 71 13.42 -61.72 16.92
C TYR I 71 14.38 -60.59 17.24
N ALA I 72 13.92 -59.55 17.94
CA ALA I 72 14.82 -58.44 18.29
C ALA I 72 15.91 -58.90 19.25
N LYS I 73 15.53 -59.63 20.31
CA LYS I 73 16.53 -60.15 21.23
C LYS I 73 17.25 -61.38 20.66
N ALA I 74 16.61 -62.12 19.75
CA ALA I 74 17.34 -63.18 19.06
C ALA I 74 18.50 -62.59 18.28
N LEU I 75 18.27 -61.43 17.65
CA LEU I 75 19.35 -60.74 16.95
C LEU I 75 20.43 -60.28 17.91
N GLU I 76 20.04 -59.77 19.08
CA GLU I 76 21.01 -59.32 20.08
C GLU I 76 22.01 -60.41 20.44
N TYR I 77 21.51 -61.56 20.91
CA TYR I 77 22.41 -62.59 21.43
C TYR I 77 23.18 -63.32 20.35
N HIS I 78 22.60 -63.52 19.16
CA HIS I 78 23.39 -64.10 18.08
C HIS I 78 24.46 -63.13 17.61
N HIS I 79 24.18 -61.83 17.74
CA HIS I 79 25.16 -60.82 17.39
C HIS I 79 26.33 -60.85 18.37
N HIS I 80 26.03 -61.04 19.66
CA HIS I 80 27.07 -61.19 20.67
C HIS I 80 27.88 -62.47 20.45
N ASP I 81 27.21 -63.57 20.10
CA ASP I 81 27.93 -64.82 19.83
C ASP I 81 28.89 -64.64 18.66
N LEU I 82 28.45 -63.95 17.60
CA LEU I 82 29.32 -63.66 16.47
C LEU I 82 30.50 -62.80 16.89
N THR I 83 30.24 -61.74 17.66
CA THR I 83 31.31 -60.87 18.13
C THR I 83 32.34 -61.64 18.94
N LEU I 84 31.88 -62.50 19.85
CA LEU I 84 32.80 -63.28 20.67
C LEU I 84 33.62 -64.26 19.82
N ALA I 85 32.95 -64.97 18.91
CA ALA I 85 33.66 -65.92 18.05
C ALA I 85 34.70 -65.23 17.19
N ARG I 86 34.48 -63.97 16.83
CA ARG I 86 35.42 -63.25 15.97
C ARG I 86 36.64 -62.82 16.76
N THR I 87 36.45 -62.30 17.98
CA THR I 87 37.58 -61.84 18.78
C THR I 87 38.53 -62.97 19.13
N ILE I 88 37.99 -64.14 19.48
CA ILE I 88 38.83 -65.29 19.84
C ILE I 88 39.29 -66.07 18.63
N GLY I 89 38.88 -65.68 17.42
CA GLY I 89 39.33 -66.35 16.21
C GLY I 89 38.82 -67.75 16.02
N ASP I 90 37.73 -68.11 16.70
CA ASP I 90 37.08 -69.40 16.52
C ASP I 90 36.28 -69.34 15.22
N GLN I 91 36.90 -69.80 14.13
CA GLN I 91 36.28 -69.67 12.81
C GLN I 91 35.08 -70.59 12.66
N LEU I 92 35.12 -71.79 13.24
CA LEU I 92 33.95 -72.67 13.21
C LEU I 92 32.78 -72.04 13.95
N GLY I 93 33.05 -71.47 15.14
CA GLY I 93 32.00 -70.77 15.87
C GLY I 93 31.52 -69.53 15.13
N GLU I 94 32.42 -68.87 14.41
CA GLU I 94 32.06 -67.69 13.65
C GLU I 94 31.07 -68.04 12.54
N ALA I 95 31.32 -69.15 11.84
CA ALA I 95 30.44 -69.58 10.77
C ALA I 95 29.06 -69.94 11.29
N LYS I 96 29.00 -70.71 12.38
CA LYS I 96 27.70 -71.12 12.93
C LYS I 96 26.91 -69.92 13.40
N ALA I 97 27.58 -68.93 14.00
CA ALA I 97 26.89 -67.74 14.47
C ALA I 97 26.37 -66.91 13.31
N SER I 98 27.17 -66.84 12.22
CA SER I 98 26.72 -66.13 11.02
C SER I 98 25.46 -66.75 10.45
N GLY I 99 25.40 -68.08 10.42
CA GLY I 99 24.22 -68.76 9.92
C GLY I 99 22.97 -68.43 10.72
N ASN I 100 23.08 -68.48 12.04
CA ASN I 100 21.95 -68.16 12.90
C ASN I 100 21.56 -66.69 12.76
N LEU I 101 22.55 -65.80 12.66
CA LEU I 101 22.26 -64.39 12.44
C LEU I 101 21.56 -64.18 11.11
N GLY I 102 21.96 -64.96 10.10
CA GLY I 102 21.31 -64.86 8.79
C GLY I 102 19.85 -65.27 8.82
N ASN I 103 19.55 -66.39 9.45
CA ASN I 103 18.17 -66.86 9.54
C ASN I 103 17.31 -65.89 10.33
N THR I 104 17.87 -65.28 11.38
CA THR I 104 17.14 -64.25 12.11
C THR I 104 16.82 -63.07 11.21
N LEU I 105 17.83 -62.58 10.48
CA LEU I 105 17.62 -61.48 9.55
C LEU I 105 16.63 -61.87 8.45
N LYS I 106 16.61 -63.16 8.08
CA LYS I 106 15.70 -63.62 7.03
C LYS I 106 14.24 -63.43 7.45
N VAL I 107 13.93 -63.77 8.71
CA VAL I 107 12.57 -63.60 9.21
C VAL I 107 12.22 -62.12 9.33
N LEU I 108 13.21 -61.28 9.69
CA LEU I 108 12.99 -59.86 9.86
C LEU I 108 12.87 -59.11 8.55
N GLY I 109 13.02 -59.80 7.42
CA GLY I 109 12.88 -59.19 6.12
C GLY I 109 14.08 -58.42 5.63
N ASN I 110 15.21 -58.52 6.32
CA ASN I 110 16.45 -57.85 5.90
C ASN I 110 17.28 -58.83 5.08
N PHE I 111 16.77 -59.11 3.88
CA PHE I 111 17.35 -60.17 3.07
C PHE I 111 18.77 -59.84 2.64
N ASP I 112 19.05 -58.57 2.36
CA ASP I 112 20.36 -58.19 1.84
C ASP I 112 21.47 -58.53 2.83
N GLU I 113 21.27 -58.19 4.10
CA GLU I 113 22.25 -58.57 5.12
C GLU I 113 22.21 -60.05 5.42
N ALA I 114 21.03 -60.68 5.30
CA ALA I 114 20.93 -62.12 5.53
C ALA I 114 21.76 -62.89 4.51
N ILE I 115 21.81 -62.41 3.27
CA ILE I 115 22.64 -63.04 2.25
C ILE I 115 24.10 -62.98 2.68
N VAL I 116 24.54 -61.82 3.16
CA VAL I 116 25.92 -61.62 3.55
C VAL I 116 26.34 -62.61 4.64
N CYS I 117 25.49 -62.75 5.66
CA CYS I 117 25.82 -63.59 6.81
C CYS I 117 25.88 -65.06 6.40
N CYS I 118 24.91 -65.51 5.60
CA CYS I 118 24.90 -66.92 5.17
C CYS I 118 26.00 -67.19 4.16
N GLN I 119 26.37 -66.19 3.36
CA GLN I 119 27.50 -66.32 2.46
C GLN I 119 28.79 -66.49 3.26
N ARG I 120 28.91 -65.75 4.36
CA ARG I 120 30.07 -65.87 5.23
C ARG I 120 30.15 -67.27 5.83
N HIS I 121 29.00 -67.81 6.23
CA HIS I 121 28.95 -69.17 6.74
C HIS I 121 29.45 -70.16 5.68
N LEU I 122 28.99 -70.00 4.43
CA LEU I 122 29.43 -70.87 3.35
C LEU I 122 30.94 -70.76 3.12
N ASP I 123 31.44 -69.53 3.01
CA ASP I 123 32.85 -69.32 2.70
C ASP I 123 33.77 -69.95 3.75
N ILE I 124 33.47 -69.71 5.03
CA ILE I 124 34.32 -70.28 6.09
C ILE I 124 34.25 -71.80 6.09
N SER I 125 33.06 -72.35 5.83
CA SER I 125 32.91 -73.80 5.78
C SER I 125 33.77 -74.41 4.67
N ARG I 126 33.77 -73.77 3.49
CA ARG I 126 34.59 -74.26 2.38
C ARG I 126 36.07 -74.12 2.71
N GLU I 127 36.43 -73.07 3.44
CA GLU I 127 37.83 -72.81 3.78
C GLU I 127 38.36 -73.87 4.73
N LEU I 128 37.55 -74.29 5.69
CA LEU I 128 37.93 -75.32 6.67
C LEU I 128 37.65 -76.73 6.19
N ASN I 129 37.11 -76.89 4.98
CA ASN I 129 36.72 -78.19 4.43
C ASN I 129 35.71 -78.90 5.35
N ASP I 130 34.80 -78.12 5.93
CA ASP I 130 33.73 -78.66 6.77
C ASP I 130 32.54 -78.94 5.85
N LYS I 131 32.40 -80.20 5.44
CA LYS I 131 31.42 -80.54 4.43
C LYS I 131 30.00 -80.47 4.99
N VAL I 132 29.81 -80.88 6.25
CA VAL I 132 28.49 -80.79 6.85
C VAL I 132 28.09 -79.33 7.06
N GLY I 133 29.06 -78.48 7.43
CA GLY I 133 28.77 -77.07 7.56
C GLY I 133 28.52 -76.42 6.21
N GLU I 134 29.24 -76.86 5.18
CA GLU I 134 29.03 -76.34 3.84
C GLU I 134 27.61 -76.63 3.37
N ALA I 135 27.16 -77.87 3.60
CA ALA I 135 25.80 -78.26 3.22
C ALA I 135 24.76 -77.42 3.95
N ARG I 136 24.91 -77.24 5.26
CA ARG I 136 23.93 -76.46 6.02
C ARG I 136 23.90 -75.01 5.57
N ALA I 137 25.05 -74.46 5.17
CA ALA I 137 25.06 -73.09 4.66
C ALA I 137 24.35 -73.00 3.31
N LEU I 138 24.52 -74.01 2.47
CA LEU I 138 23.82 -74.04 1.19
C LEU I 138 22.30 -74.09 1.41
N TYR I 139 21.86 -74.93 2.35
CA TYR I 139 20.44 -75.00 2.68
C TYR I 139 19.92 -73.67 3.20
N ASN I 140 20.71 -73.00 4.05
CA ASN I 140 20.31 -71.69 4.57
C ASN I 140 20.15 -70.68 3.44
N LEU I 141 21.13 -70.64 2.53
CA LEU I 141 21.06 -69.70 1.43
C LEU I 141 19.84 -69.96 0.56
N GLY I 142 19.56 -71.24 0.29
CA GLY I 142 18.33 -71.58 -0.43
C GLY I 142 17.09 -71.06 0.27
N ASN I 143 17.05 -71.22 1.60
CA ASN I 143 15.90 -70.75 2.36
C ASN I 143 15.74 -69.24 2.27
N VAL I 144 16.85 -68.50 2.31
CA VAL I 144 16.75 -67.04 2.30
C VAL I 144 16.20 -66.55 0.97
N TYR I 145 16.75 -67.06 -0.13
CA TYR I 145 16.25 -66.67 -1.45
C TYR I 145 14.82 -67.13 -1.66
N HIS I 146 14.45 -68.29 -1.11
CA HIS I 146 13.08 -68.75 -1.19
C HIS I 146 12.15 -67.76 -0.49
N ALA I 147 12.57 -67.27 0.68
CA ALA I 147 11.76 -66.31 1.42
C ALA I 147 11.75 -64.96 0.74
N LYS I 148 12.88 -64.54 0.16
CA LYS I 148 12.93 -63.26 -0.55
C LYS I 148 11.98 -63.28 -1.73
N GLY I 149 12.00 -64.37 -2.51
CA GLY I 149 11.08 -64.47 -3.64
C GLY I 149 9.63 -64.48 -3.19
N LYS I 150 9.35 -65.11 -2.05
CA LYS I 150 7.97 -65.19 -1.56
C LYS I 150 7.49 -63.85 -1.00
N SER I 151 8.38 -62.95 -0.62
CA SER I 151 7.96 -61.69 -0.01
C SER I 151 7.44 -60.65 -1.00
N PHE I 152 7.50 -60.92 -2.30
CA PHE I 152 6.88 -60.07 -3.30
C PHE I 152 5.67 -60.72 -3.96
N GLY I 153 5.38 -61.97 -3.59
CA GLY I 153 4.39 -62.79 -4.25
C GLY I 153 2.94 -62.38 -4.06
N CYS I 154 2.54 -61.30 -4.73
CA CYS I 154 1.13 -60.97 -4.92
C CYS I 154 0.75 -61.36 -6.36
N PRO I 155 1.68 -61.26 -7.32
CA PRO I 155 1.51 -62.05 -8.54
C PRO I 155 2.05 -63.47 -8.39
N GLY I 156 1.72 -64.11 -7.27
CA GLY I 156 2.08 -65.48 -7.03
C GLY I 156 0.84 -66.33 -6.86
N PRO I 157 0.11 -66.10 -5.77
CA PRO I 157 -1.21 -66.71 -5.63
C PRO I 157 -2.37 -65.84 -6.07
N GLN I 158 -2.13 -64.79 -6.86
CA GLN I 158 -3.22 -63.86 -7.17
C GLN I 158 -3.10 -63.26 -8.57
N ASP I 159 -4.18 -63.41 -9.35
CA ASP I 159 -4.39 -62.92 -10.71
C ASP I 159 -3.50 -63.60 -11.73
N VAL I 160 -3.97 -63.67 -12.99
CA VAL I 160 -3.45 -64.58 -14.01
C VAL I 160 -2.26 -64.01 -14.80
N GLY I 161 -1.87 -62.78 -14.55
CA GLY I 161 -1.10 -62.00 -15.51
C GLY I 161 0.37 -62.40 -15.64
N GLU I 162 1.10 -61.53 -16.33
CA GLU I 162 2.54 -61.64 -16.49
C GLU I 162 3.27 -61.06 -15.29
N PHE I 163 4.50 -61.53 -15.11
CA PHE I 163 5.11 -61.81 -13.82
C PHE I 163 6.36 -60.94 -13.61
N PRO I 164 6.52 -60.33 -12.43
CA PRO I 164 7.72 -59.53 -12.11
C PRO I 164 9.03 -60.34 -12.09
N GLU I 165 10.01 -59.86 -12.84
CA GLU I 165 11.26 -60.59 -13.08
C GLU I 165 12.06 -60.82 -11.80
N GLU I 166 12.04 -59.86 -10.87
CA GLU I 166 12.89 -59.93 -9.68
C GLU I 166 12.63 -61.20 -8.89
N VAL I 167 11.38 -61.64 -8.81
CA VAL I 167 11.04 -62.83 -8.04
C VAL I 167 11.63 -64.07 -8.69
N ARG I 168 11.57 -64.16 -10.02
CA ARG I 168 12.11 -65.32 -10.73
C ARG I 168 13.60 -65.50 -10.47
N ASP I 169 14.36 -64.41 -10.47
CA ASP I 169 15.80 -64.52 -10.21
C ASP I 169 16.06 -65.04 -8.81
N ALA I 170 15.28 -64.59 -7.80
CA ALA I 170 15.50 -65.06 -6.45
C ALA I 170 15.13 -66.52 -6.31
N LEU I 171 14.01 -66.93 -6.90
CA LEU I 171 13.58 -68.33 -6.83
C LEU I 171 14.55 -69.24 -7.58
N GLN I 172 15.06 -68.78 -8.72
CA GLN I 172 16.04 -69.60 -9.46
C GLN I 172 17.33 -69.75 -8.65
N ALA I 173 17.71 -68.70 -7.92
CA ALA I 173 18.88 -68.80 -7.06
C ALA I 173 18.64 -69.83 -5.96
N ALA I 174 17.41 -69.87 -5.44
CA ALA I 174 17.08 -70.87 -4.42
C ALA I 174 17.18 -72.27 -4.99
N VAL I 175 16.73 -72.46 -6.24
CA VAL I 175 16.80 -73.77 -6.87
C VAL I 175 18.26 -74.21 -6.97
N ASP I 176 19.13 -73.30 -7.39
CA ASP I 176 20.55 -73.61 -7.52
C ASP I 176 21.16 -74.03 -6.18
N PHE I 177 20.90 -73.25 -5.13
CA PHE I 177 21.43 -73.60 -3.82
C PHE I 177 20.87 -74.92 -3.30
N TYR I 178 19.57 -75.16 -3.47
CA TYR I 178 19.01 -76.41 -3.00
C TYR I 178 19.61 -77.60 -3.74
N GLU I 179 19.83 -77.46 -5.04
CA GLU I 179 20.40 -78.57 -5.80
C GLU I 179 21.85 -78.79 -5.42
N GLU I 180 22.59 -77.72 -5.15
CA GLU I 180 23.96 -77.89 -4.65
C GLU I 180 23.96 -78.56 -3.29
N ASN I 181 23.05 -78.15 -2.39
CA ASN I 181 22.87 -78.83 -1.11
C ASN I 181 22.55 -80.31 -1.32
N LEU I 182 21.60 -80.60 -2.20
CA LEU I 182 21.20 -81.97 -2.49
C LEU I 182 22.39 -82.82 -2.96
N SER I 183 23.21 -82.26 -3.86
CA SER I 183 24.38 -82.99 -4.35
C SER I 183 25.33 -83.35 -3.22
N LEU I 184 25.62 -82.39 -2.34
CA LEU I 184 26.55 -82.63 -1.24
C LEU I 184 25.93 -83.55 -0.19
N VAL I 185 24.62 -83.42 0.03
CA VAL I 185 23.96 -84.24 1.05
C VAL I 185 23.82 -85.68 0.58
N THR I 186 23.50 -85.89 -0.71
CA THR I 186 23.45 -87.25 -1.22
C THR I 186 24.81 -87.93 -1.19
N ALA I 187 25.87 -87.15 -1.37
CA ALA I 187 27.23 -87.71 -1.30
C ALA I 187 27.60 -88.06 0.14
N LEU I 188 27.11 -87.29 1.11
CA LEU I 188 27.38 -87.59 2.51
C LEU I 188 26.46 -88.68 3.06
N GLY I 189 25.44 -89.07 2.31
CA GLY I 189 24.52 -90.11 2.74
C GLY I 189 23.63 -89.72 3.90
N ASP I 190 23.19 -88.45 3.96
CA ASP I 190 22.32 -87.96 5.01
C ASP I 190 20.90 -87.94 4.47
N ARG I 191 20.15 -89.01 4.76
CA ARG I 191 18.80 -89.16 4.19
C ARG I 191 17.85 -88.10 4.74
N ALA I 192 17.97 -87.74 6.01
CA ALA I 192 17.11 -86.71 6.59
C ALA I 192 17.27 -85.39 5.86
N ALA I 193 18.53 -84.95 5.65
CA ALA I 193 18.76 -83.70 4.95
C ALA I 193 18.32 -83.78 3.49
N GLN I 194 18.41 -84.97 2.88
CA GLN I 194 17.91 -85.15 1.52
C GLN I 194 16.42 -84.88 1.45
N GLY I 195 15.68 -85.39 2.44
CA GLY I 195 14.25 -85.14 2.49
C GLY I 195 13.93 -83.66 2.57
N ARG I 196 14.60 -82.96 3.48
CA ARG I 196 14.32 -81.54 3.66
C ARG I 196 14.61 -80.78 2.37
N ALA I 197 15.70 -81.15 1.69
CA ALA I 197 16.05 -80.50 0.43
C ALA I 197 14.99 -80.74 -0.65
N PHE I 198 14.54 -82.00 -0.79
CA PHE I 198 13.54 -82.30 -1.81
C PHE I 198 12.25 -81.51 -1.59
N GLY I 199 11.81 -81.41 -0.34
CA GLY I 199 10.60 -80.64 -0.05
C GLY I 199 10.70 -79.20 -0.48
N ASN I 200 11.75 -78.50 -0.04
CA ASN I 200 11.90 -77.09 -0.37
C ASN I 200 12.16 -76.88 -1.85
N LEU I 201 12.91 -77.80 -2.47
CA LEU I 201 13.11 -77.73 -3.92
C LEU I 201 11.78 -77.84 -4.65
N GLY I 202 10.94 -78.77 -4.21
CA GLY I 202 9.64 -78.94 -4.84
C GLY I 202 8.74 -77.72 -4.71
N ASN I 203 8.71 -77.11 -3.52
CA ASN I 203 7.89 -75.92 -3.34
C ASN I 203 8.45 -74.72 -4.10
N THR I 204 9.77 -74.67 -4.34
CA THR I 204 10.32 -73.57 -5.12
C THR I 204 9.92 -73.70 -6.58
N HIS I 205 10.04 -74.92 -7.12
CA HIS I 205 9.58 -75.17 -8.48
C HIS I 205 8.09 -74.88 -8.62
N TYR I 206 7.33 -75.17 -7.56
CA TYR I 206 5.89 -74.93 -7.57
C TYR I 206 5.58 -73.45 -7.72
N LEU I 207 6.33 -72.60 -6.99
CA LEU I 207 6.12 -71.16 -7.12
C LEU I 207 6.61 -70.64 -8.46
N LEU I 208 7.66 -71.25 -9.00
CA LEU I 208 8.21 -70.83 -10.28
C LEU I 208 7.28 -71.18 -11.45
N GLY I 209 6.42 -72.17 -11.29
CA GLY I 209 5.60 -72.66 -12.37
C GLY I 209 6.13 -73.91 -13.02
N ASN I 210 7.17 -74.52 -12.48
CA ASN I 210 7.75 -75.73 -13.03
C ASN I 210 7.12 -76.94 -12.33
N PHE I 211 5.86 -77.19 -12.68
CA PHE I 211 5.05 -78.12 -11.88
C PHE I 211 5.52 -79.56 -12.02
N ARG I 212 5.99 -79.95 -13.21
CA ARG I 212 6.47 -81.33 -13.37
C ARG I 212 7.69 -81.59 -12.50
N ASP I 213 8.63 -80.64 -12.45
CA ASP I 213 9.77 -80.79 -11.57
C ASP I 213 9.36 -80.78 -10.12
N ALA I 214 8.29 -80.04 -9.78
CA ALA I 214 7.82 -80.02 -8.41
C ALA I 214 7.29 -81.38 -8.01
N VAL I 215 6.50 -82.00 -8.89
CA VAL I 215 5.98 -83.35 -8.63
C VAL I 215 7.12 -84.33 -8.37
N ILE I 216 8.14 -84.29 -9.22
CA ILE I 216 9.27 -85.21 -9.07
C ILE I 216 9.94 -85.03 -7.72
N ALA I 217 10.17 -83.78 -7.31
CA ALA I 217 10.84 -83.53 -6.04
C ALA I 217 9.99 -83.98 -4.86
N HIS I 218 8.69 -83.71 -4.90
CA HIS I 218 7.82 -84.11 -3.79
C HIS I 218 7.63 -85.62 -3.74
N GLU I 219 7.67 -86.30 -4.87
CA GLU I 219 7.62 -87.75 -4.85
C GLU I 219 8.82 -88.33 -4.12
N GLN I 220 9.99 -87.70 -4.28
CA GLN I 220 11.17 -88.11 -3.54
C GLN I 220 11.03 -87.80 -2.06
N ARG I 221 10.42 -86.65 -1.73
CA ARG I 221 10.16 -86.33 -0.33
C ARG I 221 9.23 -87.37 0.29
N LEU I 222 8.22 -87.81 -0.48
CA LEU I 222 7.28 -88.80 0.00
C LEU I 222 7.98 -90.13 0.31
N LEU I 223 8.84 -90.57 -0.61
CA LEU I 223 9.56 -91.82 -0.42
C LEU I 223 10.45 -91.78 0.82
N ILE I 224 11.14 -90.66 1.03
CA ILE I 224 12.00 -90.52 2.20
C ILE I 224 11.17 -90.43 3.47
N ALA I 225 10.01 -89.77 3.41
CA ALA I 225 9.14 -89.69 4.58
C ALA I 225 8.65 -91.07 4.99
N LYS I 226 8.33 -91.92 4.02
CA LYS I 226 7.94 -93.30 4.32
C LYS I 226 9.10 -94.06 4.96
N GLU I 227 10.32 -93.85 4.46
CA GLU I 227 11.49 -94.55 4.99
C GLU I 227 11.70 -94.25 6.47
N PHE I 228 11.44 -93.01 6.88
CA PHE I 228 11.60 -92.60 8.27
C PHE I 228 10.32 -92.78 9.08
N GLY I 229 9.22 -93.19 8.46
CA GLY I 229 7.96 -93.31 9.15
C GLY I 229 7.42 -92.00 9.67
N ASP I 230 7.88 -90.88 9.12
CA ASP I 230 7.44 -89.55 9.52
C ASP I 230 6.10 -89.24 8.85
N LYS I 231 5.02 -89.53 9.58
CA LYS I 231 3.67 -89.29 9.05
C LYS I 231 3.42 -87.81 8.77
N ALA I 232 3.99 -86.91 9.58
CA ALA I 232 3.78 -85.49 9.34
C ALA I 232 4.38 -85.07 8.00
N ALA I 233 5.62 -85.50 7.73
CA ALA I 233 6.24 -85.21 6.44
C ALA I 233 5.49 -85.89 5.31
N GLU I 234 5.01 -87.11 5.54
CA GLU I 234 4.24 -87.81 4.52
C GLU I 234 3.01 -87.02 4.15
N ARG I 235 2.34 -86.43 5.14
CA ARG I 235 1.16 -85.63 4.87
C ARG I 235 1.48 -84.33 4.14
N ARG I 236 2.59 -83.66 4.46
CA ARG I 236 2.88 -82.45 3.68
C ARG I 236 3.21 -82.81 2.23
N ALA I 237 3.93 -83.92 2.01
CA ALA I 237 4.20 -84.35 0.63
C ALA I 237 2.91 -84.61 -0.14
N TYR I 238 1.95 -85.30 0.49
CA TYR I 238 0.67 -85.53 -0.17
C TYR I 238 -0.01 -84.21 -0.51
N SER I 239 0.06 -83.23 0.39
CA SER I 239 -0.60 -81.95 0.17
C SER I 239 0.06 -81.19 -0.98
N ASN I 240 1.39 -81.16 -1.00
CA ASN I 240 2.11 -80.48 -2.06
C ASN I 240 1.87 -81.14 -3.41
N LEU I 241 1.77 -82.47 -3.43
CA LEU I 241 1.51 -83.17 -4.68
C LEU I 241 0.13 -82.81 -5.22
N GLY I 242 -0.88 -82.80 -4.36
CA GLY I 242 -2.21 -82.39 -4.80
C GLY I 242 -2.22 -81.00 -5.39
N ASN I 243 -1.55 -80.05 -4.72
CA ASN I 243 -1.47 -78.68 -5.22
C ASN I 243 -0.90 -78.64 -6.62
N ALA I 244 0.19 -79.39 -6.85
CA ALA I 244 0.86 -79.35 -8.15
C ALA I 244 0.00 -79.96 -9.25
N TYR I 245 -0.69 -81.05 -8.96
CA TYR I 245 -1.53 -81.69 -9.96
C TYR I 245 -2.71 -80.81 -10.35
N ILE I 246 -3.20 -79.97 -9.43
CA ILE I 246 -4.23 -78.99 -9.77
C ILE I 246 -3.76 -78.07 -10.89
N PHE I 247 -2.55 -77.51 -10.74
CA PHE I 247 -2.00 -76.59 -11.73
C PHE I 247 -1.59 -77.29 -13.01
N LEU I 248 -1.38 -78.59 -12.98
CA LEU I 248 -1.12 -79.32 -14.22
C LEU I 248 -2.40 -79.57 -15.00
N GLY I 249 -3.54 -79.59 -14.32
CA GLY I 249 -4.83 -79.82 -14.94
C GLY I 249 -5.38 -81.22 -14.76
N GLU I 250 -4.66 -82.13 -14.08
CA GLU I 250 -5.14 -83.47 -13.79
C GLU I 250 -5.80 -83.48 -12.41
N PHE I 251 -7.07 -83.08 -12.41
CA PHE I 251 -7.82 -82.92 -11.18
C PHE I 251 -8.13 -84.27 -10.51
N GLU I 252 -8.36 -85.32 -11.32
CA GLU I 252 -8.60 -86.64 -10.75
C GLU I 252 -7.42 -87.10 -9.90
N THR I 253 -6.21 -86.98 -10.45
CA THR I 253 -5.02 -87.34 -9.67
C THR I 253 -4.91 -86.49 -8.41
N ALA I 254 -5.23 -85.20 -8.53
CA ALA I 254 -5.14 -84.30 -7.38
C ALA I 254 -6.09 -84.73 -6.27
N SER I 255 -7.31 -85.13 -6.64
CA SER I 255 -8.29 -85.53 -5.63
C SER I 255 -7.78 -86.71 -4.81
N GLU I 256 -7.14 -87.70 -5.45
CA GLU I 256 -6.66 -88.86 -4.71
C GLU I 256 -5.48 -88.50 -3.79
N TYR I 257 -4.67 -87.51 -4.15
CA TYR I 257 -3.64 -87.06 -3.20
C TYR I 257 -4.25 -86.28 -2.04
N TYR I 258 -5.27 -85.46 -2.31
CA TYR I 258 -5.91 -84.76 -1.20
C TYR I 258 -6.66 -85.74 -0.30
N LYS I 259 -7.17 -86.82 -0.88
CA LYS I 259 -7.81 -87.87 -0.08
C LYS I 259 -6.81 -88.50 0.87
N LYS I 260 -5.59 -88.71 0.42
CA LYS I 260 -4.57 -89.30 1.29
C LYS I 260 -4.14 -88.34 2.38
N THR I 261 -4.18 -87.03 2.13
CA THR I 261 -3.94 -86.08 3.21
C THR I 261 -5.03 -86.20 4.26
N LEU I 262 -6.27 -86.36 3.83
CA LEU I 262 -7.40 -86.47 4.76
C LEU I 262 -7.29 -87.73 5.60
N LEU I 263 -6.88 -88.85 4.97
CA LEU I 263 -6.69 -90.10 5.71
C LEU I 263 -5.71 -89.91 6.87
N LEU I 264 -4.54 -89.35 6.57
CA LEU I 264 -3.53 -89.14 7.61
C LEU I 264 -3.96 -88.07 8.59
N ALA I 265 -4.73 -87.08 8.14
CA ALA I 265 -5.20 -86.05 9.06
C ALA I 265 -6.19 -86.63 10.07
N ARG I 266 -7.10 -87.50 9.61
CA ARG I 266 -8.02 -88.15 10.53
C ARG I 266 -7.31 -89.09 11.50
N GLN I 267 -6.22 -89.73 11.08
CA GLN I 267 -5.52 -90.64 12.00
C GLN I 267 -4.65 -89.89 12.99
N LEU I 268 -4.12 -88.73 12.61
CA LEU I 268 -3.39 -87.90 13.55
C LEU I 268 -4.34 -87.07 14.41
N LYS I 269 -5.64 -87.13 14.12
CA LYS I 269 -6.68 -86.36 14.82
C LYS I 269 -6.36 -84.86 14.80
N ASP I 270 -5.81 -84.40 13.69
CA ASP I 270 -5.53 -82.98 13.48
C ASP I 270 -6.75 -82.38 12.79
N ARG I 271 -7.60 -81.70 13.57
CA ARG I 271 -8.84 -81.16 13.03
C ARG I 271 -8.55 -80.04 12.04
N ALA I 272 -7.52 -79.24 12.29
CA ALA I 272 -7.21 -78.11 11.42
C ALA I 272 -6.77 -78.59 10.03
N VAL I 273 -5.82 -79.52 9.99
CA VAL I 273 -5.39 -80.10 8.71
C VAL I 273 -6.55 -80.84 8.06
N GLU I 274 -7.39 -81.50 8.88
CA GLU I 274 -8.53 -82.23 8.33
C GLU I 274 -9.48 -81.28 7.61
N ALA I 275 -9.66 -80.07 8.16
CA ALA I 275 -10.55 -79.10 7.53
C ALA I 275 -9.95 -78.54 6.25
N GLN I 276 -8.66 -78.21 6.27
CA GLN I 276 -8.00 -77.74 5.06
C GLN I 276 -8.06 -78.79 3.96
N SER I 277 -7.99 -80.07 4.33
CA SER I 277 -8.08 -81.14 3.34
C SER I 277 -9.46 -81.18 2.71
N CYS I 278 -10.51 -81.07 3.53
CA CYS I 278 -11.87 -81.06 3.00
C CYS I 278 -12.10 -79.86 2.09
N TYR I 279 -11.52 -78.71 2.43
CA TYR I 279 -11.68 -77.52 1.60
C TYR I 279 -11.00 -77.71 0.25
N SER I 280 -9.81 -78.33 0.25
CA SER I 280 -9.14 -78.59 -1.02
C SER I 280 -9.94 -79.58 -1.86
N LEU I 281 -10.52 -80.59 -1.21
CA LEU I 281 -11.35 -81.56 -1.93
C LEU I 281 -12.59 -80.88 -2.50
N GLY I 282 -13.18 -79.95 -1.76
CA GLY I 282 -14.34 -79.23 -2.26
C GLY I 282 -14.03 -78.45 -3.53
N ASN I 283 -12.89 -77.77 -3.55
CA ASN I 283 -12.48 -77.04 -4.74
C ASN I 283 -12.08 -77.97 -5.88
N THR I 284 -11.53 -79.15 -5.56
CA THR I 284 -11.16 -80.08 -6.61
C THR I 284 -12.38 -80.60 -7.36
N TYR I 285 -13.38 -81.08 -6.62
CA TYR I 285 -14.64 -81.50 -7.24
C TYR I 285 -15.39 -80.35 -7.88
N THR I 286 -15.16 -79.10 -7.46
CA THR I 286 -15.73 -77.99 -8.20
C THR I 286 -15.10 -77.88 -9.58
N LEU I 287 -13.77 -78.07 -9.64
CA LEU I 287 -13.08 -78.09 -10.93
C LEU I 287 -13.53 -79.27 -11.78
N LEU I 288 -13.86 -80.39 -11.15
CA LEU I 288 -14.38 -81.54 -11.89
C LEU I 288 -15.86 -81.37 -12.21
N GLN I 289 -16.48 -80.29 -11.72
CA GLN I 289 -17.87 -79.94 -11.97
C GLN I 289 -18.85 -80.92 -11.35
N ASP I 290 -18.39 -81.68 -10.34
CA ASP I 290 -19.25 -82.59 -9.59
C ASP I 290 -19.67 -81.83 -8.34
N TYR I 291 -20.64 -80.93 -8.50
CA TYR I 291 -20.96 -79.98 -7.45
C TYR I 291 -21.60 -80.64 -6.25
N GLU I 292 -22.21 -81.81 -6.42
CA GLU I 292 -22.78 -82.52 -5.28
C GLU I 292 -21.68 -82.96 -4.32
N LYS I 293 -20.60 -83.55 -4.85
CA LYS I 293 -19.48 -83.93 -4.02
C LYS I 293 -18.76 -82.71 -3.45
N ALA I 294 -18.74 -81.62 -4.21
CA ALA I 294 -18.10 -80.40 -3.70
C ALA I 294 -18.83 -79.88 -2.48
N ILE I 295 -20.16 -79.90 -2.51
CA ILE I 295 -20.94 -79.44 -1.37
C ILE I 295 -20.69 -80.33 -0.16
N ASP I 296 -20.59 -81.65 -0.38
CA ASP I 296 -20.34 -82.58 0.72
C ASP I 296 -19.07 -82.23 1.47
N TYR I 297 -17.97 -82.01 0.74
CA TYR I 297 -16.70 -81.71 1.42
C TYR I 297 -16.68 -80.29 1.98
N HIS I 298 -17.30 -79.33 1.29
CA HIS I 298 -17.34 -77.98 1.85
C HIS I 298 -18.17 -77.92 3.12
N LEU I 299 -19.17 -78.81 3.25
CA LEU I 299 -19.93 -78.87 4.49
C LEU I 299 -19.07 -79.45 5.62
N LYS I 300 -18.33 -80.51 5.32
CA LYS I 300 -17.45 -81.11 6.32
C LYS I 300 -16.43 -80.09 6.80
N HIS I 301 -15.93 -79.25 5.90
CA HIS I 301 -15.03 -78.17 6.27
C HIS I 301 -15.74 -77.14 7.15
N LEU I 302 -16.98 -76.81 6.80
CA LEU I 302 -17.75 -75.83 7.57
C LEU I 302 -17.92 -76.29 9.00
N ALA I 303 -18.28 -77.56 9.21
CA ALA I 303 -18.55 -78.06 10.55
C ALA I 303 -17.30 -78.00 11.43
N ILE I 304 -16.16 -78.41 10.88
CA ILE I 304 -14.91 -78.34 11.65
C ILE I 304 -14.55 -76.89 11.93
N ALA I 305 -14.83 -76.00 10.97
CA ALA I 305 -14.55 -74.57 11.17
C ALA I 305 -15.36 -74.01 12.33
N GLN I 306 -16.65 -74.36 12.37
CA GLN I 306 -17.49 -73.91 13.48
C GLN I 306 -17.02 -74.50 14.80
N GLU I 307 -16.54 -75.75 14.76
CA GLU I 307 -15.99 -76.38 15.97
C GLU I 307 -14.79 -75.60 16.50
N LEU I 308 -13.80 -75.36 15.64
CA LEU I 308 -12.59 -74.65 16.03
C LEU I 308 -12.82 -73.15 16.16
N ASN I 309 -14.06 -72.70 16.00
CA ASN I 309 -14.42 -71.28 16.04
C ASN I 309 -13.55 -70.44 15.09
N ASP I 310 -13.11 -71.06 13.98
CA ASP I 310 -12.39 -70.34 12.93
C ASP I 310 -13.41 -69.54 12.13
N ARG I 311 -13.62 -68.29 12.54
CA ARG I 311 -14.65 -67.47 11.91
C ARG I 311 -14.28 -67.12 10.48
N ILE I 312 -12.99 -66.93 10.19
CA ILE I 312 -12.55 -66.60 8.84
C ILE I 312 -12.89 -67.75 7.89
N GLY I 313 -12.48 -68.97 8.24
CA GLY I 313 -12.76 -70.13 7.42
C GLY I 313 -14.24 -70.42 7.28
N GLU I 314 -15.06 -69.98 8.24
CA GLU I 314 -16.50 -70.14 8.10
C GLU I 314 -17.02 -69.32 6.93
N GLY I 315 -16.55 -68.08 6.80
CA GLY I 315 -16.97 -67.27 5.67
C GLY I 315 -16.50 -67.85 4.36
N ARG I 316 -15.31 -68.46 4.35
CA ARG I 316 -14.82 -69.06 3.12
C ARG I 316 -15.70 -70.21 2.68
N ALA I 317 -16.18 -71.00 3.64
CA ALA I 317 -17.09 -72.10 3.32
C ALA I 317 -18.44 -71.59 2.83
N CYS I 318 -18.95 -70.53 3.47
CA CYS I 318 -20.24 -69.98 3.07
C CYS I 318 -20.21 -69.49 1.64
N TRP I 319 -19.15 -68.76 1.27
CA TRP I 319 -19.05 -68.27 -0.10
C TRP I 319 -18.96 -69.41 -1.10
N SER I 320 -18.16 -70.44 -0.77
CA SER I 320 -18.01 -71.59 -1.67
C SER I 320 -19.32 -72.34 -1.80
N LEU I 321 -20.01 -72.57 -0.68
CA LEU I 321 -21.28 -73.29 -0.71
C LEU I 321 -22.33 -72.52 -1.51
N GLY I 322 -22.40 -71.21 -1.34
CA GLY I 322 -23.33 -70.41 -2.13
C GLY I 322 -23.18 -70.64 -3.62
N ASN I 323 -21.94 -70.64 -4.10
CA ASN I 323 -21.68 -70.80 -5.52
C ASN I 323 -21.75 -72.25 -5.97
N ALA I 324 -21.50 -73.21 -5.07
CA ALA I 324 -21.75 -74.60 -5.43
C ALA I 324 -23.24 -74.84 -5.59
N TYR I 325 -24.04 -74.32 -4.67
CA TYR I 325 -25.49 -74.48 -4.78
C TYR I 325 -26.04 -73.73 -5.98
N THR I 326 -25.45 -72.58 -6.30
CA THR I 326 -25.87 -71.83 -7.47
C THR I 326 -25.61 -72.60 -8.76
N ALA I 327 -24.50 -73.33 -8.80
CA ALA I 327 -24.19 -74.12 -9.98
C ALA I 327 -25.12 -75.31 -10.13
N LEU I 328 -25.78 -75.71 -9.04
CA LEU I 328 -26.76 -76.78 -9.10
C LEU I 328 -28.16 -76.26 -9.34
N GLY I 329 -28.48 -75.06 -8.84
CA GLY I 329 -29.78 -74.44 -9.05
C GLY I 329 -30.59 -74.25 -7.78
N ASN I 330 -30.10 -74.69 -6.63
CA ASN I 330 -30.76 -74.49 -5.34
C ASN I 330 -30.68 -73.02 -4.95
N HIS I 331 -31.61 -72.21 -5.49
CA HIS I 331 -31.50 -70.78 -5.24
C HIS I 331 -31.85 -70.42 -3.80
N ASP I 332 -32.67 -71.23 -3.14
CA ASP I 332 -33.01 -70.94 -1.75
C ASP I 332 -31.83 -71.24 -0.82
N GLN I 333 -31.16 -72.37 -1.04
CA GLN I 333 -29.98 -72.70 -0.24
C GLN I 333 -28.82 -71.76 -0.54
N ALA I 334 -28.71 -71.31 -1.80
CA ALA I 334 -27.68 -70.34 -2.14
C ALA I 334 -27.91 -69.02 -1.42
N MET I 335 -29.16 -68.55 -1.38
CA MET I 335 -29.46 -67.31 -0.66
C MET I 335 -29.13 -67.42 0.82
N HIS I 336 -29.23 -68.63 1.39
CA HIS I 336 -28.96 -68.79 2.81
C HIS I 336 -27.49 -68.57 3.11
N PHE I 337 -26.60 -69.24 2.35
CA PHE I 337 -25.18 -69.12 2.59
C PHE I 337 -24.64 -67.77 2.14
N ALA I 338 -25.28 -67.12 1.16
CA ALA I 338 -24.84 -65.79 0.77
C ALA I 338 -25.11 -64.80 1.90
N GLU I 339 -26.23 -64.98 2.61
CA GLU I 339 -26.50 -64.16 3.78
C GLU I 339 -25.48 -64.43 4.88
N LYS I 340 -25.18 -65.70 5.12
CA LYS I 340 -24.16 -66.06 6.11
C LYS I 340 -22.81 -65.51 5.71
N HIS I 341 -22.53 -65.45 4.41
CA HIS I 341 -21.28 -64.86 3.93
C HIS I 341 -21.25 -63.36 4.23
N LEU I 342 -22.36 -62.66 3.99
CA LEU I 342 -22.44 -61.24 4.31
C LEU I 342 -22.23 -61.01 5.80
N GLU I 343 -22.87 -61.83 6.64
CA GLU I 343 -22.78 -61.64 8.09
C GLU I 343 -21.35 -61.82 8.57
N ILE I 344 -20.70 -62.92 8.19
CA ILE I 344 -19.34 -63.17 8.63
C ILE I 344 -18.40 -62.10 8.09
N SER I 345 -18.57 -61.73 6.82
CA SER I 345 -17.69 -60.74 6.21
C SER I 345 -17.73 -59.41 6.96
N ARG I 346 -18.91 -59.02 7.46
CA ARG I 346 -18.99 -57.82 8.30
C ARG I 346 -18.27 -58.02 9.62
N GLU I 347 -18.47 -59.18 10.24
CA GLU I 347 -17.98 -59.44 11.59
C GLU I 347 -16.46 -59.52 11.64
N VAL I 348 -15.80 -59.90 10.53
CA VAL I 348 -14.35 -60.07 10.51
C VAL I 348 -13.64 -58.95 9.76
N GLY I 349 -14.39 -57.99 9.21
CA GLY I 349 -13.78 -56.89 8.50
C GLY I 349 -13.31 -57.20 7.09
N ASP I 350 -13.79 -58.29 6.50
CA ASP I 350 -13.45 -58.60 5.12
C ASP I 350 -14.24 -57.67 4.21
N LYS I 351 -13.68 -56.50 3.90
CA LYS I 351 -14.41 -55.50 3.12
C LYS I 351 -14.68 -56.00 1.71
N SER I 352 -13.74 -56.75 1.15
CA SER I 352 -13.95 -57.34 -0.17
C SER I 352 -15.12 -58.31 -0.15
N GLY I 353 -15.14 -59.21 0.84
CA GLY I 353 -16.21 -60.19 0.92
C GLY I 353 -17.58 -59.57 1.12
N GLU I 354 -17.63 -58.49 1.91
CA GLU I 354 -18.92 -57.86 2.20
C GLU I 354 -19.55 -57.31 0.93
N LEU I 355 -18.73 -56.69 0.07
CA LEU I 355 -19.26 -56.11 -1.16
C LEU I 355 -19.68 -57.19 -2.14
N THR I 356 -18.95 -58.32 -2.16
CA THR I 356 -19.32 -59.42 -3.05
C THR I 356 -20.62 -60.08 -2.60
N ALA I 357 -20.79 -60.30 -1.29
CA ALA I 357 -22.01 -60.93 -0.81
C ALA I 357 -23.24 -60.08 -1.12
N ARG I 358 -23.10 -58.76 -1.08
CA ARG I 358 -24.20 -57.87 -1.46
C ARG I 358 -24.53 -58.03 -2.94
N LEU I 359 -23.49 -57.97 -3.78
CA LEU I 359 -23.65 -58.15 -5.22
C LEU I 359 -24.19 -59.54 -5.55
N ASN I 360 -24.00 -60.53 -4.68
CA ASN I 360 -24.54 -61.86 -4.92
C ASN I 360 -26.02 -61.95 -4.56
N LEU I 361 -26.42 -61.36 -3.42
CA LEU I 361 -27.81 -61.46 -3.00
C LEU I 361 -28.72 -60.68 -3.93
N SER I 362 -28.27 -59.49 -4.37
CA SER I 362 -29.03 -58.69 -5.33
C SER I 362 -29.43 -59.53 -6.55
N ASP I 363 -28.48 -60.26 -7.11
CA ASP I 363 -28.76 -61.03 -8.31
C ASP I 363 -29.61 -62.25 -8.00
N LEU I 364 -29.31 -62.94 -6.89
CA LEU I 364 -30.06 -64.15 -6.52
C LEU I 364 -31.54 -63.87 -6.33
N GLN I 365 -31.90 -62.71 -5.78
CA GLN I 365 -33.32 -62.40 -5.62
C GLN I 365 -33.99 -62.31 -6.98
N MET I 366 -33.25 -61.93 -8.01
CA MET I 366 -33.87 -61.65 -9.31
C MET I 366 -34.36 -62.91 -10.02
N VAL I 367 -33.82 -64.08 -9.71
CA VAL I 367 -34.47 -65.32 -10.19
C VAL I 367 -34.60 -66.31 -9.04
N GLY J 9 12.52 -40.93 -12.09
CA GLY J 9 12.13 -41.92 -13.09
C GLY J 9 11.28 -43.05 -12.54
N ASN J 10 11.92 -44.01 -11.88
CA ASN J 10 11.27 -45.24 -11.47
C ASN J 10 11.38 -45.56 -9.98
N SER J 11 12.42 -45.07 -9.30
CA SER J 11 12.66 -45.47 -7.92
C SER J 11 11.61 -45.07 -6.89
N ALA J 12 11.33 -43.77 -6.76
CA ALA J 12 10.28 -43.35 -5.83
C ALA J 12 8.89 -43.58 -6.39
N LEU J 13 8.81 -43.87 -7.67
CA LEU J 13 7.54 -44.14 -8.35
C LEU J 13 6.98 -45.49 -7.91
N LEU J 14 7.83 -46.53 -7.87
CA LEU J 14 7.43 -47.86 -7.39
C LEU J 14 7.25 -47.92 -5.89
N SER J 15 7.44 -46.82 -5.18
CA SER J 15 7.35 -46.76 -3.72
C SER J 15 5.93 -46.59 -3.19
N LEU J 16 4.92 -46.33 -4.06
CA LEU J 16 3.58 -45.94 -3.61
C LEU J 16 2.62 -47.11 -3.57
N PRO J 17 1.79 -47.20 -2.51
CA PRO J 17 0.90 -48.35 -2.26
C PRO J 17 -0.04 -48.80 -3.39
N GLY J 18 0.37 -49.82 -4.17
CA GLY J 18 -0.39 -50.40 -5.26
C GLY J 18 -0.03 -49.94 -6.66
N TYR J 19 0.51 -50.84 -7.50
CA TYR J 19 0.99 -50.42 -8.82
C TYR J 19 1.10 -51.60 -9.79
N ARG J 20 1.62 -51.28 -11.01
CA ARG J 20 2.27 -52.00 -12.11
C ARG J 20 1.43 -52.40 -13.33
N PRO J 21 1.59 -51.68 -14.49
CA PRO J 21 0.82 -52.02 -15.70
C PRO J 21 1.52 -52.88 -16.77
N THR J 22 1.02 -54.10 -17.00
CA THR J 22 1.50 -54.98 -18.08
C THR J 22 0.44 -55.16 -19.16
N THR J 23 0.87 -55.13 -20.43
CA THR J 23 0.00 -55.37 -21.59
C THR J 23 -0.58 -56.78 -21.68
N SER J 44 -7.63 -68.14 -10.20
CA SER J 44 -8.66 -69.12 -10.54
C SER J 44 -9.61 -69.37 -9.37
N PHE J 45 -9.05 -69.63 -8.20
CA PHE J 45 -9.86 -69.99 -7.04
C PHE J 45 -9.03 -69.73 -5.79
N TYR J 46 -9.67 -69.85 -4.63
CA TYR J 46 -8.98 -69.57 -3.38
C TYR J 46 -8.09 -70.75 -3.03
N MET J 47 -6.79 -70.46 -3.00
CA MET J 47 -5.69 -71.42 -2.96
C MET J 47 -4.77 -71.18 -1.78
N GLY J 48 -4.18 -69.98 -1.65
CA GLY J 48 -3.27 -69.73 -0.55
C GLY J 48 -1.86 -70.27 -0.78
N THR J 49 -0.99 -69.97 0.17
CA THR J 49 0.35 -70.53 0.10
C THR J 49 0.31 -71.96 0.63
N CYS J 50 1.38 -72.74 0.36
CA CYS J 50 1.18 -74.19 0.34
C CYS J 50 2.35 -75.03 0.87
N GLN J 51 2.44 -75.19 2.20
CA GLN J 51 3.31 -76.13 2.90
C GLN J 51 4.82 -76.00 2.66
N ASP J 52 5.59 -75.96 3.74
CA ASP J 52 7.03 -75.77 3.79
C ASP J 52 7.64 -76.88 4.65
N GLU J 53 8.93 -76.79 4.91
CA GLU J 53 9.55 -77.73 5.82
C GLU J 53 9.90 -77.05 7.15
N PRO J 54 9.65 -77.72 8.27
CA PRO J 54 9.79 -77.09 9.60
C PRO J 54 11.22 -76.69 9.92
N GLU J 55 11.34 -75.52 10.56
CA GLU J 55 12.63 -74.94 10.92
C GLU J 55 13.29 -75.82 11.99
N GLN J 56 14.54 -76.21 11.73
CA GLN J 56 15.22 -77.33 12.39
C GLN J 56 15.88 -76.94 13.72
N LEU J 57 15.26 -77.37 14.84
CA LEU J 57 15.83 -77.25 16.18
C LEU J 57 15.91 -78.58 16.90
N ASP J 58 17.14 -79.05 17.10
CA ASP J 58 17.50 -80.11 18.03
C ASP J 58 18.52 -79.63 19.05
N ASP J 59 19.15 -78.48 18.79
CA ASP J 59 20.22 -77.89 19.59
C ASP J 59 19.74 -77.47 20.98
N TRP J 60 19.70 -78.45 21.88
CA TRP J 60 19.49 -78.25 23.31
C TRP J 60 20.51 -79.05 24.10
N ASN J 61 21.68 -79.24 23.52
CA ASN J 61 22.80 -79.92 24.18
C ASN J 61 24.13 -79.34 23.71
N ARG J 62 24.29 -78.00 23.76
CA ARG J 62 25.59 -77.40 23.53
C ARG J 62 26.29 -77.07 24.85
N ILE J 63 25.56 -76.49 25.81
CA ILE J 63 26.18 -76.22 27.11
C ILE J 63 26.19 -77.48 27.97
N ALA J 64 25.05 -78.26 27.99
CA ALA J 64 24.87 -79.44 28.84
C ALA J 64 25.82 -80.57 28.53
N GLU J 65 26.86 -80.34 27.74
CA GLU J 65 27.81 -81.40 27.38
C GLU J 65 29.25 -80.92 27.37
N LEU J 66 29.51 -79.61 27.39
CA LEU J 66 30.87 -79.07 27.36
C LEU J 66 31.60 -79.34 28.67
N GLN J 67 32.36 -80.43 28.72
CA GLN J 67 33.28 -80.68 29.82
C GLN J 67 34.40 -81.56 29.31
N GLN J 68 35.58 -80.97 29.16
CA GLN J 68 36.80 -81.69 28.77
C GLN J 68 38.02 -81.15 29.52
N PRO K 2 -30.48 -68.73 -15.69
CA PRO K 2 -31.65 -67.92 -16.04
C PRO K 2 -31.28 -66.62 -16.79
N LEU K 3 -32.23 -65.70 -16.97
CA LEU K 3 -32.00 -64.50 -17.76
C LEU K 3 -31.60 -63.33 -16.86
N GLY K 4 -30.47 -62.71 -17.18
CA GLY K 4 -29.86 -61.76 -16.26
C GLY K 4 -29.13 -62.44 -15.14
N SER K 5 -28.82 -63.72 -15.33
CA SER K 5 -28.12 -64.54 -14.35
C SER K 5 -26.60 -64.61 -14.61
N MET K 6 -26.03 -63.49 -15.07
CA MET K 6 -24.60 -63.36 -15.34
C MET K 6 -23.78 -63.25 -14.07
N PHE K 7 -24.10 -62.28 -13.22
CA PHE K 7 -23.23 -61.74 -12.19
C PHE K 7 -23.24 -62.69 -10.99
N HIS K 8 -22.53 -63.84 -11.14
CA HIS K 8 -22.70 -64.98 -10.25
C HIS K 8 -21.46 -65.51 -9.51
N VAL K 9 -20.81 -66.54 -10.03
CA VAL K 9 -19.75 -67.21 -9.26
C VAL K 9 -18.42 -66.47 -9.32
N ARG K 10 -18.12 -65.84 -10.44
CA ARG K 10 -16.91 -65.01 -10.52
C ARG K 10 -17.12 -63.69 -9.82
N TYR K 11 -18.36 -63.21 -9.81
CA TYR K 11 -18.84 -62.07 -9.04
C TYR K 11 -18.72 -62.32 -7.55
N ARG K 12 -18.87 -63.57 -7.14
CA ARG K 12 -18.73 -63.91 -5.73
C ARG K 12 -17.27 -63.92 -5.30
N MET K 13 -16.35 -64.17 -6.25
CA MET K 13 -14.91 -64.13 -5.98
C MET K 13 -14.39 -62.73 -5.66
N GLU K 14 -14.45 -61.84 -6.65
CA GLU K 14 -13.50 -60.74 -6.76
C GLU K 14 -13.63 -59.62 -5.75
N ALA K 15 -14.48 -58.64 -6.05
CA ALA K 15 -14.41 -57.28 -5.51
C ALA K 15 -13.15 -56.61 -6.05
N SER K 16 -13.32 -55.81 -7.10
CA SER K 16 -12.23 -55.15 -7.79
C SER K 16 -11.86 -53.85 -7.07
N CYS K 17 -10.68 -53.33 -7.39
CA CYS K 17 -10.23 -52.12 -6.72
C CYS K 17 -11.24 -50.99 -6.90
N LEU K 18 -11.71 -50.79 -8.15
CA LEU K 18 -12.67 -49.74 -8.42
C LEU K 18 -13.96 -49.93 -7.61
N GLU K 19 -14.42 -51.18 -7.49
CA GLU K 19 -15.67 -51.45 -6.79
C GLU K 19 -15.55 -51.08 -5.31
N LEU K 20 -14.45 -51.49 -4.68
CA LEU K 20 -14.21 -51.13 -3.27
C LEU K 20 -14.15 -49.62 -3.12
N ALA K 21 -13.47 -48.95 -4.05
CA ALA K 21 -13.33 -47.50 -4.00
C ALA K 21 -14.68 -46.80 -4.11
N LEU K 22 -15.53 -47.26 -5.03
CA LEU K 22 -16.84 -46.65 -5.20
C LEU K 22 -17.70 -46.82 -3.95
N GLU K 23 -17.59 -47.97 -3.28
CA GLU K 23 -18.31 -48.17 -2.03
C GLU K 23 -17.83 -47.20 -0.96
N GLY K 24 -16.51 -47.01 -0.86
CA GLY K 24 -15.98 -46.03 0.08
C GLY K 24 -16.52 -44.64 -0.17
N GLU K 25 -16.58 -44.24 -1.45
CA GLU K 25 -17.07 -42.91 -1.79
C GLU K 25 -18.54 -42.74 -1.43
N ARG K 26 -19.36 -43.76 -1.68
CA ARG K 26 -20.77 -43.68 -1.32
C ARG K 26 -20.98 -43.57 0.19
N LEU K 27 -20.13 -44.25 0.97
CA LEU K 27 -20.27 -44.14 2.43
C LEU K 27 -19.92 -42.75 2.91
N CYS K 28 -18.90 -42.15 2.32
CA CYS K 28 -18.55 -40.77 2.66
C CYS K 28 -19.64 -39.80 2.22
N LYS K 29 -20.28 -40.06 1.07
CA LYS K 29 -21.39 -39.22 0.64
C LYS K 29 -22.52 -39.23 1.65
N SER K 30 -22.77 -40.39 2.26
CA SER K 30 -23.82 -40.52 3.25
C SER K 30 -23.42 -39.97 4.61
N GLY K 31 -22.14 -39.70 4.82
CA GLY K 31 -21.68 -39.09 6.05
C GLY K 31 -21.09 -40.05 7.05
N ASP K 32 -20.97 -41.33 6.69
CA ASP K 32 -20.34 -42.33 7.55
C ASP K 32 -18.94 -42.60 7.01
N CYS K 33 -18.02 -41.69 7.35
CA CYS K 33 -16.66 -41.75 6.80
C CYS K 33 -15.81 -42.77 7.53
N ARG K 34 -16.26 -43.22 8.70
CA ARG K 34 -15.57 -44.26 9.45
C ARG K 34 -15.61 -45.58 8.69
N ALA K 35 -16.77 -45.94 8.13
CA ALA K 35 -16.85 -47.13 7.31
C ALA K 35 -16.22 -46.92 5.94
N GLY K 36 -16.33 -45.69 5.39
CA GLY K 36 -15.74 -45.42 4.09
C GLY K 36 -14.24 -45.62 4.07
N VAL K 37 -13.57 -45.27 5.17
CA VAL K 37 -12.11 -45.41 5.24
C VAL K 37 -11.70 -46.86 5.09
N SER K 38 -12.43 -47.77 5.75
CA SER K 38 -12.10 -49.20 5.66
C SER K 38 -12.15 -49.68 4.22
N PHE K 39 -13.19 -49.29 3.49
CA PHE K 39 -13.31 -49.73 2.10
C PHE K 39 -12.29 -49.05 1.19
N PHE K 40 -11.87 -47.82 1.51
CA PHE K 40 -10.81 -47.20 0.73
C PHE K 40 -9.48 -47.89 0.94
N GLU K 41 -9.10 -48.11 2.21
CA GLU K 41 -7.86 -48.81 2.48
C GLU K 41 -7.88 -50.23 1.95
N ALA K 42 -9.07 -50.83 1.83
CA ALA K 42 -9.16 -52.15 1.23
C ALA K 42 -8.82 -52.06 -0.26
N ALA K 43 -9.32 -51.02 -0.93
CA ALA K 43 -8.96 -50.81 -2.34
C ALA K 43 -7.47 -50.59 -2.51
N VAL K 44 -6.86 -49.90 -1.54
CA VAL K 44 -5.41 -49.72 -1.56
C VAL K 44 -4.70 -51.07 -1.49
N GLN K 45 -5.21 -51.99 -0.65
CA GLN K 45 -4.59 -53.30 -0.53
C GLN K 45 -4.66 -54.06 -1.86
N VAL K 46 -5.79 -53.95 -2.55
CA VAL K 46 -5.93 -54.61 -3.85
C VAL K 46 -5.00 -53.99 -4.88
N GLY K 47 -4.92 -52.67 -4.89
CA GLY K 47 -4.10 -51.96 -5.85
C GLY K 47 -4.73 -51.88 -7.22
N THR K 48 -4.15 -51.02 -8.05
CA THR K 48 -4.66 -50.82 -9.40
C THR K 48 -3.51 -50.46 -10.32
N GLU K 49 -3.75 -50.62 -11.63
CA GLU K 49 -2.82 -50.18 -12.65
C GLU K 49 -3.02 -48.73 -13.03
N ASP K 50 -4.23 -48.23 -12.81
CA ASP K 50 -4.68 -46.94 -13.32
C ASP K 50 -4.25 -45.85 -12.35
N LEU K 51 -3.24 -45.06 -12.74
CA LEU K 51 -2.69 -44.06 -11.83
C LEU K 51 -3.67 -42.92 -11.59
N LYS K 52 -4.52 -42.62 -12.58
CA LYS K 52 -5.55 -41.59 -12.39
C LYS K 52 -6.53 -42.00 -11.29
N THR K 53 -6.92 -43.28 -11.28
CA THR K 53 -7.78 -43.78 -10.22
C THR K 53 -7.07 -43.75 -8.87
N LEU K 54 -5.82 -44.22 -8.85
CA LEU K 54 -5.05 -44.25 -7.62
C LEU K 54 -4.92 -42.87 -7.01
N SER K 55 -4.68 -41.85 -7.85
CA SER K 55 -4.59 -40.48 -7.38
C SER K 55 -5.88 -40.07 -6.68
N ALA K 56 -7.03 -40.41 -7.28
CA ALA K 56 -8.32 -40.07 -6.68
C ALA K 56 -8.51 -40.79 -5.34
N ILE K 57 -8.04 -42.04 -5.24
CA ILE K 57 -8.21 -42.78 -3.99
C ILE K 57 -7.42 -42.12 -2.89
N TYR K 58 -6.15 -41.80 -3.16
CA TYR K 58 -5.31 -41.17 -2.15
C TYR K 58 -5.92 -39.87 -1.65
N SER K 59 -6.38 -39.04 -2.59
CA SER K 59 -6.90 -37.72 -2.22
C SER K 59 -8.15 -37.84 -1.38
N GLN K 60 -9.07 -38.74 -1.76
CA GLN K 60 -10.29 -38.88 -0.99
C GLN K 60 -10.06 -39.60 0.32
N LEU K 61 -9.02 -40.42 0.42
CA LEU K 61 -8.65 -40.96 1.73
C LEU K 61 -8.09 -39.87 2.62
N GLY K 62 -7.23 -39.01 2.07
CA GLY K 62 -6.72 -37.89 2.85
C GLY K 62 -7.85 -37.00 3.34
N ASN K 63 -8.79 -36.68 2.45
CA ASN K 63 -9.91 -35.84 2.83
C ASN K 63 -10.80 -36.54 3.85
N ALA K 64 -10.93 -37.87 3.75
CA ALA K 64 -11.76 -38.59 4.71
C ALA K 64 -11.10 -38.64 6.08
N TYR K 65 -9.80 -38.93 6.12
CA TYR K 65 -9.08 -38.93 7.39
C TYR K 65 -9.06 -37.54 7.99
N PHE K 66 -8.96 -36.51 7.14
CA PHE K 66 -8.98 -35.13 7.62
C PHE K 66 -10.28 -34.87 8.38
N TYR K 67 -11.40 -35.28 7.79
CA TYR K 67 -12.71 -35.07 8.40
C TYR K 67 -12.85 -35.86 9.70
N LEU K 68 -12.24 -37.05 9.77
CA LEU K 68 -12.24 -37.85 10.98
C LEU K 68 -11.17 -37.44 11.98
N HIS K 69 -10.50 -36.30 11.76
CA HIS K 69 -9.52 -35.74 12.68
C HIS K 69 -8.33 -36.67 12.91
N ASP K 70 -8.06 -37.59 11.98
CA ASP K 70 -6.84 -38.40 12.05
C ASP K 70 -5.81 -37.78 11.10
N TYR K 71 -5.29 -36.64 11.55
CA TYR K 71 -4.44 -35.81 10.71
C TYR K 71 -3.13 -36.51 10.34
N ALA K 72 -2.69 -37.49 11.13
CA ALA K 72 -1.45 -38.20 10.81
C ALA K 72 -1.61 -39.01 9.52
N LYS K 73 -2.70 -39.77 9.39
CA LYS K 73 -2.95 -40.49 8.15
C LYS K 73 -3.44 -39.60 7.03
N ALA K 74 -4.10 -38.48 7.37
CA ALA K 74 -4.44 -37.52 6.32
C ALA K 74 -3.16 -37.02 5.65
N LEU K 75 -2.13 -36.78 6.46
CA LEU K 75 -0.84 -36.35 5.90
C LEU K 75 -0.23 -37.45 5.04
N GLU K 76 -0.32 -38.71 5.49
CA GLU K 76 0.22 -39.83 4.72
C GLU K 76 -0.33 -39.87 3.30
N TYR K 77 -1.66 -39.95 3.17
CA TYR K 77 -2.24 -40.15 1.85
C TYR K 77 -2.20 -38.92 0.97
N HIS K 78 -2.29 -37.71 1.54
CA HIS K 78 -2.11 -36.54 0.70
C HIS K 78 -0.66 -36.41 0.26
N HIS K 79 0.28 -36.91 1.06
CA HIS K 79 1.67 -36.90 0.65
C HIS K 79 1.90 -37.89 -0.49
N HIS K 80 1.24 -39.06 -0.43
CA HIS K 80 1.32 -40.00 -1.56
C HIS K 80 0.71 -39.41 -2.82
N ASP K 81 -0.43 -38.71 -2.69
CA ASP K 81 -1.04 -38.10 -3.85
C ASP K 81 -0.11 -37.06 -4.47
N LEU K 82 0.55 -36.25 -3.65
CA LEU K 82 1.51 -35.27 -4.14
C LEU K 82 2.67 -35.96 -4.85
N THR K 83 3.22 -37.01 -4.23
CA THR K 83 4.33 -37.73 -4.83
C THR K 83 3.95 -38.31 -6.20
N LEU K 84 2.77 -38.91 -6.29
CA LEU K 84 2.33 -39.48 -7.56
C LEU K 84 2.12 -38.41 -8.61
N ALA K 85 1.46 -37.30 -8.23
CA ALA K 85 1.22 -36.22 -9.19
C ALA K 85 2.54 -35.64 -9.69
N ARG K 86 3.58 -35.66 -8.87
CA ARG K 86 4.85 -35.07 -9.28
C ARG K 86 5.59 -35.97 -10.25
N THR K 87 5.60 -37.28 -9.99
CA THR K 87 6.30 -38.20 -10.87
C THR K 87 5.70 -38.21 -12.27
N ILE K 88 4.37 -38.19 -12.37
CA ILE K 88 3.71 -38.22 -13.67
C ILE K 88 3.60 -36.84 -14.29
N GLY K 89 4.06 -35.79 -13.61
CA GLY K 89 4.04 -34.45 -14.18
C GLY K 89 2.66 -33.85 -14.35
N ASP K 90 1.67 -34.37 -13.64
CA ASP K 90 0.31 -33.81 -13.63
C ASP K 90 0.35 -32.56 -12.75
N GLN K 91 0.53 -31.40 -13.39
CA GLN K 91 0.72 -30.16 -12.64
C GLN K 91 -0.58 -29.70 -11.97
N LEU K 92 -1.73 -29.91 -12.62
CA LEU K 92 -3.00 -29.57 -11.97
C LEU K 92 -3.21 -30.45 -10.74
N GLY K 93 -2.93 -31.74 -10.87
CA GLY K 93 -3.01 -32.64 -9.71
C GLY K 93 -2.00 -32.29 -8.65
N GLU K 94 -0.82 -31.80 -9.06
CA GLU K 94 0.21 -31.43 -8.10
C GLU K 94 -0.27 -30.25 -7.26
N ALA K 95 -0.89 -29.26 -7.90
CA ALA K 95 -1.37 -28.08 -7.19
C ALA K 95 -2.45 -28.44 -6.19
N LYS K 96 -3.43 -29.25 -6.61
CA LYS K 96 -4.52 -29.60 -5.70
C LYS K 96 -3.99 -30.40 -4.51
N ALA K 97 -3.03 -31.29 -4.74
CA ALA K 97 -2.48 -32.07 -3.64
C ALA K 97 -1.69 -31.19 -2.69
N SER K 98 -0.95 -30.22 -3.23
CA SER K 98 -0.22 -29.28 -2.38
C SER K 98 -1.15 -28.51 -1.47
N GLY K 99 -2.29 -28.07 -2.00
CA GLY K 99 -3.26 -27.34 -1.20
C GLY K 99 -3.78 -28.16 -0.04
N ASN K 100 -4.15 -29.41 -0.32
CA ASN K 100 -4.64 -30.30 0.73
C ASN K 100 -3.55 -30.61 1.75
N LEU K 101 -2.32 -30.83 1.27
CA LEU K 101 -1.20 -31.04 2.19
C LEU K 101 -0.97 -29.81 3.06
N GLY K 102 -1.14 -28.63 2.48
CA GLY K 102 -0.96 -27.41 3.25
C GLY K 102 -1.98 -27.25 4.35
N ASN K 103 -3.26 -27.51 4.04
CA ASN K 103 -4.29 -27.40 5.06
C ASN K 103 -4.10 -28.42 6.16
N THR K 104 -3.65 -29.63 5.81
CA THR K 104 -3.34 -30.62 6.83
C THR K 104 -2.23 -30.12 7.75
N LEU K 105 -1.15 -29.62 7.15
CA LEU K 105 -0.05 -29.06 7.92
C LEU K 105 -0.49 -27.87 8.75
N LYS K 106 -1.46 -27.10 8.26
CA LYS K 106 -1.97 -25.94 8.99
C LYS K 106 -2.59 -26.35 10.32
N VAL K 107 -3.40 -27.41 10.29
CA VAL K 107 -4.03 -27.89 11.52
C VAL K 107 -2.98 -28.46 12.47
N LEU K 108 -1.96 -29.10 11.92
CA LEU K 108 -0.91 -29.73 12.72
C LEU K 108 0.06 -28.72 13.31
N GLY K 109 -0.10 -27.43 13.00
CA GLY K 109 0.74 -26.40 13.55
C GLY K 109 2.09 -26.22 12.87
N ASN K 110 2.31 -26.89 11.74
CA ASN K 110 3.56 -26.76 10.99
C ASN K 110 3.37 -25.69 9.91
N PHE K 111 3.25 -24.44 10.39
CA PHE K 111 2.87 -23.35 9.50
C PHE K 111 3.92 -23.10 8.43
N ASP K 112 5.21 -23.24 8.77
CA ASP K 112 6.28 -22.91 7.83
C ASP K 112 6.19 -23.77 6.57
N GLU K 113 6.01 -25.08 6.74
CA GLU K 113 5.83 -25.95 5.59
C GLU K 113 4.47 -25.75 4.94
N ALA K 114 3.45 -25.41 5.73
CA ALA K 114 2.12 -25.15 5.18
C ALA K 114 2.16 -23.97 4.21
N ILE K 115 2.96 -22.95 4.52
CA ILE K 115 3.11 -21.80 3.63
C ILE K 115 3.68 -22.28 2.30
N VAL K 116 4.71 -23.11 2.36
CA VAL K 116 5.39 -23.58 1.16
C VAL K 116 4.43 -24.32 0.24
N CYS K 117 3.63 -25.21 0.81
CA CYS K 117 2.72 -26.04 0.00
C CYS K 117 1.62 -25.20 -0.63
N CYS K 118 1.03 -24.27 0.13
CA CYS K 118 -0.02 -23.43 -0.43
C CYS K 118 0.53 -22.41 -1.40
N GLN K 119 1.77 -21.96 -1.19
CA GLN K 119 2.43 -21.09 -2.17
C GLN K 119 2.63 -21.84 -3.48
N ARG K 120 3.01 -23.11 -3.38
CA ARG K 120 3.18 -23.94 -4.57
C ARG K 120 1.87 -24.08 -5.33
N HIS K 121 0.77 -24.26 -4.59
CA HIS K 121 -0.55 -24.33 -5.21
C HIS K 121 -0.85 -23.03 -5.96
N LEU K 122 -0.58 -21.89 -5.34
CA LEU K 122 -0.81 -20.60 -5.99
C LEU K 122 0.02 -20.45 -7.25
N ASP K 123 1.33 -20.74 -7.16
CA ASP K 123 2.23 -20.53 -8.30
C ASP K 123 1.80 -21.37 -9.50
N ILE K 124 1.50 -22.65 -9.28
CA ILE K 124 1.11 -23.52 -10.40
C ILE K 124 -0.22 -23.04 -11.00
N SER K 125 -1.14 -22.60 -10.15
CA SER K 125 -2.43 -22.11 -10.64
C SER K 125 -2.24 -20.89 -11.54
N ARG K 126 -1.38 -19.96 -11.13
CA ARG K 126 -1.11 -18.79 -11.96
C ARG K 126 -0.42 -19.17 -13.26
N GLU K 127 0.44 -20.20 -13.21
CA GLU K 127 1.17 -20.62 -14.39
C GLU K 127 0.24 -21.24 -15.43
N LEU K 128 -0.76 -22.00 -14.98
CA LEU K 128 -1.71 -22.64 -15.87
C LEU K 128 -2.91 -21.76 -16.17
N ASN K 129 -2.95 -20.53 -15.64
CA ASN K 129 -4.08 -19.62 -15.81
C ASN K 129 -5.38 -20.23 -15.30
N ASP K 130 -5.29 -21.01 -14.21
CA ASP K 130 -6.45 -21.61 -13.58
C ASP K 130 -6.98 -20.63 -12.54
N LYS K 131 -7.99 -19.85 -12.92
CA LYS K 131 -8.44 -18.76 -12.06
C LYS K 131 -9.19 -19.28 -10.84
N VAL K 132 -9.96 -20.35 -10.99
CA VAL K 132 -10.65 -20.93 -9.84
C VAL K 132 -9.65 -21.54 -8.88
N GLY K 133 -8.59 -22.16 -9.40
CA GLY K 133 -7.55 -22.70 -8.55
C GLY K 133 -6.75 -21.60 -7.88
N GLU K 134 -6.51 -20.51 -8.61
CA GLU K 134 -5.78 -19.38 -8.04
C GLU K 134 -6.54 -18.81 -6.85
N ALA K 135 -7.86 -18.64 -7.00
CA ALA K 135 -8.69 -18.14 -5.92
C ALA K 135 -8.65 -19.07 -4.70
N ARG K 136 -8.80 -20.38 -4.92
CA ARG K 136 -8.78 -21.31 -3.79
C ARG K 136 -7.44 -21.31 -3.09
N ALA K 137 -6.34 -21.12 -3.84
CA ALA K 137 -5.03 -21.05 -3.20
C ALA K 137 -4.89 -19.78 -2.37
N LEU K 138 -5.43 -18.67 -2.86
CA LEU K 138 -5.41 -17.42 -2.09
C LEU K 138 -6.18 -17.58 -0.79
N TYR K 139 -7.35 -18.20 -0.85
CA TYR K 139 -8.14 -18.47 0.35
C TYR K 139 -7.38 -19.36 1.33
N ASN K 140 -6.69 -20.38 0.82
CA ASN K 140 -5.92 -21.27 1.67
C ASN K 140 -4.80 -20.51 2.37
N LEU K 141 -4.08 -19.68 1.62
CA LEU K 141 -2.98 -18.92 2.21
C LEU K 141 -3.50 -17.97 3.29
N GLY K 142 -4.64 -17.32 3.02
CA GLY K 142 -5.26 -16.49 4.05
C GLY K 142 -5.57 -17.28 5.30
N ASN K 143 -6.10 -18.49 5.13
CA ASN K 143 -6.43 -19.33 6.28
C ASN K 143 -5.20 -19.70 7.08
N VAL K 144 -4.08 -20.00 6.40
CA VAL K 144 -2.89 -20.44 7.12
C VAL K 144 -2.33 -19.30 7.97
N TYR K 145 -2.21 -18.11 7.37
CA TYR K 145 -1.70 -16.97 8.13
C TYR K 145 -2.66 -16.58 9.24
N HIS K 146 -3.97 -16.74 9.01
CA HIS K 146 -4.95 -16.47 10.05
C HIS K 146 -4.72 -17.41 11.24
N ALA K 147 -4.47 -18.69 10.95
CA ALA K 147 -4.24 -19.66 12.01
C ALA K 147 -2.90 -19.42 12.69
N LYS K 148 -1.87 -19.05 11.91
CA LYS K 148 -0.57 -18.78 12.50
C LYS K 148 -0.65 -17.61 13.47
N GLY K 149 -1.33 -16.54 13.07
CA GLY K 149 -1.50 -15.41 13.96
C GLY K 149 -2.29 -15.75 15.20
N LYS K 150 -3.28 -16.64 15.06
CA LYS K 150 -4.12 -17.03 16.18
C LYS K 150 -3.39 -17.95 17.16
N SER K 151 -2.35 -18.65 16.71
CA SER K 151 -1.65 -19.57 17.60
C SER K 151 -0.67 -18.89 18.53
N PHE K 152 -0.49 -17.58 18.44
CA PHE K 152 0.40 -16.85 19.35
C PHE K 152 -0.36 -15.98 20.36
N GLY K 153 -1.50 -15.43 19.96
CA GLY K 153 -2.33 -14.65 20.87
C GLY K 153 -3.11 -15.53 21.84
N CYS K 154 -2.41 -16.03 22.87
CA CYS K 154 -3.01 -16.90 23.88
C CYS K 154 -3.27 -16.13 25.17
N PRO K 155 -2.43 -15.11 25.53
CA PRO K 155 -2.88 -14.09 26.49
C PRO K 155 -3.67 -12.95 25.87
N GLY K 156 -4.69 -13.30 25.07
CA GLY K 156 -5.74 -12.36 24.71
C GLY K 156 -6.06 -12.17 23.24
N PRO K 157 -7.36 -11.93 22.93
CA PRO K 157 -7.81 -11.48 21.60
C PRO K 157 -7.60 -9.98 21.42
N GLN K 158 -6.33 -9.66 21.23
CA GLN K 158 -5.74 -8.37 21.51
C GLN K 158 -6.40 -7.15 20.88
N ASP K 159 -6.69 -6.17 21.74
CA ASP K 159 -7.13 -4.83 21.36
C ASP K 159 -6.89 -3.89 22.53
N VAL K 160 -6.11 -2.83 22.30
CA VAL K 160 -5.57 -1.91 23.30
C VAL K 160 -4.73 -2.66 24.32
N GLY K 161 -3.42 -2.53 24.23
CA GLY K 161 -2.53 -3.21 25.15
C GLY K 161 -1.47 -4.02 24.44
N GLU K 162 -1.36 -3.85 23.11
CA GLU K 162 -0.25 -4.32 22.27
C GLU K 162 -0.34 -5.79 21.87
N PHE K 163 0.23 -6.11 20.70
CA PHE K 163 0.58 -7.39 20.10
C PHE K 163 1.99 -7.40 19.54
N PRO K 164 2.74 -8.48 19.78
CA PRO K 164 4.11 -8.62 19.24
C PRO K 164 4.17 -8.82 17.73
N GLU K 165 4.80 -7.86 17.04
CA GLU K 165 5.25 -7.88 15.63
C GLU K 165 4.88 -9.09 14.80
N GLU K 166 5.33 -10.27 15.21
CA GLU K 166 5.07 -11.48 14.45
C GLU K 166 3.58 -11.71 14.23
N VAL K 167 2.76 -11.42 15.25
CA VAL K 167 1.32 -11.67 15.14
C VAL K 167 0.68 -10.69 14.18
N ARG K 168 1.01 -9.41 14.31
CA ARG K 168 0.44 -8.40 13.43
C ARG K 168 0.81 -8.66 11.98
N ASP K 169 2.07 -9.03 11.74
CA ASP K 169 2.51 -9.32 10.38
C ASP K 169 1.74 -10.48 9.77
N ALA K 170 1.50 -11.54 10.56
CA ALA K 170 0.79 -12.68 10.03
C ALA K 170 -0.67 -12.35 9.74
N LEU K 171 -1.32 -11.62 10.65
CA LEU K 171 -2.71 -11.24 10.44
C LEU K 171 -2.86 -10.29 9.27
N GLN K 172 -1.91 -9.35 9.11
CA GLN K 172 -1.97 -8.44 7.97
C GLN K 172 -1.78 -9.19 6.65
N ALA K 173 -0.93 -10.23 6.66
CA ALA K 173 -0.76 -11.05 5.47
C ALA K 173 -2.06 -11.77 5.14
N ALA K 174 -2.78 -12.22 6.17
CA ALA K 174 -4.07 -12.87 5.94
C ALA K 174 -5.06 -11.91 5.32
N VAL K 175 -5.06 -10.65 5.78
CA VAL K 175 -5.97 -9.64 5.24
C VAL K 175 -5.69 -9.45 3.75
N ASP K 176 -4.41 -9.35 3.40
CA ASP K 176 -4.01 -9.17 2.00
C ASP K 176 -4.49 -10.32 1.13
N PHE K 177 -4.24 -11.56 1.58
CA PHE K 177 -4.67 -12.73 0.81
C PHE K 177 -6.19 -12.80 0.69
N TYR K 178 -6.91 -12.54 1.78
CA TYR K 178 -8.37 -12.59 1.70
C TYR K 178 -8.91 -11.55 0.75
N GLU K 179 -8.33 -10.35 0.75
CA GLU K 179 -8.82 -9.30 -0.15
C GLU K 179 -8.49 -9.64 -1.60
N GLU K 180 -7.32 -10.24 -1.84
CA GLU K 180 -7.01 -10.71 -3.19
C GLU K 180 -7.99 -11.80 -3.62
N ASN K 181 -8.27 -12.75 -2.73
CA ASN K 181 -9.29 -13.76 -3.01
C ASN K 181 -10.64 -13.10 -3.31
N LEU K 182 -11.05 -12.16 -2.46
CA LEU K 182 -12.32 -11.46 -2.66
C LEU K 182 -12.39 -10.80 -4.04
N SER K 183 -11.30 -10.13 -4.45
CA SER K 183 -11.29 -9.47 -5.75
C SER K 183 -11.50 -10.46 -6.88
N LEU K 184 -10.78 -11.60 -6.83
CA LEU K 184 -10.91 -12.59 -7.90
C LEU K 184 -12.26 -13.30 -7.84
N VAL K 185 -12.79 -13.51 -6.63
CA VAL K 185 -14.05 -14.22 -6.48
C VAL K 185 -15.21 -13.34 -6.92
N THR K 186 -15.17 -12.05 -6.59
CA THR K 186 -16.22 -11.14 -7.05
C THR K 186 -16.21 -11.02 -8.56
N ALA K 187 -15.02 -11.10 -9.18
CA ALA K 187 -14.94 -11.04 -10.64
C ALA K 187 -15.48 -12.32 -11.28
N LEU K 188 -15.29 -13.47 -10.63
CA LEU K 188 -15.86 -14.70 -11.17
C LEU K 188 -17.33 -14.87 -10.84
N GLY K 189 -17.89 -14.02 -9.99
CA GLY K 189 -19.30 -14.08 -9.64
C GLY K 189 -19.69 -15.27 -8.79
N ASP K 190 -18.83 -15.69 -7.88
CA ASP K 190 -19.09 -16.83 -6.99
C ASP K 190 -19.54 -16.26 -5.65
N ARG K 191 -20.86 -16.20 -5.46
CA ARG K 191 -21.41 -15.57 -4.24
C ARG K 191 -21.07 -16.37 -2.99
N ALA K 192 -21.07 -17.71 -3.09
CA ALA K 192 -20.73 -18.54 -1.95
C ALA K 192 -19.32 -18.25 -1.44
N ALA K 193 -18.35 -18.22 -2.37
CA ALA K 193 -16.97 -17.94 -1.99
C ALA K 193 -16.82 -16.51 -1.48
N GLN K 194 -17.63 -15.58 -1.99
CA GLN K 194 -17.60 -14.22 -1.46
C GLN K 194 -18.01 -14.20 0.01
N GLY K 195 -19.04 -14.96 0.35
CA GLY K 195 -19.46 -15.04 1.74
C GLY K 195 -18.36 -15.57 2.64
N ARG K 196 -17.72 -16.67 2.22
CA ARG K 196 -16.69 -17.26 3.06
C ARG K 196 -15.54 -16.28 3.25
N ALA K 197 -15.18 -15.55 2.19
CA ALA K 197 -14.13 -14.54 2.29
C ALA K 197 -14.48 -13.42 3.26
N PHE K 198 -15.71 -12.89 3.17
CA PHE K 198 -16.12 -11.80 4.05
C PHE K 198 -16.06 -12.23 5.52
N GLY K 199 -16.51 -13.45 5.82
CA GLY K 199 -16.46 -13.93 7.19
C GLY K 199 -15.06 -13.96 7.77
N ASN K 200 -14.14 -14.61 7.05
CA ASN K 200 -12.77 -14.73 7.55
C ASN K 200 -12.06 -13.38 7.54
N LEU K 201 -12.35 -12.53 6.56
CA LEU K 201 -11.78 -11.18 6.57
C LEU K 201 -12.25 -10.43 7.81
N GLY K 202 -13.53 -10.55 8.14
CA GLY K 202 -14.07 -9.87 9.31
C GLY K 202 -13.44 -10.33 10.61
N ASN K 203 -13.26 -11.65 10.75
CA ASN K 203 -12.62 -12.18 11.97
C ASN K 203 -11.15 -11.81 12.05
N THR K 204 -10.48 -11.62 10.92
CA THR K 204 -9.08 -11.23 10.97
C THR K 204 -8.95 -9.78 11.42
N HIS K 205 -9.80 -8.90 10.87
CA HIS K 205 -9.83 -7.52 11.34
C HIS K 205 -10.19 -7.46 12.82
N TYR K 206 -11.06 -8.36 13.27
CA TYR K 206 -11.46 -8.39 14.67
C TYR K 206 -10.26 -8.70 15.57
N LEU K 207 -9.43 -9.65 15.17
CA LEU K 207 -8.25 -9.97 15.98
C LEU K 207 -7.23 -8.85 15.91
N LEU K 208 -7.14 -8.17 14.76
CA LEU K 208 -6.18 -7.09 14.60
C LEU K 208 -6.56 -5.86 15.41
N GLY K 209 -7.83 -5.70 15.76
CA GLY K 209 -8.30 -4.50 16.42
C GLY K 209 -8.97 -3.51 15.51
N ASN K 210 -9.20 -3.87 14.25
CA ASN K 210 -9.84 -2.98 13.28
C ASN K 210 -11.34 -3.27 13.27
N PHE K 211 -12.00 -2.85 14.35
CA PHE K 211 -13.36 -3.32 14.61
C PHE K 211 -14.36 -2.76 13.60
N ARG K 212 -14.17 -1.52 13.16
CA ARG K 212 -15.11 -0.97 12.18
C ARG K 212 -15.06 -1.73 10.87
N ASP K 213 -13.85 -2.08 10.41
CA ASP K 213 -13.73 -2.89 9.20
C ASP K 213 -14.31 -4.28 9.42
N ALA K 214 -14.22 -4.80 10.64
CA ALA K 214 -14.79 -6.11 10.93
C ALA K 214 -16.30 -6.08 10.80
N VAL K 215 -16.93 -5.04 11.37
CA VAL K 215 -18.38 -4.88 11.25
C VAL K 215 -18.79 -4.85 9.79
N ILE K 216 -18.10 -4.05 8.98
CA ILE K 216 -18.45 -3.93 7.56
C ILE K 216 -18.38 -5.29 6.87
N ALA K 217 -17.31 -6.05 7.13
CA ALA K 217 -17.17 -7.35 6.47
C ALA K 217 -18.25 -8.33 6.92
N HIS K 218 -18.56 -8.36 8.21
CA HIS K 218 -19.58 -9.29 8.70
C HIS K 218 -20.98 -8.89 8.25
N GLU K 219 -21.23 -7.59 8.05
CA GLU K 219 -22.51 -7.17 7.50
C GLU K 219 -22.69 -7.72 6.09
N GLN K 220 -21.60 -7.76 5.32
CA GLN K 220 -21.65 -8.37 3.99
C GLN K 220 -21.86 -9.87 4.08
N ARG K 221 -21.23 -10.53 5.06
CA ARG K 221 -21.46 -11.96 5.26
C ARG K 221 -22.92 -12.22 5.61
N LEU K 222 -23.51 -11.35 6.42
CA LEU K 222 -24.90 -11.48 6.81
C LEU K 222 -25.81 -11.38 5.59
N LEU K 223 -25.57 -10.38 4.74
CA LEU K 223 -26.40 -10.20 3.55
C LEU K 223 -26.32 -11.40 2.63
N ILE K 224 -25.11 -11.95 2.43
CA ILE K 224 -24.97 -13.11 1.57
C ILE K 224 -25.60 -14.35 2.20
N ALA K 225 -25.51 -14.47 3.52
CA ALA K 225 -26.14 -15.60 4.21
C ALA K 225 -27.66 -15.58 4.03
N LYS K 226 -28.25 -14.39 4.09
CA LYS K 226 -29.69 -14.25 3.84
C LYS K 226 -30.02 -14.64 2.40
N GLU K 227 -29.18 -14.23 1.45
CA GLU K 227 -29.40 -14.53 0.03
C GLU K 227 -29.49 -16.04 -0.21
N PHE K 228 -28.66 -16.81 0.48
CA PHE K 228 -28.63 -18.26 0.34
C PHE K 228 -29.56 -18.95 1.33
N GLY K 229 -30.21 -18.21 2.23
CA GLY K 229 -31.04 -18.83 3.24
C GLY K 229 -30.29 -19.72 4.20
N ASP K 230 -28.98 -19.54 4.31
CA ASP K 230 -28.13 -20.32 5.20
C ASP K 230 -28.25 -19.78 6.62
N LYS K 231 -29.17 -20.38 7.39
CA LYS K 231 -29.38 -19.94 8.77
C LYS K 231 -28.13 -20.11 9.63
N ALA K 232 -27.34 -21.16 9.38
CA ALA K 232 -26.14 -21.37 10.17
C ALA K 232 -25.15 -20.22 9.98
N ALA K 233 -24.90 -19.85 8.72
CA ALA K 233 -24.03 -18.71 8.43
C ALA K 233 -24.62 -17.41 8.97
N GLU K 234 -25.94 -17.27 8.90
CA GLU K 234 -26.59 -16.08 9.43
C GLU K 234 -26.32 -15.96 10.93
N ARG K 235 -26.38 -17.08 11.65
CA ARG K 235 -26.12 -17.06 13.09
C ARG K 235 -24.66 -16.74 13.38
N ARG K 236 -23.73 -17.25 12.55
CA ARG K 236 -22.33 -16.92 12.75
C ARG K 236 -22.09 -15.43 12.57
N ALA K 237 -22.70 -14.84 11.54
CA ALA K 237 -22.57 -13.40 11.32
C ALA K 237 -23.11 -12.60 12.49
N TYR K 238 -24.28 -12.99 13.01
CA TYR K 238 -24.85 -12.30 14.17
C TYR K 238 -23.89 -12.37 15.36
N SER K 239 -23.25 -13.52 15.56
CA SER K 239 -22.37 -13.69 16.70
C SER K 239 -21.12 -12.83 16.55
N ASN K 240 -20.53 -12.84 15.35
CA ASN K 240 -19.33 -12.03 15.11
C ASN K 240 -19.63 -10.54 15.23
N LEU K 241 -20.82 -10.13 14.80
CA LEU K 241 -21.20 -8.72 14.90
C LEU K 241 -21.31 -8.29 16.35
N GLY K 242 -21.97 -9.12 17.18
CA GLY K 242 -22.05 -8.82 18.61
C GLY K 242 -20.68 -8.68 19.25
N ASN K 243 -19.78 -9.60 18.93
CA ASN K 243 -18.42 -9.55 19.47
C ASN K 243 -17.76 -8.22 19.14
N ALA K 244 -17.90 -7.77 17.89
CA ALA K 244 -17.22 -6.55 17.45
C ALA K 244 -17.81 -5.32 18.13
N TYR K 245 -19.13 -5.26 18.27
CA TYR K 245 -19.76 -4.11 18.90
C TYR K 245 -19.39 -4.01 20.37
N ILE K 246 -19.12 -5.14 21.03
CA ILE K 246 -18.62 -5.10 22.41
C ILE K 246 -17.32 -4.30 22.48
N PHE K 247 -16.37 -4.60 21.59
CA PHE K 247 -15.08 -3.93 21.62
C PHE K 247 -15.15 -2.49 21.12
N LEU K 248 -16.20 -2.13 20.40
CA LEU K 248 -16.39 -0.75 20.03
C LEU K 248 -16.93 0.07 21.19
N GLY K 249 -17.57 -0.59 22.14
CA GLY K 249 -18.14 0.06 23.31
C GLY K 249 -19.64 0.27 23.22
N GLU K 250 -20.27 -0.15 22.14
CA GLU K 250 -21.71 0.01 21.95
C GLU K 250 -22.42 -1.26 22.41
N PHE K 251 -22.60 -1.35 23.73
CA PHE K 251 -23.11 -2.59 24.32
C PHE K 251 -24.58 -2.82 23.99
N GLU K 252 -25.37 -1.75 23.88
CA GLU K 252 -26.78 -1.91 23.50
C GLU K 252 -26.91 -2.57 22.13
N THR K 253 -26.15 -2.08 21.15
CA THR K 253 -26.18 -2.71 19.83
C THR K 253 -25.75 -4.16 19.91
N ALA K 254 -24.72 -4.44 20.72
CA ALA K 254 -24.23 -5.81 20.84
C ALA K 254 -25.30 -6.74 21.40
N SER K 255 -26.05 -6.27 22.40
CA SER K 255 -27.08 -7.12 23.00
C SER K 255 -28.11 -7.55 21.97
N GLU K 256 -28.52 -6.64 21.08
CA GLU K 256 -29.52 -6.99 20.08
C GLU K 256 -28.98 -7.96 19.04
N TYR K 257 -27.67 -7.92 18.74
CA TYR K 257 -27.12 -8.96 17.87
C TYR K 257 -27.02 -10.30 18.58
N TYR K 258 -26.66 -10.31 19.87
CA TYR K 258 -26.62 -11.58 20.59
C TYR K 258 -28.03 -12.13 20.78
N LYS K 259 -29.02 -11.25 20.89
CA LYS K 259 -30.41 -11.70 20.97
C LYS K 259 -30.82 -12.42 19.69
N LYS K 260 -30.37 -11.90 18.53
CA LYS K 260 -30.71 -12.55 17.27
C LYS K 260 -30.01 -13.89 17.12
N THR K 261 -28.82 -14.04 17.70
CA THR K 261 -28.17 -15.36 17.72
C THR K 261 -29.00 -16.34 18.54
N LEU K 262 -29.53 -15.88 19.67
CA LEU K 262 -30.32 -16.74 20.53
C LEU K 262 -31.61 -17.16 19.84
N LEU K 263 -32.26 -16.24 19.13
CA LEU K 263 -33.46 -16.58 18.37
C LEU K 263 -33.21 -17.72 17.39
N LEU K 264 -32.17 -17.59 16.57
CA LEU K 264 -31.85 -18.64 15.60
C LEU K 264 -31.35 -19.90 16.28
N ALA K 265 -30.69 -19.78 17.44
CA ALA K 265 -30.23 -20.97 18.14
C ALA K 265 -31.41 -21.77 18.69
N ARG K 266 -32.42 -21.08 19.22
CA ARG K 266 -33.63 -21.76 19.70
C ARG K 266 -34.42 -22.39 18.58
N GLN K 267 -34.41 -21.80 17.38
CA GLN K 267 -35.16 -22.38 16.27
C GLN K 267 -34.43 -23.58 15.66
N LEU K 268 -33.10 -23.57 15.68
CA LEU K 268 -32.34 -24.72 15.24
C LEU K 268 -32.24 -25.78 16.31
N LYS K 269 -32.75 -25.49 17.52
CA LYS K 269 -32.69 -26.38 18.68
C LYS K 269 -31.26 -26.81 18.98
N ASP K 270 -30.32 -25.89 18.78
CA ASP K 270 -28.92 -26.12 19.10
C ASP K 270 -28.70 -25.65 20.53
N ARG K 271 -28.67 -26.61 21.47
CA ARG K 271 -28.55 -26.25 22.88
C ARG K 271 -27.19 -25.63 23.18
N ALA K 272 -26.14 -26.11 22.50
CA ALA K 272 -24.79 -25.62 22.77
C ALA K 272 -24.65 -24.15 22.35
N VAL K 273 -25.07 -23.83 21.13
CA VAL K 273 -25.05 -22.44 20.67
C VAL K 273 -25.99 -21.60 21.52
N GLU K 274 -27.12 -22.18 21.93
CA GLU K 274 -28.07 -21.45 22.77
C GLU K 274 -27.43 -21.04 24.09
N ALA K 275 -26.60 -21.91 24.65
CA ALA K 275 -25.96 -21.62 25.93
C ALA K 275 -24.89 -20.55 25.77
N GLN K 276 -24.08 -20.67 24.72
CA GLN K 276 -23.07 -19.68 24.41
C GLN K 276 -23.70 -18.30 24.19
N SER K 277 -24.89 -18.27 23.60
CA SER K 277 -25.59 -17.00 23.40
C SER K 277 -26.01 -16.39 24.72
N CYS K 278 -26.55 -17.22 25.62
CA CYS K 278 -26.95 -16.73 26.94
C CYS K 278 -25.75 -16.21 27.72
N TYR K 279 -24.61 -16.89 27.59
CA TYR K 279 -23.42 -16.45 28.30
C TYR K 279 -22.94 -15.10 27.78
N SER K 280 -23.00 -14.90 26.46
CA SER K 280 -22.62 -13.61 25.91
C SER K 280 -23.58 -12.52 26.36
N LEU K 281 -24.88 -12.85 26.42
CA LEU K 281 -25.85 -11.87 26.90
C LEU K 281 -25.61 -11.53 28.36
N GLY K 282 -25.23 -12.53 29.16
CA GLY K 282 -24.93 -12.28 30.57
C GLY K 282 -23.79 -11.30 30.74
N ASN K 283 -22.73 -11.46 29.95
CA ASN K 283 -21.60 -10.54 30.01
C ASN K 283 -21.96 -9.17 29.45
N THR K 284 -22.86 -9.12 28.45
CA THR K 284 -23.25 -7.83 27.88
C THR K 284 -23.99 -6.98 28.91
N TYR K 285 -25.01 -7.55 29.54
CA TYR K 285 -25.71 -6.85 30.61
C TYR K 285 -24.83 -6.58 31.81
N THR K 286 -23.77 -7.35 32.03
CA THR K 286 -22.81 -6.99 33.07
C THR K 286 -22.11 -5.70 32.70
N LEU K 287 -21.72 -5.56 31.43
CA LEU K 287 -21.11 -4.32 30.96
C LEU K 287 -22.10 -3.16 31.03
N LEU K 288 -23.38 -3.43 30.81
CA LEU K 288 -24.39 -2.39 30.95
C LEU K 288 -24.76 -2.15 32.40
N GLN K 289 -24.19 -2.94 33.32
CA GLN K 289 -24.37 -2.82 34.76
C GLN K 289 -25.79 -3.14 35.20
N ASP K 290 -26.54 -3.88 34.38
CA ASP K 290 -27.88 -4.33 34.72
C ASP K 290 -27.72 -5.76 35.24
N TYR K 291 -27.27 -5.87 36.49
CA TYR K 291 -26.83 -7.15 37.02
C TYR K 291 -27.99 -8.12 37.19
N GLU K 292 -29.22 -7.62 37.34
CA GLU K 292 -30.39 -8.49 37.44
C GLU K 292 -30.59 -9.27 36.14
N LYS K 293 -30.56 -8.58 35.00
CA LYS K 293 -30.65 -9.26 33.71
C LYS K 293 -29.44 -10.14 33.46
N ALA K 294 -28.26 -9.75 33.96
CA ALA K 294 -27.08 -10.58 33.77
C ALA K 294 -27.24 -11.92 34.48
N ILE K 295 -27.78 -11.90 35.70
CA ILE K 295 -28.00 -13.13 36.43
C ILE K 295 -29.00 -14.02 35.71
N ASP K 296 -30.06 -13.42 35.16
CA ASP K 296 -31.07 -14.19 34.43
C ASP K 296 -30.45 -15.00 33.30
N TYR K 297 -29.62 -14.35 32.46
CA TYR K 297 -29.03 -15.07 31.33
C TYR K 297 -27.94 -16.04 31.78
N HIS K 298 -27.15 -15.66 32.80
CA HIS K 298 -26.14 -16.60 33.28
C HIS K 298 -26.76 -17.83 33.90
N LEU K 299 -27.97 -17.70 34.45
CA LEU K 299 -28.67 -18.89 34.97
C LEU K 299 -29.14 -19.77 33.84
N LYS K 300 -29.69 -19.17 32.78
CA LYS K 300 -30.12 -19.93 31.62
C LYS K 300 -28.95 -20.69 31.01
N HIS K 301 -27.77 -20.07 30.99
CA HIS K 301 -26.57 -20.75 30.52
C HIS K 301 -26.21 -21.90 31.45
N LEU K 302 -26.32 -21.67 32.77
CA LEU K 302 -25.97 -22.70 33.74
C LEU K 302 -26.84 -23.95 33.56
N ALA K 303 -28.14 -23.75 33.37
CA ALA K 303 -29.06 -24.89 33.27
C ALA K 303 -28.75 -25.73 32.03
N ILE K 304 -28.49 -25.08 30.89
CA ILE K 304 -28.14 -25.84 29.69
C ILE K 304 -26.79 -26.54 29.89
N ALA K 305 -25.88 -25.90 30.60
CA ALA K 305 -24.58 -26.51 30.86
C ALA K 305 -24.72 -27.77 31.69
N GLN K 306 -25.55 -27.72 32.73
CA GLN K 306 -25.80 -28.91 33.54
C GLN K 306 -26.49 -29.99 32.71
N GLU K 307 -27.38 -29.59 31.80
CA GLU K 307 -28.03 -30.54 30.90
C GLU K 307 -27.01 -31.27 30.04
N LEU K 308 -26.17 -30.52 29.33
CA LEU K 308 -25.17 -31.11 28.45
C LEU K 308 -23.99 -31.70 29.23
N ASN K 309 -24.05 -31.69 30.57
CA ASN K 309 -22.95 -32.14 31.44
C ASN K 309 -21.63 -31.46 31.10
N ASP K 310 -21.69 -30.23 30.60
CA ASP K 310 -20.48 -29.44 30.36
C ASP K 310 -19.97 -28.90 31.67
N ARG K 311 -19.07 -29.66 32.31
CA ARG K 311 -18.56 -29.30 33.62
C ARG K 311 -17.71 -28.03 33.57
N ILE K 312 -16.97 -27.83 32.48
CA ILE K 312 -16.15 -26.62 32.34
C ILE K 312 -17.04 -25.38 32.33
N GLY K 313 -18.05 -25.36 31.46
CA GLY K 313 -18.96 -24.23 31.40
C GLY K 313 -19.76 -24.01 32.66
N GLU K 314 -19.96 -25.06 33.45
CA GLU K 314 -20.64 -24.90 34.74
C GLU K 314 -19.81 -24.01 35.66
N GLY K 315 -18.49 -24.25 35.71
CA GLY K 315 -17.64 -23.42 36.53
C GLY K 315 -17.60 -21.99 36.05
N ARG K 316 -17.68 -21.80 34.72
CA ARG K 316 -17.67 -20.44 34.19
C ARG K 316 -18.92 -19.69 34.63
N ALA K 317 -20.06 -20.37 34.66
CA ALA K 317 -21.30 -19.74 35.11
C ALA K 317 -21.25 -19.44 36.59
N CYS K 318 -20.68 -20.37 37.39
CA CYS K 318 -20.61 -20.15 38.83
C CYS K 318 -19.78 -18.93 39.17
N TRP K 319 -18.62 -18.78 38.51
CA TRP K 319 -17.78 -17.62 38.80
C TRP K 319 -18.48 -16.33 38.41
N SER K 320 -19.13 -16.32 37.24
CA SER K 320 -19.84 -15.13 36.78
C SER K 320 -21.00 -14.79 37.71
N LEU K 321 -21.77 -15.79 38.10
CA LEU K 321 -22.90 -15.57 39.01
C LEU K 321 -22.44 -15.03 40.35
N GLY K 322 -21.35 -15.58 40.88
CA GLY K 322 -20.79 -15.06 42.12
C GLY K 322 -20.51 -13.57 42.06
N ASN K 323 -19.90 -13.13 40.95
CA ASN K 323 -19.53 -11.72 40.83
C ASN K 323 -20.73 -10.85 40.48
N ALA K 324 -21.72 -11.40 39.79
CA ALA K 324 -22.96 -10.66 39.56
C ALA K 324 -23.73 -10.45 40.85
N TYR K 325 -23.85 -11.51 41.65
CA TYR K 325 -24.55 -11.38 42.93
C TYR K 325 -23.78 -10.45 43.87
N THR K 326 -22.45 -10.48 43.80
CA THR K 326 -21.65 -9.58 44.62
C THR K 326 -21.88 -8.13 44.24
N ALA K 327 -22.07 -7.85 42.95
CA ALA K 327 -22.33 -6.49 42.52
C ALA K 327 -23.70 -6.02 42.95
N LEU K 328 -24.61 -6.94 43.26
CA LEU K 328 -25.93 -6.58 43.76
C LEU K 328 -25.96 -6.51 45.29
N GLY K 329 -25.17 -7.34 45.97
CA GLY K 329 -25.09 -7.33 47.42
C GLY K 329 -25.56 -8.60 48.09
N ASN K 330 -26.05 -9.58 47.32
CA ASN K 330 -26.48 -10.88 47.84
C ASN K 330 -25.26 -11.69 48.29
N HIS K 331 -24.80 -11.42 49.51
CA HIS K 331 -23.56 -12.08 49.95
C HIS K 331 -23.78 -13.57 50.19
N ASP K 332 -25.00 -13.98 50.55
CA ASP K 332 -25.24 -15.40 50.78
C ASP K 332 -25.28 -16.17 49.47
N GLN K 333 -25.95 -15.62 48.46
CA GLN K 333 -26.00 -16.28 47.16
C GLN K 333 -24.63 -16.26 46.48
N ALA K 334 -23.87 -15.19 46.68
CA ALA K 334 -22.52 -15.13 46.13
C ALA K 334 -21.65 -16.22 46.74
N MET K 335 -21.73 -16.40 48.06
CA MET K 335 -20.93 -17.45 48.71
C MET K 335 -21.30 -18.84 48.20
N HIS K 336 -22.55 -19.03 47.77
CA HIS K 336 -22.96 -20.34 47.31
C HIS K 336 -22.26 -20.68 45.99
N PHE K 337 -22.31 -19.76 45.03
CA PHE K 337 -21.70 -20.03 43.73
C PHE K 337 -20.19 -19.99 43.80
N ALA K 338 -19.61 -19.23 44.75
CA ALA K 338 -18.16 -19.25 44.89
C ALA K 338 -17.69 -20.61 45.39
N GLU K 339 -18.49 -21.24 46.25
CA GLU K 339 -18.19 -22.61 46.69
C GLU K 339 -18.31 -23.57 45.52
N LYS K 340 -19.38 -23.44 44.73
CA LYS K 340 -19.53 -24.28 43.56
C LYS K 340 -18.41 -24.03 42.56
N HIS K 341 -17.91 -22.79 42.49
CA HIS K 341 -16.78 -22.52 41.62
C HIS K 341 -15.53 -23.25 42.11
N LEU K 342 -15.29 -23.24 43.43
CA LEU K 342 -14.16 -23.97 43.98
C LEU K 342 -14.28 -25.46 43.71
N GLU K 343 -15.48 -26.01 43.87
CA GLU K 343 -15.68 -27.45 43.68
C GLU K 343 -15.39 -27.85 42.24
N ILE K 344 -15.99 -27.15 41.28
CA ILE K 344 -15.78 -27.48 39.87
C ILE K 344 -14.33 -27.28 39.49
N SER K 345 -13.72 -26.18 39.95
CA SER K 345 -12.33 -25.88 39.59
C SER K 345 -11.39 -26.99 40.03
N ARG K 346 -11.66 -27.59 41.19
CA ARG K 346 -10.89 -28.75 41.61
C ARG K 346 -11.15 -29.94 40.70
N GLU K 347 -12.42 -30.18 40.35
CA GLU K 347 -12.77 -31.41 39.64
C GLU K 347 -12.21 -31.42 38.22
N VAL K 348 -12.00 -30.25 37.62
CA VAL K 348 -11.57 -30.16 36.23
C VAL K 348 -10.10 -29.76 36.11
N GLY K 349 -9.42 -29.53 37.23
CA GLY K 349 -8.02 -29.20 37.20
C GLY K 349 -7.72 -27.77 36.84
N ASP K 350 -8.72 -26.88 36.92
CA ASP K 350 -8.47 -25.46 36.66
C ASP K 350 -7.73 -24.86 37.86
N LYS K 351 -6.40 -24.91 37.84
CA LYS K 351 -5.61 -24.46 38.99
C LYS K 351 -5.79 -22.97 39.20
N SER K 352 -5.90 -22.21 38.11
CA SER K 352 -6.15 -20.78 38.23
C SER K 352 -7.48 -20.52 38.93
N GLY K 353 -8.54 -21.20 38.49
CA GLY K 353 -9.85 -20.99 39.09
C GLY K 353 -9.91 -21.36 40.55
N GLU K 354 -9.19 -22.42 40.93
CA GLU K 354 -9.23 -22.89 42.32
C GLU K 354 -8.67 -21.82 43.24
N LEU K 355 -7.56 -21.18 42.83
CA LEU K 355 -6.94 -20.16 43.67
C LEU K 355 -7.82 -18.92 43.74
N THR K 356 -8.51 -18.59 42.66
CA THR K 356 -9.40 -17.42 42.68
C THR K 356 -10.61 -17.66 43.57
N ALA K 357 -11.21 -18.85 43.49
CA ALA K 357 -12.37 -19.14 44.32
C ALA K 357 -12.02 -19.05 45.80
N ARG K 358 -10.79 -19.43 46.17
CA ARG K 358 -10.36 -19.27 47.55
C ARG K 358 -10.25 -17.81 47.92
N LEU K 359 -9.58 -17.01 47.07
CA LEU K 359 -9.46 -15.58 47.32
C LEU K 359 -10.83 -14.89 47.30
N ASN K 360 -11.82 -15.48 46.65
CA ASN K 360 -13.17 -14.92 46.65
C ASN K 360 -13.92 -15.21 47.94
N LEU K 361 -13.82 -16.43 48.45
CA LEU K 361 -14.57 -16.79 49.65
C LEU K 361 -14.01 -16.07 50.87
N SER K 362 -12.67 -15.95 50.95
CA SER K 362 -12.05 -15.20 52.03
C SER K 362 -12.66 -13.81 52.17
N ASP K 363 -12.79 -13.10 51.05
CA ASP K 363 -13.31 -11.73 51.09
C ASP K 363 -14.81 -11.72 51.37
N LEU K 364 -15.55 -12.61 50.72
CA LEU K 364 -17.00 -12.68 50.88
C LEU K 364 -17.40 -12.98 52.32
N GLN K 365 -16.62 -13.79 53.03
CA GLN K 365 -16.98 -14.15 54.40
C GLN K 365 -17.05 -12.93 55.31
N MET K 366 -16.21 -11.92 55.05
CA MET K 366 -16.10 -10.80 55.98
C MET K 366 -17.27 -9.82 55.90
N VAL K 367 -18.04 -9.81 54.82
CA VAL K 367 -19.29 -9.03 54.82
C VAL K 367 -20.51 -9.87 54.43
N ASP L 7 15.58 -7.94 15.10
CA ASP L 7 15.95 -8.26 16.48
C ASP L 7 14.87 -9.07 17.19
N TYR L 8 14.03 -8.36 17.95
CA TYR L 8 12.94 -8.93 18.74
C TYR L 8 13.56 -9.93 19.72
N GLY L 9 12.99 -11.11 19.92
CA GLY L 9 13.62 -12.08 20.80
C GLY L 9 14.92 -12.63 20.23
N ASN L 10 15.84 -13.01 21.14
CA ASN L 10 17.18 -13.43 20.77
C ASN L 10 17.41 -14.91 21.03
N SER L 11 17.92 -15.62 20.02
CA SER L 11 18.32 -17.02 20.07
C SER L 11 17.21 -17.85 20.68
N ALA L 12 17.52 -18.81 21.57
CA ALA L 12 16.49 -19.57 22.25
C ALA L 12 15.85 -18.82 23.42
N LEU L 13 16.52 -17.81 23.97
CA LEU L 13 16.00 -16.99 25.08
C LEU L 13 14.47 -16.96 25.09
N LEU L 14 13.84 -16.77 23.92
CA LEU L 14 12.40 -16.85 23.77
C LEU L 14 11.84 -18.28 23.78
N SER L 15 12.69 -19.30 23.89
CA SER L 15 12.27 -20.72 23.89
C SER L 15 11.83 -21.22 25.27
N LEU L 16 12.01 -20.41 26.34
CA LEU L 16 11.75 -20.90 27.69
C LEU L 16 10.35 -20.53 28.16
N PRO L 17 9.67 -21.49 28.77
CA PRO L 17 8.23 -21.35 29.11
C PRO L 17 7.75 -20.11 29.87
N GLY L 18 7.24 -19.10 29.16
CA GLY L 18 6.69 -17.86 29.74
C GLY L 18 7.61 -16.65 29.73
N TYR L 19 7.25 -15.59 29.00
CA TYR L 19 8.15 -14.45 28.87
C TYR L 19 7.42 -13.17 28.48
N ARG L 20 8.23 -12.12 28.19
CA ARG L 20 8.12 -10.86 27.44
C ARG L 20 7.90 -9.56 28.20
N PRO L 21 8.91 -8.64 28.20
CA PRO L 21 8.73 -7.35 28.91
C PRO L 21 8.16 -6.28 27.98
N THR L 22 8.02 -5.05 28.44
CA THR L 22 7.61 -3.93 27.61
C THR L 22 8.77 -2.98 27.37
N THR L 23 9.01 -2.62 26.12
CA THR L 23 10.08 -1.71 25.76
C THR L 23 9.54 -0.32 25.42
N PHE L 45 -12.50 -6.41 30.53
CA PHE L 45 -13.66 -7.23 30.28
C PHE L 45 -13.22 -8.58 29.66
N TYR L 46 -14.18 -9.48 29.48
CA TYR L 46 -14.02 -10.75 28.78
C TYR L 46 -15.31 -11.04 28.02
N MET L 47 -15.17 -11.45 26.76
CA MET L 47 -16.32 -11.61 25.85
C MET L 47 -16.49 -12.98 25.49
N GLY L 48 -16.02 -13.47 24.31
CA GLY L 48 -16.22 -14.82 23.82
C GLY L 48 -15.09 -15.28 22.92
N THR L 49 -15.46 -15.84 21.76
CA THR L 49 -14.47 -16.24 20.75
C THR L 49 -14.88 -15.65 19.41
N CYS L 50 -13.98 -15.80 18.43
CA CYS L 50 -14.14 -15.10 17.17
C CYS L 50 -15.05 -15.85 16.20
N GLN L 51 -15.18 -17.17 16.35
CA GLN L 51 -16.17 -17.95 15.60
C GLN L 51 -16.02 -17.89 14.10
N ASP L 52 -15.05 -18.63 13.55
CA ASP L 52 -14.63 -18.53 12.16
C ASP L 52 -15.61 -19.27 11.25
N GLU L 53 -15.26 -19.32 9.95
CA GLU L 53 -16.01 -19.95 8.88
C GLU L 53 -15.50 -21.39 8.67
N PRO L 54 -16.45 -22.31 8.48
CA PRO L 54 -16.10 -23.74 8.45
C PRO L 54 -15.20 -24.22 7.31
N GLU L 55 -15.43 -25.48 6.89
CA GLU L 55 -14.54 -26.22 6.03
C GLU L 55 -15.10 -26.50 4.64
N GLN L 56 -14.26 -26.30 3.63
CA GLN L 56 -14.56 -26.56 2.21
C GLN L 56 -14.24 -28.03 1.95
N LEU L 57 -15.23 -28.88 2.25
CA LEU L 57 -15.21 -30.30 1.95
C LEU L 57 -16.47 -30.55 1.17
N ASP L 58 -16.30 -30.77 -0.13
CA ASP L 58 -17.38 -30.96 -1.07
C ASP L 58 -17.03 -32.10 -2.01
N ASP L 59 -15.74 -32.43 -2.05
CA ASP L 59 -15.21 -33.44 -2.96
C ASP L 59 -15.67 -34.83 -2.52
N TRP L 60 -16.84 -35.24 -2.99
CA TRP L 60 -17.39 -36.58 -2.77
C TRP L 60 -17.90 -37.20 -4.06
N ASN L 61 -17.24 -36.91 -5.20
CA ASN L 61 -17.72 -37.42 -6.47
C ASN L 61 -16.60 -37.84 -7.42
N ARG L 62 -15.35 -37.81 -7.01
CA ARG L 62 -14.24 -37.96 -7.95
C ARG L 62 -14.09 -39.38 -8.46
N ILE L 63 -14.39 -40.39 -7.64
CA ILE L 63 -14.28 -41.77 -8.12
C ILE L 63 -15.39 -42.09 -9.11
N ALA L 64 -16.63 -41.76 -8.77
CA ALA L 64 -17.70 -42.01 -9.73
C ALA L 64 -17.56 -41.11 -10.94
N GLU L 65 -16.82 -40.02 -10.79
CA GLU L 65 -16.65 -39.01 -11.83
C GLU L 65 -15.53 -39.40 -12.79
N LEU L 66 -14.64 -40.29 -12.36
CA LEU L 66 -13.57 -40.78 -13.20
C LEU L 66 -13.98 -42.10 -13.82
N GLN L 67 -15.26 -42.43 -13.73
CA GLN L 67 -15.95 -43.43 -14.53
C GLN L 67 -16.61 -42.79 -15.74
N GLN L 68 -16.22 -41.55 -16.08
CA GLN L 68 -16.93 -40.73 -17.06
C GLN L 68 -16.85 -41.28 -18.47
N ARG L 69 -15.76 -42.01 -18.80
CA ARG L 69 -15.44 -42.51 -20.14
C ARG L 69 -15.98 -41.59 -21.23
N ASN L 70 -15.48 -40.36 -21.28
CA ASN L 70 -16.17 -39.24 -21.90
C ASN L 70 -15.37 -38.68 -23.07
N ARG L 71 -16.06 -38.43 -24.19
CA ARG L 71 -15.46 -37.95 -25.43
C ARG L 71 -15.19 -36.44 -25.45
N PRO M 2 -23.03 5.22 -23.31
CA PRO M 2 -22.87 5.68 -24.69
C PRO M 2 -21.50 6.29 -24.91
N LEU M 3 -21.02 6.38 -26.15
CA LEU M 3 -19.68 6.89 -26.35
C LEU M 3 -19.89 8.01 -27.36
N GLY M 4 -19.05 9.04 -27.34
CA GLY M 4 -19.32 10.17 -28.25
C GLY M 4 -18.61 10.08 -29.60
N SER M 5 -17.56 10.89 -29.79
CA SER M 5 -16.70 10.85 -30.97
C SER M 5 -15.29 10.51 -30.48
N MET M 6 -15.01 9.21 -30.22
CA MET M 6 -13.91 8.86 -29.33
C MET M 6 -13.19 7.55 -29.65
N PHE M 7 -11.90 7.53 -29.26
CA PHE M 7 -10.91 6.49 -29.50
C PHE M 7 -11.26 5.65 -30.71
N HIS M 8 -11.61 6.32 -31.80
CA HIS M 8 -11.80 5.71 -33.09
C HIS M 8 -10.54 5.87 -33.92
N VAL M 9 -10.06 7.12 -33.97
CA VAL M 9 -8.98 7.60 -34.82
C VAL M 9 -7.61 7.00 -34.49
N ARG M 10 -7.45 6.35 -33.34
CA ARG M 10 -6.13 5.84 -32.97
C ARG M 10 -5.92 4.39 -33.37
N TYR M 11 -6.88 3.51 -33.09
CA TYR M 11 -6.79 2.18 -33.70
C TYR M 11 -7.31 2.16 -35.14
N ARG M 12 -7.49 3.36 -35.72
CA ARG M 12 -7.57 3.54 -37.17
C ARG M 12 -6.23 3.29 -37.86
N MET M 13 -5.14 3.76 -37.25
CA MET M 13 -3.89 3.89 -38.00
C MET M 13 -3.19 2.58 -38.32
N GLU M 14 -2.67 1.89 -37.30
CA GLU M 14 -1.88 0.68 -37.48
C GLU M 14 -2.75 -0.57 -37.29
N ALA M 15 -2.15 -1.75 -37.42
CA ALA M 15 -2.85 -3.02 -37.26
C ALA M 15 -2.42 -3.80 -36.05
N SER M 16 -1.14 -3.68 -35.66
CA SER M 16 -0.52 -4.41 -34.56
C SER M 16 -0.35 -5.89 -34.83
N CYS M 17 0.75 -6.48 -34.36
CA CYS M 17 1.05 -7.89 -34.61
C CYS M 17 0.00 -8.84 -34.03
N LEU M 18 -0.37 -8.64 -32.76
CA LEU M 18 -1.32 -9.55 -32.11
C LEU M 18 -2.66 -9.60 -32.83
N GLU M 19 -3.14 -8.43 -33.28
CA GLU M 19 -4.44 -8.38 -33.95
C GLU M 19 -4.41 -9.13 -35.27
N LEU M 20 -3.34 -8.97 -36.06
CA LEU M 20 -3.21 -9.74 -37.29
C LEU M 20 -3.15 -11.24 -36.99
N ALA M 21 -2.40 -11.62 -35.95
CA ALA M 21 -2.30 -13.03 -35.60
C ALA M 21 -3.65 -13.60 -35.18
N LEU M 22 -4.42 -12.86 -34.41
CA LEU M 22 -5.73 -13.34 -33.97
C LEU M 22 -6.68 -13.54 -35.15
N GLU M 23 -6.60 -12.65 -36.14
CA GLU M 23 -7.42 -12.79 -37.34
C GLU M 23 -7.02 -14.05 -38.12
N GLY M 24 -5.72 -14.31 -38.24
CA GLY M 24 -5.28 -15.54 -38.89
C GLY M 24 -5.81 -16.78 -38.19
N GLU M 25 -5.80 -16.78 -36.86
CA GLU M 25 -6.27 -17.93 -36.10
C GLU M 25 -7.76 -18.14 -36.29
N ARG M 26 -8.55 -17.07 -36.30
CA ARG M 26 -9.99 -17.20 -36.52
C ARG M 26 -10.30 -17.73 -37.92
N LEU M 27 -9.51 -17.35 -38.92
CA LEU M 27 -9.75 -17.86 -40.27
C LEU M 27 -9.45 -19.35 -40.34
N CYS M 28 -8.40 -19.81 -39.67
CA CYS M 28 -8.10 -21.24 -39.61
C CYS M 28 -9.17 -22.00 -38.85
N LYS M 29 -9.72 -21.40 -37.78
CA LYS M 29 -10.82 -22.04 -37.05
C LYS M 29 -12.03 -22.24 -37.95
N SER M 30 -12.30 -21.29 -38.84
CA SER M 30 -13.43 -21.42 -39.75
C SER M 30 -13.14 -22.35 -40.92
N GLY M 31 -11.89 -22.71 -41.13
CA GLY M 31 -11.53 -23.68 -42.15
C GLY M 31 -11.01 -23.07 -43.43
N ASP M 32 -10.86 -21.75 -43.49
CA ASP M 32 -10.27 -21.08 -44.64
C ASP M 32 -8.83 -20.76 -44.28
N CYS M 33 -7.96 -21.78 -44.42
CA CYS M 33 -6.58 -21.65 -43.97
C CYS M 33 -5.71 -20.90 -44.97
N ARG M 34 -6.13 -20.70 -46.22
CA ARG M 34 -5.29 -19.83 -47.02
C ARG M 34 -5.32 -18.43 -46.45
N ALA M 35 -6.51 -17.79 -46.50
CA ALA M 35 -6.67 -16.44 -45.96
C ALA M 35 -5.99 -16.30 -44.62
N GLY M 36 -6.04 -17.34 -43.78
CA GLY M 36 -5.36 -17.29 -42.50
C GLY M 36 -3.85 -17.15 -42.65
N VAL M 37 -3.28 -17.83 -43.65
CA VAL M 37 -1.83 -17.78 -43.86
C VAL M 37 -1.39 -16.35 -44.18
N SER M 38 -2.13 -15.66 -45.03
CA SER M 38 -1.77 -14.28 -45.39
C SER M 38 -1.71 -13.39 -44.16
N PHE M 39 -2.69 -13.52 -43.27
CA PHE M 39 -2.70 -12.70 -42.07
C PHE M 39 -1.62 -13.10 -41.08
N PHE M 40 -1.25 -14.39 -41.04
CA PHE M 40 -0.15 -14.80 -40.18
C PHE M 40 1.18 -14.25 -40.68
N GLU M 41 1.47 -14.43 -41.97
CA GLU M 41 2.70 -13.89 -42.53
C GLU M 41 2.73 -12.37 -42.44
N ALA M 42 1.57 -11.72 -42.41
CA ALA M 42 1.54 -10.28 -42.22
C ALA M 42 1.98 -9.93 -40.81
N ALA M 43 1.52 -10.70 -39.82
CA ALA M 43 1.95 -10.48 -38.45
C ALA M 43 3.45 -10.72 -38.31
N VAL M 44 3.98 -11.68 -39.06
CA VAL M 44 5.43 -11.91 -39.07
C VAL M 44 6.16 -10.67 -39.58
N GLN M 45 5.62 -10.03 -40.62
CA GLN M 45 6.24 -8.83 -41.17
C GLN M 45 6.27 -7.71 -40.13
N VAL M 46 5.20 -7.56 -39.35
CA VAL M 46 5.15 -6.53 -38.32
C VAL M 46 6.14 -6.84 -37.21
N GLY M 47 6.21 -8.10 -36.78
CA GLY M 47 7.09 -8.50 -35.71
C GLY M 47 6.52 -8.15 -34.35
N THR M 48 7.13 -8.73 -33.32
CA THR M 48 6.67 -8.51 -31.96
C THR M 48 7.84 -8.59 -30.99
N GLU M 49 7.61 -8.07 -29.79
CA GLU M 49 8.56 -8.16 -28.71
C GLU M 49 8.40 -9.44 -27.91
N ASP M 50 7.20 -10.01 -27.94
CA ASP M 50 6.82 -11.12 -27.07
C ASP M 50 7.24 -12.43 -27.71
N LEU M 51 8.26 -13.07 -27.13
CA LEU M 51 8.81 -14.28 -27.73
C LEU M 51 7.85 -15.45 -27.61
N LYS M 52 7.03 -15.47 -26.55
CA LYS M 52 6.02 -16.51 -26.40
C LYS M 52 4.98 -16.42 -27.51
N THR M 53 4.56 -15.19 -27.84
CA THR M 53 3.62 -14.99 -28.94
C THR M 53 4.23 -15.41 -30.26
N LEU M 54 5.46 -14.99 -30.52
CA LEU M 54 6.14 -15.32 -31.76
C LEU M 54 6.24 -16.83 -31.95
N SER M 55 6.53 -17.55 -30.86
CA SER M 55 6.59 -19.00 -30.91
C SER M 55 5.25 -19.57 -31.36
N ALA M 56 4.16 -19.05 -30.80
CA ALA M 56 2.83 -19.52 -31.17
C ALA M 56 2.53 -19.23 -32.63
N ILE M 57 2.96 -18.07 -33.13
CA ILE M 57 2.69 -17.73 -34.53
C ILE M 57 3.40 -18.70 -35.47
N TYR M 58 4.69 -18.96 -35.20
CA TYR M 58 5.45 -19.88 -36.05
C TYR M 58 4.78 -21.26 -36.07
N SER M 59 4.40 -21.76 -34.89
CA SER M 59 3.85 -23.10 -34.79
C SER M 59 2.52 -23.21 -35.53
N GLN M 60 1.66 -22.21 -35.38
CA GLN M 60 0.37 -22.26 -36.06
C GLN M 60 0.50 -21.97 -37.55
N LEU M 61 1.56 -21.26 -37.96
CA LEU M 61 1.82 -21.15 -39.40
C LEU M 61 2.28 -22.48 -39.96
N GLY M 62 3.18 -23.17 -39.25
CA GLY M 62 3.58 -24.50 -39.68
C GLY M 62 2.41 -25.45 -39.78
N ASN M 63 1.55 -25.44 -38.75
CA ASN M 63 0.38 -26.31 -38.77
C ASN M 63 -0.58 -25.91 -39.88
N ALA M 64 -0.67 -24.61 -40.20
CA ALA M 64 -1.57 -24.15 -41.25
C ALA M 64 -1.04 -24.55 -42.63
N TYR M 65 0.26 -24.36 -42.86
CA TYR M 65 0.85 -24.78 -44.13
C TYR M 65 0.78 -26.29 -44.28
N PHE M 66 0.93 -27.00 -43.18
CA PHE M 66 0.83 -28.46 -43.18
C PHE M 66 -0.53 -28.88 -43.70
N TYR M 67 -1.59 -28.24 -43.21
CA TYR M 67 -2.95 -28.56 -43.62
C TYR M 67 -3.18 -28.19 -45.08
N LEU M 68 -2.54 -27.12 -45.56
CA LEU M 68 -2.64 -26.71 -46.95
C LEU M 68 -1.68 -27.46 -47.86
N HIS M 69 -1.03 -28.52 -47.37
CA HIS M 69 -0.15 -29.38 -48.15
C HIS M 69 1.05 -28.63 -48.74
N ASP M 70 1.42 -27.49 -48.15
CA ASP M 70 2.65 -26.80 -48.55
C ASP M 70 3.73 -27.16 -47.54
N TYR M 71 4.19 -28.42 -47.64
CA TYR M 71 5.07 -28.99 -46.64
C TYR M 71 6.42 -28.30 -46.60
N ALA M 72 6.82 -27.63 -47.69
CA ALA M 72 8.09 -26.93 -47.69
C ALA M 72 8.08 -25.75 -46.72
N LYS M 73 7.03 -24.94 -46.76
CA LYS M 73 6.94 -23.83 -45.80
C LYS M 73 6.51 -24.31 -44.43
N ALA M 74 5.80 -25.43 -44.35
CA ALA M 74 5.52 -26.00 -43.02
C ALA M 74 6.84 -26.34 -42.34
N LEU M 75 7.79 -26.87 -43.10
CA LEU M 75 9.11 -27.16 -42.54
C LEU M 75 9.82 -25.88 -42.13
N GLU M 76 9.71 -24.82 -42.94
CA GLU M 76 10.32 -23.54 -42.61
C GLU M 76 9.91 -23.03 -41.23
N TYR M 77 8.61 -22.87 -41.01
CA TYR M 77 8.15 -22.23 -39.78
C TYR M 77 8.27 -23.13 -38.56
N HIS M 78 8.10 -24.45 -38.70
CA HIS M 78 8.36 -25.32 -37.56
C HIS M 78 9.85 -25.34 -37.23
N HIS M 79 10.70 -25.14 -38.24
CA HIS M 79 12.13 -25.06 -37.98
C HIS M 79 12.47 -23.79 -37.22
N HIS M 80 11.80 -22.68 -37.57
CA HIS M 80 11.99 -21.44 -36.84
C HIS M 80 11.50 -21.55 -35.41
N ASP M 81 10.35 -22.22 -35.20
CA ASP M 81 9.84 -22.41 -33.86
C ASP M 81 10.83 -23.21 -33.02
N LEU M 82 11.41 -24.26 -33.62
CA LEU M 82 12.42 -25.05 -32.92
C LEU M 82 13.64 -24.21 -32.59
N THR M 83 14.12 -23.43 -33.56
CA THR M 83 15.27 -22.56 -33.33
C THR M 83 15.02 -21.57 -32.19
N LEU M 84 13.85 -20.95 -32.18
CA LEU M 84 13.52 -19.99 -31.12
C LEU M 84 13.43 -20.69 -29.76
N ALA M 85 12.75 -21.83 -29.70
CA ALA M 85 12.64 -22.57 -28.45
C ALA M 85 14.01 -22.98 -27.92
N ARG M 86 14.96 -23.24 -28.82
CA ARG M 86 16.27 -23.70 -28.38
C ARG M 86 17.08 -22.54 -27.80
N THR M 87 17.04 -21.38 -28.45
CA THR M 87 17.81 -20.23 -27.98
C THR M 87 17.36 -19.77 -26.60
N ILE M 88 16.04 -19.73 -26.36
CA ILE M 88 15.52 -19.29 -25.06
C ILE M 88 15.49 -20.42 -24.04
N GLY M 89 15.90 -21.62 -24.40
CA GLY M 89 15.95 -22.72 -23.46
C GLY M 89 14.61 -23.22 -22.98
N ASP M 90 13.54 -22.95 -23.73
CA ASP M 90 12.22 -23.48 -23.42
C ASP M 90 12.20 -24.93 -23.88
N GLN M 91 12.49 -25.85 -22.96
CA GLN M 91 12.64 -27.24 -23.34
C GLN M 91 11.31 -27.89 -23.68
N LEU M 92 10.23 -27.50 -22.99
CA LEU M 92 8.91 -28.01 -23.35
C LEU M 92 8.53 -27.54 -24.75
N GLY M 93 8.77 -26.27 -25.07
CA GLY M 93 8.53 -25.78 -26.42
C GLY M 93 9.42 -26.44 -27.44
N GLU M 94 10.65 -26.78 -27.04
CA GLU M 94 11.58 -27.44 -27.96
C GLU M 94 11.06 -28.81 -28.34
N ALA M 95 10.54 -29.57 -27.35
CA ALA M 95 10.02 -30.90 -27.60
C ALA M 95 8.81 -30.86 -28.53
N LYS M 96 7.87 -29.94 -28.26
CA LYS M 96 6.66 -29.87 -29.09
C LYS M 96 7.02 -29.49 -30.52
N ALA M 97 8.00 -28.59 -30.69
CA ALA M 97 8.40 -28.19 -32.04
C ALA M 97 9.08 -29.34 -32.76
N SER M 98 9.89 -30.12 -32.04
CA SER M 98 10.52 -31.29 -32.64
C SER M 98 9.47 -32.28 -33.14
N GLY M 99 8.41 -32.48 -32.37
CA GLY M 99 7.34 -33.38 -32.78
C GLY M 99 6.68 -32.95 -34.06
N ASN M 100 6.35 -31.67 -34.17
CA ASN M 100 5.73 -31.15 -35.38
C ASN M 100 6.69 -31.23 -36.56
N LEU M 101 7.96 -30.93 -36.32
CA LEU M 101 8.96 -31.05 -37.38
C LEU M 101 9.09 -32.50 -37.84
N GLY M 102 9.00 -33.44 -36.90
CA GLY M 102 9.06 -34.85 -37.26
C GLY M 102 7.90 -35.29 -38.13
N ASN M 103 6.69 -34.91 -37.75
CA ASN M 103 5.52 -35.29 -38.53
C ASN M 103 5.55 -34.67 -39.92
N THR M 104 6.07 -33.44 -40.03
CA THR M 104 6.24 -32.84 -41.35
C THR M 104 7.22 -33.66 -42.18
N LEU M 105 8.37 -34.00 -41.61
CA LEU M 105 9.35 -34.81 -42.29
C LEU M 105 8.79 -36.19 -42.64
N LYS M 106 7.87 -36.71 -41.80
CA LYS M 106 7.29 -38.01 -42.06
C LYS M 106 6.49 -38.01 -43.36
N VAL M 107 5.71 -36.96 -43.60
CA VAL M 107 4.92 -36.85 -44.82
C VAL M 107 5.85 -36.66 -46.02
N LEU M 108 6.96 -35.93 -45.83
CA LEU M 108 7.88 -35.66 -46.92
C LEU M 108 8.74 -36.86 -47.27
N GLY M 109 8.60 -37.98 -46.57
CA GLY M 109 9.35 -39.17 -46.86
C GLY M 109 10.77 -39.18 -46.35
N ASN M 110 11.15 -38.18 -45.54
CA ASN M 110 12.49 -38.12 -44.96
C ASN M 110 12.45 -38.76 -43.57
N PHE M 111 12.27 -40.08 -43.58
CA PHE M 111 12.03 -40.81 -42.35
C PHE M 111 13.22 -40.75 -41.40
N ASP M 112 14.43 -40.78 -41.94
CA ASP M 112 15.63 -40.84 -41.10
C ASP M 112 15.73 -39.61 -40.20
N GLU M 113 15.51 -38.42 -40.76
CA GLU M 113 15.50 -37.20 -39.95
C GLU M 113 14.23 -37.11 -39.10
N ALA M 114 13.11 -37.67 -39.58
CA ALA M 114 11.89 -37.68 -38.79
C ALA M 114 12.08 -38.49 -37.51
N ILE M 115 12.84 -39.58 -37.59
CA ILE M 115 13.14 -40.36 -36.40
C ILE M 115 13.90 -39.52 -35.39
N VAL M 116 14.90 -38.78 -35.87
CA VAL M 116 15.73 -37.96 -34.99
C VAL M 116 14.90 -36.94 -34.24
N CYS M 117 14.00 -36.25 -34.95
CA CYS M 117 13.20 -35.19 -34.33
C CYS M 117 12.22 -35.76 -33.31
N CYS M 118 11.57 -36.87 -33.64
CA CYS M 118 10.62 -37.47 -32.70
C CYS M 118 11.35 -38.12 -31.53
N GLN M 119 12.56 -38.63 -31.76
CA GLN M 119 13.38 -39.14 -30.68
C GLN M 119 13.76 -38.03 -29.72
N ARG M 120 14.06 -36.85 -30.27
CA ARG M 120 14.37 -35.68 -29.46
C ARG M 120 13.18 -35.30 -28.60
N HIS M 121 11.98 -35.36 -29.18
CA HIS M 121 10.76 -35.08 -28.42
C HIS M 121 10.62 -36.06 -27.26
N LEU M 122 10.85 -37.35 -27.53
CA LEU M 122 10.78 -38.36 -26.48
C LEU M 122 11.80 -38.12 -25.38
N ASP M 123 13.06 -37.87 -25.76
CA ASP M 123 14.12 -37.72 -24.77
C ASP M 123 13.85 -36.54 -23.84
N ILE M 124 13.47 -35.38 -24.40
CA ILE M 124 13.19 -34.22 -23.55
C ILE M 124 12.01 -34.49 -22.64
N SER M 125 10.98 -35.18 -23.15
CA SER M 125 9.82 -35.49 -22.33
C SER M 125 10.20 -36.36 -21.13
N ARG M 126 11.05 -37.37 -21.38
CA ARG M 126 11.51 -38.23 -20.29
C ARG M 126 12.35 -37.44 -19.29
N GLU M 127 13.14 -36.49 -19.79
CA GLU M 127 14.02 -35.70 -18.93
C GLU M 127 13.23 -34.81 -18.00
N LEU M 128 12.14 -34.22 -18.48
CA LEU M 128 11.29 -33.34 -17.69
C LEU M 128 10.21 -34.09 -16.93
N ASN M 129 10.16 -35.43 -17.06
CA ASN M 129 9.11 -36.25 -16.44
C ASN M 129 7.71 -35.82 -16.90
N ASP M 130 7.60 -35.42 -18.16
CA ASP M 130 6.32 -35.06 -18.76
C ASP M 130 5.73 -36.32 -19.35
N LYS M 131 4.84 -36.98 -18.60
CA LYS M 131 4.37 -38.30 -19.02
C LYS M 131 3.40 -38.19 -20.19
N VAL M 132 2.58 -37.14 -20.22
CA VAL M 132 1.68 -36.98 -21.36
C VAL M 132 2.48 -36.65 -22.62
N GLY M 133 3.55 -35.88 -22.49
CA GLY M 133 4.41 -35.62 -23.63
C GLY M 133 5.18 -36.84 -24.05
N GLU M 134 5.61 -37.66 -23.08
CA GLU M 134 6.31 -38.89 -23.39
C GLU M 134 5.41 -39.81 -24.21
N ALA M 135 4.15 -39.92 -23.80
CA ALA M 135 3.18 -40.74 -24.53
C ALA M 135 2.97 -40.24 -25.95
N ARG M 136 2.74 -38.93 -26.13
CA ARG M 136 2.53 -38.39 -27.48
C ARG M 136 3.74 -38.67 -28.36
N ALA M 137 4.94 -38.60 -27.78
CA ALA M 137 6.15 -38.84 -28.58
C ALA M 137 6.26 -40.31 -28.98
N LEU M 138 5.88 -41.22 -28.09
CA LEU M 138 5.86 -42.64 -28.41
C LEU M 138 4.88 -42.92 -29.55
N TYR M 139 3.70 -42.32 -29.48
CA TYR M 139 2.70 -42.46 -30.54
C TYR M 139 3.23 -41.92 -31.86
N ASN M 140 3.93 -40.78 -31.83
CA ASN M 140 4.51 -40.21 -33.05
C ASN M 140 5.54 -41.16 -33.64
N LEU M 141 6.43 -41.71 -32.81
CA LEU M 141 7.45 -42.62 -33.29
C LEU M 141 6.83 -43.84 -33.92
N GLY M 142 5.78 -44.39 -33.28
CA GLY M 142 5.05 -45.49 -33.87
C GLY M 142 4.49 -45.14 -35.24
N ASN M 143 3.93 -43.93 -35.36
CA ASN M 143 3.37 -43.50 -36.64
C ASN M 143 4.45 -43.38 -37.71
N VAL M 144 5.63 -42.90 -37.35
CA VAL M 144 6.68 -42.71 -38.35
C VAL M 144 7.14 -44.05 -38.89
N TYR M 145 7.43 -45.01 -38.02
CA TYR M 145 7.85 -46.33 -38.46
C TYR M 145 6.73 -47.04 -39.22
N HIS M 146 5.48 -46.80 -38.83
CA HIS M 146 4.34 -47.34 -39.55
C HIS M 146 4.34 -46.81 -40.97
N ALA M 147 4.60 -45.51 -41.13
CA ALA M 147 4.62 -44.89 -42.45
C ALA M 147 5.84 -45.35 -43.25
N LYS M 148 6.98 -45.50 -42.57
CA LYS M 148 8.19 -45.97 -43.25
C LYS M 148 7.97 -47.38 -43.81
N GLY M 149 7.39 -48.27 -43.00
CA GLY M 149 7.11 -49.60 -43.48
C GLY M 149 6.12 -49.62 -44.62
N LYS M 150 5.14 -48.70 -44.59
CA LYS M 150 4.12 -48.64 -45.62
C LYS M 150 4.66 -48.07 -46.93
N SER M 151 5.75 -47.31 -46.89
CA SER M 151 6.28 -46.70 -48.10
C SER M 151 7.10 -47.64 -48.96
N PHE M 152 7.34 -48.87 -48.52
CA PHE M 152 8.03 -49.88 -49.31
C PHE M 152 7.11 -50.99 -49.77
N GLY M 153 6.17 -51.40 -48.92
CA GLY M 153 5.27 -52.51 -49.20
C GLY M 153 4.12 -52.20 -50.14
N CYS M 154 4.36 -52.35 -51.44
CA CYS M 154 3.37 -52.12 -52.50
C CYS M 154 3.17 -53.42 -53.28
N PRO M 155 2.65 -54.47 -52.65
CA PRO M 155 2.84 -55.83 -53.15
C PRO M 155 2.22 -56.07 -54.53
N GLY M 156 2.93 -56.86 -55.34
CA GLY M 156 2.53 -57.23 -56.67
C GLY M 156 1.46 -58.29 -56.66
N PRO M 157 1.83 -59.54 -56.36
CA PRO M 157 0.83 -60.52 -55.91
C PRO M 157 0.64 -60.41 -54.42
N GLN M 158 -0.57 -60.01 -54.02
CA GLN M 158 -0.79 -59.30 -52.77
C GLN M 158 -0.31 -60.07 -51.56
N ASP M 159 0.59 -59.42 -50.80
CA ASP M 159 1.21 -59.88 -49.56
C ASP M 159 1.39 -61.37 -49.45
N VAL M 160 1.89 -62.00 -50.52
CA VAL M 160 1.84 -63.44 -50.67
C VAL M 160 3.12 -64.10 -50.13
N GLY M 161 3.32 -64.02 -48.81
CA GLY M 161 4.44 -64.67 -48.16
C GLY M 161 5.28 -63.71 -47.35
N GLU M 162 6.57 -64.01 -47.22
CA GLU M 162 7.48 -63.15 -46.46
C GLU M 162 8.01 -61.98 -47.28
N PHE M 163 8.43 -60.93 -46.56
CA PHE M 163 8.63 -59.54 -46.90
C PHE M 163 10.08 -59.12 -46.76
N PRO M 164 10.49 -58.02 -47.39
CA PRO M 164 11.88 -57.59 -47.25
C PRO M 164 12.15 -57.19 -45.81
N GLU M 165 13.37 -57.47 -45.35
CA GLU M 165 13.70 -57.34 -43.94
C GLU M 165 13.56 -55.90 -43.47
N GLU M 166 13.84 -54.95 -44.34
CA GLU M 166 13.70 -53.55 -43.98
C GLU M 166 12.27 -53.24 -43.54
N VAL M 167 11.29 -53.80 -44.23
CA VAL M 167 9.89 -53.51 -43.95
C VAL M 167 9.48 -54.16 -42.62
N ARG M 168 9.82 -55.43 -42.43
CA ARG M 168 9.49 -56.11 -41.19
C ARG M 168 10.11 -55.41 -39.98
N ASP M 169 11.38 -54.98 -40.11
CA ASP M 169 12.03 -54.28 -39.00
C ASP M 169 11.32 -52.98 -38.66
N ALA M 170 10.88 -52.23 -39.67
CA ALA M 170 10.21 -50.96 -39.39
C ALA M 170 8.85 -51.18 -38.75
N LEU M 171 8.09 -52.17 -39.25
CA LEU M 171 6.79 -52.46 -38.67
C LEU M 171 6.91 -53.00 -37.26
N GLN M 172 7.93 -53.83 -36.99
CA GLN M 172 8.12 -54.35 -35.63
C GLN M 172 8.49 -53.22 -34.69
N ALA M 173 9.26 -52.24 -35.17
CA ALA M 173 9.59 -51.08 -34.35
C ALA M 173 8.32 -50.29 -34.02
N ALA M 174 7.40 -50.20 -34.98
CA ALA M 174 6.14 -49.51 -34.74
C ALA M 174 5.34 -50.24 -33.67
N VAL M 175 5.34 -51.57 -33.72
CA VAL M 175 4.62 -52.36 -32.73
C VAL M 175 5.17 -52.08 -31.34
N ASP M 176 6.50 -52.05 -31.22
CA ASP M 176 7.14 -51.77 -29.93
C ASP M 176 6.74 -50.41 -29.38
N PHE M 177 6.83 -49.38 -30.22
CA PHE M 177 6.44 -48.03 -29.79
C PHE M 177 4.96 -47.95 -29.41
N TYR M 178 4.08 -48.56 -30.22
CA TYR M 178 2.67 -48.50 -29.90
C TYR M 178 2.37 -49.20 -28.57
N GLU M 179 3.04 -50.33 -28.31
CA GLU M 179 2.80 -51.03 -27.05
C GLU M 179 3.37 -50.25 -25.88
N GLU M 180 4.51 -49.57 -26.07
CA GLU M 180 5.03 -48.70 -25.03
C GLU M 180 4.07 -47.54 -24.76
N ASN M 181 3.55 -46.94 -25.83
CA ASN M 181 2.53 -45.91 -25.68
C ASN M 181 1.32 -46.45 -24.93
N LEU M 182 0.83 -47.62 -25.34
CA LEU M 182 -0.31 -48.25 -24.69
C LEU M 182 -0.07 -48.45 -23.20
N SER M 183 1.12 -48.93 -22.83
CA SER M 183 1.44 -49.15 -21.43
C SER M 183 1.35 -47.85 -20.63
N LEU M 184 1.94 -46.78 -21.15
CA LEU M 184 1.94 -45.50 -20.45
C LEU M 184 0.54 -44.87 -20.45
N VAL M 185 -0.22 -45.07 -21.54
CA VAL M 185 -1.55 -44.48 -21.63
C VAL M 185 -2.53 -45.22 -20.71
N THR M 186 -2.42 -46.55 -20.64
CA THR M 186 -3.27 -47.29 -19.71
C THR M 186 -2.98 -46.92 -18.26
N ALA M 187 -1.72 -46.62 -17.96
CA ALA M 187 -1.36 -46.20 -16.61
C ALA M 187 -1.88 -44.80 -16.30
N LEU M 188 -1.95 -43.93 -17.30
CA LEU M 188 -2.48 -42.59 -17.09
C LEU M 188 -4.00 -42.57 -17.13
N GLY M 189 -4.65 -43.66 -17.52
CA GLY M 189 -6.09 -43.75 -17.58
C GLY M 189 -6.74 -42.90 -18.65
N ASP M 190 -6.09 -42.79 -19.81
CA ASP M 190 -6.62 -42.02 -20.93
C ASP M 190 -7.25 -42.99 -21.92
N ARG M 191 -8.57 -43.16 -21.82
CA ARG M 191 -9.26 -44.15 -22.63
C ARG M 191 -9.24 -43.78 -24.11
N ALA M 192 -9.34 -42.49 -24.42
CA ALA M 192 -9.30 -42.06 -25.82
C ALA M 192 -7.97 -42.44 -26.47
N ALA M 193 -6.86 -42.15 -25.80
CA ALA M 193 -5.55 -42.49 -26.35
C ALA M 193 -5.35 -44.00 -26.44
N GLN M 194 -5.97 -44.75 -25.52
CA GLN M 194 -5.91 -46.20 -25.58
C GLN M 194 -6.56 -46.70 -26.86
N GLY M 195 -7.70 -46.12 -27.21
CA GLY M 195 -8.37 -46.50 -28.44
C GLY M 195 -7.51 -46.23 -29.66
N ARG M 196 -6.91 -45.05 -29.73
CA ARG M 196 -6.10 -44.72 -30.89
C ARG M 196 -4.92 -45.68 -31.01
N ALA M 197 -4.31 -46.03 -29.87
CA ALA M 197 -3.21 -46.98 -29.86
C ALA M 197 -3.63 -48.36 -30.37
N PHE M 198 -4.77 -48.87 -29.88
CA PHE M 198 -5.24 -50.18 -30.30
C PHE M 198 -5.48 -50.23 -31.80
N GLY M 199 -6.08 -49.17 -32.36
CA GLY M 199 -6.33 -49.14 -33.79
C GLY M 199 -5.05 -49.25 -34.61
N ASN M 200 -4.07 -48.40 -34.33
CA ASN M 200 -2.83 -48.40 -35.10
C ASN M 200 -2.03 -49.68 -34.84
N LEU M 201 -2.07 -50.18 -33.62
CA LEU M 201 -1.40 -51.45 -33.33
C LEU M 201 -2.02 -52.57 -34.15
N GLY M 202 -3.35 -52.59 -34.25
CA GLY M 202 -4.03 -53.62 -35.03
C GLY M 202 -3.69 -53.56 -36.51
N ASN M 203 -3.66 -52.35 -37.08
CA ASN M 203 -3.30 -52.21 -38.49
C ASN M 203 -1.85 -52.56 -38.75
N THR M 204 -0.96 -52.36 -37.76
CA THR M 204 0.43 -52.73 -37.96
C THR M 204 0.59 -54.23 -37.98
N HIS M 205 -0.05 -54.92 -37.04
CA HIS M 205 -0.06 -56.38 -37.04
C HIS M 205 -0.67 -56.91 -38.33
N TYR M 206 -1.68 -56.22 -38.85
CA TYR M 206 -2.34 -56.63 -40.09
C TYR M 206 -1.36 -56.60 -41.26
N LEU M 207 -0.55 -55.55 -41.35
CA LEU M 207 0.45 -55.47 -42.41
C LEU M 207 1.56 -56.50 -42.21
N LEU M 208 1.89 -56.79 -40.95
CA LEU M 208 2.96 -57.74 -40.66
C LEU M 208 2.55 -59.17 -41.00
N GLY M 209 1.25 -59.45 -41.01
CA GLY M 209 0.77 -60.79 -41.18
C GLY M 209 0.37 -61.47 -39.90
N ASN M 210 0.34 -60.74 -38.79
CA ASN M 210 -0.03 -61.29 -37.49
C ASN M 210 -1.53 -61.05 -37.27
N PHE M 211 -2.33 -61.81 -38.01
CA PHE M 211 -3.75 -61.49 -38.12
C PHE M 211 -4.51 -61.73 -36.82
N ARG M 212 -4.12 -62.76 -36.06
CA ARG M 212 -4.80 -63.01 -34.79
C ARG M 212 -4.57 -61.86 -33.82
N ASP M 213 -3.33 -61.37 -33.73
CA ASP M 213 -3.07 -60.22 -32.88
C ASP M 213 -3.80 -58.98 -33.37
N ALA M 214 -3.98 -58.86 -34.70
CA ALA M 214 -4.70 -57.72 -35.24
C ALA M 214 -6.16 -57.76 -34.80
N VAL M 215 -6.78 -58.93 -34.89
CA VAL M 215 -8.16 -59.09 -34.43
C VAL M 215 -8.29 -58.67 -32.98
N ILE M 216 -7.39 -59.15 -32.12
CA ILE M 216 -7.45 -58.83 -30.69
C ILE M 216 -7.38 -57.33 -30.47
N ALA M 217 -6.46 -56.65 -31.16
CA ALA M 217 -6.30 -55.21 -30.98
C ALA M 217 -7.54 -54.45 -31.46
N HIS M 218 -8.09 -54.84 -32.61
CA HIS M 218 -9.26 -54.14 -33.13
C HIS M 218 -10.50 -54.43 -32.31
N GLU M 219 -10.59 -55.61 -31.68
CA GLU M 219 -11.69 -55.86 -30.77
C GLU M 219 -11.65 -54.91 -29.59
N GLN M 220 -10.45 -54.60 -29.10
CA GLN M 220 -10.31 -53.60 -28.04
C GLN M 220 -10.67 -52.22 -28.54
N ARG M 221 -10.30 -51.88 -29.77
CA ARG M 221 -10.69 -50.60 -30.35
C ARG M 221 -12.22 -50.51 -30.44
N LEU M 222 -12.86 -51.61 -30.82
CA LEU M 222 -14.31 -51.64 -30.93
C LEU M 222 -14.96 -51.39 -29.57
N LEU M 223 -14.48 -52.06 -28.53
CA LEU M 223 -15.04 -51.89 -27.20
C LEU M 223 -14.91 -50.45 -26.71
N ILE M 224 -13.76 -49.83 -26.95
CA ILE M 224 -13.55 -48.44 -26.53
C ILE M 224 -14.42 -47.51 -27.36
N ALA M 225 -14.59 -47.79 -28.65
CA ALA M 225 -15.44 -46.97 -29.49
C ALA M 225 -16.89 -46.99 -29.01
N LYS M 226 -17.37 -48.17 -28.59
CA LYS M 226 -18.70 -48.27 -28.01
C LYS M 226 -18.81 -47.45 -26.72
N GLU M 227 -17.77 -47.50 -25.88
CA GLU M 227 -17.77 -46.79 -24.61
C GLU M 227 -17.94 -45.29 -24.81
N PHE M 228 -17.34 -44.74 -25.85
CA PHE M 228 -17.43 -43.33 -26.17
C PHE M 228 -18.58 -43.00 -27.12
N GLY M 229 -19.31 -44.01 -27.60
CA GLY M 229 -20.37 -43.77 -28.56
C GLY M 229 -19.90 -43.20 -29.87
N ASP M 230 -18.62 -43.35 -30.19
CA ASP M 230 -18.02 -42.86 -31.42
C ASP M 230 -18.33 -43.83 -32.55
N LYS M 231 -19.41 -43.55 -33.28
CA LYS M 231 -19.84 -44.41 -34.38
C LYS M 231 -18.79 -44.47 -35.50
N ALA M 232 -18.08 -43.36 -35.73
CA ALA M 232 -17.06 -43.35 -36.77
C ALA M 232 -15.95 -44.35 -36.44
N ALA M 233 -15.44 -44.29 -35.21
CA ALA M 233 -14.43 -45.25 -34.78
C ALA M 233 -14.98 -46.68 -34.77
N GLU M 234 -16.24 -46.85 -34.38
CA GLU M 234 -16.86 -48.16 -34.39
C GLU M 234 -16.87 -48.74 -35.80
N ARG M 235 -17.15 -47.90 -36.80
CA ARG M 235 -17.16 -48.35 -38.18
C ARG M 235 -15.75 -48.70 -38.67
N ARG M 236 -14.75 -47.93 -38.23
CA ARG M 236 -13.38 -48.27 -38.60
C ARG M 236 -12.97 -49.62 -38.03
N ALA M 237 -13.33 -49.89 -36.77
CA ALA M 237 -13.04 -51.18 -36.15
C ALA M 237 -13.72 -52.32 -36.90
N TYR M 238 -14.99 -52.14 -37.27
CA TYR M 238 -15.70 -53.17 -38.03
C TYR M 238 -15.00 -53.46 -39.34
N SER M 239 -14.52 -52.41 -40.02
CA SER M 239 -13.88 -52.59 -41.32
C SER M 239 -12.55 -53.32 -41.17
N ASN M 240 -11.74 -52.92 -40.18
CA ASN M 240 -10.45 -53.58 -39.95
C ASN M 240 -10.64 -55.04 -39.55
N LEU M 241 -11.68 -55.32 -38.77
CA LEU M 241 -11.94 -56.70 -38.36
C LEU M 241 -12.29 -57.56 -39.57
N GLY M 242 -13.16 -57.06 -40.45
CA GLY M 242 -13.48 -57.79 -41.67
C GLY M 242 -12.26 -58.09 -42.50
N ASN M 243 -11.39 -57.09 -42.68
CA ASN M 243 -10.16 -57.28 -43.43
C ASN M 243 -9.34 -58.43 -42.87
N ALA M 244 -9.20 -58.47 -41.53
CA ALA M 244 -8.35 -59.47 -40.91
C ALA M 244 -8.94 -60.87 -41.04
N TYR M 245 -10.25 -60.99 -40.88
CA TYR M 245 -10.89 -62.31 -40.99
C TYR M 245 -10.81 -62.86 -42.41
N ILE M 246 -10.77 -61.98 -43.42
CA ILE M 246 -10.52 -62.43 -44.79
C ILE M 246 -9.21 -63.18 -44.89
N PHE M 247 -8.14 -62.60 -44.35
CA PHE M 247 -6.81 -63.21 -44.45
C PHE M 247 -6.67 -64.42 -43.54
N LEU M 248 -7.52 -64.55 -42.53
CA LEU M 248 -7.51 -65.76 -41.73
C LEU M 248 -8.18 -66.91 -42.46
N GLY M 249 -9.06 -66.60 -43.41
CA GLY M 249 -9.78 -67.59 -44.18
C GLY M 249 -11.20 -67.80 -43.73
N GLU M 250 -11.66 -67.08 -42.71
CA GLU M 250 -13.03 -67.22 -42.19
C GLU M 250 -13.92 -66.17 -42.86
N PHE M 251 -14.35 -66.50 -44.08
CA PHE M 251 -15.08 -65.54 -44.88
C PHE M 251 -16.48 -65.25 -44.35
N GLU M 252 -17.14 -66.24 -43.75
CA GLU M 252 -18.45 -66.01 -43.15
C GLU M 252 -18.38 -64.95 -42.05
N THR M 253 -17.40 -65.09 -41.15
CA THR M 253 -17.23 -64.08 -40.11
C THR M 253 -16.95 -62.71 -40.72
N ALA M 254 -16.12 -62.68 -41.76
CA ALA M 254 -15.78 -61.41 -42.40
C ALA M 254 -17.02 -60.73 -42.98
N SER M 255 -17.91 -61.51 -43.61
CA SER M 255 -19.10 -60.92 -44.21
C SER M 255 -19.95 -60.21 -43.17
N GLU M 256 -20.11 -60.79 -41.98
CA GLU M 256 -20.93 -60.17 -40.96
C GLU M 256 -20.29 -58.91 -40.39
N TYR M 257 -18.96 -58.82 -40.37
CA TYR M 257 -18.33 -57.56 -39.99
C TYR M 257 -18.49 -56.50 -41.07
N TYR M 258 -18.37 -56.89 -42.35
CA TYR M 258 -18.58 -55.91 -43.41
C TYR M 258 -20.03 -55.48 -43.47
N LYS M 259 -20.95 -56.37 -43.10
CA LYS M 259 -22.36 -56.00 -43.03
C LYS M 259 -22.58 -54.92 -41.97
N LYS M 260 -21.89 -55.03 -40.84
CA LYS M 260 -22.04 -54.02 -39.79
C LYS M 260 -21.43 -52.69 -40.19
N THR M 261 -20.38 -52.70 -41.03
CA THR M 261 -19.88 -51.45 -41.58
C THR M 261 -20.92 -50.80 -42.46
N LEU M 262 -21.61 -51.60 -43.27
CA LEU M 262 -22.62 -51.07 -44.17
C LEU M 262 -23.80 -50.48 -43.39
N LEU M 263 -24.21 -51.15 -42.31
CA LEU M 263 -25.29 -50.62 -41.46
C LEU M 263 -24.95 -49.22 -40.98
N LEU M 264 -23.78 -49.05 -40.37
CA LEU M 264 -23.38 -47.74 -39.84
C LEU M 264 -23.13 -46.75 -40.96
N ALA M 265 -22.67 -47.22 -42.13
CA ALA M 265 -22.46 -46.30 -43.24
C ALA M 265 -23.77 -45.74 -43.76
N ARG M 266 -24.80 -46.60 -43.86
CA ARG M 266 -26.11 -46.13 -44.29
C ARG M 266 -26.76 -45.19 -43.28
N GLN M 267 -26.50 -45.38 -41.99
CA GLN M 267 -27.09 -44.50 -41.00
C GLN M 267 -26.37 -43.16 -40.91
N LEU M 268 -25.06 -43.16 -41.15
CA LEU M 268 -24.34 -41.90 -41.22
C LEU M 268 -24.50 -41.21 -42.57
N LYS M 269 -25.18 -41.87 -43.51
CA LYS M 269 -25.39 -41.37 -44.88
C LYS M 269 -24.07 -41.02 -45.56
N ASP M 270 -23.04 -41.82 -45.27
CA ASP M 270 -21.73 -41.67 -45.91
C ASP M 270 -21.73 -42.54 -47.16
N ARG M 271 -21.95 -41.92 -48.33
CA ARG M 271 -22.04 -42.68 -49.56
C ARG M 271 -20.71 -43.33 -49.92
N ALA M 272 -19.60 -42.66 -49.62
CA ALA M 272 -18.28 -43.18 -49.99
C ALA M 272 -17.96 -44.44 -49.19
N VAL M 273 -18.14 -44.39 -47.87
CA VAL M 273 -17.93 -45.57 -47.04
C VAL M 273 -18.94 -46.65 -47.40
N GLU M 274 -20.17 -46.24 -47.73
CA GLU M 274 -21.19 -47.21 -48.12
C GLU M 274 -20.76 -47.98 -49.35
N ALA M 275 -20.11 -47.31 -50.30
CA ALA M 275 -19.69 -47.97 -51.52
C ALA M 275 -18.51 -48.92 -51.26
N GLN M 276 -17.54 -48.47 -50.46
CA GLN M 276 -16.42 -49.34 -50.10
C GLN M 276 -16.91 -50.58 -49.38
N SER M 277 -17.96 -50.44 -48.57
CA SER M 277 -18.52 -51.59 -47.86
C SER M 277 -19.14 -52.58 -48.83
N CYS M 278 -19.89 -52.09 -49.82
CA CYS M 278 -20.48 -52.97 -50.82
C CYS M 278 -19.39 -53.68 -51.64
N TYR M 279 -18.30 -52.97 -51.93
CA TYR M 279 -17.22 -53.59 -52.69
C TYR M 279 -16.56 -54.71 -51.90
N SER M 280 -16.37 -54.49 -50.59
CA SER M 280 -15.80 -55.54 -49.76
C SER M 280 -16.73 -56.72 -49.67
N LEU M 281 -18.04 -56.46 -49.58
CA LEU M 281 -19.01 -57.55 -49.54
C LEU M 281 -19.01 -58.32 -50.85
N GLY M 282 -18.86 -57.61 -51.97
CA GLY M 282 -18.80 -58.28 -53.27
C GLY M 282 -17.64 -59.24 -53.36
N ASN M 283 -16.47 -58.82 -52.87
CA ASN M 283 -15.30 -59.70 -52.89
C ASN M 283 -15.44 -60.83 -51.87
N THR M 284 -16.14 -60.59 -50.75
CA THR M 284 -16.32 -61.65 -49.77
C THR M 284 -17.16 -62.78 -50.33
N TYR M 285 -18.32 -62.45 -50.90
CA TYR M 285 -19.15 -63.46 -51.54
C TYR M 285 -18.48 -64.08 -52.77
N THR M 286 -17.53 -63.39 -53.40
CA THR M 286 -16.76 -64.03 -54.46
C THR M 286 -15.89 -65.13 -53.86
N LEU M 287 -15.27 -64.86 -52.71
CA LEU M 287 -14.49 -65.88 -52.02
C LEU M 287 -15.37 -67.03 -51.54
N LEU M 288 -16.62 -66.74 -51.17
CA LEU M 288 -17.55 -67.78 -50.79
C LEU M 288 -18.16 -68.46 -52.01
N GLN M 289 -17.82 -67.98 -53.21
CA GLN M 289 -18.25 -68.54 -54.49
C GLN M 289 -19.75 -68.40 -54.73
N ASP M 290 -20.39 -67.46 -54.04
CA ASP M 290 -21.81 -67.16 -54.24
C ASP M 290 -21.85 -65.95 -55.17
N TYR M 291 -21.63 -66.22 -56.47
CA TYR M 291 -21.40 -65.15 -57.43
C TYR M 291 -22.64 -64.31 -57.66
N GLU M 292 -23.83 -64.86 -57.41
CA GLU M 292 -25.05 -64.09 -57.54
C GLU M 292 -25.10 -62.95 -56.53
N LYS M 293 -24.80 -63.25 -55.26
CA LYS M 293 -24.73 -62.21 -54.25
C LYS M 293 -23.58 -61.26 -54.50
N ALA M 294 -22.47 -61.77 -55.06
CA ALA M 294 -21.34 -60.90 -55.35
C ALA M 294 -21.72 -59.85 -56.39
N ILE M 295 -22.46 -60.26 -57.41
CA ILE M 295 -22.90 -59.32 -58.44
C ILE M 295 -23.83 -58.27 -57.83
N ASP M 296 -24.72 -58.69 -56.93
CA ASP M 296 -25.65 -57.76 -56.30
C ASP M 296 -24.89 -56.62 -55.60
N TYR M 297 -23.89 -56.96 -54.78
CA TYR M 297 -23.17 -55.92 -54.04
C TYR M 297 -22.24 -55.13 -54.95
N HIS M 298 -21.62 -55.77 -55.95
CA HIS M 298 -20.78 -55.03 -56.87
C HIS M 298 -21.59 -54.03 -57.69
N LEU M 299 -22.86 -54.34 -57.95
CA LEU M 299 -23.72 -53.40 -58.66
C LEU M 299 -24.06 -52.20 -57.77
N LYS M 300 -24.38 -52.47 -56.50
CA LYS M 300 -24.65 -51.38 -55.56
C LYS M 300 -23.45 -50.46 -55.44
N HIS M 301 -22.24 -51.03 -55.46
CA HIS M 301 -21.03 -50.22 -55.44
C HIS M 301 -20.89 -49.41 -56.73
N LEU M 302 -21.19 -50.03 -57.87
CA LEU M 302 -21.08 -49.35 -59.15
C LEU M 302 -21.99 -48.12 -59.20
N ALA M 303 -23.23 -48.26 -58.74
CA ALA M 303 -24.18 -47.16 -58.81
C ALA M 303 -23.72 -45.98 -57.96
N ILE M 304 -23.25 -46.23 -56.75
CA ILE M 304 -22.75 -45.15 -55.90
C ILE M 304 -21.50 -44.53 -56.53
N ALA M 305 -20.67 -45.36 -57.17
CA ALA M 305 -19.47 -44.84 -57.82
C ALA M 305 -19.82 -43.88 -58.95
N GLN M 306 -20.81 -44.26 -59.77
CA GLN M 306 -21.26 -43.37 -60.84
C GLN M 306 -21.87 -42.09 -60.28
N GLU M 307 -22.57 -42.22 -59.14
CA GLU M 307 -23.13 -41.05 -58.47
C GLU M 307 -22.03 -40.07 -58.07
N LEU M 308 -21.04 -40.56 -57.31
CA LEU M 308 -19.94 -39.72 -56.85
C LEU M 308 -18.94 -39.40 -57.94
N ASN M 309 -19.21 -39.83 -59.17
CA ASN M 309 -18.31 -39.65 -60.33
C ASN M 309 -16.91 -40.16 -60.04
N ASP M 310 -16.79 -41.18 -59.18
CA ASP M 310 -15.52 -41.83 -58.92
C ASP M 310 -15.18 -42.75 -60.09
N ARG M 311 -14.44 -42.19 -61.06
CA ARG M 311 -14.14 -42.94 -62.27
C ARG M 311 -13.24 -44.15 -61.99
N ILE M 312 -12.32 -44.00 -61.04
CA ILE M 312 -11.43 -45.11 -60.70
C ILE M 312 -12.22 -46.30 -60.18
N GLY M 313 -13.07 -46.06 -59.18
CA GLY M 313 -13.89 -47.12 -58.62
C GLY M 313 -14.87 -47.71 -59.60
N GLU M 314 -15.26 -46.95 -60.63
CA GLU M 314 -16.12 -47.50 -61.68
C GLU M 314 -15.41 -48.62 -62.42
N GLY M 315 -14.14 -48.40 -62.77
CA GLY M 315 -13.39 -49.44 -63.45
C GLY M 315 -13.18 -50.65 -62.57
N ARG M 316 -13.02 -50.44 -61.26
CA ARG M 316 -12.84 -51.57 -60.37
C ARG M 316 -14.10 -52.43 -60.33
N ALA M 317 -15.27 -51.78 -60.35
CA ALA M 317 -16.52 -52.54 -60.37
C ALA M 317 -16.70 -53.28 -61.69
N CYS M 318 -16.34 -52.63 -62.80
CA CYS M 318 -16.50 -53.27 -64.11
C CYS M 318 -15.66 -54.53 -64.22
N TRP M 319 -14.40 -54.46 -63.77
CA TRP M 319 -13.53 -55.63 -63.82
C TRP M 319 -14.07 -56.75 -62.95
N SER M 320 -14.53 -56.41 -61.75
CA SER M 320 -15.06 -57.43 -60.84
C SER M 320 -16.34 -58.04 -61.40
N LEU M 321 -17.24 -57.20 -61.93
CA LEU M 321 -18.48 -57.70 -62.50
C LEU M 321 -18.22 -58.62 -63.69
N GLY M 322 -17.28 -58.24 -64.55
CA GLY M 322 -16.93 -59.09 -65.69
C GLY M 322 -16.58 -60.50 -65.27
N ASN M 323 -15.77 -60.62 -64.22
CA ASN M 323 -15.31 -61.92 -63.75
C ASN M 323 -16.36 -62.64 -62.92
N ALA M 324 -17.22 -61.91 -62.23
CA ALA M 324 -18.34 -62.55 -61.55
C ALA M 324 -19.31 -63.14 -62.58
N TYR M 325 -19.63 -62.39 -63.62
CA TYR M 325 -20.51 -62.90 -64.66
C TYR M 325 -19.86 -64.05 -65.40
N THR M 326 -18.54 -63.99 -65.59
CA THR M 326 -17.84 -65.08 -66.25
C THR M 326 -17.92 -66.36 -65.43
N ALA M 327 -17.86 -66.25 -64.10
CA ALA M 327 -17.96 -67.43 -63.25
C ALA M 327 -19.35 -68.02 -63.25
N LEU M 328 -20.36 -67.24 -63.65
CA LEU M 328 -21.74 -67.70 -63.78
C LEU M 328 -22.02 -68.23 -65.18
N GLY M 329 -21.40 -67.66 -66.20
CA GLY M 329 -21.55 -68.11 -67.58
C GLY M 329 -22.22 -67.09 -68.50
N ASN M 330 -22.64 -65.94 -67.97
CA ASN M 330 -23.25 -64.86 -68.74
C ASN M 330 -22.18 -64.20 -69.62
N HIS M 331 -21.89 -64.81 -70.76
CA HIS M 331 -20.79 -64.29 -71.56
C HIS M 331 -21.13 -62.96 -72.21
N ASP M 332 -22.41 -62.70 -72.49
CA ASP M 332 -22.78 -61.43 -73.08
C ASP M 332 -22.64 -60.29 -72.07
N GLN M 333 -23.10 -60.51 -70.84
CA GLN M 333 -22.96 -59.49 -69.80
C GLN M 333 -21.51 -59.30 -69.40
N ALA M 334 -20.72 -60.37 -69.42
CA ALA M 334 -19.29 -60.25 -69.14
C ALA M 334 -18.59 -59.40 -70.19
N MET M 335 -18.91 -59.63 -71.48
CA MET M 335 -18.30 -58.82 -72.52
C MET M 335 -18.66 -57.35 -72.39
N HIS M 336 -19.83 -57.04 -71.82
CA HIS M 336 -20.23 -55.65 -71.70
C HIS M 336 -19.35 -54.92 -70.69
N PHE M 337 -19.18 -55.51 -69.49
CA PHE M 337 -18.37 -54.87 -68.46
C PHE M 337 -16.88 -54.92 -68.79
N ALA M 338 -16.43 -55.92 -69.55
CA ALA M 338 -15.03 -55.94 -69.95
C ALA M 338 -14.73 -54.79 -70.91
N GLU M 339 -15.69 -54.46 -71.77
CA GLU M 339 -15.54 -53.30 -72.63
C GLU M 339 -15.52 -52.02 -71.80
N LYS M 340 -16.43 -51.91 -70.83
CA LYS M 340 -16.44 -50.76 -69.95
C LYS M 340 -15.15 -50.68 -69.13
N HIS M 341 -14.58 -51.84 -68.80
CA HIS M 341 -13.30 -51.85 -68.10
C HIS M 341 -12.19 -51.30 -68.99
N LEU M 342 -12.17 -51.71 -70.27
CA LEU M 342 -11.19 -51.17 -71.21
C LEU M 342 -11.34 -49.66 -71.37
N GLU M 343 -12.58 -49.18 -71.48
CA GLU M 343 -12.81 -47.75 -71.69
C GLU M 343 -12.32 -46.93 -70.50
N ILE M 344 -12.73 -47.33 -69.30
CA ILE M 344 -12.31 -46.59 -68.10
C ILE M 344 -10.80 -46.66 -67.94
N SER M 345 -10.22 -47.84 -68.15
CA SER M 345 -8.78 -48.02 -67.96
C SER M 345 -7.98 -47.09 -68.86
N ARG M 346 -8.46 -46.87 -70.09
CA ARG M 346 -7.84 -45.87 -70.96
C ARG M 346 -8.01 -44.47 -70.42
N GLU M 347 -9.22 -44.14 -69.94
CA GLU M 347 -9.53 -42.76 -69.58
C GLU M 347 -8.75 -42.32 -68.35
N VAL M 348 -8.37 -43.25 -67.46
CA VAL M 348 -7.71 -42.91 -66.21
C VAL M 348 -6.24 -43.25 -66.23
N GLY M 349 -5.73 -43.79 -67.34
CA GLY M 349 -4.32 -44.10 -67.45
C GLY M 349 -3.88 -45.36 -66.74
N ASP M 350 -4.82 -46.24 -66.38
CA ASP M 350 -4.46 -47.51 -65.77
C ASP M 350 -3.89 -48.43 -66.84
N LYS M 351 -2.57 -48.38 -67.06
CA LYS M 351 -1.96 -49.15 -68.14
C LYS M 351 -2.09 -50.63 -67.88
N SER M 352 -1.99 -51.04 -66.60
CA SER M 352 -2.17 -52.45 -66.26
C SER M 352 -3.58 -52.91 -66.61
N GLY M 353 -4.59 -52.12 -66.20
CA GLY M 353 -5.98 -52.50 -66.47
C GLY M 353 -6.29 -52.59 -67.95
N GLU M 354 -5.70 -51.70 -68.74
CA GLU M 354 -6.00 -51.68 -70.17
C GLU M 354 -5.54 -52.97 -70.83
N LEU M 355 -4.35 -53.46 -70.45
CA LEU M 355 -3.82 -54.68 -71.04
C LEU M 355 -4.61 -55.89 -70.58
N THR M 356 -5.10 -55.87 -69.34
CA THR M 356 -5.91 -56.98 -68.84
C THR M 356 -7.26 -57.04 -69.53
N ALA M 357 -7.90 -55.88 -69.72
CA ALA M 357 -9.21 -55.86 -70.40
C ALA M 357 -9.11 -56.39 -71.81
N ARG M 358 -7.99 -56.15 -72.49
CA ARG M 358 -7.76 -56.71 -73.82
C ARG M 358 -7.64 -58.22 -73.74
N LEU M 359 -6.79 -58.71 -72.83
CA LEU M 359 -6.65 -60.15 -72.65
C LEU M 359 -7.94 -60.81 -72.20
N ASN M 360 -8.86 -60.06 -71.59
CA ASN M 360 -10.15 -60.60 -71.20
C ASN M 360 -11.10 -60.72 -72.37
N LEU M 361 -11.17 -59.69 -73.22
CA LEU M 361 -12.12 -59.72 -74.33
C LEU M 361 -11.73 -60.77 -75.36
N SER M 362 -10.43 -60.92 -75.62
CA SER M 362 -9.94 -61.95 -76.53
C SER M 362 -10.49 -63.33 -76.17
N ASP M 363 -10.41 -63.68 -74.87
CA ASP M 363 -10.84 -64.97 -74.38
C ASP M 363 -12.35 -65.10 -74.39
N LEU M 364 -13.03 -64.04 -74.00
CA LEU M 364 -14.49 -64.03 -73.87
C LEU M 364 -15.19 -64.40 -75.17
N GLN M 365 -14.61 -64.06 -76.32
CA GLN M 365 -15.27 -64.37 -77.59
C GLN M 365 -15.48 -65.87 -77.80
N MET M 366 -14.58 -66.71 -77.27
CA MET M 366 -14.59 -68.12 -77.68
C MET M 366 -15.75 -68.93 -77.10
N VAL M 367 -16.39 -68.49 -76.02
CA VAL M 367 -17.71 -69.05 -75.69
C VAL M 367 -18.72 -67.93 -75.52
N ASN N 10 24.28 -57.21 -54.37
CA ASN N 10 24.65 -56.61 -53.11
C ASN N 10 23.86 -55.33 -52.86
N SER N 11 23.73 -54.51 -53.90
CA SER N 11 22.93 -53.28 -53.88
C SER N 11 21.91 -53.31 -55.01
N ALA N 12 21.18 -54.41 -55.15
CA ALA N 12 20.34 -54.64 -56.32
C ALA N 12 19.00 -53.94 -56.22
N LEU N 13 18.14 -54.36 -55.29
CA LEU N 13 16.95 -53.57 -55.00
C LEU N 13 17.31 -52.27 -54.28
N LEU N 14 18.41 -52.26 -53.56
CA LEU N 14 18.75 -51.16 -52.65
C LEU N 14 18.98 -49.84 -53.36
N SER N 15 19.09 -49.82 -54.68
CA SER N 15 19.12 -48.53 -55.37
C SER N 15 18.31 -48.50 -56.66
N LEU N 16 18.01 -49.65 -57.26
CA LEU N 16 17.39 -49.83 -58.57
C LEU N 16 15.93 -50.21 -58.48
N PRO N 17 15.11 -49.70 -59.40
CA PRO N 17 13.65 -49.87 -59.28
C PRO N 17 13.14 -51.29 -59.53
N GLY N 18 12.80 -51.99 -58.44
CA GLY N 18 12.07 -53.24 -58.43
C GLY N 18 12.74 -54.58 -58.72
N TYR N 19 13.04 -55.37 -57.69
CA TYR N 19 13.64 -56.69 -57.86
C TYR N 19 13.69 -57.43 -56.52
N ARG N 20 13.46 -58.76 -56.56
CA ARG N 20 13.59 -59.69 -55.44
C ARG N 20 13.30 -61.10 -55.90
N PRO N 21 14.26 -62.04 -55.85
CA PRO N 21 14.03 -63.38 -56.39
C PRO N 21 13.46 -64.38 -55.40
N THR N 22 12.27 -64.90 -55.71
CA THR N 22 11.54 -65.83 -54.85
C THR N 22 10.67 -66.78 -55.67
N PHE N 45 -5.45 -58.05 -53.99
CA PHE N 45 -6.61 -57.44 -54.64
C PHE N 45 -7.07 -56.16 -53.90
N TYR N 46 -8.05 -55.48 -54.48
CA TYR N 46 -8.44 -54.14 -54.04
C TYR N 46 -9.31 -54.24 -52.79
N MET N 47 -8.78 -53.67 -51.70
CA MET N 47 -9.36 -53.74 -50.37
C MET N 47 -9.38 -52.34 -49.75
N GLY N 48 -9.01 -51.32 -50.52
CA GLY N 48 -8.58 -50.07 -49.93
C GLY N 48 -7.22 -50.38 -49.35
N THR N 49 -7.01 -49.98 -48.09
CA THR N 49 -6.12 -50.73 -47.22
C THR N 49 -6.94 -51.06 -45.93
N CYS N 50 -6.74 -50.32 -44.89
CA CYS N 50 -7.32 -50.69 -43.60
C CYS N 50 -7.53 -49.53 -42.62
N GLN N 51 -8.07 -48.40 -43.09
CA GLN N 51 -8.54 -47.25 -42.31
C GLN N 51 -7.89 -46.93 -40.97
N ASP N 52 -6.82 -46.13 -40.98
CA ASP N 52 -6.05 -45.80 -39.77
C ASP N 52 -6.87 -44.88 -38.84
N GLU N 53 -6.21 -44.42 -37.75
CA GLU N 53 -6.73 -43.48 -36.75
C GLU N 53 -6.40 -42.04 -37.15
N PRO N 54 -7.36 -41.13 -37.01
CA PRO N 54 -7.22 -39.79 -37.59
C PRO N 54 -6.11 -38.96 -36.95
N GLU N 55 -5.27 -38.35 -37.79
CA GLU N 55 -4.22 -37.46 -37.32
C GLU N 55 -4.88 -36.26 -36.64
N GLN N 56 -4.62 -36.05 -35.36
CA GLN N 56 -5.36 -35.11 -34.53
C GLN N 56 -4.64 -33.81 -34.21
N LEU N 57 -5.14 -32.71 -34.79
CA LEU N 57 -4.88 -31.36 -34.31
C LEU N 57 -6.24 -30.70 -34.11
N ASP N 58 -6.67 -30.59 -32.85
CA ASP N 58 -7.91 -29.89 -32.53
C ASP N 58 -7.68 -28.40 -32.29
N ASP N 59 -6.47 -28.05 -31.88
CA ASP N 59 -6.14 -26.68 -31.44
C ASP N 59 -6.11 -25.67 -32.58
N TRP N 60 -7.00 -24.68 -32.47
CA TRP N 60 -7.10 -23.46 -33.28
C TRP N 60 -7.37 -22.26 -32.37
N ASN N 61 -6.82 -22.30 -31.15
CA ASN N 61 -7.18 -21.31 -30.14
C ASN N 61 -6.00 -20.87 -29.26
N ARG N 62 -4.76 -21.24 -29.59
CA ARG N 62 -3.62 -20.96 -28.72
C ARG N 62 -3.35 -19.47 -28.57
N ILE N 63 -3.56 -18.69 -29.64
CA ILE N 63 -3.21 -17.27 -29.57
C ILE N 63 -4.23 -16.51 -28.74
N ALA N 64 -5.51 -16.84 -28.87
CA ALA N 64 -6.52 -16.20 -28.05
C ALA N 64 -6.36 -16.57 -26.57
N GLU N 65 -5.83 -17.76 -26.29
CA GLU N 65 -5.54 -18.13 -24.90
C GLU N 65 -4.25 -17.49 -24.42
N LEU N 66 -3.26 -17.34 -25.30
CA LEU N 66 -2.07 -16.57 -24.98
C LEU N 66 -2.34 -15.08 -25.17
N GLN N 67 -3.60 -14.69 -25.01
CA GLN N 67 -4.02 -13.31 -24.80
C GLN N 67 -4.35 -13.00 -23.34
N GLN N 68 -4.43 -14.01 -22.49
CA GLN N 68 -4.71 -13.84 -21.07
C GLN N 68 -3.46 -13.49 -20.26
N ARG N 69 -2.75 -14.52 -19.79
CA ARG N 69 -1.65 -14.36 -18.84
C ARG N 69 -2.15 -13.77 -17.53
N ASN N 70 -2.33 -14.62 -16.53
CA ASN N 70 -2.88 -14.20 -15.23
C ASN N 70 -1.85 -13.49 -14.36
N LEU O 3 -8.81 -77.14 -72.60
CA LEU O 3 -9.57 -76.35 -71.65
C LEU O 3 -10.49 -75.39 -72.41
N GLY O 4 -11.79 -75.56 -72.25
CA GLY O 4 -12.75 -74.70 -72.92
C GLY O 4 -12.87 -73.34 -72.28
N SER O 5 -13.76 -73.21 -71.30
CA SER O 5 -13.95 -71.94 -70.58
C SER O 5 -13.08 -71.90 -69.33
N MET O 6 -11.80 -71.56 -69.52
CA MET O 6 -10.86 -71.53 -68.39
C MET O 6 -10.36 -70.14 -68.00
N PHE O 7 -9.41 -69.55 -68.73
CA PHE O 7 -8.68 -68.42 -68.15
C PHE O 7 -9.52 -67.14 -68.02
N HIS O 8 -10.14 -66.97 -66.83
CA HIS O 8 -11.24 -66.04 -66.57
C HIS O 8 -11.00 -64.99 -65.47
N VAL O 9 -11.32 -65.32 -64.20
CA VAL O 9 -11.22 -64.30 -63.14
C VAL O 9 -9.77 -63.98 -62.77
N ARG O 10 -8.88 -64.95 -62.86
CA ARG O 10 -7.48 -64.71 -62.49
C ARG O 10 -6.66 -64.16 -63.64
N TYR O 11 -6.91 -64.62 -64.87
CA TYR O 11 -6.35 -63.95 -66.04
C TYR O 11 -6.97 -62.59 -66.29
N ARG O 12 -7.92 -62.17 -65.47
CA ARG O 12 -8.37 -60.78 -65.52
C ARG O 12 -7.54 -59.90 -64.60
N MET O 13 -7.08 -60.46 -63.49
CA MET O 13 -6.74 -59.70 -62.30
C MET O 13 -5.62 -58.67 -62.43
N GLU O 14 -4.38 -59.12 -62.50
CA GLU O 14 -3.27 -58.20 -62.34
C GLU O 14 -2.71 -57.70 -63.66
N ALA O 15 -1.96 -58.56 -64.34
CA ALA O 15 -1.13 -58.37 -65.54
C ALA O 15 0.19 -59.06 -65.24
N SER O 16 1.29 -58.51 -65.74
CA SER O 16 2.62 -59.02 -65.44
C SER O 16 3.61 -58.01 -65.99
N CYS O 17 4.81 -58.02 -65.41
CA CYS O 17 5.83 -57.06 -65.85
C CYS O 17 6.17 -57.27 -67.31
N LEU O 18 6.36 -58.53 -67.71
CA LEU O 18 6.73 -58.84 -69.09
C LEU O 18 5.65 -58.36 -70.07
N GLU O 19 4.38 -58.54 -69.70
CA GLU O 19 3.30 -58.15 -70.60
C GLU O 19 3.25 -56.65 -70.82
N LEU O 20 3.40 -55.86 -69.75
CA LEU O 20 3.47 -54.41 -69.89
C LEU O 20 4.66 -54.02 -70.75
N ALA O 21 5.80 -54.67 -70.53
CA ALA O 21 7.00 -54.37 -71.30
C ALA O 21 6.82 -54.64 -72.79
N LEU O 22 6.21 -55.78 -73.11
CA LEU O 22 6.00 -56.13 -74.51
C LEU O 22 5.06 -55.14 -75.20
N GLU O 23 4.06 -54.66 -74.48
CA GLU O 23 3.17 -53.64 -75.03
C GLU O 23 3.93 -52.34 -75.30
N GLY O 24 4.79 -51.93 -74.37
CA GLY O 24 5.61 -50.76 -74.61
C GLY O 24 6.46 -50.88 -75.85
N GLU O 25 7.07 -52.06 -76.05
CA GLU O 25 7.93 -52.27 -77.20
C GLU O 25 7.14 -52.22 -78.50
N ARG O 26 5.94 -52.80 -78.53
CA ARG O 26 5.11 -52.75 -79.73
C ARG O 26 4.69 -51.33 -80.07
N LEU O 27 4.44 -50.50 -79.06
CA LEU O 27 4.07 -49.12 -79.34
C LEU O 27 5.24 -48.34 -79.94
N CYS O 28 6.45 -48.60 -79.44
CA CYS O 28 7.63 -47.97 -80.02
C CYS O 28 7.90 -48.46 -81.44
N LYS O 29 7.64 -49.76 -81.69
CA LYS O 29 7.76 -50.29 -83.05
C LYS O 29 6.85 -49.56 -84.03
N SER O 30 5.64 -49.21 -83.57
CA SER O 30 4.68 -48.50 -84.41
C SER O 30 4.99 -47.01 -84.52
N GLY O 31 5.87 -46.49 -83.68
CA GLY O 31 6.30 -45.11 -83.76
C GLY O 31 5.61 -44.18 -82.80
N ASP O 32 4.76 -44.70 -81.92
CA ASP O 32 4.11 -43.90 -80.88
C ASP O 32 4.83 -44.17 -79.56
N CYS O 33 5.98 -43.50 -79.40
CA CYS O 33 6.84 -43.74 -78.25
C CYS O 33 6.34 -43.02 -77.01
N ARG O 34 5.43 -42.06 -77.19
CA ARG O 34 4.82 -41.36 -76.07
C ARG O 34 3.96 -42.31 -75.25
N ALA O 35 3.16 -43.15 -75.91
CA ALA O 35 2.38 -44.16 -75.20
C ALA O 35 3.27 -45.31 -74.72
N GLY O 36 4.30 -45.66 -75.49
CA GLY O 36 5.18 -46.75 -75.09
C GLY O 36 5.88 -46.48 -73.78
N VAL O 37 6.26 -45.21 -73.54
CA VAL O 37 6.94 -44.85 -72.30
C VAL O 37 6.07 -45.14 -71.09
N SER O 38 4.77 -44.81 -71.18
CA SER O 38 3.87 -45.05 -70.05
C SER O 38 3.84 -46.53 -69.69
N PHE O 39 3.75 -47.40 -70.69
CA PHE O 39 3.70 -48.83 -70.42
C PHE O 39 5.04 -49.37 -69.93
N PHE O 40 6.15 -48.78 -70.37
CA PHE O 40 7.44 -49.20 -69.84
C PHE O 40 7.59 -48.81 -68.37
N GLU O 41 7.30 -47.55 -68.04
CA GLU O 41 7.38 -47.13 -66.64
C GLU O 41 6.38 -47.87 -65.78
N ALA O 42 5.29 -48.35 -66.36
CA ALA O 42 4.35 -49.17 -65.60
C ALA O 42 5.00 -50.51 -65.26
N ALA O 43 5.71 -51.10 -66.22
CA ALA O 43 6.42 -52.34 -65.96
C ALA O 43 7.49 -52.15 -64.89
N VAL O 44 8.13 -50.98 -64.88
CA VAL O 44 9.08 -50.65 -63.84
C VAL O 44 8.42 -50.65 -62.47
N GLN O 45 7.20 -50.10 -62.39
CA GLN O 45 6.48 -50.06 -61.12
C GLN O 45 6.18 -51.47 -60.62
N VAL O 46 5.80 -52.36 -61.53
CA VAL O 46 5.53 -53.76 -61.15
C VAL O 46 6.82 -54.43 -60.68
N GLY O 47 7.91 -54.24 -61.41
CA GLY O 47 9.17 -54.87 -61.11
C GLY O 47 9.21 -56.31 -61.56
N THR O 48 10.42 -56.85 -61.55
CA THR O 48 10.64 -58.23 -61.97
C THR O 48 11.81 -58.82 -61.21
N GLU O 49 11.87 -60.14 -61.22
CA GLU O 49 12.99 -60.87 -60.63
C GLU O 49 14.12 -61.06 -61.63
N ASP O 50 13.80 -61.02 -62.92
CA ASP O 50 14.70 -61.39 -64.00
C ASP O 50 15.55 -60.18 -64.35
N LEU O 51 16.83 -60.20 -63.97
CA LEU O 51 17.66 -59.03 -64.17
C LEU O 51 17.97 -58.80 -65.65
N LYS O 52 18.01 -59.88 -66.44
CA LYS O 52 18.21 -59.72 -67.88
C LYS O 52 17.05 -58.94 -68.51
N THR O 53 15.83 -59.25 -68.09
CA THR O 53 14.66 -58.50 -68.57
C THR O 53 14.73 -57.05 -68.12
N LEU O 54 15.02 -56.83 -66.84
CA LEU O 54 15.10 -55.48 -66.29
C LEU O 54 16.11 -54.63 -67.04
N SER O 55 17.26 -55.23 -67.38
CA SER O 55 18.27 -54.52 -68.15
C SER O 55 17.70 -54.07 -69.49
N ALA O 56 16.96 -54.96 -70.16
CA ALA O 56 16.36 -54.61 -71.45
C ALA O 56 15.33 -53.48 -71.30
N ILE O 57 14.58 -53.49 -70.20
CA ILE O 57 13.56 -52.46 -70.00
C ILE O 57 14.22 -51.10 -69.85
N TYR O 58 15.25 -51.02 -68.99
CA TYR O 58 15.94 -49.76 -68.77
C TYR O 58 16.50 -49.22 -70.07
N SER O 59 17.16 -50.09 -70.85
CA SER O 59 17.81 -49.65 -72.08
C SER O 59 16.81 -49.14 -73.10
N GLN O 60 15.69 -49.85 -73.25
CA GLN O 60 14.69 -49.41 -74.23
C GLN O 60 13.91 -48.20 -73.73
N LEU O 61 13.83 -48.00 -72.41
CA LEU O 61 13.28 -46.76 -71.90
C LEU O 61 14.21 -45.59 -72.19
N GLY O 62 15.51 -45.78 -71.96
CA GLY O 62 16.47 -44.75 -72.31
C GLY O 62 16.42 -44.40 -73.78
N ASN O 63 16.39 -45.42 -74.63
CA ASN O 63 16.32 -45.19 -76.07
C ASN O 63 15.01 -44.52 -76.47
N ALA O 64 13.92 -44.84 -75.76
CA ALA O 64 12.63 -44.22 -76.08
C ALA O 64 12.61 -42.76 -75.66
N TYR O 65 13.10 -42.46 -74.45
CA TYR O 65 13.17 -41.08 -74.00
C TYR O 65 14.12 -40.29 -74.87
N PHE O 66 15.20 -40.92 -75.32
CA PHE O 66 16.16 -40.27 -76.22
C PHE O 66 15.45 -39.80 -77.48
N TYR O 67 14.64 -40.68 -78.08
CA TYR O 67 13.91 -40.34 -79.29
C TYR O 67 12.87 -39.25 -79.04
N LEU O 68 12.27 -39.23 -77.84
CA LEU O 68 11.32 -38.18 -77.46
C LEU O 68 12.01 -36.91 -76.98
N HIS O 69 13.33 -36.80 -77.12
CA HIS O 69 14.09 -35.61 -76.77
C HIS O 69 13.98 -35.26 -75.28
N ASP O 70 13.65 -36.23 -74.43
CA ASP O 70 13.68 -36.01 -72.99
C ASP O 70 14.98 -36.60 -72.45
N TYR O 71 16.06 -35.89 -72.77
CA TYR O 71 17.40 -36.39 -72.51
C TYR O 71 17.69 -36.55 -71.02
N ALA O 72 16.97 -35.83 -70.15
CA ALA O 72 17.19 -35.96 -68.73
C ALA O 72 16.79 -37.35 -68.23
N LYS O 73 15.60 -37.83 -68.64
CA LYS O 73 15.20 -39.16 -68.25
C LYS O 73 15.90 -40.24 -69.08
N ALA O 74 16.34 -39.91 -70.30
CA ALA O 74 17.16 -40.86 -71.04
C ALA O 74 18.44 -41.14 -70.28
N LEU O 75 19.02 -40.10 -69.68
CA LEU O 75 20.20 -40.27 -68.86
C LEU O 75 19.89 -41.10 -67.61
N GLU O 76 18.74 -40.87 -66.99
CA GLU O 76 18.34 -41.65 -65.81
C GLU O 76 18.36 -43.15 -66.07
N TYR O 77 17.61 -43.60 -67.09
CA TYR O 77 17.45 -45.04 -67.29
C TYR O 77 18.68 -45.69 -67.89
N HIS O 78 19.45 -44.98 -68.73
CA HIS O 78 20.70 -45.57 -69.19
C HIS O 78 21.71 -45.66 -68.07
N HIS O 79 21.61 -44.75 -67.10
CA HIS O 79 22.48 -44.81 -65.93
C HIS O 79 22.10 -46.01 -65.05
N HIS O 80 20.81 -46.28 -64.91
CA HIS O 80 20.36 -47.47 -64.19
C HIS O 80 20.81 -48.74 -64.89
N ASP O 81 20.71 -48.78 -66.22
CA ASP O 81 21.16 -49.96 -66.96
C ASP O 81 22.65 -50.20 -66.75
N LEU O 82 23.45 -49.12 -66.77
CA LEU O 82 24.88 -49.25 -66.51
C LEU O 82 25.13 -49.76 -65.09
N THR O 83 24.44 -49.18 -64.11
CA THR O 83 24.61 -49.59 -62.72
C THR O 83 24.29 -51.08 -62.53
N LEU O 84 23.18 -51.53 -63.13
CA LEU O 84 22.80 -52.93 -63.02
C LEU O 84 23.82 -53.85 -63.70
N ALA O 85 24.25 -53.48 -64.92
CA ALA O 85 25.23 -54.30 -65.63
C ALA O 85 26.54 -54.40 -64.86
N ARG O 86 26.88 -53.36 -64.10
CA ARG O 86 28.15 -53.37 -63.37
C ARG O 86 28.07 -54.27 -62.14
N THR O 87 26.96 -54.22 -61.40
CA THR O 87 26.82 -55.03 -60.20
C THR O 87 26.84 -56.52 -60.51
N ILE O 88 26.15 -56.92 -61.59
CA ILE O 88 26.09 -58.32 -61.96
C ILE O 88 27.29 -58.76 -62.81
N GLY O 89 28.21 -57.84 -63.12
CA GLY O 89 29.40 -58.20 -63.86
C GLY O 89 29.17 -58.59 -65.30
N ASP O 90 28.03 -58.21 -65.87
CA ASP O 90 27.74 -58.42 -67.28
C ASP O 90 28.52 -57.39 -68.08
N GLN O 91 29.72 -57.79 -68.54
CA GLN O 91 30.60 -56.83 -69.19
C GLN O 91 30.10 -56.43 -70.56
N LEU O 92 29.48 -57.36 -71.30
CA LEU O 92 28.88 -57.00 -72.58
C LEU O 92 27.76 -55.99 -72.39
N GLY O 93 26.90 -56.21 -71.39
CA GLY O 93 25.85 -55.25 -71.07
C GLY O 93 26.42 -53.93 -70.59
N GLU O 94 27.55 -53.99 -69.87
CA GLU O 94 28.18 -52.77 -69.37
C GLU O 94 28.66 -51.90 -70.53
N ALA O 95 29.28 -52.53 -71.53
CA ALA O 95 29.79 -51.79 -72.68
C ALA O 95 28.65 -51.13 -73.46
N LYS O 96 27.58 -51.88 -73.72
CA LYS O 96 26.47 -51.32 -74.50
C LYS O 96 25.80 -50.17 -73.75
N ALA O 97 25.69 -50.29 -72.42
CA ALA O 97 25.07 -49.21 -71.65
C ALA O 97 25.97 -47.98 -71.64
N SER O 98 27.29 -48.18 -71.56
CA SER O 98 28.22 -47.06 -71.61
C SER O 98 28.10 -46.30 -72.94
N GLY O 99 27.96 -47.03 -74.05
CA GLY O 99 27.80 -46.38 -75.34
C GLY O 99 26.56 -45.51 -75.41
N ASN O 100 25.43 -46.04 -74.94
CA ASN O 100 24.19 -45.27 -74.94
C ASN O 100 24.29 -44.08 -74.00
N LEU O 101 24.91 -44.28 -72.83
CA LEU O 101 25.11 -43.16 -71.91
C LEU O 101 25.99 -42.09 -72.55
N GLY O 102 27.00 -42.52 -73.32
CA GLY O 102 27.87 -41.57 -74.00
C GLY O 102 27.14 -40.72 -75.03
N ASN O 103 26.32 -41.37 -75.86
CA ASN O 103 25.57 -40.64 -76.88
C ASN O 103 24.57 -39.68 -76.24
N THR O 104 23.97 -40.07 -75.11
CA THR O 104 23.09 -39.15 -74.39
C THR O 104 23.87 -37.94 -73.93
N LEU O 105 25.02 -38.17 -73.29
CA LEU O 105 25.89 -37.08 -72.84
C LEU O 105 26.37 -36.24 -74.00
N LYS O 106 26.54 -36.85 -75.19
CA LYS O 106 27.00 -36.10 -76.35
C LYS O 106 26.00 -35.04 -76.75
N VAL O 107 24.71 -35.39 -76.75
CA VAL O 107 23.66 -34.43 -77.10
C VAL O 107 23.56 -33.35 -76.04
N LEU O 108 23.77 -33.72 -74.77
CA LEU O 108 23.67 -32.78 -73.66
C LEU O 108 24.85 -31.84 -73.57
N GLY O 109 25.85 -31.99 -74.44
CA GLY O 109 27.00 -31.11 -74.48
C GLY O 109 28.06 -31.41 -73.44
N ASN O 110 27.94 -32.53 -72.72
CA ASN O 110 28.94 -32.94 -71.72
C ASN O 110 29.95 -33.87 -72.40
N PHE O 111 30.75 -33.28 -73.29
CA PHE O 111 31.62 -34.09 -74.14
C PHE O 111 32.69 -34.81 -73.32
N ASP O 112 33.19 -34.18 -72.26
CA ASP O 112 34.29 -34.78 -71.48
C ASP O 112 33.88 -36.12 -70.89
N GLU O 113 32.70 -36.18 -70.28
CA GLU O 113 32.20 -37.45 -69.75
C GLU O 113 31.76 -38.38 -70.87
N ALA O 114 31.26 -37.83 -71.98
CA ALA O 114 30.88 -38.67 -73.11
C ALA O 114 32.07 -39.42 -73.67
N ILE O 115 33.24 -38.79 -73.69
CA ILE O 115 34.46 -39.45 -74.14
C ILE O 115 34.75 -40.65 -73.24
N VAL O 116 34.64 -40.45 -71.93
CA VAL O 116 34.94 -41.49 -70.96
C VAL O 116 34.06 -42.71 -71.19
N CYS O 117 32.75 -42.49 -71.35
CA CYS O 117 31.81 -43.59 -71.48
C CYS O 117 32.03 -44.36 -72.77
N CYS O 118 32.25 -43.64 -73.89
CA CYS O 118 32.48 -44.32 -75.16
C CYS O 118 33.85 -44.98 -75.20
N GLN O 119 34.84 -44.43 -74.50
CA GLN O 119 36.13 -45.08 -74.37
C GLN O 119 35.99 -46.39 -73.61
N ARG O 120 35.15 -46.38 -72.57
CA ARG O 120 34.87 -47.59 -71.80
C ARG O 120 34.23 -48.65 -72.67
N HIS O 121 33.31 -48.24 -73.54
CA HIS O 121 32.69 -49.17 -74.48
C HIS O 121 33.74 -49.79 -75.39
N LEU O 122 34.65 -48.96 -75.92
CA LEU O 122 35.71 -49.47 -76.78
C LEU O 122 36.62 -50.45 -76.05
N ASP O 123 37.08 -50.08 -74.85
CA ASP O 123 38.02 -50.92 -74.12
C ASP O 123 37.43 -52.30 -73.81
N ILE O 124 36.19 -52.34 -73.31
CA ILE O 124 35.57 -53.62 -72.99
C ILE O 124 35.38 -54.46 -74.25
N SER O 125 35.00 -53.82 -75.36
CA SER O 125 34.82 -54.54 -76.61
C SER O 125 36.11 -55.19 -77.07
N ARG O 126 37.23 -54.46 -76.98
CA ARG O 126 38.52 -55.01 -77.35
C ARG O 126 38.92 -56.15 -76.41
N GLU O 127 38.55 -56.02 -75.13
CA GLU O 127 38.90 -57.03 -74.14
C GLU O 127 38.16 -58.34 -74.39
N LEU O 128 36.90 -58.26 -74.80
CA LEU O 128 36.11 -59.45 -75.09
C LEU O 128 36.24 -59.91 -76.52
N ASN O 129 37.06 -59.23 -77.33
CA ASN O 129 37.21 -59.54 -78.76
C ASN O 129 35.86 -59.48 -79.48
N ASP O 130 35.04 -58.51 -79.10
CA ASP O 130 33.76 -58.29 -79.75
C ASP O 130 33.99 -57.31 -80.89
N LYS O 131 34.15 -57.83 -82.10
CA LYS O 131 34.55 -56.98 -83.23
C LYS O 131 33.44 -56.04 -83.66
N VAL O 132 32.19 -56.51 -83.63
CA VAL O 132 31.07 -55.64 -83.98
C VAL O 132 30.88 -54.55 -82.94
N GLY O 133 31.08 -54.88 -81.66
CA GLY O 133 31.00 -53.87 -80.62
C GLY O 133 32.15 -52.89 -80.69
N GLU O 134 33.34 -53.38 -81.05
CA GLU O 134 34.49 -52.50 -81.21
C GLU O 134 34.23 -51.47 -82.30
N ALA O 135 33.68 -51.92 -83.43
CA ALA O 135 33.37 -51.02 -84.52
C ALA O 135 32.34 -49.97 -84.10
N ARG O 136 31.25 -50.40 -83.44
CA ARG O 136 30.23 -49.44 -83.00
C ARG O 136 30.80 -48.42 -82.02
N ALA O 137 31.73 -48.84 -81.16
CA ALA O 137 32.33 -47.89 -80.22
C ALA O 137 33.21 -46.89 -80.96
N LEU O 138 33.93 -47.34 -81.98
CA LEU O 138 34.74 -46.44 -82.80
C LEU O 138 33.86 -45.39 -83.49
N TYR O 139 32.74 -45.84 -84.06
CA TYR O 139 31.80 -44.92 -84.70
C TYR O 139 31.25 -43.91 -83.69
N ASN O 140 30.92 -44.38 -82.48
CA ASN O 140 30.41 -43.48 -81.45
C ASN O 140 31.45 -42.41 -81.09
N LEU O 141 32.70 -42.84 -80.90
CA LEU O 141 33.76 -41.90 -80.54
C LEU O 141 33.96 -40.87 -81.64
N GLY O 142 33.94 -41.32 -82.90
CA GLY O 142 33.99 -40.38 -84.01
C GLY O 142 32.87 -39.36 -83.96
N ASN O 143 31.66 -39.83 -83.66
CA ASN O 143 30.51 -38.92 -83.59
C ASN O 143 30.67 -37.90 -82.48
N VAL O 144 31.21 -38.32 -81.32
CA VAL O 144 31.33 -37.39 -80.20
C VAL O 144 32.31 -36.27 -80.53
N TYR O 145 33.49 -36.64 -81.05
CA TYR O 145 34.48 -35.63 -81.41
C TYR O 145 33.97 -34.76 -82.55
N HIS O 146 33.20 -35.33 -83.47
CA HIS O 146 32.61 -34.54 -84.54
C HIS O 146 31.69 -33.49 -83.96
N ALA O 147 30.87 -33.89 -82.97
CA ALA O 147 29.95 -32.95 -82.34
C ALA O 147 30.69 -31.93 -81.49
N LYS O 148 31.74 -32.36 -80.79
CA LYS O 148 32.53 -31.43 -79.99
C LYS O 148 33.16 -30.36 -80.86
N GLY O 149 33.75 -30.77 -81.99
CA GLY O 149 34.32 -29.79 -82.90
C GLY O 149 33.29 -28.85 -83.47
N LYS O 150 32.07 -29.36 -83.72
CA LYS O 150 31.01 -28.53 -84.29
C LYS O 150 30.45 -27.55 -83.27
N SER O 151 30.61 -27.81 -81.97
CA SER O 151 30.02 -26.95 -80.95
C SER O 151 30.77 -25.65 -80.68
N PHE O 152 31.92 -25.41 -81.32
CA PHE O 152 32.61 -24.12 -81.22
C PHE O 152 32.51 -23.30 -82.49
N GLY O 153 32.61 -23.95 -83.65
CA GLY O 153 32.75 -23.26 -84.92
C GLY O 153 31.50 -22.60 -85.47
N CYS O 154 31.20 -21.40 -85.04
CA CYS O 154 30.07 -20.68 -85.57
C CYS O 154 30.51 -19.95 -86.84
N PRO O 155 31.77 -19.55 -86.95
CA PRO O 155 32.39 -19.52 -88.28
C PRO O 155 32.58 -20.96 -88.76
N GLY O 156 32.19 -21.22 -90.01
CA GLY O 156 32.08 -22.56 -90.53
C GLY O 156 33.41 -23.09 -90.99
N PRO O 157 33.43 -23.77 -92.15
CA PRO O 157 34.72 -24.17 -92.73
C PRO O 157 35.41 -23.06 -93.51
N GLN O 158 34.70 -22.05 -94.02
CA GLN O 158 35.31 -21.05 -94.90
C GLN O 158 36.14 -20.07 -94.07
N ASP O 159 37.42 -20.40 -93.87
CA ASP O 159 38.40 -19.53 -93.25
C ASP O 159 39.69 -19.64 -94.03
N VAL O 160 40.03 -18.60 -94.80
CA VAL O 160 41.35 -18.49 -95.43
C VAL O 160 42.32 -18.06 -94.34
N GLY O 161 41.80 -17.92 -93.12
CA GLY O 161 42.57 -17.82 -91.93
C GLY O 161 42.47 -19.07 -91.07
N GLU O 162 42.94 -18.95 -89.83
CA GLU O 162 43.00 -20.11 -88.96
C GLU O 162 41.73 -20.25 -88.13
N PHE O 163 41.46 -21.54 -87.69
CA PHE O 163 40.50 -22.08 -86.73
C PHE O 163 41.18 -22.29 -85.38
N PRO O 164 40.43 -22.25 -84.29
CA PRO O 164 41.04 -22.51 -82.97
C PRO O 164 41.56 -23.93 -82.91
N GLU O 165 42.70 -24.10 -82.25
CA GLU O 165 43.38 -25.39 -82.26
C GLU O 165 42.53 -26.47 -81.62
N GLU O 166 41.72 -26.11 -80.62
CA GLU O 166 40.82 -27.07 -79.99
C GLU O 166 39.90 -27.74 -81.02
N VAL O 167 39.39 -26.95 -81.97
CA VAL O 167 38.45 -27.47 -82.95
C VAL O 167 39.15 -28.41 -83.93
N ARG O 168 40.31 -27.98 -84.44
CA ARG O 168 41.06 -28.80 -85.38
C ARG O 168 41.46 -30.12 -84.76
N ASP O 169 41.91 -30.10 -83.49
CA ASP O 169 42.29 -31.33 -82.81
C ASP O 169 41.10 -32.27 -82.66
N ALA O 170 39.92 -31.73 -82.33
CA ALA O 170 38.75 -32.59 -82.16
C ALA O 170 38.32 -33.20 -83.48
N LEU O 171 38.31 -32.40 -84.55
CA LEU O 171 37.92 -32.92 -85.86
C LEU O 171 38.91 -33.93 -86.37
N GLN O 172 40.21 -33.72 -86.14
CA GLN O 172 41.21 -34.70 -86.56
C GLN O 172 41.05 -36.00 -85.78
N ALA O 173 40.68 -35.91 -84.50
CA ALA O 173 40.42 -37.11 -83.73
C ALA O 173 39.23 -37.87 -84.31
N ALA O 174 38.22 -37.14 -84.77
CA ALA O 174 37.06 -37.78 -85.39
C ALA O 174 37.47 -38.50 -86.67
N VAL O 175 38.36 -37.89 -87.46
CA VAL O 175 38.82 -38.51 -88.69
C VAL O 175 39.52 -39.82 -88.38
N ASP O 176 40.37 -39.83 -87.35
CA ASP O 176 41.09 -41.03 -86.96
C ASP O 176 40.12 -42.15 -86.56
N PHE O 177 39.15 -41.82 -85.70
CA PHE O 177 38.17 -42.82 -85.28
C PHE O 177 37.33 -43.34 -86.45
N TYR O 178 36.87 -42.44 -87.33
CA TYR O 178 36.07 -42.89 -88.46
C TYR O 178 36.87 -43.81 -89.38
N GLU O 179 38.15 -43.49 -89.60
CA GLU O 179 38.96 -44.34 -90.48
C GLU O 179 39.23 -45.68 -89.82
N GLU O 180 39.42 -45.70 -88.51
CA GLU O 180 39.57 -46.97 -87.80
C GLU O 180 38.28 -47.78 -87.89
N ASN O 181 37.13 -47.13 -87.69
CA ASN O 181 35.84 -47.79 -87.88
C ASN O 181 35.73 -48.34 -89.30
N LEU O 182 36.06 -47.52 -90.31
CA LEU O 182 35.99 -47.94 -91.70
C LEU O 182 36.84 -49.18 -91.96
N SER O 183 38.06 -49.21 -91.42
CA SER O 183 38.94 -50.35 -91.61
C SER O 183 38.31 -51.62 -91.04
N LEU O 184 37.77 -51.55 -89.83
CA LEU O 184 37.18 -52.72 -89.20
C LEU O 184 35.86 -53.12 -89.88
N VAL O 185 35.10 -52.13 -90.34
CA VAL O 185 33.81 -52.42 -90.98
C VAL O 185 34.01 -53.03 -92.36
N THR O 186 35.00 -52.52 -93.11
CA THR O 186 35.30 -53.12 -94.41
C THR O 186 35.80 -54.56 -94.27
N ALA O 187 36.53 -54.84 -93.18
CA ALA O 187 37.01 -56.20 -92.94
C ALA O 187 35.86 -57.13 -92.53
N LEU O 188 34.86 -56.61 -91.83
CA LEU O 188 33.68 -57.38 -91.45
C LEU O 188 32.68 -57.51 -92.59
N GLY O 189 32.86 -56.79 -93.69
CA GLY O 189 31.96 -56.88 -94.82
C GLY O 189 30.57 -56.34 -94.58
N ASP O 190 30.45 -55.27 -93.81
CA ASP O 190 29.16 -54.62 -93.54
C ASP O 190 29.03 -53.34 -94.37
N ARG O 191 28.32 -53.46 -95.50
CA ARG O 191 28.23 -52.35 -96.45
C ARG O 191 27.45 -51.17 -95.88
N ALA O 192 26.39 -51.44 -95.10
CA ALA O 192 25.61 -50.35 -94.51
C ALA O 192 26.47 -49.50 -93.60
N ALA O 193 27.23 -50.12 -92.71
CA ALA O 193 28.10 -49.38 -91.80
C ALA O 193 29.20 -48.65 -92.57
N GLN O 194 29.66 -49.21 -93.69
CA GLN O 194 30.65 -48.53 -94.52
C GLN O 194 30.07 -47.22 -95.05
N GLY O 195 28.82 -47.26 -95.49
CA GLY O 195 28.18 -46.04 -95.98
C GLY O 195 28.11 -44.97 -94.92
N ARG O 196 27.67 -45.35 -93.72
CA ARG O 196 27.54 -44.36 -92.65
C ARG O 196 28.88 -43.75 -92.32
N ALA O 197 29.93 -44.57 -92.31
CA ALA O 197 31.28 -44.09 -92.04
C ALA O 197 31.75 -43.10 -93.11
N PHE O 198 31.55 -43.44 -94.38
CA PHE O 198 32.00 -42.55 -95.46
C PHE O 198 31.32 -41.19 -95.38
N GLY O 199 30.02 -41.18 -95.08
CA GLY O 199 29.30 -39.91 -94.96
C GLY O 199 29.87 -39.01 -93.89
N ASN O 200 30.02 -39.54 -92.67
CA ASN O 200 30.52 -38.73 -91.57
C ASN O 200 31.98 -38.35 -91.77
N LEU O 201 32.77 -39.26 -92.36
CA LEU O 201 34.15 -38.93 -92.67
C LEU O 201 34.21 -37.77 -93.65
N GLY O 202 33.35 -37.81 -94.68
CA GLY O 202 33.33 -36.73 -95.65
C GLY O 202 32.95 -35.39 -95.06
N ASN O 203 31.94 -35.37 -94.20
CA ASN O 203 31.55 -34.12 -93.56
C ASN O 203 32.59 -33.61 -92.58
N THR O 204 33.39 -34.50 -91.99
CA THR O 204 34.43 -34.04 -91.08
C THR O 204 35.55 -33.37 -91.88
N HIS O 205 35.96 -34.00 -92.98
CA HIS O 205 36.95 -33.39 -93.87
C HIS O 205 36.44 -32.06 -94.40
N TYR O 206 35.14 -31.98 -94.66
CA TYR O 206 34.54 -30.74 -95.17
C TYR O 206 34.70 -29.60 -94.17
N LEU O 207 34.46 -29.89 -92.89
CA LEU O 207 34.62 -28.86 -91.87
C LEU O 207 36.08 -28.51 -91.67
N LEU O 208 36.97 -29.49 -91.82
CA LEU O 208 38.40 -29.27 -91.63
C LEU O 208 38.99 -28.42 -92.75
N GLY O 209 38.37 -28.42 -93.92
CA GLY O 209 38.91 -27.75 -95.08
C GLY O 209 39.62 -28.68 -96.04
N ASN O 210 39.52 -29.99 -95.84
CA ASN O 210 40.15 -30.97 -96.72
C ASN O 210 39.12 -31.40 -97.76
N PHE O 211 38.85 -30.49 -98.70
CA PHE O 211 37.70 -30.66 -99.58
C PHE O 211 37.88 -31.81 -100.56
N ARG O 212 39.10 -32.04 -101.04
CA ARG O 212 39.32 -33.14 -101.97
C ARG O 212 39.03 -34.49 -101.30
N ASP O 213 39.51 -34.65 -100.06
CA ASP O 213 39.22 -35.88 -99.32
C ASP O 213 37.73 -36.00 -99.03
N ALA O 214 37.04 -34.86 -98.85
CA ALA O 214 35.60 -34.91 -98.60
C ALA O 214 34.88 -35.42 -99.83
N VAL O 215 35.25 -34.92 -101.01
CA VAL O 215 34.66 -35.39 -102.27
C VAL O 215 34.83 -36.90 -102.41
N ILE O 216 36.04 -37.39 -102.16
CA ILE O 216 36.30 -38.82 -102.30
C ILE O 216 35.40 -39.64 -101.38
N ALA O 217 35.27 -39.20 -100.12
CA ALA O 217 34.45 -39.96 -99.18
C ALA O 217 32.98 -39.93 -99.56
N HIS O 218 32.48 -38.77 -99.99
CA HIS O 218 31.06 -38.69 -100.37
C HIS O 218 30.76 -39.43 -101.65
N GLU O 219 31.74 -39.53 -102.56
CA GLU O 219 31.55 -40.33 -103.76
C GLU O 219 31.34 -41.80 -103.39
N GLN O 220 32.08 -42.27 -102.37
CA GLN O 220 31.90 -43.63 -101.89
C GLN O 220 30.55 -43.80 -101.21
N ARG O 221 30.11 -42.77 -100.48
CA ARG O 221 28.77 -42.80 -99.87
C ARG O 221 27.69 -42.88 -100.94
N LEU O 222 27.89 -42.15 -102.04
CA LEU O 222 26.93 -42.15 -103.14
C LEU O 222 26.84 -43.54 -103.77
N LEU O 223 27.99 -44.17 -104.02
CA LEU O 223 27.99 -45.50 -104.62
C LEU O 223 27.29 -46.52 -103.73
N ILE O 224 27.52 -46.45 -102.42
CA ILE O 224 26.85 -47.38 -101.50
C ILE O 224 25.37 -47.08 -101.40
N ALA O 225 24.98 -45.80 -101.46
CA ALA O 225 23.57 -45.44 -101.42
C ALA O 225 22.83 -46.00 -102.63
N LYS O 226 23.46 -45.94 -103.81
CA LYS O 226 22.89 -46.54 -105.01
C LYS O 226 22.75 -48.05 -104.85
N GLU O 227 23.76 -48.70 -104.26
CA GLU O 227 23.71 -50.15 -104.07
C GLU O 227 22.51 -50.55 -103.23
N PHE O 228 22.16 -49.76 -102.22
CA PHE O 228 21.04 -50.08 -101.36
C PHE O 228 19.73 -49.48 -101.86
N GLY O 229 19.76 -48.70 -102.93
CA GLY O 229 18.57 -48.01 -103.40
C GLY O 229 18.02 -47.00 -102.44
N ASP O 230 18.84 -46.54 -101.49
CA ASP O 230 18.43 -45.55 -100.49
C ASP O 230 18.47 -44.17 -101.11
N LYS O 231 17.30 -43.73 -101.62
CA LYS O 231 17.20 -42.41 -102.25
C LYS O 231 17.53 -41.28 -101.28
N ALA O 232 17.16 -41.43 -100.01
CA ALA O 232 17.44 -40.36 -99.04
C ALA O 232 18.94 -40.17 -98.87
N ALA O 233 19.68 -41.26 -98.69
CA ALA O 233 21.13 -41.18 -98.59
C ALA O 233 21.75 -40.66 -99.88
N GLU O 234 21.19 -41.08 -101.02
CA GLU O 234 21.67 -40.61 -102.31
C GLU O 234 21.56 -39.10 -102.41
N ARG O 235 20.44 -38.54 -101.93
CA ARG O 235 20.25 -37.10 -101.95
C ARG O 235 21.20 -36.39 -101.00
N ARG O 236 21.47 -36.99 -99.83
CA ARG O 236 22.43 -36.38 -98.91
C ARG O 236 23.81 -36.33 -99.53
N ALA O 237 24.23 -37.42 -100.19
CA ALA O 237 25.52 -37.44 -100.87
C ALA O 237 25.61 -36.37 -101.95
N TYR O 238 24.56 -36.22 -102.75
CA TYR O 238 24.56 -35.19 -103.78
C TYR O 238 24.72 -33.80 -103.17
N SER O 239 24.04 -33.56 -102.04
CA SER O 239 24.10 -32.25 -101.41
C SER O 239 25.48 -31.96 -100.85
N ASN O 240 26.08 -32.96 -100.18
CA ASN O 240 27.42 -32.78 -99.62
C ASN O 240 28.45 -32.58 -100.73
N LEU O 241 28.28 -33.26 -101.86
CA LEU O 241 29.21 -33.11 -102.97
C LEU O 241 29.15 -31.70 -103.53
N GLY O 242 27.93 -31.18 -103.74
CA GLY O 242 27.78 -29.81 -104.20
C GLY O 242 28.46 -28.82 -103.28
N ASN O 243 28.25 -28.97 -101.98
CA ASN O 243 28.87 -28.08 -100.99
C ASN O 243 30.38 -28.07 -101.16
N ALA O 244 30.98 -29.25 -101.31
CA ALA O 244 32.43 -29.35 -101.39
C ALA O 244 32.97 -28.72 -102.66
N TYR O 245 32.30 -28.94 -103.79
CA TYR O 245 32.77 -28.38 -105.05
C TYR O 245 32.68 -26.85 -105.05
N ILE O 246 31.74 -26.28 -104.30
CA ILE O 246 31.69 -24.83 -104.14
C ILE O 246 33.00 -24.31 -103.56
N PHE O 247 33.46 -24.94 -102.48
CA PHE O 247 34.66 -24.48 -101.79
C PHE O 247 35.93 -24.80 -102.57
N LEU O 248 35.87 -25.74 -103.50
CA LEU O 248 37.00 -25.99 -104.36
C LEU O 248 37.10 -24.94 -105.46
N GLY O 249 35.99 -24.28 -105.78
CA GLY O 249 35.94 -23.26 -106.80
C GLY O 249 35.38 -23.73 -108.13
N GLU O 250 34.97 -25.00 -108.23
CA GLU O 250 34.40 -25.55 -109.45
C GLU O 250 32.88 -25.44 -109.38
N PHE O 251 32.38 -24.24 -109.70
CA PHE O 251 30.96 -23.95 -109.53
C PHE O 251 30.09 -24.69 -110.53
N GLU O 252 30.57 -24.90 -111.76
CA GLU O 252 29.81 -25.66 -112.74
C GLU O 252 29.54 -27.07 -112.26
N THR O 253 30.57 -27.75 -111.75
CA THR O 253 30.35 -29.09 -111.21
C THR O 253 29.37 -29.06 -110.05
N ALA O 254 29.48 -28.03 -109.19
CA ALA O 254 28.58 -27.93 -108.05
C ALA O 254 27.12 -27.78 -108.48
N SER O 255 26.88 -26.99 -109.53
CA SER O 255 25.51 -26.80 -109.99
C SER O 255 24.87 -28.11 -110.41
N GLU O 256 25.62 -28.98 -111.10
CA GLU O 256 25.05 -30.24 -111.54
C GLU O 256 24.79 -31.20 -110.38
N TYR O 257 25.56 -31.12 -109.30
CA TYR O 257 25.22 -31.91 -108.12
C TYR O 257 24.00 -31.34 -107.40
N TYR O 258 23.87 -30.01 -107.33
CA TYR O 258 22.68 -29.46 -106.70
C TYR O 258 21.45 -29.72 -107.55
N LYS O 259 21.62 -29.79 -108.88
CA LYS O 259 20.52 -30.15 -109.75
C LYS O 259 20.02 -31.55 -109.46
N LYS O 260 20.94 -32.48 -109.18
CA LYS O 260 20.53 -33.85 -108.88
C LYS O 260 19.86 -33.94 -107.52
N THR O 261 20.22 -33.08 -106.56
CA THR O 261 19.46 -33.03 -105.32
C THR O 261 18.04 -32.58 -105.57
N LEU O 262 17.86 -31.59 -106.45
CA LEU O 262 16.53 -31.09 -106.76
C LEU O 262 15.69 -32.14 -107.44
N LEU O 263 16.28 -32.90 -108.36
CA LEU O 263 15.55 -33.98 -109.02
C LEU O 263 14.98 -34.97 -108.01
N LEU O 264 15.83 -35.46 -107.12
CA LEU O 264 15.37 -36.43 -106.11
C LEU O 264 14.44 -35.78 -105.10
N ALA O 265 14.62 -34.48 -104.82
CA ALA O 265 13.72 -33.81 -103.89
C ALA O 265 12.32 -33.69 -104.48
N ARG O 266 12.22 -33.39 -105.77
CA ARG O 266 10.91 -33.31 -106.42
C ARG O 266 10.24 -34.68 -106.51
N GLN O 267 11.02 -35.76 -106.65
CA GLN O 267 10.41 -37.09 -106.74
C GLN O 267 9.99 -37.60 -105.37
N LEU O 268 10.70 -37.22 -104.31
CA LEU O 268 10.26 -37.56 -102.97
C LEU O 268 9.19 -36.62 -102.46
N LYS O 269 8.86 -35.58 -103.24
CA LYS O 269 7.88 -34.56 -102.87
C LYS O 269 8.20 -33.92 -101.53
N ASP O 270 9.50 -33.75 -101.27
CA ASP O 270 9.98 -33.09 -100.06
C ASP O 270 10.11 -31.60 -100.39
N ARG O 271 9.12 -30.80 -99.98
CA ARG O 271 9.13 -29.37 -100.31
C ARG O 271 10.28 -28.66 -99.62
N ALA O 272 10.61 -29.06 -98.39
CA ALA O 272 11.66 -28.38 -97.64
C ALA O 272 13.03 -28.58 -98.28
N VAL O 273 13.37 -29.84 -98.59
CA VAL O 273 14.62 -30.11 -99.29
C VAL O 273 14.60 -29.47 -100.67
N GLU O 274 13.44 -29.45 -101.33
CA GLU O 274 13.33 -28.85 -102.65
C GLU O 274 13.68 -27.37 -102.59
N ALA O 275 13.26 -26.69 -101.51
CA ALA O 275 13.53 -25.27 -101.39
C ALA O 275 15.00 -25.02 -101.09
N GLN O 276 15.59 -25.81 -100.19
CA GLN O 276 17.02 -25.67 -99.91
C GLN O 276 17.85 -25.89 -101.16
N SER O 277 17.40 -26.81 -102.02
CA SER O 277 18.11 -27.08 -103.27
C SER O 277 18.06 -25.87 -104.20
N CYS O 278 16.88 -25.24 -104.32
CA CYS O 278 16.76 -24.05 -105.16
C CYS O 278 17.63 -22.92 -104.62
N TYR O 279 17.70 -22.78 -103.30
CA TYR O 279 18.50 -21.72 -102.71
C TYR O 279 19.97 -21.94 -103.00
N SER O 280 20.44 -23.19 -102.91
CA SER O 280 21.83 -23.48 -103.24
C SER O 280 22.10 -23.22 -104.71
N LEU O 281 21.16 -23.55 -105.58
CA LEU O 281 21.33 -23.27 -107.00
C LEU O 281 21.37 -21.78 -107.26
N GLY O 282 20.54 -21.01 -106.54
CA GLY O 282 20.56 -19.56 -106.70
C GLY O 282 21.91 -18.96 -106.36
N ASN O 283 22.52 -19.43 -105.26
CA ASN O 283 23.83 -18.94 -104.89
C ASN O 283 24.92 -19.44 -105.83
N THR O 284 24.75 -20.64 -106.41
CA THR O 284 25.75 -21.16 -107.34
C THR O 284 25.81 -20.30 -108.60
N TYR O 285 24.66 -20.06 -109.23
CA TYR O 285 24.61 -19.17 -110.38
C TYR O 285 24.98 -17.74 -110.05
N THR O 286 24.84 -17.31 -108.79
CA THR O 286 25.37 -16.01 -108.42
C THR O 286 26.89 -16.01 -108.50
N LEU O 287 27.51 -17.09 -108.03
CA LEU O 287 28.96 -17.23 -108.15
C LEU O 287 29.39 -17.33 -109.60
N LEU O 288 28.56 -17.93 -110.45
CA LEU O 288 28.86 -17.99 -111.87
C LEU O 288 28.50 -16.69 -112.58
N GLN O 289 27.93 -15.73 -111.85
CA GLN O 289 27.56 -14.40 -112.32
C GLN O 289 26.47 -14.44 -113.38
N ASP O 290 25.68 -15.51 -113.41
CA ASP O 290 24.54 -15.63 -114.31
C ASP O 290 23.32 -15.24 -113.48
N TYR O 291 23.14 -13.93 -113.29
CA TYR O 291 22.18 -13.44 -112.31
C TYR O 291 20.74 -13.72 -112.72
N GLU O 292 20.49 -13.90 -114.03
CA GLU O 292 19.15 -14.23 -114.49
C GLU O 292 18.73 -15.60 -113.98
N LYS O 293 19.60 -16.60 -114.12
CA LYS O 293 19.31 -17.93 -113.60
C LYS O 293 19.26 -17.91 -112.08
N ALA O 294 20.07 -17.06 -111.43
CA ALA O 294 20.06 -16.98 -109.98
C ALA O 294 18.70 -16.48 -109.49
N ILE O 295 18.14 -15.48 -110.16
CA ILE O 295 16.83 -14.97 -109.78
C ILE O 295 15.76 -16.04 -109.94
N ASP O 296 15.84 -16.81 -111.03
CA ASP O 296 14.88 -17.88 -111.28
C ASP O 296 14.81 -18.86 -110.12
N TYR O 297 15.97 -19.35 -109.67
CA TYR O 297 15.96 -20.32 -108.58
C TYR O 297 15.63 -19.68 -107.23
N HIS O 298 16.09 -18.45 -107.00
CA HIS O 298 15.74 -17.79 -105.74
C HIS O 298 14.25 -17.51 -105.66
N LEU O 299 13.59 -17.32 -106.79
CA LEU O 299 12.14 -17.14 -106.78
C LEU O 299 11.43 -18.44 -106.45
N LYS O 300 11.89 -19.54 -107.04
CA LYS O 300 11.32 -20.86 -106.74
C LYS O 300 11.46 -21.17 -105.26
N HIS O 301 12.60 -20.80 -104.67
CA HIS O 301 12.79 -20.97 -103.24
C HIS O 301 11.83 -20.10 -102.45
N LEU O 302 11.64 -18.85 -102.90
CA LEU O 302 10.75 -17.93 -102.20
C LEU O 302 9.33 -18.47 -102.15
N ALA O 303 8.83 -19.00 -103.26
CA ALA O 303 7.45 -19.46 -103.32
C ALA O 303 7.23 -20.64 -102.37
N ILE O 304 8.17 -21.59 -102.34
CA ILE O 304 8.04 -22.71 -101.42
C ILE O 304 8.14 -22.23 -99.98
N ALA O 305 8.98 -21.22 -99.73
CA ALA O 305 9.12 -20.68 -98.38
C ALA O 305 7.80 -20.06 -97.92
N GLN O 306 7.15 -19.29 -98.79
CA GLN O 306 5.85 -18.71 -98.44
C GLN O 306 4.82 -19.81 -98.23
N GLU O 307 4.88 -20.88 -99.01
CA GLU O 307 3.98 -22.02 -98.83
C GLU O 307 4.15 -22.62 -97.44
N LEU O 308 5.38 -22.99 -97.08
CA LEU O 308 5.65 -23.60 -95.79
C LEU O 308 5.62 -22.60 -94.66
N ASN O 309 5.29 -21.34 -94.94
CA ASN O 309 5.29 -20.25 -93.95
C ASN O 309 6.61 -20.14 -93.21
N ASP O 310 7.71 -20.50 -93.88
CA ASP O 310 9.05 -20.33 -93.32
C ASP O 310 9.44 -18.86 -93.43
N ARG O 311 9.14 -18.10 -92.38
CA ARG O 311 9.37 -16.66 -92.42
C ARG O 311 10.87 -16.34 -92.49
N ILE O 312 11.70 -17.13 -91.83
CA ILE O 312 13.14 -16.89 -91.86
C ILE O 312 13.68 -17.02 -93.26
N GLY O 313 13.37 -18.15 -93.92
CA GLY O 313 13.82 -18.35 -95.29
C GLY O 313 13.26 -17.34 -96.28
N GLU O 314 12.10 -16.76 -95.98
CA GLU O 314 11.55 -15.71 -96.83
C GLU O 314 12.47 -14.50 -96.84
N GLY O 315 12.96 -14.10 -95.68
CA GLY O 315 13.87 -12.97 -95.61
C GLY O 315 15.18 -13.27 -96.31
N ARG O 316 15.64 -14.52 -96.25
CA ARG O 316 16.88 -14.88 -96.93
C ARG O 316 16.72 -14.75 -98.43
N ALA O 317 15.56 -15.15 -98.96
CA ALA O 317 15.30 -15.01 -100.39
C ALA O 317 15.20 -13.55 -100.78
N CYS O 318 14.53 -12.73 -99.95
CA CYS O 318 14.38 -11.32 -100.27
C CYS O 318 15.72 -10.62 -100.37
N TRP O 319 16.62 -10.87 -99.42
CA TRP O 319 17.93 -10.23 -99.46
C TRP O 319 18.70 -10.67 -100.69
N SER O 320 18.66 -11.97 -101.00
CA SER O 320 19.37 -12.48 -102.16
C SER O 320 18.81 -11.91 -103.45
N LEU O 321 17.48 -11.88 -103.58
CA LEU O 321 16.85 -11.33 -104.77
C LEU O 321 17.21 -9.86 -104.94
N GLY O 322 17.20 -9.11 -103.83
CA GLY O 322 17.61 -7.71 -103.90
C GLY O 322 18.98 -7.54 -104.51
N ASN O 323 19.93 -8.40 -104.11
CA ASN O 323 21.29 -8.21 -104.61
C ASN O 323 21.43 -8.74 -106.02
N ALA O 324 20.66 -9.77 -106.36
CA ALA O 324 20.67 -10.28 -107.72
C ALA O 324 20.10 -9.25 -108.69
N TYR O 325 18.97 -8.63 -108.33
CA TYR O 325 18.39 -7.61 -109.18
C TYR O 325 19.30 -6.39 -109.27
N THR O 326 19.99 -6.07 -108.19
CA THR O 326 20.92 -4.95 -108.20
C THR O 326 22.08 -5.22 -109.15
N ALA O 327 22.54 -6.47 -109.22
CA ALA O 327 23.63 -6.80 -110.12
C ALA O 327 23.19 -6.75 -111.58
N LEU O 328 21.89 -6.82 -111.82
CA LEU O 328 21.37 -6.70 -113.18
C LEU O 328 21.00 -5.26 -113.53
N GLY O 329 20.56 -4.47 -112.55
CA GLY O 329 20.23 -3.08 -112.76
C GLY O 329 18.78 -2.73 -112.54
N ASN O 330 17.94 -3.72 -112.24
CA ASN O 330 16.51 -3.53 -111.93
C ASN O 330 16.36 -2.84 -110.57
N HIS O 331 16.50 -1.52 -110.56
CA HIS O 331 16.50 -0.79 -109.30
C HIS O 331 15.11 -0.77 -108.67
N ASP O 332 14.06 -0.83 -109.47
CA ASP O 332 12.71 -0.84 -108.90
C ASP O 332 12.41 -2.18 -108.25
N GLN O 333 12.77 -3.28 -108.91
CA GLN O 333 12.55 -4.60 -108.34
C GLN O 333 13.45 -4.83 -107.13
N ALA O 334 14.67 -4.29 -107.16
CA ALA O 334 15.56 -4.40 -106.01
C ALA O 334 14.98 -3.68 -104.80
N MET O 335 14.43 -2.48 -105.00
CA MET O 335 13.83 -1.74 -103.89
C MET O 335 12.63 -2.49 -103.31
N HIS O 336 11.95 -3.29 -104.12
CA HIS O 336 10.78 -4.01 -103.61
C HIS O 336 11.21 -5.08 -102.62
N PHE O 337 12.19 -5.90 -103.01
CA PHE O 337 12.64 -6.98 -102.13
C PHE O 337 13.44 -6.45 -100.95
N ALA O 338 14.11 -5.30 -101.10
CA ALA O 338 14.82 -4.73 -99.96
C ALA O 338 13.83 -4.27 -98.90
N GLU O 339 12.67 -3.75 -99.33
CA GLU O 339 11.62 -3.42 -98.39
C GLU O 339 11.08 -4.67 -97.71
N LYS O 340 10.84 -5.73 -98.49
CA LYS O 340 10.37 -6.98 -97.92
C LYS O 340 11.43 -7.57 -96.99
N HIS O 341 12.71 -7.34 -97.28
CA HIS O 341 13.76 -7.78 -96.37
C HIS O 341 13.70 -7.03 -95.05
N LEU O 342 13.50 -5.70 -95.11
CA LEU O 342 13.36 -4.92 -93.89
C LEU O 342 12.16 -5.40 -93.07
N GLU O 343 11.03 -5.66 -93.73
CA GLU O 343 9.83 -6.06 -93.01
C GLU O 343 10.03 -7.39 -92.29
N ILE O 344 10.54 -8.39 -93.01
CA ILE O 344 10.75 -9.70 -92.40
C ILE O 344 11.78 -9.61 -91.29
N SER O 345 12.87 -8.87 -91.53
CA SER O 345 13.94 -8.77 -90.54
C SER O 345 13.42 -8.20 -89.23
N ARG O 346 12.49 -7.25 -89.30
CA ARG O 346 11.86 -6.75 -88.08
C ARG O 346 10.99 -7.82 -87.43
N GLU O 347 10.22 -8.56 -88.23
CA GLU O 347 9.23 -9.48 -87.68
C GLU O 347 9.89 -10.65 -86.97
N VAL O 348 11.10 -11.04 -87.38
CA VAL O 348 11.77 -12.21 -86.84
C VAL O 348 12.89 -11.85 -85.90
N GLY O 349 13.14 -10.57 -85.67
CA GLY O 349 14.17 -10.13 -84.75
C GLY O 349 15.59 -10.23 -85.29
N ASP O 350 15.76 -10.34 -86.61
CA ASP O 350 17.09 -10.34 -87.18
C ASP O 350 17.65 -8.92 -87.16
N LYS O 351 18.30 -8.55 -86.06
CA LYS O 351 18.78 -7.18 -85.91
C LYS O 351 19.85 -6.86 -86.94
N SER O 352 20.70 -7.84 -87.27
CA SER O 352 21.69 -7.63 -88.33
C SER O 352 21.01 -7.34 -89.67
N GLY O 353 20.02 -8.16 -90.04
CA GLY O 353 19.34 -7.96 -91.31
C GLY O 353 18.62 -6.63 -91.40
N GLU O 354 18.04 -6.18 -90.28
CA GLU O 354 17.28 -4.93 -90.29
C GLU O 354 18.19 -3.76 -90.63
N LEU O 355 19.40 -3.75 -90.05
CA LEU O 355 20.34 -2.65 -90.30
C LEU O 355 20.86 -2.70 -91.73
N THR O 356 21.05 -3.90 -92.27
CA THR O 356 21.51 -4.02 -93.65
C THR O 356 20.45 -3.57 -94.64
N ALA O 357 19.19 -3.94 -94.41
CA ALA O 357 18.12 -3.54 -95.32
C ALA O 357 17.97 -2.02 -95.36
N ARG O 358 18.21 -1.35 -94.24
CA ARG O 358 18.19 0.11 -94.22
C ARG O 358 19.34 0.66 -95.04
N LEU O 359 20.57 0.17 -94.82
CA LEU O 359 21.71 0.60 -95.60
C LEU O 359 21.54 0.27 -97.09
N ASN O 360 20.70 -0.71 -97.42
CA ASN O 360 20.46 -1.04 -98.81
C ASN O 360 19.49 -0.06 -99.46
N LEU O 361 18.41 0.27 -98.77
CA LEU O 361 17.41 1.15 -99.37
C LEU O 361 17.95 2.56 -99.55
N SER O 362 18.73 3.04 -98.58
CA SER O 362 19.36 4.36 -98.68
C SER O 362 20.14 4.49 -99.99
N ASP O 363 20.93 3.47 -100.32
CA ASP O 363 21.76 3.50 -101.53
C ASP O 363 20.91 3.34 -102.78
N LEU O 364 19.96 2.41 -102.75
CA LEU O 364 19.11 2.13 -103.91
C LEU O 364 18.28 3.34 -104.30
N GLN O 365 17.82 4.13 -103.32
CA GLN O 365 16.98 5.29 -103.62
C GLN O 365 17.70 6.33 -104.46
N MET O 366 19.01 6.48 -104.27
CA MET O 366 19.76 7.54 -104.94
C MET O 366 20.04 7.23 -106.41
N VAL O 367 19.84 5.99 -106.85
CA VAL O 367 20.00 5.70 -108.28
C VAL O 367 18.66 5.29 -108.89
N ASN P 10 46.26 -14.50 -71.36
CA ASN P 10 46.07 -15.06 -72.66
C ASN P 10 44.88 -15.97 -72.47
N SER P 11 45.00 -16.90 -71.52
CA SER P 11 43.88 -17.76 -71.19
C SER P 11 42.75 -16.97 -70.52
N ALA P 12 43.06 -16.05 -69.60
CA ALA P 12 41.99 -15.19 -69.10
C ALA P 12 41.60 -14.09 -70.06
N LEU P 13 42.41 -13.84 -71.08
CA LEU P 13 42.12 -12.78 -72.03
C LEU P 13 40.91 -13.10 -72.89
N LEU P 14 40.92 -14.23 -73.58
CA LEU P 14 39.75 -14.61 -74.37
C LEU P 14 38.72 -15.36 -73.52
N SER P 15 38.25 -14.71 -72.45
CA SER P 15 37.19 -15.25 -71.61
C SER P 15 35.88 -14.49 -71.76
N LEU P 16 35.91 -13.29 -72.40
CA LEU P 16 34.88 -12.27 -72.64
C LEU P 16 34.33 -12.32 -74.06
N PRO P 17 33.02 -12.07 -74.22
CA PRO P 17 32.36 -12.18 -75.53
C PRO P 17 32.88 -11.24 -76.62
N GLY P 18 33.53 -11.79 -77.66
CA GLY P 18 34.05 -11.06 -78.82
C GLY P 18 35.54 -10.76 -78.80
N TYR P 19 36.34 -11.36 -79.69
CA TYR P 19 37.79 -11.19 -79.59
C TYR P 19 38.55 -11.49 -80.87
N ARG P 20 39.89 -11.22 -80.81
CA ARG P 20 41.09 -11.74 -81.46
C ARG P 20 41.44 -11.45 -82.92
N PRO P 21 42.70 -10.96 -83.19
CA PRO P 21 43.14 -10.77 -84.58
C PRO P 21 44.14 -11.84 -85.06
N THR P 22 44.18 -12.13 -86.36
CA THR P 22 45.16 -13.07 -86.93
C THR P 22 46.37 -12.30 -87.43
N GLY P 41 40.01 -14.32 -98.37
CA GLY P 41 38.64 -13.84 -98.52
C GLY P 41 37.65 -14.99 -98.68
N ARG P 42 36.54 -14.93 -97.92
CA ARG P 42 35.47 -15.92 -98.03
C ARG P 42 34.19 -15.27 -97.48
N ASN P 43 33.39 -14.72 -98.39
CA ASN P 43 32.30 -13.84 -98.01
C ASN P 43 31.17 -14.59 -97.29
N SER P 44 30.44 -13.87 -96.45
CA SER P 44 29.35 -14.45 -95.67
C SER P 44 28.19 -14.87 -96.57
N PHE P 45 27.61 -16.03 -96.23
CA PHE P 45 26.86 -16.87 -97.15
C PHE P 45 25.51 -17.22 -96.52
N TYR P 46 24.88 -18.31 -97.02
CA TYR P 46 23.81 -19.08 -96.35
C TYR P 46 24.21 -20.46 -96.89
N MET P 47 25.37 -20.93 -96.41
CA MET P 47 26.15 -21.99 -97.06
C MET P 47 25.43 -23.32 -97.24
N GLY P 48 24.26 -23.52 -96.65
CA GLY P 48 23.67 -24.85 -96.72
C GLY P 48 24.46 -25.75 -95.80
N THR P 49 24.02 -25.82 -94.54
CA THR P 49 24.80 -26.49 -93.50
C THR P 49 25.05 -27.95 -93.84
N CYS P 50 26.18 -28.44 -93.34
CA CYS P 50 26.89 -29.66 -93.75
C CYS P 50 26.04 -30.87 -94.13
N GLN P 51 24.87 -31.07 -93.51
CA GLN P 51 23.95 -32.17 -93.85
C GLN P 51 24.45 -33.57 -93.53
N ASP P 52 24.38 -33.93 -92.25
CA ASP P 52 24.91 -35.18 -91.70
C ASP P 52 24.00 -36.36 -92.05
N GLU P 53 24.36 -37.50 -91.53
CA GLU P 53 23.85 -38.85 -91.54
C GLU P 53 23.00 -39.13 -90.31
N PRO P 54 21.94 -39.91 -90.50
CA PRO P 54 20.95 -40.06 -89.43
C PRO P 54 21.50 -40.76 -88.19
N GLU P 55 20.80 -40.55 -87.10
CA GLU P 55 20.88 -41.40 -85.92
C GLU P 55 20.31 -42.76 -86.30
N GLN P 56 20.90 -43.82 -85.75
CA GLN P 56 20.38 -45.16 -86.04
C GLN P 56 20.05 -45.86 -84.72
N LEU P 57 18.77 -45.82 -84.36
CA LEU P 57 18.25 -46.54 -83.21
C LEU P 57 17.06 -47.38 -83.66
N ASP P 58 17.28 -48.70 -83.73
CA ASP P 58 16.23 -49.63 -84.14
C ASP P 58 16.01 -50.72 -83.12
N ASP P 59 16.58 -50.59 -81.93
CA ASP P 59 16.52 -51.55 -80.83
C ASP P 59 15.07 -51.64 -80.36
N TRP P 60 14.28 -52.49 -81.04
CA TRP P 60 12.87 -52.66 -80.69
C TRP P 60 12.45 -54.12 -80.60
N ASN P 61 13.36 -55.03 -80.25
CA ASN P 61 13.03 -56.45 -80.13
C ASN P 61 13.84 -57.16 -79.07
N ARG P 62 14.49 -56.42 -78.15
CA ARG P 62 15.28 -57.04 -77.10
C ARG P 62 14.39 -57.76 -76.10
N ILE P 63 13.19 -57.26 -75.87
CA ILE P 63 12.26 -57.92 -74.97
C ILE P 63 11.70 -59.19 -75.60
N ALA P 64 11.24 -59.11 -76.84
CA ALA P 64 10.61 -60.28 -77.46
C ALA P 64 11.61 -61.39 -77.80
N GLU P 65 12.88 -61.05 -78.03
CA GLU P 65 13.81 -62.08 -78.49
C GLU P 65 14.44 -62.85 -77.33
N LEU P 66 14.99 -62.13 -76.35
CA LEU P 66 15.64 -62.74 -75.20
C LEU P 66 14.72 -63.74 -74.51
N GLN P 67 13.68 -63.23 -73.81
CA GLN P 67 12.53 -63.97 -73.30
C GLN P 67 12.79 -65.41 -72.88
N GLN P 68 11.84 -66.31 -73.18
CA GLN P 68 12.00 -67.75 -72.97
C GLN P 68 10.99 -68.48 -73.84
N ARG P 69 10.58 -67.84 -74.93
CA ARG P 69 9.53 -68.37 -75.80
C ARG P 69 9.83 -68.24 -77.28
N ASN P 70 10.85 -67.48 -77.68
CA ASN P 70 11.18 -67.35 -79.10
C ASN P 70 12.69 -67.26 -79.28
N GLY Q 1 24.83 6.49 -112.36
CA GLY Q 1 25.35 7.07 -111.14
C GLY Q 1 26.38 6.21 -110.43
N PRO Q 2 27.66 6.45 -110.75
CA PRO Q 2 28.71 5.52 -110.27
C PRO Q 2 29.01 5.59 -108.77
N LEU Q 3 28.62 6.66 -108.07
CA LEU Q 3 28.95 6.75 -106.64
C LEU Q 3 27.99 5.98 -105.73
N GLY Q 4 26.90 5.47 -106.25
CA GLY Q 4 25.98 4.66 -105.46
C GLY Q 4 26.24 3.17 -105.62
N SER Q 5 26.60 2.76 -106.84
CA SER Q 5 26.77 1.35 -107.18
C SER Q 5 28.15 0.80 -106.83
N MET Q 6 28.83 1.36 -105.82
CA MET Q 6 29.90 0.70 -105.07
C MET Q 6 29.45 0.19 -103.71
N PHE Q 7 28.72 1.00 -102.95
CA PHE Q 7 28.20 0.62 -101.64
C PHE Q 7 26.84 -0.10 -101.69
N HIS Q 8 26.41 -0.60 -102.86
CA HIS Q 8 25.19 -1.41 -102.97
C HIS Q 8 25.32 -2.74 -102.25
N VAL Q 9 26.03 -3.70 -102.87
CA VAL Q 9 26.19 -5.01 -102.27
C VAL Q 9 27.33 -5.09 -101.28
N ARG Q 10 28.18 -4.06 -101.23
CA ARG Q 10 29.25 -3.98 -100.25
C ARG Q 10 28.78 -3.45 -98.89
N TYR Q 11 27.47 -3.41 -98.69
CA TYR Q 11 26.85 -3.19 -97.39
C TYR Q 11 26.15 -4.42 -96.85
N ARG Q 12 26.01 -5.47 -97.65
CA ARG Q 12 24.83 -6.33 -97.61
C ARG Q 12 24.97 -7.62 -96.83
N MET Q 13 26.10 -8.34 -96.96
CA MET Q 13 26.15 -9.69 -96.41
C MET Q 13 26.06 -9.72 -94.88
N GLU Q 14 27.06 -9.14 -94.21
CA GLU Q 14 27.06 -9.06 -92.75
C GLU Q 14 26.50 -7.69 -92.33
N ALA Q 15 26.69 -7.31 -91.08
CA ALA Q 15 26.25 -6.01 -90.58
C ALA Q 15 27.37 -5.22 -89.94
N SER Q 16 28.45 -5.89 -89.53
CA SER Q 16 29.60 -5.34 -88.82
C SER Q 16 29.27 -4.93 -87.39
N CYS Q 17 30.19 -5.21 -86.46
CA CYS Q 17 29.97 -4.92 -85.04
C CYS Q 17 29.73 -3.43 -84.76
N LEU Q 18 30.58 -2.56 -85.31
CA LEU Q 18 30.46 -1.13 -85.03
C LEU Q 18 29.11 -0.57 -85.44
N GLU Q 19 28.60 -0.98 -86.60
CA GLU Q 19 27.33 -0.47 -87.09
C GLU Q 19 26.17 -0.89 -86.18
N LEU Q 20 26.15 -2.15 -85.75
CA LEU Q 20 25.12 -2.58 -84.81
C LEU Q 20 25.21 -1.79 -83.51
N ALA Q 21 26.43 -1.58 -83.03
CA ALA Q 21 26.65 -0.85 -81.78
C ALA Q 21 26.15 0.59 -81.89
N LEU Q 22 26.44 1.25 -83.00
CA LEU Q 22 26.02 2.63 -83.19
C LEU Q 22 24.50 2.74 -83.21
N GLU Q 23 23.82 1.76 -83.82
CA GLU Q 23 22.36 1.75 -83.83
C GLU Q 23 21.81 1.58 -82.42
N GLY Q 24 22.41 0.68 -81.63
CA GLY Q 24 22.00 0.54 -80.25
C GLY Q 24 22.11 1.85 -79.47
N GLU Q 25 23.22 2.56 -79.67
CA GLU Q 25 23.43 3.82 -78.95
C GLU Q 25 22.41 4.86 -79.36
N ARG Q 26 22.09 4.94 -80.66
CA ARG Q 26 21.09 5.91 -81.12
C ARG Q 26 19.71 5.61 -80.56
N LEU Q 27 19.36 4.32 -80.40
CA LEU Q 27 18.06 3.99 -79.83
C LEU Q 27 17.98 4.39 -78.36
N CYS Q 28 19.06 4.18 -77.62
CA CYS Q 28 19.10 4.61 -76.23
C CYS Q 28 19.06 6.13 -76.11
N LYS Q 29 19.71 6.84 -77.04
CA LYS Q 29 19.64 8.30 -77.04
C LYS Q 29 18.19 8.77 -77.20
N SER Q 30 17.41 8.07 -78.03
CA SER Q 30 16.02 8.44 -78.24
C SER Q 30 15.12 7.99 -77.10
N GLY Q 31 15.61 7.14 -76.20
CA GLY Q 31 14.87 6.74 -75.04
C GLY Q 31 14.18 5.40 -75.16
N ASP Q 32 14.39 4.69 -76.27
CA ASP Q 32 13.84 3.34 -76.45
C ASP Q 32 14.97 2.34 -76.22
N CYS Q 33 15.25 2.07 -74.95
CA CYS Q 33 16.38 1.23 -74.58
C CYS Q 33 16.05 -0.24 -74.72
N ARG Q 34 14.76 -0.58 -74.84
CA ARG Q 34 14.35 -1.95 -75.07
C ARG Q 34 14.84 -2.45 -76.42
N ALA Q 35 14.70 -1.61 -77.47
CA ALA Q 35 15.22 -1.96 -78.78
C ALA Q 35 16.73 -1.82 -78.85
N GLY Q 36 17.29 -0.84 -78.12
CA GLY Q 36 18.73 -0.65 -78.12
C GLY Q 36 19.48 -1.86 -77.60
N VAL Q 37 18.92 -2.52 -76.59
CA VAL Q 37 19.56 -3.69 -75.99
C VAL Q 37 19.73 -4.79 -77.02
N SER Q 38 18.69 -5.03 -77.83
CA SER Q 38 18.76 -6.07 -78.85
C SER Q 38 19.90 -5.83 -79.82
N PHE Q 39 20.06 -4.58 -80.27
CA PHE Q 39 21.13 -4.27 -81.21
C PHE Q 39 22.50 -4.32 -80.55
N PHE Q 40 22.59 -4.01 -79.25
CA PHE Q 40 23.86 -4.14 -78.55
C PHE Q 40 24.26 -5.61 -78.40
N GLU Q 41 23.34 -6.45 -77.92
CA GLU Q 41 23.64 -7.87 -77.81
C GLU Q 41 23.91 -8.49 -79.17
N ALA Q 42 23.36 -7.92 -80.25
CA ALA Q 42 23.68 -8.44 -81.56
C ALA Q 42 25.13 -8.12 -81.91
N ALA Q 43 25.58 -6.91 -81.56
CA ALA Q 43 26.99 -6.55 -81.78
C ALA Q 43 27.90 -7.45 -80.95
N VAL Q 44 27.47 -7.82 -79.75
CA VAL Q 44 28.23 -8.76 -78.94
C VAL Q 44 28.39 -10.09 -79.65
N GLN Q 45 27.31 -10.56 -80.30
CA GLN Q 45 27.38 -11.83 -81.04
C GLN Q 45 28.39 -11.75 -82.18
N VAL Q 46 28.44 -10.62 -82.88
CA VAL Q 46 29.41 -10.45 -83.96
C VAL Q 46 30.83 -10.41 -83.40
N GLY Q 47 31.03 -9.68 -82.33
CA GLY Q 47 32.34 -9.52 -81.73
C GLY Q 47 33.19 -8.53 -82.50
N THR Q 48 34.28 -8.13 -81.85
CA THR Q 48 35.20 -7.17 -82.45
C THR Q 48 36.61 -7.46 -81.96
N GLU Q 49 37.59 -6.92 -82.69
CA GLU Q 49 38.99 -6.99 -82.29
C GLU Q 49 39.38 -5.81 -81.41
N ASP Q 50 38.64 -4.72 -81.51
CA ASP Q 50 38.99 -3.45 -80.88
C ASP Q 50 38.52 -3.48 -79.42
N LEU Q 51 39.46 -3.60 -78.49
CA LEU Q 51 39.07 -3.77 -77.09
C LEU Q 51 38.51 -2.47 -76.52
N LYS Q 52 38.94 -1.31 -77.02
CA LYS Q 52 38.37 -0.05 -76.56
C LYS Q 52 36.89 0.03 -76.92
N THR Q 53 36.53 -0.39 -78.14
CA THR Q 53 35.13 -0.44 -78.54
C THR Q 53 34.35 -1.43 -77.68
N LEU Q 54 34.89 -2.63 -77.50
CA LEU Q 54 34.22 -3.66 -76.70
C LEU Q 54 33.94 -3.17 -75.29
N SER Q 55 34.91 -2.46 -74.70
CA SER Q 55 34.70 -1.90 -73.36
C SER Q 55 33.51 -0.95 -73.35
N ALA Q 56 33.41 -0.10 -74.37
CA ALA Q 56 32.28 0.83 -74.45
C ALA Q 56 30.96 0.08 -74.62
N ILE Q 57 30.96 -1.01 -75.37
CA ILE Q 57 29.73 -1.77 -75.59
C ILE Q 57 29.24 -2.36 -74.27
N TYR Q 58 30.15 -3.00 -73.54
CA TYR Q 58 29.78 -3.62 -72.26
C TYR Q 58 29.20 -2.58 -71.31
N SER Q 59 29.87 -1.43 -71.19
CA SER Q 59 29.45 -0.42 -70.22
C SER Q 59 28.09 0.15 -70.58
N GLN Q 60 27.84 0.43 -71.87
CA GLN Q 60 26.56 0.99 -72.25
C GLN Q 60 25.46 -0.07 -72.23
N LEU Q 61 25.82 -1.34 -72.38
CA LEU Q 61 24.82 -2.38 -72.17
C LEU Q 61 24.45 -2.48 -70.69
N GLY Q 62 25.46 -2.43 -69.81
CA GLY Q 62 25.17 -2.42 -68.38
C GLY Q 62 24.30 -1.25 -67.98
N ASN Q 63 24.64 -0.06 -68.48
CA ASN Q 63 23.86 1.12 -68.18
C ASN Q 63 22.46 1.03 -68.76
N ALA Q 64 22.31 0.39 -69.92
CA ALA Q 64 21.00 0.24 -70.53
C ALA Q 64 20.14 -0.75 -69.75
N TYR Q 65 20.72 -1.90 -69.37
CA TYR Q 65 19.99 -2.87 -68.58
C TYR Q 65 19.63 -2.29 -67.21
N PHE Q 66 20.54 -1.48 -66.65
CA PHE Q 66 20.28 -0.82 -65.38
C PHE Q 66 19.03 0.03 -65.48
N TYR Q 67 18.92 0.83 -66.55
CA TYR Q 67 17.76 1.70 -66.74
C TYR Q 67 16.49 0.89 -66.97
N LEU Q 68 16.60 -0.27 -67.60
CA LEU Q 68 15.45 -1.15 -67.81
C LEU Q 68 15.17 -2.05 -66.61
N HIS Q 69 15.82 -1.81 -65.48
CA HIS Q 69 15.59 -2.53 -64.22
C HIS Q 69 15.88 -4.02 -64.34
N ASP Q 70 16.71 -4.43 -65.30
CA ASP Q 70 17.16 -5.82 -65.37
C ASP Q 70 18.55 -5.89 -64.76
N TYR Q 71 18.57 -5.77 -63.43
CA TYR Q 71 19.83 -5.62 -62.70
C TYR Q 71 20.71 -6.86 -62.80
N ALA Q 72 20.14 -8.03 -63.08
CA ALA Q 72 20.95 -9.23 -63.22
C ALA Q 72 21.88 -9.13 -64.42
N LYS Q 73 21.35 -8.73 -65.58
CA LYS Q 73 22.20 -8.57 -66.75
C LYS Q 73 23.02 -7.29 -66.68
N ALA Q 74 22.55 -6.28 -65.96
CA ALA Q 74 23.39 -5.10 -65.74
C ALA Q 74 24.65 -5.51 -65.00
N LEU Q 75 24.50 -6.41 -64.03
CA LEU Q 75 25.66 -6.92 -63.31
C LEU Q 75 26.59 -7.71 -64.24
N GLU Q 76 26.01 -8.52 -65.12
CA GLU Q 76 26.80 -9.30 -66.08
C GLU Q 76 27.74 -8.42 -66.90
N TYR Q 77 27.18 -7.43 -67.60
CA TYR Q 77 28.00 -6.67 -68.54
C TYR Q 77 28.94 -5.69 -67.85
N HIS Q 78 28.54 -5.13 -66.69
CA HIS Q 78 29.49 -4.29 -65.96
C HIS Q 78 30.62 -5.14 -65.38
N HIS Q 79 30.33 -6.39 -65.07
CA HIS Q 79 31.37 -7.29 -64.59
C HIS Q 79 32.35 -7.62 -65.71
N HIS Q 80 31.83 -7.81 -66.93
CA HIS Q 80 32.71 -8.02 -68.09
C HIS Q 80 33.56 -6.79 -68.37
N ASP Q 81 32.96 -5.59 -68.28
CA ASP Q 81 33.74 -4.38 -68.50
C ASP Q 81 34.87 -4.26 -67.48
N LEU Q 82 34.58 -4.57 -66.21
CA LEU Q 82 35.62 -4.54 -65.18
C LEU Q 82 36.71 -5.56 -65.48
N THR Q 83 36.32 -6.78 -65.86
CA THR Q 83 37.29 -7.82 -66.18
C THR Q 83 38.19 -7.40 -67.33
N LEU Q 84 37.62 -6.81 -68.39
CA LEU Q 84 38.41 -6.38 -69.52
C LEU Q 84 39.36 -5.24 -69.14
N ALA Q 85 38.84 -4.25 -68.41
CA ALA Q 85 39.69 -3.14 -67.99
C ALA Q 85 40.84 -3.60 -67.12
N ARG Q 86 40.64 -4.68 -66.36
CA ARG Q 86 41.70 -5.14 -65.47
C ARG Q 86 42.79 -5.86 -66.25
N THR Q 87 42.40 -6.69 -67.20
CA THR Q 87 43.38 -7.46 -67.97
C THR Q 87 44.28 -6.55 -68.79
N ILE Q 88 43.72 -5.52 -69.42
CA ILE Q 88 44.50 -4.59 -70.23
C ILE Q 88 45.16 -3.49 -69.40
N GLY Q 89 44.95 -3.49 -68.08
CA GLY Q 89 45.60 -2.52 -67.22
C GLY Q 89 45.14 -1.08 -67.40
N ASP Q 90 43.96 -0.88 -67.98
CA ASP Q 90 43.36 0.45 -68.11
C ASP Q 90 42.79 0.82 -66.73
N GLN Q 91 43.59 1.54 -65.94
CA GLN Q 91 43.19 1.82 -64.57
C GLN Q 91 42.05 2.83 -64.50
N LEU Q 92 42.03 3.81 -65.39
CA LEU Q 92 40.90 4.74 -65.42
C LEU Q 92 39.62 4.01 -65.79
N GLY Q 93 39.67 3.12 -66.79
CA GLY Q 93 38.52 2.30 -67.12
C GLY Q 93 38.14 1.36 -66.00
N GLU Q 94 39.13 0.86 -65.25
CA GLU Q 94 38.85 -0.03 -64.13
C GLU Q 94 38.05 0.70 -63.05
N ALA Q 95 38.45 1.94 -62.74
CA ALA Q 95 37.77 2.71 -61.70
C ALA Q 95 36.32 3.00 -62.08
N LYS Q 96 36.10 3.47 -63.31
CA LYS Q 96 34.73 3.76 -63.75
C LYS Q 96 33.88 2.49 -63.80
N ALA Q 97 34.45 1.36 -64.19
CA ALA Q 97 33.65 0.13 -64.20
C ALA Q 97 33.32 -0.30 -62.77
N SER Q 98 34.25 -0.12 -61.84
CA SER Q 98 34.00 -0.45 -60.44
C SER Q 98 32.84 0.39 -59.89
N GLY Q 99 32.81 1.68 -60.24
CA GLY Q 99 31.73 2.53 -59.79
C GLY Q 99 30.37 2.06 -60.26
N ASN Q 100 30.27 1.72 -61.56
CA ASN Q 100 29.02 1.22 -62.09
C ASN Q 100 28.64 -0.12 -61.47
N LEU Q 101 29.63 -1.00 -61.27
CA LEU Q 101 29.34 -2.27 -60.60
C LEU Q 101 28.88 -2.04 -59.18
N GLY Q 102 29.45 -1.04 -58.49
CA GLY Q 102 29.02 -0.75 -57.13
C GLY Q 102 27.58 -0.28 -57.05
N ASN Q 103 27.19 0.63 -57.95
CA ASN Q 103 25.83 1.13 -57.95
C ASN Q 103 24.83 0.03 -58.29
N THR Q 104 25.20 -0.88 -59.20
CA THR Q 104 24.34 -2.03 -59.49
C THR Q 104 24.16 -2.88 -58.24
N LEU Q 105 25.28 -3.21 -57.58
CA LEU Q 105 25.22 -3.98 -56.35
C LEU Q 105 24.43 -3.25 -55.27
N LYS Q 106 24.48 -1.91 -55.27
CA LYS Q 106 23.76 -1.13 -54.27
C LYS Q 106 22.26 -1.35 -54.40
N VAL Q 107 21.74 -1.35 -55.63
CA VAL Q 107 20.31 -1.56 -55.85
C VAL Q 107 19.93 -2.99 -55.48
N LEU Q 108 20.83 -3.94 -55.75
CA LEU Q 108 20.55 -5.35 -55.49
C LEU Q 108 20.65 -5.71 -54.01
N GLY Q 109 20.99 -4.78 -53.15
CA GLY Q 109 21.08 -5.07 -51.74
C GLY Q 109 22.35 -5.77 -51.31
N ASN Q 110 23.35 -5.88 -52.20
CA ASN Q 110 24.63 -6.48 -51.84
C ASN Q 110 25.60 -5.38 -51.41
N PHE Q 111 25.29 -4.79 -50.26
CA PHE Q 111 25.99 -3.59 -49.79
C PHE Q 111 27.46 -3.86 -49.51
N ASP Q 112 27.78 -5.04 -48.97
CA ASP Q 112 29.15 -5.32 -48.58
C ASP Q 112 30.08 -5.31 -49.79
N GLU Q 113 29.68 -5.96 -50.89
CA GLU Q 113 30.47 -5.91 -52.12
C GLU Q 113 30.40 -4.54 -52.78
N ALA Q 114 29.26 -3.85 -52.66
CA ALA Q 114 29.13 -2.51 -53.23
C ALA Q 114 30.14 -1.56 -52.60
N ILE Q 115 30.39 -1.69 -51.30
CA ILE Q 115 31.39 -0.87 -50.64
C ILE Q 115 32.75 -1.11 -51.24
N VAL Q 116 33.08 -2.39 -51.46
CA VAL Q 116 34.39 -2.77 -52.00
C VAL Q 116 34.62 -2.12 -53.36
N CYS Q 117 33.62 -2.21 -54.24
CA CYS Q 117 33.77 -1.71 -55.60
C CYS Q 117 33.91 -0.20 -55.62
N CYS Q 118 33.09 0.50 -54.83
CA CYS Q 118 33.18 1.97 -54.81
C CYS Q 118 34.44 2.42 -54.08
N GLN Q 119 34.91 1.66 -53.11
CA GLN Q 119 36.19 1.96 -52.48
C GLN Q 119 37.32 1.83 -53.49
N ARG Q 120 37.23 0.81 -54.36
CA ARG Q 120 38.25 0.62 -55.39
C ARG Q 120 38.25 1.79 -56.36
N HIS Q 121 37.06 2.29 -56.70
CA HIS Q 121 36.95 3.47 -57.55
C HIS Q 121 37.65 4.66 -56.89
N LEU Q 122 37.40 4.86 -55.59
CA LEU Q 122 38.03 5.96 -54.87
C LEU Q 122 39.55 5.82 -54.84
N ASP Q 123 40.05 4.63 -54.50
CA ASP Q 123 41.49 4.43 -54.36
C ASP Q 123 42.22 4.70 -55.68
N ILE Q 124 41.71 4.15 -56.79
CA ILE Q 124 42.36 4.36 -58.07
C ILE Q 124 42.34 5.83 -58.46
N SER Q 125 41.21 6.51 -58.19
CA SER Q 125 41.10 7.93 -58.50
C SER Q 125 42.15 8.75 -57.75
N ARG Q 126 42.35 8.45 -56.46
CA ARG Q 126 43.35 9.13 -55.67
C ARG Q 126 44.75 8.82 -56.19
N GLU Q 127 44.96 7.59 -56.65
CA GLU Q 127 46.28 7.18 -57.14
C GLU Q 127 46.66 7.91 -58.41
N LEU Q 128 45.69 8.12 -59.30
CA LEU Q 128 45.92 8.81 -60.57
C LEU Q 128 45.75 10.32 -60.45
N ASN Q 129 45.43 10.83 -59.26
CA ASN Q 129 45.17 12.26 -59.04
C ASN Q 129 44.04 12.77 -59.92
N ASP Q 130 43.03 11.92 -60.12
CA ASP Q 130 41.83 12.28 -60.87
C ASP Q 130 40.83 12.85 -59.88
N LYS Q 131 40.79 14.19 -59.78
CA LYS Q 131 40.01 14.82 -58.72
C LYS Q 131 38.52 14.73 -59.03
N VAL Q 132 38.14 14.84 -60.30
CA VAL Q 132 36.72 14.69 -60.64
C VAL Q 132 36.26 13.26 -60.40
N GLY Q 133 37.12 12.28 -60.68
CA GLY Q 133 36.79 10.90 -60.38
C GLY Q 133 36.75 10.64 -58.90
N GLU Q 134 37.67 11.27 -58.15
CA GLU Q 134 37.68 11.13 -56.70
C GLU Q 134 36.37 11.63 -56.11
N ALA Q 135 35.91 12.79 -56.58
CA ALA Q 135 34.65 13.35 -56.09
C ALA Q 135 33.47 12.43 -56.40
N ARG Q 136 33.40 11.90 -57.63
CA ARG Q 136 32.30 11.01 -57.99
C ARG Q 136 32.31 9.74 -57.16
N ALA Q 137 33.49 9.24 -56.83
CA ALA Q 137 33.56 8.04 -55.99
C ALA Q 137 33.09 8.34 -54.57
N LEU Q 138 33.43 9.53 -54.05
CA LEU Q 138 32.96 9.93 -52.73
C LEU Q 138 31.43 10.02 -52.71
N TYR Q 139 30.85 10.62 -53.75
CA TYR Q 139 29.40 10.70 -53.87
C TYR Q 139 28.77 9.31 -53.93
N ASN Q 140 29.39 8.40 -54.68
CA ASN Q 140 28.88 7.04 -54.78
C ASN Q 140 28.90 6.35 -53.42
N LEU Q 141 30.01 6.49 -52.69
CA LEU Q 141 30.11 5.86 -51.37
C LEU Q 141 29.06 6.42 -50.43
N GLY Q 142 28.84 7.73 -50.47
CA GLY Q 142 27.77 8.33 -49.69
C GLY Q 142 26.42 7.73 -50.03
N ASN Q 143 26.16 7.55 -51.33
CA ASN Q 143 24.90 6.97 -51.76
C ASN Q 143 24.72 5.54 -51.25
N VAL Q 144 25.79 4.75 -51.26
CA VAL Q 144 25.66 3.35 -50.85
C VAL Q 144 25.32 3.26 -49.36
N TYR Q 145 26.06 4.00 -48.53
CA TYR Q 145 25.77 3.98 -47.09
C TYR Q 145 24.41 4.59 -46.80
N HIS Q 146 24.00 5.58 -47.58
CA HIS Q 146 22.66 6.14 -47.43
C HIS Q 146 21.61 5.08 -47.69
N ALA Q 147 21.81 4.27 -48.74
CA ALA Q 147 20.86 3.22 -49.06
C ALA Q 147 20.94 2.10 -48.03
N LYS Q 148 22.13 1.78 -47.53
CA LYS Q 148 22.26 0.73 -46.53
C LYS Q 148 21.52 1.11 -45.26
N GLY Q 149 21.67 2.36 -44.83
CA GLY Q 149 20.95 2.82 -43.65
C GLY Q 149 19.44 2.80 -43.86
N LYS Q 150 19.01 3.12 -45.08
CA LYS Q 150 17.58 3.16 -45.38
C LYS Q 150 16.97 1.76 -45.47
N SER Q 151 17.78 0.73 -45.72
CA SER Q 151 17.28 -0.62 -45.86
C SER Q 151 16.96 -1.34 -44.55
N PHE Q 152 17.12 -0.69 -43.39
CA PHE Q 152 16.79 -1.37 -42.13
C PHE Q 152 15.48 -0.90 -41.50
N GLY Q 153 15.16 0.39 -41.50
CA GLY Q 153 13.98 0.79 -40.79
C GLY Q 153 13.31 2.11 -41.15
N CYS Q 154 12.16 2.03 -41.83
CA CYS Q 154 11.35 3.21 -42.16
C CYS Q 154 9.93 3.09 -41.57
N PRO Q 155 9.80 3.14 -40.26
CA PRO Q 155 8.70 3.88 -39.64
C PRO Q 155 8.93 5.38 -39.64
N GLY Q 156 10.03 5.82 -40.24
CA GLY Q 156 10.43 7.19 -40.24
C GLY Q 156 11.47 7.43 -39.19
N PRO Q 157 11.80 8.68 -38.94
CA PRO Q 157 12.43 9.05 -37.66
C PRO Q 157 11.42 9.71 -36.75
N GLN Q 158 10.42 8.95 -36.30
CA GLN Q 158 9.27 9.53 -35.61
C GLN Q 158 8.91 8.63 -34.44
N ASP Q 159 9.16 9.10 -33.21
CA ASP Q 159 9.85 10.37 -32.98
C ASP Q 159 11.25 10.08 -32.46
N VAL Q 160 12.05 9.43 -33.32
CA VAL Q 160 13.45 9.03 -33.07
C VAL Q 160 13.55 8.13 -31.83
N GLY Q 161 14.19 8.60 -30.76
CA GLY Q 161 14.25 7.83 -29.53
C GLY Q 161 15.49 6.98 -29.32
N GLU Q 162 15.49 5.78 -29.90
CA GLU Q 162 16.70 5.07 -30.27
C GLU Q 162 16.62 4.73 -31.76
N PHE Q 163 17.78 4.42 -32.31
CA PHE Q 163 17.96 3.71 -33.57
C PHE Q 163 19.01 2.63 -33.37
N PRO Q 164 18.87 1.50 -34.05
CA PRO Q 164 19.87 0.45 -33.91
C PRO Q 164 21.20 0.98 -34.42
N GLU Q 165 22.28 0.56 -33.75
CA GLU Q 165 23.57 1.21 -33.98
C GLU Q 165 24.06 1.00 -35.40
N GLU Q 166 23.74 -0.13 -36.01
CA GLU Q 166 24.12 -0.35 -37.40
C GLU Q 166 23.59 0.74 -38.30
N VAL Q 167 22.36 1.19 -38.06
CA VAL Q 167 21.75 2.20 -38.93
C VAL Q 167 22.43 3.55 -38.74
N ARG Q 168 22.61 3.95 -37.48
CA ARG Q 168 23.24 5.22 -37.17
C ARG Q 168 24.66 5.28 -37.73
N ASP Q 169 25.41 4.19 -37.60
CA ASP Q 169 26.77 4.14 -38.13
C ASP Q 169 26.79 4.30 -39.64
N ALA Q 170 25.85 3.66 -40.34
CA ALA Q 170 25.83 3.75 -41.80
C ALA Q 170 25.45 5.15 -42.26
N LEU Q 171 24.45 5.76 -41.62
CA LEU Q 171 24.05 7.12 -41.98
C LEU Q 171 25.15 8.12 -41.66
N GLN Q 172 25.84 7.95 -40.53
CA GLN Q 172 26.93 8.86 -40.20
C GLN Q 172 28.08 8.73 -41.20
N ALA Q 173 28.32 7.50 -41.68
CA ALA Q 173 29.33 7.32 -42.71
C ALA Q 173 28.93 8.04 -43.99
N ALA Q 174 27.64 8.02 -44.32
CA ALA Q 174 27.16 8.74 -45.50
C ALA Q 174 27.38 10.24 -45.34
N VAL Q 175 27.14 10.77 -44.14
CA VAL Q 175 27.34 12.19 -43.89
C VAL Q 175 28.81 12.55 -44.12
N ASP Q 176 29.72 11.71 -43.61
CA ASP Q 176 31.14 11.95 -43.78
C ASP Q 176 31.54 11.97 -45.26
N PHE Q 177 31.09 10.97 -46.02
CA PHE Q 177 31.41 10.94 -47.44
C PHE Q 177 30.80 12.12 -48.19
N TYR Q 178 29.55 12.48 -47.90
CA TYR Q 178 28.95 13.61 -48.59
C TYR Q 178 29.70 14.90 -48.30
N GLU Q 179 30.13 15.09 -47.04
CA GLU Q 179 30.84 16.31 -46.70
C GLU Q 179 32.22 16.33 -47.34
N GLU Q 180 32.87 15.17 -47.44
CA GLU Q 180 34.14 15.10 -48.17
C GLU Q 180 33.92 15.42 -49.64
N ASN Q 181 32.87 14.85 -50.24
CA ASN Q 181 32.51 15.21 -51.61
C ASN Q 181 32.28 16.71 -51.73
N LEU Q 182 31.48 17.27 -50.83
CA LEU Q 182 31.18 18.70 -50.85
C LEU Q 182 32.47 19.54 -50.79
N SER Q 183 33.41 19.16 -49.92
CA SER Q 183 34.66 19.90 -49.80
C SER Q 183 35.43 19.90 -51.12
N LEU Q 184 35.54 18.73 -51.76
CA LEU Q 184 36.29 18.64 -53.01
C LEU Q 184 35.53 19.31 -54.16
N VAL Q 185 34.20 19.24 -54.13
CA VAL Q 185 33.40 19.83 -55.21
C VAL Q 185 33.40 21.35 -55.11
N THR Q 186 33.31 21.88 -53.88
CA THR Q 186 33.38 23.33 -53.72
C THR Q 186 34.75 23.87 -54.13
N ALA Q 187 35.81 23.08 -53.93
CA ALA Q 187 37.14 23.50 -54.35
C ALA Q 187 37.28 23.46 -55.87
N LEU Q 188 36.61 22.52 -56.53
CA LEU Q 188 36.65 22.45 -57.98
C LEU Q 188 35.68 23.43 -58.63
N GLY Q 189 34.81 24.08 -57.85
CA GLY Q 189 33.88 25.05 -58.38
C GLY Q 189 32.78 24.47 -59.25
N ASP Q 190 32.30 23.27 -58.91
CA ASP Q 190 31.23 22.61 -59.66
C ASP Q 190 29.93 22.82 -58.91
N ARG Q 191 29.17 23.84 -59.34
CA ARG Q 191 27.95 24.21 -58.63
C ARG Q 191 26.88 23.13 -58.73
N ALA Q 192 26.78 22.47 -59.89
CA ALA Q 192 25.80 21.40 -60.04
C ALA Q 192 26.04 20.28 -59.02
N ALA Q 193 27.29 19.82 -58.91
CA ALA Q 193 27.61 18.76 -57.97
C ALA Q 193 27.43 19.21 -56.53
N GLN Q 194 27.65 20.51 -56.27
CA GLN Q 194 27.41 21.04 -54.92
C GLN Q 194 25.94 20.90 -54.56
N GLY Q 195 25.05 21.20 -55.51
CA GLY Q 195 23.63 21.04 -55.27
C GLY Q 195 23.26 19.61 -54.95
N ARG Q 196 23.75 18.67 -55.76
CA ARG Q 196 23.41 17.28 -55.53
C ARG Q 196 23.90 16.82 -54.16
N ALA Q 197 25.08 17.26 -53.77
CA ALA Q 197 25.62 16.92 -52.45
C ALA Q 197 24.74 17.47 -51.32
N PHE Q 198 24.34 18.74 -51.42
CA PHE Q 198 23.52 19.34 -50.38
C PHE Q 198 22.21 18.59 -50.21
N GLY Q 199 21.57 18.21 -51.33
CA GLY Q 199 20.32 17.48 -51.26
C GLY Q 199 20.44 16.17 -50.49
N ASN Q 200 21.41 15.33 -50.87
CA ASN Q 200 21.57 14.04 -50.23
C ASN Q 200 22.06 14.20 -48.79
N LEU Q 201 22.91 15.20 -48.54
CA LEU Q 201 23.32 15.47 -47.17
C LEU Q 201 22.13 15.83 -46.31
N GLY Q 202 21.22 16.66 -46.85
CA GLY Q 202 20.04 17.05 -46.11
C GLY Q 202 19.13 15.88 -45.80
N ASN Q 203 18.91 15.00 -46.77
CA ASN Q 203 18.06 13.83 -46.53
C ASN Q 203 18.71 12.85 -45.56
N THR Q 204 20.04 12.80 -45.50
CA THR Q 204 20.67 11.90 -44.55
C THR Q 204 20.51 12.43 -43.14
N HIS Q 205 20.72 13.72 -42.94
CA HIS Q 205 20.45 14.33 -41.65
C HIS Q 205 19.00 14.14 -41.25
N TYR Q 206 18.09 14.20 -42.23
CA TYR Q 206 16.67 14.03 -41.97
C TYR Q 206 16.38 12.65 -41.41
N LEU Q 207 17.00 11.62 -41.98
CA LEU Q 207 16.81 10.26 -41.48
C LEU Q 207 17.47 10.09 -40.12
N LEU Q 208 18.59 10.78 -39.90
CA LEU Q 208 19.30 10.66 -38.62
C LEU Q 208 18.55 11.32 -37.49
N GLY Q 209 17.68 12.27 -37.80
CA GLY Q 209 17.00 13.04 -36.78
C GLY Q 209 17.62 14.40 -36.53
N ASN Q 210 18.58 14.80 -37.35
CA ASN Q 210 19.25 16.10 -37.19
C ASN Q 210 18.54 17.12 -38.09
N PHE Q 211 17.34 17.49 -37.65
CA PHE Q 211 16.43 18.23 -38.55
C PHE Q 211 16.93 19.64 -38.85
N ARG Q 212 17.55 20.30 -37.87
CA ARG Q 212 18.06 21.65 -38.13
C ARG Q 212 19.15 21.62 -39.19
N ASP Q 213 20.08 20.65 -39.10
CA ASP Q 213 21.10 20.53 -40.13
C ASP Q 213 20.49 20.17 -41.47
N ALA Q 214 19.38 19.42 -41.46
CA ALA Q 214 18.73 19.07 -42.71
C ALA Q 214 18.15 20.31 -43.38
N VAL Q 215 17.49 21.17 -42.60
CA VAL Q 215 16.96 22.42 -43.13
C VAL Q 215 18.08 23.25 -43.76
N ILE Q 216 19.20 23.39 -43.05
CA ILE Q 216 20.31 24.19 -43.57
C ILE Q 216 20.79 23.65 -44.91
N ALA Q 217 20.96 22.32 -45.02
CA ALA Q 217 21.45 21.75 -46.26
C ALA Q 217 20.46 21.93 -47.40
N HIS Q 218 19.16 21.74 -47.12
CA HIS Q 218 18.17 21.89 -48.19
C HIS Q 218 17.99 23.34 -48.59
N GLU Q 219 18.21 24.28 -47.67
CA GLU Q 219 18.18 25.69 -48.03
C GLU Q 219 19.29 26.01 -49.04
N GLN Q 220 20.45 25.37 -48.87
CA GLN Q 220 21.53 25.53 -49.84
C GLN Q 220 21.18 24.88 -51.17
N ARG Q 221 20.50 23.73 -51.12
CA ARG Q 221 20.04 23.09 -52.36
C ARG Q 221 19.05 24.00 -53.08
N LEU Q 222 18.17 24.66 -52.31
CA LEU Q 222 17.19 25.56 -52.90
C LEU Q 222 17.87 26.72 -53.61
N LEU Q 223 18.86 27.34 -52.94
CA LEU Q 223 19.56 28.48 -53.53
C LEU Q 223 20.27 28.09 -54.82
N ILE Q 224 20.91 26.91 -54.84
CA ILE Q 224 21.60 26.48 -56.05
C ILE Q 224 20.60 26.13 -57.15
N ALA Q 225 19.45 25.56 -56.77
CA ALA Q 225 18.43 25.26 -57.77
C ALA Q 225 17.90 26.53 -58.43
N LYS Q 226 17.72 27.59 -57.65
CA LYS Q 226 17.32 28.87 -58.21
C LYS Q 226 18.38 29.41 -59.17
N GLU Q 227 19.66 29.28 -58.79
CA GLU Q 227 20.75 29.78 -59.60
C GLU Q 227 20.75 29.17 -60.99
N PHE Q 228 20.44 27.89 -61.08
CA PHE Q 228 20.39 27.18 -62.35
C PHE Q 228 19.01 27.20 -62.99
N GLY Q 229 18.02 27.77 -62.33
CA GLY Q 229 16.67 27.77 -62.86
C GLY Q 229 16.06 26.39 -62.99
N ASP Q 230 16.60 25.41 -62.27
CA ASP Q 230 16.12 24.03 -62.30
C ASP Q 230 14.88 23.91 -61.41
N LYS Q 231 13.71 24.05 -62.03
CA LYS Q 231 12.45 23.98 -61.30
C LYS Q 231 12.26 22.60 -60.65
N ALA Q 232 12.73 21.54 -61.30
CA ALA Q 232 12.56 20.21 -60.72
C ALA Q 232 13.32 20.11 -59.40
N ALA Q 233 14.58 20.54 -59.40
CA ALA Q 233 15.36 20.55 -58.16
C ALA Q 233 14.76 21.50 -57.13
N GLU Q 234 14.24 22.64 -57.58
CA GLU Q 234 13.59 23.58 -56.67
C GLU Q 234 12.41 22.92 -55.97
N ARG Q 235 11.63 22.13 -56.71
CA ARG Q 235 10.49 21.45 -56.13
C ARG Q 235 10.93 20.37 -55.14
N ARG Q 236 12.04 19.67 -55.43
CA ARG Q 236 12.55 18.68 -54.48
C ARG Q 236 12.98 19.35 -53.19
N ALA Q 237 13.66 20.49 -53.28
CA ALA Q 237 14.07 21.23 -52.09
C ALA Q 237 12.86 21.67 -51.26
N TYR Q 238 11.83 22.19 -51.93
CA TYR Q 238 10.62 22.60 -51.21
C TYR Q 238 10.00 21.43 -50.48
N SER Q 239 9.98 20.25 -51.11
CA SER Q 239 9.35 19.08 -50.50
C SER Q 239 10.15 18.61 -49.29
N ASN Q 240 11.47 18.54 -49.42
CA ASN Q 240 12.32 18.12 -48.31
C ASN Q 240 12.25 19.10 -47.15
N LEU Q 241 12.13 20.41 -47.45
CA LEU Q 241 12.04 21.40 -46.39
C LEU Q 241 10.74 21.23 -45.61
N GLY Q 242 9.62 21.03 -46.32
CA GLY Q 242 8.37 20.77 -45.64
C GLY Q 242 8.43 19.58 -44.72
N ASN Q 243 9.02 18.49 -45.21
CA ASN Q 243 9.16 17.29 -44.40
C ASN Q 243 9.90 17.59 -43.10
N ALA Q 244 10.99 18.35 -43.19
CA ALA Q 244 11.81 18.61 -42.01
C ALA Q 244 11.08 19.50 -41.02
N TYR Q 245 10.37 20.52 -41.50
CA TYR Q 245 9.66 21.41 -40.59
C TYR Q 245 8.51 20.69 -39.87
N ILE Q 246 7.94 19.66 -40.49
CA ILE Q 246 6.95 18.82 -39.78
C ILE Q 246 7.55 18.23 -38.52
N PHE Q 247 8.74 17.63 -38.64
CA PHE Q 247 9.35 16.96 -37.51
C PHE Q 247 9.92 17.94 -36.49
N LEU Q 248 10.14 19.19 -36.90
CA LEU Q 248 10.54 20.21 -35.94
C LEU Q 248 9.35 20.68 -35.12
N GLY Q 249 8.14 20.50 -35.64
CA GLY Q 249 6.91 20.90 -34.97
C GLY Q 249 6.33 22.20 -35.46
N GLU Q 250 6.96 22.84 -36.45
CA GLU Q 250 6.48 24.11 -37.00
C GLU Q 250 5.62 23.82 -38.22
N PHE Q 251 4.36 23.48 -37.96
CA PHE Q 251 3.47 23.02 -39.03
C PHE Q 251 3.07 24.15 -39.97
N GLU Q 252 2.93 25.38 -39.47
CA GLU Q 252 2.61 26.52 -40.33
C GLU Q 252 3.70 26.72 -41.38
N THR Q 253 4.96 26.71 -40.96
CA THR Q 253 6.05 26.83 -41.93
C THR Q 253 6.02 25.69 -42.92
N ALA Q 254 5.73 24.48 -42.46
CA ALA Q 254 5.70 23.32 -43.34
C ALA Q 254 4.62 23.47 -44.41
N SER Q 255 3.45 23.98 -44.02
CA SER Q 255 2.37 24.12 -44.98
C SER Q 255 2.76 25.04 -46.13
N GLU Q 256 3.47 26.13 -45.84
CA GLU Q 256 3.84 27.06 -46.90
C GLU Q 256 4.92 26.48 -47.82
N TYR Q 257 5.77 25.58 -47.32
CA TYR Q 257 6.69 24.89 -48.22
C TYR Q 257 5.96 23.87 -49.08
N TYR Q 258 4.99 23.15 -48.50
CA TYR Q 258 4.24 22.20 -49.32
C TYR Q 258 3.37 22.92 -50.33
N LYS Q 259 2.91 24.13 -49.99
CA LYS Q 259 2.16 24.93 -50.95
C LYS Q 259 3.02 25.29 -52.14
N LYS Q 260 4.29 25.60 -51.91
CA LYS Q 260 5.17 25.95 -53.01
C LYS Q 260 5.51 24.73 -53.87
N THR Q 261 5.53 23.53 -53.27
CA THR Q 261 5.67 22.33 -54.10
C THR Q 261 4.46 22.17 -55.01
N LEU Q 262 3.26 22.45 -54.50
CA LEU Q 262 2.06 22.31 -55.29
C LEU Q 262 2.04 23.32 -56.44
N LEU Q 263 2.47 24.55 -56.17
CA LEU Q 263 2.54 25.56 -57.23
C LEU Q 263 3.39 25.08 -58.39
N LEU Q 264 4.62 24.63 -58.10
CA LEU Q 264 5.52 24.15 -59.15
C LEU Q 264 5.03 22.85 -59.76
N ALA Q 265 4.34 22.02 -59.00
CA ALA Q 265 3.80 20.77 -59.56
C ALA Q 265 2.71 21.07 -60.57
N ARG Q 266 1.84 22.04 -60.27
CA ARG Q 266 0.79 22.43 -61.22
C ARG Q 266 1.37 23.08 -62.47
N GLN Q 267 2.48 23.81 -62.35
CA GLN Q 267 3.06 24.44 -63.53
C GLN Q 267 3.83 23.46 -64.39
N LEU Q 268 4.43 22.43 -63.78
CA LEU Q 268 5.06 21.37 -64.56
C LEU Q 268 4.05 20.36 -65.07
N LYS Q 269 2.78 20.51 -64.67
CA LYS Q 269 1.71 19.58 -65.03
C LYS Q 269 2.06 18.14 -64.66
N ASP Q 270 2.74 17.97 -63.54
CA ASP Q 270 3.08 16.66 -63.00
C ASP Q 270 1.96 16.25 -62.06
N ARG Q 271 1.04 15.39 -62.55
CA ARG Q 271 -0.10 15.00 -61.74
C ARG Q 271 0.32 14.18 -60.53
N ALA Q 272 1.36 13.35 -60.69
CA ALA Q 272 1.78 12.48 -59.59
C ALA Q 272 2.36 13.30 -58.43
N VAL Q 273 3.27 14.23 -58.74
CA VAL Q 273 3.81 15.11 -57.71
C VAL Q 273 2.72 16.01 -57.15
N GLU Q 274 1.77 16.41 -58.00
CA GLU Q 274 0.67 17.25 -57.55
C GLU Q 274 -0.16 16.53 -56.50
N ALA Q 275 -0.36 15.23 -56.68
CA ALA Q 275 -1.16 14.45 -55.73
C ALA Q 275 -0.40 14.25 -54.43
N GLN Q 276 0.89 13.92 -54.51
CA GLN Q 276 1.70 13.79 -53.31
C GLN Q 276 1.71 15.10 -52.51
N SER Q 277 1.71 16.23 -53.21
CA SER Q 277 1.69 17.53 -52.54
C SER Q 277 0.38 17.73 -51.78
N CYS Q 278 -0.74 17.39 -52.42
CA CYS Q 278 -2.04 17.52 -51.76
C CYS Q 278 -2.12 16.60 -50.55
N TYR Q 279 -1.55 15.40 -50.64
CA TYR Q 279 -1.58 14.48 -49.53
C TYR Q 279 -0.78 15.01 -48.36
N SER Q 280 0.37 15.62 -48.64
CA SER Q 280 1.17 16.20 -47.57
C SER Q 280 0.44 17.38 -46.93
N LEU Q 281 -0.24 18.19 -47.75
CA LEU Q 281 -1.00 19.30 -47.21
C LEU Q 281 -2.15 18.80 -46.35
N GLY Q 282 -2.79 17.69 -46.76
CA GLY Q 282 -3.87 17.13 -45.97
C GLY Q 282 -3.40 16.71 -44.59
N ASN Q 283 -2.24 16.08 -44.52
CA ASN Q 283 -1.69 15.68 -43.23
C ASN Q 283 -1.21 16.87 -42.41
N THR Q 284 -0.74 17.93 -43.09
CA THR Q 284 -0.29 19.12 -42.37
C THR Q 284 -1.45 19.80 -41.65
N TYR Q 285 -2.54 20.06 -42.38
CA TYR Q 285 -3.73 20.62 -41.75
C TYR Q 285 -4.37 19.67 -40.75
N THR Q 286 -4.14 18.36 -40.87
CA THR Q 286 -4.59 17.47 -39.80
C THR Q 286 -3.81 17.74 -38.53
N LEU Q 287 -2.50 17.94 -38.65
CA LEU Q 287 -1.68 18.30 -37.49
C LEU Q 287 -2.08 19.66 -36.93
N LEU Q 288 -2.49 20.58 -37.79
CA LEU Q 288 -2.97 21.87 -37.32
C LEU Q 288 -4.41 21.79 -36.82
N GLN Q 289 -5.03 20.62 -36.93
CA GLN Q 289 -6.38 20.33 -36.46
C GLN Q 289 -7.46 21.10 -37.21
N ASP Q 290 -7.14 21.56 -38.42
CA ASP Q 290 -8.11 22.24 -39.29
C ASP Q 290 -8.63 21.17 -40.25
N TYR Q 291 -9.54 20.34 -39.74
CA TYR Q 291 -9.93 19.14 -40.45
C TYR Q 291 -10.71 19.45 -41.72
N GLU Q 292 -11.35 20.62 -41.78
CA GLU Q 292 -12.05 21.01 -43.01
C GLU Q 292 -11.07 21.19 -44.16
N LYS Q 293 -9.98 21.92 -43.92
CA LYS Q 293 -8.96 22.08 -44.96
C LYS Q 293 -8.28 20.76 -45.27
N ALA Q 294 -8.13 19.89 -44.26
CA ALA Q 294 -7.50 18.59 -44.49
C ALA Q 294 -8.34 17.77 -45.44
N ILE Q 295 -9.65 17.78 -45.27
CA ILE Q 295 -10.53 17.02 -46.16
C ILE Q 295 -10.45 17.58 -47.57
N ASP Q 296 -10.37 18.90 -47.71
CA ASP Q 296 -10.28 19.51 -49.04
C ASP Q 296 -9.07 18.98 -49.81
N TYR Q 297 -7.89 18.97 -49.18
CA TYR Q 297 -6.70 18.52 -49.89
C TYR Q 297 -6.68 17.01 -50.06
N HIS Q 298 -7.18 16.25 -49.08
CA HIS Q 298 -7.23 14.80 -49.25
C HIS Q 298 -8.19 14.41 -50.36
N LEU Q 299 -9.22 15.22 -50.61
CA LEU Q 299 -10.11 14.93 -51.73
C LEU Q 299 -9.42 15.20 -53.06
N LYS Q 300 -8.68 16.32 -53.14
CA LYS Q 300 -7.93 16.63 -54.35
C LYS Q 300 -6.93 15.53 -54.66
N HIS Q 301 -6.32 14.96 -53.62
CA HIS Q 301 -5.41 13.83 -53.80
C HIS Q 301 -6.17 12.60 -54.30
N LEU Q 302 -7.35 12.37 -53.73
CA LEU Q 302 -8.16 11.20 -54.12
C LEU Q 302 -8.51 11.26 -55.60
N ALA Q 303 -8.93 12.43 -56.08
CA ALA Q 303 -9.36 12.54 -57.47
C ALA Q 303 -8.22 12.28 -58.44
N ILE Q 304 -7.03 12.82 -58.16
CA ILE Q 304 -5.88 12.56 -59.01
C ILE Q 304 -5.49 11.09 -58.94
N ALA Q 305 -5.63 10.47 -57.75
CA ALA Q 305 -5.31 9.06 -57.61
C ALA Q 305 -6.22 8.20 -58.47
N GLN Q 306 -7.52 8.50 -58.45
CA GLN Q 306 -8.46 7.77 -59.30
C GLN Q 306 -8.16 8.00 -60.77
N GLU Q 307 -7.73 9.22 -61.13
CA GLU Q 307 -7.33 9.51 -62.50
C GLU Q 307 -6.17 8.62 -62.93
N LEU Q 308 -5.08 8.64 -62.16
CA LEU Q 308 -3.91 7.86 -62.49
C LEU Q 308 -4.10 6.38 -62.19
N ASN Q 309 -5.30 5.98 -61.76
CA ASN Q 309 -5.61 4.59 -61.40
C ASN Q 309 -4.61 4.03 -60.37
N ASP Q 310 -4.07 4.92 -59.52
CA ASP Q 310 -3.21 4.50 -58.41
C ASP Q 310 -4.09 3.93 -57.31
N ARG Q 311 -4.29 2.61 -57.34
CA ARG Q 311 -5.20 1.97 -56.39
C ARG Q 311 -4.66 2.05 -54.96
N ILE Q 312 -3.33 1.97 -54.81
CA ILE Q 312 -2.73 2.05 -53.47
C ILE Q 312 -3.02 3.39 -52.83
N GLY Q 313 -2.71 4.48 -53.55
CA GLY Q 313 -2.97 5.81 -53.05
C GLY Q 313 -4.43 6.11 -52.81
N GLU Q 314 -5.32 5.41 -53.53
CA GLU Q 314 -6.75 5.58 -53.28
C GLU Q 314 -7.10 5.11 -51.87
N GLY Q 315 -6.57 3.96 -51.47
CA GLY Q 315 -6.83 3.47 -50.13
C GLY Q 315 -6.25 4.38 -49.07
N ARG Q 316 -5.09 5.00 -49.37
CA ARG Q 316 -4.48 5.91 -48.41
C ARG Q 316 -5.37 7.12 -48.19
N ALA Q 317 -6.00 7.61 -49.26
CA ALA Q 317 -6.90 8.75 -49.15
C ALA Q 317 -8.16 8.37 -48.39
N CYS Q 318 -8.70 7.17 -48.67
CA CYS Q 318 -9.92 6.73 -48.00
C CYS Q 318 -9.72 6.64 -46.49
N TRP Q 319 -8.60 6.05 -46.06
CA TRP Q 319 -8.34 5.94 -44.62
C TRP Q 319 -8.20 7.32 -43.99
N SER Q 320 -7.48 8.22 -44.66
CA SER Q 320 -7.28 9.56 -44.12
C SER Q 320 -8.60 10.31 -44.05
N LEU Q 321 -9.40 10.24 -45.12
CA LEU Q 321 -10.70 10.91 -45.14
C LEU Q 321 -11.61 10.39 -44.03
N GLY Q 322 -11.62 9.06 -43.84
CA GLY Q 322 -12.40 8.48 -42.77
C GLY Q 322 -12.09 9.09 -41.41
N ASN Q 323 -10.80 9.25 -41.10
CA ASN Q 323 -10.42 9.78 -39.80
C ASN Q 323 -10.57 11.30 -39.75
N ALA Q 324 -10.45 12.00 -40.89
CA ALA Q 324 -10.74 13.42 -40.88
C ALA Q 324 -12.22 13.68 -40.63
N TYR Q 325 -13.09 12.93 -41.31
CA TYR Q 325 -14.53 13.10 -41.10
C TYR Q 325 -14.92 12.69 -39.68
N THR Q 326 -14.25 11.67 -39.14
CA THR Q 326 -14.52 11.25 -37.76
C THR Q 326 -14.16 12.34 -36.77
N ALA Q 327 -13.07 13.07 -37.03
CA ALA Q 327 -12.68 14.14 -36.13
C ALA Q 327 -13.65 15.32 -36.21
N LEU Q 328 -14.42 15.41 -37.29
CA LEU Q 328 -15.43 16.45 -37.41
C LEU Q 328 -16.79 15.99 -36.89
N GLY Q 329 -17.11 14.70 -37.03
CA GLY Q 329 -18.35 14.13 -36.54
C GLY Q 329 -19.28 13.60 -37.61
N ASN Q 330 -18.91 13.72 -38.90
CA ASN Q 330 -19.71 13.17 -39.99
C ASN Q 330 -19.64 11.65 -40.00
N HIS Q 331 -20.49 11.02 -39.17
CA HIS Q 331 -20.45 9.58 -39.03
C HIS Q 331 -21.00 8.84 -40.26
N ASP Q 332 -21.80 9.51 -41.09
CA ASP Q 332 -22.23 8.85 -42.32
C ASP Q 332 -21.12 8.86 -43.38
N GLN Q 333 -20.44 10.00 -43.54
CA GLN Q 333 -19.37 10.12 -44.52
C GLN Q 333 -18.15 9.31 -44.10
N ALA Q 334 -17.87 9.24 -42.80
CA ALA Q 334 -16.78 8.42 -42.32
C ALA Q 334 -17.01 6.95 -42.64
N MET Q 335 -18.24 6.47 -42.42
CA MET Q 335 -18.55 5.08 -42.75
C MET Q 335 -18.40 4.79 -44.23
N HIS Q 336 -18.60 5.80 -45.07
CA HIS Q 336 -18.51 5.56 -46.51
C HIS Q 336 -17.06 5.29 -46.91
N PHE Q 337 -16.14 6.16 -46.47
CA PHE Q 337 -14.74 5.98 -46.82
C PHE Q 337 -14.10 4.81 -46.08
N ALA Q 338 -14.60 4.46 -44.90
CA ALA Q 338 -14.07 3.28 -44.21
C ALA Q 338 -14.43 2.02 -44.98
N GLU Q 339 -15.61 2.00 -45.59
CA GLU Q 339 -15.98 0.89 -46.46
C GLU Q 339 -15.08 0.85 -47.68
N LYS Q 340 -14.85 2.02 -48.29
CA LYS Q 340 -13.97 2.08 -49.45
C LYS Q 340 -12.55 1.69 -49.06
N HIS Q 341 -12.15 1.99 -47.82
CA HIS Q 341 -10.85 1.57 -47.34
C HIS Q 341 -10.78 0.05 -47.23
N LEU Q 342 -11.83 -0.58 -46.70
CA LEU Q 342 -11.87 -2.04 -46.62
C LEU Q 342 -11.79 -2.67 -48.01
N GLU Q 343 -12.54 -2.11 -48.96
CA GLU Q 343 -12.59 -2.69 -50.29
C GLU Q 343 -11.22 -2.62 -50.97
N ILE Q 344 -10.60 -1.44 -50.96
CA ILE Q 344 -9.29 -1.30 -51.59
C ILE Q 344 -8.25 -2.16 -50.88
N SER Q 345 -8.29 -2.19 -49.55
CA SER Q 345 -7.31 -2.96 -48.79
C SER Q 345 -7.36 -4.44 -49.14
N ARG Q 346 -8.57 -4.97 -49.39
CA ARG Q 346 -8.68 -6.34 -49.88
C ARG Q 346 -8.10 -6.48 -51.27
N GLU Q 347 -8.40 -5.52 -52.16
CA GLU Q 347 -8.05 -5.66 -53.57
C GLU Q 347 -6.54 -5.61 -53.79
N VAL Q 348 -5.81 -4.93 -52.91
CA VAL Q 348 -4.37 -4.74 -53.08
C VAL Q 348 -3.56 -5.60 -52.13
N GLY Q 349 -4.21 -6.38 -51.28
CA GLY Q 349 -3.52 -7.25 -50.37
C GLY Q 349 -2.93 -6.57 -49.16
N ASP Q 350 -3.39 -5.36 -48.82
CA ASP Q 350 -2.93 -4.69 -47.62
C ASP Q 350 -3.59 -5.35 -46.41
N LYS Q 351 -2.96 -6.39 -45.85
CA LYS Q 351 -3.59 -7.14 -44.76
C LYS Q 351 -3.72 -6.27 -43.53
N SER Q 352 -2.74 -5.39 -43.29
CA SER Q 352 -2.84 -4.47 -42.17
C SER Q 352 -4.04 -3.55 -42.33
N GLY Q 353 -4.20 -2.95 -43.52
CA GLY Q 353 -5.30 -2.04 -43.75
C GLY Q 353 -6.66 -2.70 -43.61
N GLU Q 354 -6.77 -3.95 -44.06
CA GLU Q 354 -8.04 -4.64 -44.03
C GLU Q 354 -8.52 -4.82 -42.60
N LEU Q 355 -7.60 -5.18 -41.69
CA LEU Q 355 -7.98 -5.38 -40.29
C LEU Q 355 -8.33 -4.06 -39.62
N THR Q 356 -7.65 -2.98 -40.01
CA THR Q 356 -7.95 -1.68 -39.43
C THR Q 356 -9.31 -1.17 -39.87
N ALA Q 357 -9.63 -1.33 -41.16
CA ALA Q 357 -10.93 -0.88 -41.67
C ALA Q 357 -12.07 -1.60 -40.97
N ARG Q 358 -11.88 -2.87 -40.63
CA ARG Q 358 -12.89 -3.60 -39.86
C ARG Q 358 -13.03 -3.01 -38.47
N LEU Q 359 -11.91 -2.83 -37.78
CA LEU Q 359 -11.94 -2.22 -36.45
C LEU Q 359 -12.50 -0.80 -36.50
N ASN Q 360 -12.44 -0.14 -37.66
CA ASN Q 360 -12.98 1.20 -37.77
C ASN Q 360 -14.49 1.20 -37.93
N LEU Q 361 -15.00 0.30 -38.77
CA LEU Q 361 -16.44 0.28 -39.02
C LEU Q 361 -17.20 -0.16 -37.78
N SER Q 362 -16.66 -1.15 -37.05
CA SER Q 362 -17.27 -1.60 -35.79
C SER Q 362 -17.54 -0.41 -34.86
N ASP Q 363 -16.53 0.44 -34.68
CA ASP Q 363 -16.65 1.56 -33.76
C ASP Q 363 -17.57 2.63 -34.33
N LEU Q 364 -17.44 2.93 -35.61
CA LEU Q 364 -18.22 3.98 -36.27
C LEU Q 364 -19.72 3.74 -36.18
N GLN Q 365 -20.17 2.48 -36.16
CA GLN Q 365 -21.60 2.24 -36.11
C GLN Q 365 -22.24 2.90 -34.89
N MET Q 366 -21.48 3.05 -33.78
CA MET Q 366 -22.12 3.41 -32.53
C MET Q 366 -22.56 4.89 -32.46
N VAL Q 367 -22.09 5.77 -33.34
CA VAL Q 367 -22.81 7.04 -33.56
C VAL Q 367 -23.10 7.20 -35.07
N ASN R 10 21.69 -12.58 -27.82
CA ASN R 10 20.98 -11.40 -28.33
C ASN R 10 21.08 -11.35 -29.85
N SER R 11 22.28 -11.59 -30.39
CA SER R 11 22.42 -11.75 -31.83
C SER R 11 21.74 -13.03 -32.32
N ALA R 12 21.61 -14.02 -31.42
CA ALA R 12 20.94 -15.28 -31.72
C ALA R 12 19.47 -15.12 -32.05
N LEU R 13 18.85 -14.06 -31.54
CA LEU R 13 17.45 -13.79 -31.83
C LEU R 13 17.23 -13.38 -33.27
N LEU R 14 18.11 -12.54 -33.80
CA LEU R 14 17.81 -11.85 -35.03
C LEU R 14 17.96 -12.69 -36.28
N SER R 15 18.19 -14.00 -36.16
CA SER R 15 18.22 -14.81 -37.38
C SER R 15 16.82 -15.15 -37.84
N LEU R 16 15.82 -14.95 -36.99
CA LEU R 16 14.38 -15.15 -37.05
C LEU R 16 13.65 -13.81 -37.21
N PRO R 17 12.61 -13.80 -38.03
CA PRO R 17 11.83 -12.56 -38.20
C PRO R 17 11.27 -12.11 -36.83
N GLY R 18 12.13 -11.48 -36.02
CA GLY R 18 12.01 -11.36 -34.56
C GLY R 18 11.54 -10.12 -33.79
N TYR R 19 12.44 -9.41 -33.09
CA TYR R 19 12.03 -8.75 -31.84
C TYR R 19 12.74 -7.45 -31.41
N ARG R 20 13.75 -7.51 -30.49
CA ARG R 20 14.51 -6.37 -29.98
C ARG R 20 13.71 -5.64 -28.90
N PRO R 21 14.24 -5.52 -27.67
CA PRO R 21 13.46 -4.86 -26.60
C PRO R 21 13.74 -3.37 -26.46
N THR R 22 12.72 -2.53 -26.60
CA THR R 22 12.84 -1.07 -26.50
C THR R 22 11.75 -0.40 -25.68
N THR R 23 10.57 -1.02 -25.58
CA THR R 23 9.63 -0.72 -24.49
C THR R 23 9.23 -2.02 -23.84
N PHE R 45 5.20 11.39 -34.97
CA PHE R 45 4.24 11.87 -35.97
C PHE R 45 4.16 10.90 -37.17
N TYR R 46 3.17 11.10 -38.04
CA TYR R 46 3.00 10.34 -39.28
C TYR R 46 3.53 11.11 -40.49
N MET R 47 4.22 10.41 -41.41
CA MET R 47 4.96 11.05 -42.49
C MET R 47 4.59 10.82 -43.96
N GLY R 48 5.60 10.53 -44.75
CA GLY R 48 5.69 10.55 -46.20
C GLY R 48 7.15 10.58 -46.62
N THR R 49 7.38 10.49 -47.92
CA THR R 49 8.75 10.23 -48.41
C THR R 49 9.65 11.47 -48.37
N CYS R 50 10.84 11.33 -48.99
CA CYS R 50 11.93 12.29 -48.80
C CYS R 50 12.77 12.66 -50.03
N GLN R 51 12.38 12.29 -51.25
CA GLN R 51 12.96 12.75 -52.52
C GLN R 51 14.48 12.93 -52.72
N ASP R 52 15.22 11.87 -53.08
CA ASP R 52 16.67 11.96 -53.29
C ASP R 52 17.00 12.68 -54.61
N GLU R 53 18.35 12.73 -54.96
CA GLU R 53 18.78 13.31 -56.25
C GLU R 53 18.94 12.23 -57.30
N PRO R 54 18.40 12.44 -58.50
CA PRO R 54 18.37 11.38 -59.53
C PRO R 54 19.74 11.07 -60.12
N GLU R 55 20.06 9.78 -60.23
CA GLU R 55 21.31 9.31 -60.81
C GLU R 55 21.39 9.62 -62.31
N GLN R 56 22.47 10.32 -62.73
CA GLN R 56 22.66 10.74 -64.12
C GLN R 56 23.30 9.65 -64.96
N LEU R 57 22.62 9.32 -66.06
CA LEU R 57 23.01 8.29 -67.01
C LEU R 57 23.12 8.83 -68.43
N ASP R 58 23.40 10.13 -68.60
CA ASP R 58 23.55 10.81 -69.88
C ASP R 58 24.57 10.14 -70.80
N ASP R 59 25.21 9.06 -70.36
CA ASP R 59 26.16 8.29 -71.15
C ASP R 59 25.48 7.59 -72.31
N TRP R 60 25.12 8.38 -73.32
CA TRP R 60 24.53 7.85 -74.55
C TRP R 60 25.25 8.36 -75.79
N ASN R 61 26.56 8.63 -75.69
CA ASN R 61 27.30 9.31 -76.75
C ASN R 61 28.71 8.75 -76.93
N ARG R 62 29.12 7.80 -76.10
CA ARG R 62 30.51 7.35 -76.03
C ARG R 62 30.95 6.61 -77.29
N ILE R 63 30.08 5.78 -77.89
CA ILE R 63 30.48 5.07 -79.10
C ILE R 63 30.34 6.04 -80.27
N ALA R 64 31.11 7.13 -80.27
CA ALA R 64 31.06 8.08 -81.38
C ALA R 64 32.42 8.75 -81.47
N GLU R 65 33.13 8.77 -80.34
CA GLU R 65 34.50 9.24 -80.27
C GLU R 65 35.40 8.26 -81.02
N LEU R 66 35.76 7.13 -80.39
CA LEU R 66 36.34 5.95 -81.03
C LEU R 66 37.42 6.14 -82.09
N GLN R 67 37.06 6.70 -83.24
CA GLN R 67 37.86 6.53 -84.44
C GLN R 67 39.03 7.51 -84.56
N GLN R 68 39.36 8.22 -83.49
CA GLN R 68 40.53 9.10 -83.50
C GLN R 68 41.09 9.41 -82.12
N ARG R 69 40.70 8.67 -81.07
CA ARG R 69 41.09 8.98 -79.69
C ARG R 69 42.39 8.30 -79.28
N ASN R 70 42.59 8.17 -77.97
CA ASN R 70 43.73 7.43 -77.43
C ASN R 70 43.45 5.93 -77.51
N PRO S 2 -113.67 40.38 35.77
CA PRO S 2 -114.72 40.88 34.89
C PRO S 2 -115.25 39.80 33.94
N LEU S 3 -116.49 39.95 33.47
CA LEU S 3 -117.17 38.86 32.77
C LEU S 3 -117.22 39.01 31.27
N GLY S 4 -116.94 40.19 30.75
CA GLY S 4 -116.87 40.32 29.32
C GLY S 4 -115.48 39.96 28.84
N SER S 5 -114.50 40.31 29.63
CA SER S 5 -113.12 40.06 29.25
C SER S 5 -112.74 38.67 29.71
N MET S 6 -112.08 37.92 28.83
CA MET S 6 -111.78 36.53 29.09
C MET S 6 -110.30 36.21 28.91
N PHE S 7 -109.73 36.58 27.78
CA PHE S 7 -108.36 36.22 27.40
C PHE S 7 -107.40 37.34 27.82
N HIS S 8 -107.31 37.58 29.14
CA HIS S 8 -106.63 38.77 29.65
C HIS S 8 -105.62 38.48 30.75
N VAL S 9 -106.05 38.42 32.00
CA VAL S 9 -105.12 38.00 33.04
C VAL S 9 -105.01 36.48 33.04
N ARG S 10 -105.99 35.80 32.41
CA ARG S 10 -105.92 34.37 32.19
C ARG S 10 -104.92 34.01 31.11
N TYR S 11 -104.71 34.89 30.14
CA TYR S 11 -103.59 34.73 29.23
C TYR S 11 -102.80 36.03 29.04
N ARG S 12 -102.12 36.43 30.11
CA ARG S 12 -100.94 37.29 29.99
C ARG S 12 -99.66 36.58 30.40
N MET S 13 -99.73 35.70 31.40
CA MET S 13 -98.53 35.10 31.99
C MET S 13 -97.67 34.40 30.95
N GLU S 14 -98.25 33.46 30.24
CA GLU S 14 -97.49 32.48 29.48
C GLU S 14 -97.01 33.01 28.14
N ALA S 15 -97.11 32.13 27.15
CA ALA S 15 -96.77 32.20 25.73
C ALA S 15 -96.29 30.79 25.39
N SER S 16 -97.14 30.02 24.74
CA SER S 16 -96.91 28.60 24.61
C SER S 16 -95.94 28.30 23.48
N CYS S 17 -95.39 27.08 23.52
CA CYS S 17 -94.42 26.67 22.52
C CYS S 17 -95.03 26.78 21.12
N LEU S 18 -96.25 26.27 20.97
CA LEU S 18 -96.91 26.31 19.66
C LEU S 18 -97.10 27.75 19.18
N GLU S 19 -97.45 28.66 20.10
CA GLU S 19 -97.70 30.05 19.71
C GLU S 19 -96.42 30.72 19.21
N LEU S 20 -95.31 30.50 19.92
CA LEU S 20 -94.03 31.03 19.47
C LEU S 20 -93.65 30.44 18.12
N ALA S 21 -93.86 29.14 17.94
CA ALA S 21 -93.52 28.50 16.67
C ALA S 21 -94.35 29.06 15.52
N LEU S 22 -95.64 29.27 15.74
CA LEU S 22 -96.49 29.81 14.68
C LEU S 22 -96.08 31.21 14.29
N GLU S 23 -95.65 32.02 15.26
CA GLU S 23 -95.16 33.37 14.95
C GLU S 23 -93.88 33.29 14.12
N GLY S 24 -92.97 32.40 14.47
CA GLY S 24 -91.77 32.22 13.67
C GLY S 24 -92.09 31.85 12.24
N GLU S 25 -93.06 30.96 12.04
CA GLU S 25 -93.43 30.53 10.70
C GLU S 25 -94.03 31.67 9.90
N ARG S 26 -94.88 32.50 10.52
CA ARG S 26 -95.45 33.65 9.81
C ARG S 26 -94.39 34.66 9.42
N LEU S 27 -93.36 34.85 10.25
CA LEU S 27 -92.30 35.79 9.89
C LEU S 27 -91.52 35.27 8.69
N CYS S 28 -91.25 33.97 8.64
CA CYS S 28 -90.58 33.40 7.49
C CYS S 28 -91.45 33.46 6.24
N LYS S 29 -92.78 33.30 6.40
CA LYS S 29 -93.67 33.43 5.25
C LYS S 29 -93.57 34.81 4.65
N SER S 30 -93.42 35.84 5.49
CA SER S 30 -93.30 37.22 5.04
C SER S 30 -91.92 37.54 4.52
N GLY S 31 -90.93 36.69 4.76
CA GLY S 31 -89.60 36.87 4.22
C GLY S 31 -88.60 37.47 5.18
N ASP S 32 -88.99 37.70 6.42
CA ASP S 32 -88.10 38.22 7.46
C ASP S 32 -87.70 37.04 8.35
N CYS S 33 -86.74 36.26 7.86
CA CYS S 33 -86.34 35.04 8.55
C CYS S 33 -85.40 35.33 9.72
N ARG S 34 -84.84 36.55 9.75
CA ARG S 34 -84.00 36.95 10.87
C ARG S 34 -84.80 37.06 12.16
N ALA S 35 -86.00 37.64 12.09
CA ALA S 35 -86.88 37.69 13.24
C ALA S 35 -87.52 36.33 13.51
N GLY S 36 -87.81 35.57 12.46
CA GLY S 36 -88.43 34.25 12.64
C GLY S 36 -87.55 33.31 13.44
N VAL S 37 -86.23 33.39 13.23
CA VAL S 37 -85.31 32.51 13.94
C VAL S 37 -85.39 32.74 15.45
N SER S 38 -85.47 34.01 15.87
CA SER S 38 -85.55 34.31 17.30
C SER S 38 -86.77 33.66 17.93
N PHE S 39 -87.91 33.74 17.26
CA PHE S 39 -89.13 33.15 17.80
C PHE S 39 -89.10 31.63 17.76
N PHE S 40 -88.41 31.04 16.77
CA PHE S 40 -88.28 29.59 16.75
C PHE S 40 -87.39 29.11 17.89
N GLU S 41 -86.21 29.71 18.06
CA GLU S 41 -85.34 29.32 19.16
C GLU S 41 -85.98 29.60 20.50
N ALA S 42 -86.89 30.57 20.58
CA ALA S 42 -87.61 30.80 21.82
C ALA S 42 -88.54 29.63 22.11
N ALA S 43 -89.21 29.12 21.08
CA ALA S 43 -90.07 27.95 21.24
C ALA S 43 -89.25 26.75 21.67
N VAL S 44 -88.02 26.64 21.16
CA VAL S 44 -87.12 25.58 21.59
C VAL S 44 -86.83 25.69 23.09
N GLN S 45 -86.62 26.92 23.57
CA GLN S 45 -86.34 27.12 24.99
C GLN S 45 -87.52 26.66 25.84
N VAL S 46 -88.74 26.95 25.39
CA VAL S 46 -89.93 26.54 26.13
C VAL S 46 -90.06 25.02 26.10
N GLY S 47 -89.84 24.41 24.94
CA GLY S 47 -89.97 22.98 24.78
C GLY S 47 -91.42 22.54 24.66
N THR S 48 -91.59 21.29 24.24
CA THR S 48 -92.92 20.73 24.06
C THR S 48 -92.87 19.24 24.34
N GLU S 49 -94.06 18.67 24.60
CA GLU S 49 -94.20 17.23 24.74
C GLU S 49 -94.41 16.55 23.40
N ASP S 50 -94.91 17.29 22.41
CA ASP S 50 -95.39 16.75 21.14
C ASP S 50 -94.21 16.61 20.20
N LEU S 51 -93.77 15.37 19.95
CA LEU S 51 -92.57 15.15 19.15
C LEU S 51 -92.81 15.49 17.68
N LYS S 52 -94.05 15.34 17.20
CA LYS S 52 -94.39 15.73 15.83
C LYS S 52 -94.21 17.24 15.64
N THR S 53 -94.63 18.03 16.63
CA THR S 53 -94.41 19.47 16.58
C THR S 53 -92.92 19.81 16.64
N LEU S 54 -92.20 19.18 17.57
CA LEU S 54 -90.78 19.43 17.73
C LEU S 54 -90.02 19.13 16.45
N SER S 55 -90.38 18.05 15.77
CA SER S 55 -89.75 17.72 14.49
C SER S 55 -89.95 18.85 13.49
N ALA S 56 -91.17 19.40 13.42
CA ALA S 56 -91.45 20.49 12.50
C ALA S 56 -90.64 21.74 12.85
N ILE S 57 -90.47 22.01 14.15
CA ILE S 57 -89.72 23.18 14.57
C ILE S 57 -88.26 23.06 14.14
N TYR S 58 -87.64 21.90 14.40
CA TYR S 58 -86.25 21.70 14.03
C TYR S 58 -86.06 21.88 12.53
N SER S 59 -86.95 21.27 11.73
CA SER S 59 -86.79 21.31 10.28
C SER S 59 -86.93 22.73 9.75
N GLN S 60 -87.91 23.48 10.24
CA GLN S 60 -88.09 24.84 9.76
C GLN S 60 -87.03 25.78 10.31
N LEU S 61 -86.43 25.46 11.46
CA LEU S 61 -85.27 26.23 11.90
C LEU S 61 -84.07 25.96 11.00
N GLY S 62 -83.84 24.70 10.65
CA GLY S 62 -82.77 24.38 9.72
C GLY S 62 -82.96 25.07 8.39
N ASN S 63 -84.18 25.03 7.86
CA ASN S 63 -84.45 25.69 6.59
C ASN S 63 -84.32 27.19 6.71
N ALA S 64 -84.66 27.76 7.87
CA ALA S 64 -84.53 29.21 8.05
C ALA S 64 -83.06 29.63 8.14
N TYR S 65 -82.26 28.88 8.90
CA TYR S 65 -80.83 29.18 8.99
C TYR S 65 -80.14 28.98 7.65
N PHE S 66 -80.59 27.97 6.90
CA PHE S 66 -80.07 27.68 5.57
C PHE S 66 -80.26 28.90 4.66
N TYR S 67 -81.46 29.49 4.68
CA TYR S 67 -81.74 30.67 3.88
C TYR S 67 -80.95 31.89 4.35
N LEU S 68 -80.69 31.98 5.66
CA LEU S 68 -79.87 33.06 6.22
C LEU S 68 -78.37 32.79 6.11
N HIS S 69 -77.97 31.75 5.38
CA HIS S 69 -76.57 31.42 5.13
C HIS S 69 -75.79 31.13 6.41
N ASP S 70 -76.47 30.75 7.50
CA ASP S 70 -75.79 30.29 8.70
C ASP S 70 -75.80 28.77 8.70
N TYR S 71 -74.97 28.22 7.81
CA TYR S 71 -74.99 26.79 7.54
C TYR S 71 -74.57 25.96 8.73
N ALA S 72 -73.82 26.54 9.67
CA ALA S 72 -73.41 25.78 10.85
C ALA S 72 -74.61 25.43 11.72
N LYS S 73 -75.49 26.41 12.00
CA LYS S 73 -76.68 26.11 12.78
C LYS S 73 -77.75 25.40 11.94
N ALA S 74 -77.74 25.61 10.63
CA ALA S 74 -78.62 24.81 9.79
C ALA S 74 -78.26 23.33 9.93
N LEU S 75 -76.96 23.03 10.01
CA LEU S 75 -76.54 21.65 10.21
C LEU S 75 -77.03 21.13 11.56
N GLU S 76 -76.91 21.98 12.59
CA GLU S 76 -77.32 21.60 13.94
C GLU S 76 -78.78 21.11 13.98
N TYR S 77 -79.70 21.97 13.55
CA TYR S 77 -81.10 21.63 13.72
C TYR S 77 -81.58 20.55 12.76
N HIS S 78 -81.02 20.48 11.55
CA HIS S 78 -81.40 19.36 10.69
C HIS S 78 -80.83 18.05 11.22
N HIS S 79 -79.71 18.12 11.93
CA HIS S 79 -79.15 16.93 12.55
C HIS S 79 -80.05 16.48 13.71
N HIS S 80 -80.57 17.43 14.48
CA HIS S 80 -81.53 17.08 15.54
C HIS S 80 -82.80 16.49 14.97
N ASP S 81 -83.31 17.05 13.86
CA ASP S 81 -84.51 16.50 13.24
C ASP S 81 -84.27 15.07 12.79
N LEU S 82 -83.10 14.79 12.19
CA LEU S 82 -82.77 13.43 11.79
C LEU S 82 -82.69 12.50 13.00
N THR S 83 -82.02 12.95 14.06
CA THR S 83 -81.90 12.14 15.27
C THR S 83 -83.26 11.79 15.84
N LEU S 84 -84.16 12.78 15.92
CA LEU S 84 -85.49 12.53 16.46
C LEU S 84 -86.28 11.57 15.57
N ALA S 85 -86.25 11.79 14.25
CA ALA S 85 -86.96 10.91 13.34
C ALA S 85 -86.46 9.48 13.42
N ARG S 86 -85.18 9.29 13.74
CA ARG S 86 -84.62 7.95 13.79
C ARG S 86 -85.04 7.22 15.06
N THR S 87 -85.04 7.93 16.19
CA THR S 87 -85.41 7.29 17.46
C THR S 87 -86.86 6.84 17.44
N ILE S 88 -87.76 7.66 16.90
CA ILE S 88 -89.18 7.31 16.86
C ILE S 88 -89.54 6.44 15.67
N GLY S 89 -88.57 6.11 14.81
CA GLY S 89 -88.82 5.24 13.69
C GLY S 89 -89.72 5.81 12.61
N ASP S 90 -89.85 7.12 12.55
CA ASP S 90 -90.60 7.80 11.51
C ASP S 90 -89.73 7.82 10.25
N GLN S 91 -89.94 6.84 9.37
CA GLN S 91 -89.06 6.70 8.20
C GLN S 91 -89.31 7.79 7.17
N LEU S 92 -90.56 8.25 7.02
CA LEU S 92 -90.82 9.38 6.12
C LEU S 92 -90.09 10.62 6.61
N GLY S 93 -90.19 10.90 7.91
CA GLY S 93 -89.47 12.02 8.49
C GLY S 93 -87.97 11.84 8.40
N GLU S 94 -87.50 10.59 8.50
CA GLU S 94 -86.07 10.34 8.40
C GLU S 94 -85.56 10.69 7.02
N ALA S 95 -86.31 10.31 5.98
CA ALA S 95 -85.90 10.59 4.60
C ALA S 95 -85.85 12.09 4.33
N LYS S 96 -86.89 12.83 4.74
CA LYS S 96 -86.92 14.27 4.52
C LYS S 96 -85.77 14.96 5.24
N ALA S 97 -85.47 14.52 6.47
CA ALA S 97 -84.39 15.14 7.21
C ALA S 97 -83.04 14.85 6.57
N SER S 98 -82.87 13.62 6.07
CA SER S 98 -81.63 13.26 5.38
C SER S 98 -81.40 14.15 4.16
N GLY S 99 -82.46 14.40 3.39
CA GLY S 99 -82.33 15.26 2.22
C GLY S 99 -81.88 16.66 2.57
N ASN S 100 -82.51 17.25 3.60
CA ASN S 100 -82.12 18.60 4.03
C ASN S 100 -80.70 18.61 4.58
N LEU S 101 -80.34 17.58 5.34
CA LEU S 101 -78.97 17.48 5.83
C LEU S 101 -77.98 17.35 4.67
N GLY S 102 -78.37 16.62 3.63
CA GLY S 102 -77.50 16.48 2.47
C GLY S 102 -77.26 17.79 1.75
N ASN S 103 -78.33 18.57 1.51
CA ASN S 103 -78.17 19.85 0.84
C ASN S 103 -77.33 20.82 1.68
N THR S 104 -77.48 20.77 3.00
CA THR S 104 -76.64 21.60 3.86
C THR S 104 -75.18 21.20 3.70
N LEU S 105 -74.90 19.90 3.77
CA LEU S 105 -73.56 19.40 3.58
C LEU S 105 -73.03 19.72 2.19
N LYS S 106 -73.92 19.79 1.20
CA LYS S 106 -73.50 20.09 -0.17
C LYS S 106 -72.91 21.50 -0.25
N VAL S 107 -73.56 22.46 0.40
CA VAL S 107 -73.06 23.83 0.40
C VAL S 107 -71.76 23.93 1.17
N LEU S 108 -71.63 23.16 2.24
CA LEU S 108 -70.44 23.19 3.07
C LEU S 108 -69.26 22.48 2.45
N GLY S 109 -69.42 21.89 1.26
CA GLY S 109 -68.34 21.24 0.57
C GLY S 109 -68.01 19.84 1.06
N ASN S 110 -68.82 19.26 1.93
CA ASN S 110 -68.61 17.90 2.42
C ASN S 110 -69.43 16.94 1.54
N PHE S 111 -68.96 16.81 0.30
CA PHE S 111 -69.75 16.08 -0.69
C PHE S 111 -69.90 14.61 -0.33
N ASP S 112 -68.86 14.01 0.25
CA ASP S 112 -68.88 12.58 0.52
C ASP S 112 -70.01 12.21 1.48
N GLU S 113 -70.16 12.97 2.57
CA GLU S 113 -71.29 12.71 3.47
C GLU S 113 -72.61 13.17 2.85
N ALA S 114 -72.58 14.21 2.02
CA ALA S 114 -73.81 14.65 1.36
C ALA S 114 -74.37 13.57 0.45
N ILE S 115 -73.50 12.81 -0.20
CA ILE S 115 -73.95 11.69 -1.03
C ILE S 115 -74.68 10.68 -0.17
N VAL S 116 -74.10 10.35 0.99
CA VAL S 116 -74.67 9.34 1.87
C VAL S 116 -76.08 9.73 2.30
N CYS S 117 -76.26 10.99 2.71
CA CYS S 117 -77.55 11.44 3.23
C CYS S 117 -78.61 11.46 2.14
N CYS S 118 -78.27 11.95 0.94
CA CYS S 118 -79.23 11.99 -0.14
C CYS S 118 -79.51 10.59 -0.69
N GLN S 119 -78.51 9.70 -0.63
CA GLN S 119 -78.74 8.31 -1.00
C GLN S 119 -79.73 7.66 -0.04
N ARG S 120 -79.61 7.98 1.25
CA ARG S 120 -80.53 7.46 2.25
C ARG S 120 -81.95 7.94 1.97
N HIS S 121 -82.07 9.21 1.58
CA HIS S 121 -83.37 9.76 1.22
C HIS S 121 -83.97 8.98 0.04
N LEU S 122 -83.16 8.71 -0.98
CA LEU S 122 -83.65 7.95 -2.14
C LEU S 122 -84.08 6.55 -1.74
N ASP S 123 -83.24 5.84 -0.98
CA ASP S 123 -83.54 4.45 -0.64
C ASP S 123 -84.83 4.33 0.16
N ILE S 124 -85.02 5.18 1.17
CA ILE S 124 -86.25 5.11 1.97
C ILE S 124 -87.46 5.46 1.12
N SER S 125 -87.33 6.42 0.21
CA SER S 125 -88.44 6.80 -0.65
C SER S 125 -88.86 5.63 -1.54
N ARG S 126 -87.89 4.92 -2.11
CA ARG S 126 -88.20 3.76 -2.93
C ARG S 126 -88.83 2.65 -2.10
N GLU S 127 -88.39 2.51 -0.84
CA GLU S 127 -88.90 1.45 0.02
C GLU S 127 -90.36 1.68 0.38
N LEU S 128 -90.73 2.93 0.62
CA LEU S 128 -92.10 3.28 0.97
C LEU S 128 -92.95 3.57 -0.27
N ASN S 129 -92.37 3.47 -1.46
CA ASN S 129 -93.06 3.78 -2.72
C ASN S 129 -93.61 5.20 -2.75
N ASP S 130 -92.84 6.13 -2.20
CA ASP S 130 -93.16 7.55 -2.22
C ASP S 130 -92.53 8.13 -3.48
N LYS S 131 -93.35 8.25 -4.53
CA LYS S 131 -92.80 8.61 -5.84
C LYS S 131 -92.38 10.08 -5.88
N VAL S 132 -93.13 10.95 -5.20
CA VAL S 132 -92.75 12.36 -5.15
C VAL S 132 -91.48 12.54 -4.33
N GLY S 133 -91.33 11.75 -3.26
CA GLY S 133 -90.09 11.80 -2.50
C GLY S 133 -88.93 11.21 -3.27
N GLU S 134 -89.20 10.16 -4.06
CA GLU S 134 -88.15 9.55 -4.88
C GLU S 134 -87.62 10.57 -5.88
N ALA S 135 -88.54 11.30 -6.53
CA ALA S 135 -88.14 12.31 -7.50
C ALA S 135 -87.30 13.41 -6.85
N ARG S 136 -87.73 13.91 -5.69
CA ARG S 136 -86.99 14.97 -5.02
C ARG S 136 -85.60 14.50 -4.60
N ALA S 137 -85.47 13.23 -4.21
CA ALA S 137 -84.16 12.71 -3.85
C ALA S 137 -83.26 12.61 -5.07
N LEU S 138 -83.83 12.21 -6.21
CA LEU S 138 -83.06 12.16 -7.45
C LEU S 138 -82.54 13.54 -7.83
N TYR S 139 -83.41 14.55 -7.74
CA TYR S 139 -83.00 15.93 -8.02
C TYR S 139 -81.90 16.38 -7.07
N ASN S 140 -82.02 16.03 -5.78
CA ASN S 140 -80.99 16.40 -4.81
C ASN S 140 -79.65 15.77 -5.17
N LEU S 141 -79.68 14.47 -5.50
CA LEU S 141 -78.44 13.78 -5.85
C LEU S 141 -77.79 14.40 -7.08
N GLY S 142 -78.61 14.73 -8.08
CA GLY S 142 -78.10 15.43 -9.25
C GLY S 142 -77.42 16.74 -8.87
N ASN S 143 -78.05 17.49 -7.97
CA ASN S 143 -77.48 18.77 -7.54
C ASN S 143 -76.15 18.59 -6.83
N VAL S 144 -76.03 17.54 -6.00
CA VAL S 144 -74.80 17.36 -5.23
C VAL S 144 -73.64 17.03 -6.18
N TYR S 145 -73.84 16.09 -7.09
CA TYR S 145 -72.80 15.75 -8.04
C TYR S 145 -72.48 16.91 -8.97
N HIS S 146 -73.50 17.71 -9.32
CA HIS S 146 -73.27 18.89 -10.13
C HIS S 146 -72.35 19.86 -9.38
N ALA S 147 -72.60 20.05 -8.09
CA ALA S 147 -71.79 20.95 -7.29
C ALA S 147 -70.40 20.37 -7.07
N LYS S 148 -70.30 19.05 -6.87
CA LYS S 148 -68.99 18.43 -6.70
C LYS S 148 -68.13 18.62 -7.94
N GLY S 149 -68.71 18.39 -9.12
CA GLY S 149 -67.97 18.59 -10.34
C GLY S 149 -67.56 20.04 -10.54
N LYS S 150 -68.42 20.96 -10.12
CA LYS S 150 -68.16 22.39 -10.28
C LYS S 150 -67.07 22.87 -9.32
N SER S 151 -66.82 22.15 -8.23
CA SER S 151 -65.87 22.61 -7.24
C SER S 151 -64.40 22.41 -7.60
N PHE S 152 -64.07 21.91 -8.79
CA PHE S 152 -62.65 21.79 -9.21
C PHE S 152 -62.22 22.79 -10.29
N GLY S 153 -62.71 22.64 -11.53
CA GLY S 153 -62.10 23.33 -12.67
C GLY S 153 -62.35 24.84 -12.78
N CYS S 154 -61.61 25.48 -13.71
CA CYS S 154 -61.80 26.90 -14.00
C CYS S 154 -62.36 27.18 -15.40
N PRO S 155 -61.57 27.30 -16.50
CA PRO S 155 -60.37 26.84 -17.23
C PRO S 155 -59.67 25.54 -16.74
N GLY S 156 -59.09 24.76 -17.67
CA GLY S 156 -58.81 25.19 -19.03
C GLY S 156 -59.37 24.52 -20.28
N PRO S 157 -59.06 23.25 -20.51
CA PRO S 157 -59.58 22.57 -21.71
C PRO S 157 -60.92 21.91 -21.42
N GLN S 158 -61.93 22.31 -22.18
CA GLN S 158 -63.27 21.76 -22.00
C GLN S 158 -63.70 20.93 -23.20
N PHE S 163 -59.54 17.58 -18.23
CA PHE S 163 -60.26 17.40 -16.97
C PHE S 163 -59.75 16.23 -16.19
N PRO S 164 -59.77 16.35 -14.87
CA PRO S 164 -59.54 15.16 -14.06
C PRO S 164 -60.69 14.19 -14.28
N GLU S 165 -60.37 12.90 -14.31
CA GLU S 165 -61.41 11.87 -14.38
C GLU S 165 -62.46 12.05 -13.27
N GLU S 166 -62.04 12.55 -12.10
CA GLU S 166 -63.00 12.77 -11.02
C GLU S 166 -64.13 13.69 -11.43
N VAL S 167 -63.80 14.76 -12.17
CA VAL S 167 -64.81 15.74 -12.54
C VAL S 167 -65.78 15.17 -13.56
N ARG S 168 -65.25 14.50 -14.59
CA ARG S 168 -66.11 13.89 -15.60
C ARG S 168 -67.04 12.85 -14.99
N ASP S 169 -66.53 12.04 -14.07
CA ASP S 169 -67.37 11.03 -13.41
C ASP S 169 -68.49 11.69 -12.63
N ALA S 170 -68.19 12.79 -11.93
CA ALA S 170 -69.21 13.44 -11.11
C ALA S 170 -70.27 14.09 -11.99
N LEU S 171 -69.86 14.75 -13.07
CA LEU S 171 -70.82 15.39 -13.96
C LEU S 171 -71.68 14.35 -14.67
N GLN S 172 -71.08 13.22 -15.07
CA GLN S 172 -71.88 12.17 -15.72
C GLN S 172 -72.89 11.58 -14.74
N ALA S 173 -72.50 11.45 -13.47
CA ALA S 173 -73.44 10.97 -12.47
C ALA S 173 -74.61 11.94 -12.32
N ALA S 174 -74.32 13.25 -12.39
CA ALA S 174 -75.39 14.25 -12.30
C ALA S 174 -76.34 14.12 -13.48
N VAL S 175 -75.81 13.86 -14.67
CA VAL S 175 -76.64 13.70 -15.86
C VAL S 175 -77.59 12.52 -15.66
N ASP S 176 -77.06 11.41 -15.15
CA ASP S 176 -77.87 10.22 -14.92
C ASP S 176 -79.00 10.50 -13.94
N PHE S 177 -78.68 11.13 -12.81
CA PHE S 177 -79.71 11.45 -11.82
C PHE S 177 -80.74 12.42 -12.36
N TYR S 178 -80.31 13.46 -13.08
CA TYR S 178 -81.27 14.41 -13.62
C TYR S 178 -82.21 13.75 -14.62
N GLU S 179 -81.68 12.85 -15.47
CA GLU S 179 -82.53 12.19 -16.44
C GLU S 179 -83.50 11.23 -15.76
N GLU S 180 -83.06 10.56 -14.70
CA GLU S 180 -83.98 9.72 -13.93
C GLU S 180 -85.06 10.57 -13.27
N ASN S 181 -84.67 11.71 -12.69
CA ASN S 181 -85.64 12.66 -12.15
C ASN S 181 -86.62 13.09 -13.24
N LEU S 182 -86.09 13.48 -14.41
CA LEU S 182 -86.93 13.93 -15.52
C LEU S 182 -87.95 12.86 -15.90
N SER S 183 -87.51 11.61 -15.99
CA SER S 183 -88.42 10.52 -16.36
C SER S 183 -89.57 10.40 -15.35
N LEU S 184 -89.25 10.43 -14.06
CA LEU S 184 -90.28 10.29 -13.03
C LEU S 184 -91.16 11.54 -12.94
N VAL S 185 -90.57 12.71 -13.18
CA VAL S 185 -91.33 13.95 -13.09
C VAL S 185 -92.28 14.10 -14.28
N THR S 186 -91.81 13.73 -15.48
CA THR S 186 -92.70 13.75 -16.65
C THR S 186 -93.85 12.78 -16.48
N ALA S 187 -93.62 11.64 -15.83
CA ALA S 187 -94.69 10.68 -15.58
C ALA S 187 -95.68 11.20 -14.55
N LEU S 188 -95.20 11.97 -13.57
CA LEU S 188 -96.10 12.55 -12.58
C LEU S 188 -96.79 13.80 -13.09
N GLY S 189 -96.40 14.31 -14.25
CA GLY S 189 -97.01 15.50 -14.82
C GLY S 189 -96.75 16.79 -14.08
N ASP S 190 -95.56 16.95 -13.51
CA ASP S 190 -95.18 18.14 -12.76
C ASP S 190 -94.35 19.04 -13.68
N ARG S 191 -95.01 20.02 -14.29
CA ARG S 191 -94.35 20.87 -15.29
C ARG S 191 -93.27 21.72 -14.66
N ALA S 192 -93.52 22.23 -13.44
CA ALA S 192 -92.52 23.05 -12.76
C ALA S 192 -91.22 22.27 -12.54
N ALA S 193 -91.34 21.05 -12.01
CA ALA S 193 -90.15 20.23 -11.75
C ALA S 193 -89.46 19.84 -13.06
N GLN S 194 -90.24 19.69 -14.14
CA GLN S 194 -89.64 19.40 -15.43
C GLN S 194 -88.75 20.54 -15.88
N GLY S 195 -89.22 21.77 -15.67
CA GLY S 195 -88.42 22.93 -16.02
C GLY S 195 -87.11 22.97 -15.26
N ARG S 196 -87.19 22.76 -13.94
CA ARG S 196 -85.98 22.82 -13.12
C ARG S 196 -84.99 21.75 -13.56
N ALA S 197 -85.49 20.56 -13.89
CA ALA S 197 -84.64 19.47 -14.35
C ALA S 197 -83.96 19.81 -15.68
N PHE S 198 -84.72 20.35 -16.64
CA PHE S 198 -84.14 20.68 -17.94
C PHE S 198 -83.02 21.71 -17.80
N GLY S 199 -83.22 22.72 -16.96
CA GLY S 199 -82.19 23.74 -16.75
C GLY S 199 -80.89 23.15 -16.24
N ASN S 200 -80.96 22.39 -15.14
CA ASN S 200 -79.76 21.82 -14.56
C ASN S 200 -79.13 20.78 -15.47
N LEU S 201 -79.95 20.00 -16.17
CA LEU S 201 -79.42 19.05 -17.14
C LEU S 201 -78.66 19.78 -18.23
N GLY S 202 -79.21 20.88 -18.73
CA GLY S 202 -78.55 21.64 -19.77
C GLY S 202 -77.21 22.20 -19.32
N ASN S 203 -77.16 22.75 -18.10
CA ASN S 203 -75.90 23.30 -17.60
C ASN S 203 -74.88 22.21 -17.32
N THR S 204 -75.32 21.00 -16.99
CA THR S 204 -74.36 19.92 -16.76
C THR S 204 -73.74 19.48 -18.08
N HIS S 205 -74.56 19.32 -19.11
CA HIS S 205 -74.05 19.02 -20.44
C HIS S 205 -73.12 20.13 -20.92
N TYR S 206 -73.43 21.37 -20.58
CA TYR S 206 -72.60 22.50 -20.97
C TYR S 206 -71.21 22.38 -20.38
N LEU S 207 -71.12 22.00 -19.10
CA LEU S 207 -69.81 21.84 -18.48
C LEU S 207 -69.08 20.64 -19.04
N LEU S 208 -69.81 19.58 -19.38
CA LEU S 208 -69.21 18.37 -19.92
C LEU S 208 -68.65 18.57 -21.31
N GLY S 209 -69.16 19.53 -22.05
CA GLY S 209 -68.80 19.71 -23.45
C GLY S 209 -69.79 19.15 -24.42
N ASN S 210 -70.95 18.71 -23.96
CA ASN S 210 -71.99 18.15 -24.83
C ASN S 210 -72.96 19.27 -25.21
N PHE S 211 -72.47 20.18 -26.06
CA PHE S 211 -73.16 21.44 -26.28
C PHE S 211 -74.49 21.25 -27.00
N ARG S 212 -74.56 20.30 -27.93
CA ARG S 212 -75.81 20.07 -28.65
C ARG S 212 -76.90 19.58 -27.69
N ASP S 213 -76.56 18.66 -26.78
CA ASP S 213 -77.52 18.24 -25.77
C ASP S 213 -77.90 19.38 -24.83
N ALA S 214 -76.96 20.29 -24.58
CA ALA S 214 -77.25 21.42 -23.71
C ALA S 214 -78.28 22.33 -24.36
N VAL S 215 -78.10 22.62 -25.64
CA VAL S 215 -79.06 23.43 -26.39
C VAL S 215 -80.46 22.82 -26.31
N ILE S 216 -80.56 21.52 -26.56
CA ILE S 216 -81.85 20.84 -26.54
C ILE S 216 -82.52 21.00 -25.18
N ALA S 217 -81.76 20.79 -24.10
CA ALA S 217 -82.34 20.88 -22.76
C ALA S 217 -82.78 22.31 -22.44
N HIS S 218 -81.98 23.30 -22.80
CA HIS S 218 -82.34 24.68 -22.50
C HIS S 218 -83.50 25.16 -23.37
N GLU S 219 -83.64 24.63 -24.58
CA GLU S 219 -84.81 24.96 -25.38
C GLU S 219 -86.08 24.49 -24.70
N GLN S 220 -86.02 23.32 -24.06
CA GLN S 220 -87.17 22.83 -23.29
C GLN S 220 -87.41 23.69 -22.06
N ARG S 221 -86.34 24.15 -21.40
CA ARG S 221 -86.49 25.05 -20.27
C ARG S 221 -87.16 26.35 -20.70
N LEU S 222 -86.78 26.85 -21.89
CA LEU S 222 -87.37 28.07 -22.41
C LEU S 222 -88.86 27.90 -22.65
N LEU S 223 -89.24 26.80 -23.27
CA LEU S 223 -90.65 26.54 -23.56
C LEU S 223 -91.48 26.46 -22.29
N ILE S 224 -90.95 25.79 -21.26
CA ILE S 224 -91.67 25.67 -20.00
C ILE S 224 -91.72 27.02 -19.29
N ALA S 225 -90.64 27.82 -19.39
CA ALA S 225 -90.65 29.14 -18.78
C ALA S 225 -91.71 30.03 -19.39
N LYS S 226 -91.89 29.96 -20.71
CA LYS S 226 -92.99 30.68 -21.35
C LYS S 226 -94.35 30.19 -20.88
N GLU S 227 -94.52 28.87 -20.71
CA GLU S 227 -95.80 28.32 -20.29
C GLU S 227 -96.23 28.89 -18.95
N PHE S 228 -95.29 29.09 -18.04
CA PHE S 228 -95.52 29.63 -16.71
C PHE S 228 -95.40 31.15 -16.65
N GLY S 229 -95.02 31.79 -17.76
CA GLY S 229 -94.82 33.24 -17.74
C GLY S 229 -93.72 33.72 -16.83
N ASP S 230 -92.78 32.83 -16.48
CA ASP S 230 -91.66 33.17 -15.62
C ASP S 230 -90.58 33.86 -16.44
N LYS S 231 -90.62 35.20 -16.44
CA LYS S 231 -89.64 35.98 -17.19
C LYS S 231 -88.22 35.75 -16.70
N ALA S 232 -88.05 35.55 -15.38
CA ALA S 232 -86.71 35.32 -14.84
C ALA S 232 -86.11 34.04 -15.42
N ALA S 233 -86.88 32.95 -15.40
CA ALA S 233 -86.42 31.70 -15.98
C ALA S 233 -86.22 31.85 -17.49
N GLU S 234 -87.08 32.60 -18.16
CA GLU S 234 -86.94 32.83 -19.59
C GLU S 234 -85.60 33.49 -19.90
N ARG S 235 -85.20 34.46 -19.06
CA ARG S 235 -83.92 35.14 -19.27
C ARG S 235 -82.75 34.21 -18.99
N ARG S 236 -82.87 33.34 -17.99
CA ARG S 236 -81.81 32.38 -17.73
C ARG S 236 -81.63 31.44 -18.90
N ALA S 237 -82.72 30.95 -19.47
CA ALA S 237 -82.66 30.08 -20.65
C ALA S 237 -81.98 30.78 -21.82
N TYR S 238 -82.35 32.04 -22.07
CA TYR S 238 -81.72 32.79 -23.15
C TYR S 238 -80.22 32.90 -22.93
N SER S 239 -79.80 33.14 -21.69
CA SER S 239 -78.39 33.30 -21.40
C SER S 239 -77.64 31.99 -21.60
N ASN S 240 -78.21 30.89 -21.12
CA ASN S 240 -77.56 29.59 -21.27
C ASN S 240 -77.46 29.18 -22.73
N LEU S 241 -78.49 29.51 -23.52
CA LEU S 241 -78.47 29.18 -24.94
C LEU S 241 -77.36 29.93 -25.65
N GLY S 242 -77.23 31.24 -25.36
CA GLY S 242 -76.14 32.01 -25.94
C GLY S 242 -74.79 31.43 -25.63
N ASN S 243 -74.57 31.05 -24.37
CA ASN S 243 -73.30 30.46 -23.96
C ASN S 243 -72.98 29.23 -24.80
N ALA S 244 -73.99 28.36 -24.99
CA ALA S 244 -73.76 27.11 -25.69
C ALA S 244 -73.45 27.34 -27.17
N TYR S 245 -74.16 28.27 -27.80
CA TYR S 245 -73.93 28.53 -29.21
C TYR S 245 -72.55 29.13 -29.45
N ILE S 246 -72.01 29.87 -28.48
CA ILE S 246 -70.63 30.34 -28.58
C ILE S 246 -69.67 29.17 -28.75
N PHE S 247 -69.80 28.15 -27.89
CA PHE S 247 -68.88 27.02 -27.95
C PHE S 247 -69.14 26.13 -29.14
N LEU S 248 -70.31 26.20 -29.75
CA LEU S 248 -70.54 25.47 -30.99
C LEU S 248 -69.88 26.17 -32.17
N GLY S 249 -69.63 27.47 -32.06
CA GLY S 249 -69.03 28.24 -33.11
C GLY S 249 -70.01 29.06 -33.92
N GLU S 250 -71.29 29.01 -33.58
CA GLU S 250 -72.32 29.77 -34.30
C GLU S 250 -72.56 31.10 -33.56
N PHE S 251 -71.67 32.05 -33.86
CA PHE S 251 -71.66 33.33 -33.15
C PHE S 251 -72.87 34.19 -33.48
N GLU S 252 -73.34 34.15 -34.74
CA GLU S 252 -74.54 34.89 -35.11
C GLU S 252 -75.74 34.47 -34.27
N THR S 253 -75.98 33.16 -34.17
CA THR S 253 -77.08 32.68 -33.35
C THR S 253 -76.91 33.10 -31.89
N ALA S 254 -75.67 33.05 -31.39
CA ALA S 254 -75.42 33.43 -30.00
C ALA S 254 -75.75 34.89 -29.76
N SER S 255 -75.41 35.77 -30.70
CA SER S 255 -75.68 37.19 -30.51
C SER S 255 -77.18 37.45 -30.34
N GLU S 256 -78.02 36.77 -31.13
CA GLU S 256 -79.45 37.00 -31.03
C GLU S 256 -80.03 36.46 -29.74
N TYR S 257 -79.45 35.41 -29.16
CA TYR S 257 -79.89 34.98 -27.82
C TYR S 257 -79.43 35.96 -26.75
N TYR S 258 -78.21 36.48 -26.86
CA TYR S 258 -77.76 37.47 -25.87
C TYR S 258 -78.56 38.76 -26.02
N LYS S 259 -78.99 39.08 -27.23
CA LYS S 259 -79.84 40.25 -27.43
C LYS S 259 -81.18 40.08 -26.71
N LYS S 260 -81.73 38.87 -26.72
CA LYS S 260 -82.99 38.65 -26.02
C LYS S 260 -82.81 38.69 -24.51
N THR S 261 -81.63 38.32 -24.01
CA THR S 261 -81.38 38.52 -22.58
C THR S 261 -81.37 40.00 -22.25
N LEU S 262 -80.77 40.81 -23.12
CA LEU S 262 -80.70 42.25 -22.88
C LEU S 262 -82.09 42.88 -22.90
N LEU S 263 -82.93 42.43 -23.83
CA LEU S 263 -84.31 42.91 -23.91
C LEU S 263 -85.03 42.72 -22.58
N LEU S 264 -85.01 41.48 -22.06
CA LEU S 264 -85.68 41.18 -20.80
C LEU S 264 -84.99 41.85 -19.63
N ALA S 265 -83.67 42.03 -19.70
CA ALA S 265 -82.98 42.70 -18.60
C ALA S 265 -83.37 44.17 -18.51
N ARG S 266 -83.49 44.84 -19.67
CA ARG S 266 -83.92 46.23 -19.68
C ARG S 266 -85.36 46.39 -19.21
N GLN S 267 -86.23 45.42 -19.49
CA GLN S 267 -87.62 45.53 -19.06
C GLN S 267 -87.78 45.22 -17.59
N LEU S 268 -86.95 44.33 -17.04
CA LEU S 268 -86.97 44.09 -15.60
C LEU S 268 -86.17 45.16 -14.85
N LYS S 269 -85.52 46.06 -15.58
CA LYS S 269 -84.69 47.12 -15.01
C LYS S 269 -83.61 46.55 -14.09
N ASP S 270 -83.10 45.39 -14.45
CA ASP S 270 -82.01 44.73 -13.72
C ASP S 270 -80.70 45.22 -14.32
N ARG S 271 -80.06 46.19 -13.65
CA ARG S 271 -78.84 46.78 -14.19
C ARG S 271 -77.71 45.77 -14.23
N ALA S 272 -77.64 44.88 -13.23
CA ALA S 272 -76.55 43.91 -13.16
C ALA S 272 -76.63 42.91 -14.31
N VAL S 273 -77.80 42.32 -14.52
CA VAL S 273 -77.98 41.41 -15.65
C VAL S 273 -77.80 42.16 -16.97
N GLU S 274 -78.24 43.43 -17.01
CA GLU S 274 -78.10 44.22 -18.22
C GLU S 274 -76.63 44.40 -18.57
N ALA S 275 -75.78 44.58 -17.56
CA ALA S 275 -74.36 44.77 -17.82
C ALA S 275 -73.70 43.48 -18.27
N GLN S 276 -74.02 42.36 -17.62
CA GLN S 276 -73.51 41.06 -18.04
C GLN S 276 -73.91 40.74 -19.47
N SER S 277 -75.12 41.16 -19.87
CA SER S 277 -75.56 40.93 -21.24
C SER S 277 -74.73 41.73 -22.22
N CYS S 278 -74.45 42.99 -21.90
CA CYS S 278 -73.62 43.82 -22.77
C CYS S 278 -72.21 43.25 -22.88
N TYR S 279 -71.68 42.72 -21.79
CA TYR S 279 -70.34 42.14 -21.80
C TYR S 279 -70.30 40.91 -22.69
N SER S 280 -71.34 40.07 -22.63
CA SER S 280 -71.40 38.90 -23.50
C SER S 280 -71.52 39.32 -24.96
N LEU S 281 -72.30 40.36 -25.23
CA LEU S 281 -72.42 40.85 -26.59
C LEU S 281 -71.09 41.41 -27.10
N GLY S 282 -70.34 42.08 -26.22
CA GLY S 282 -69.05 42.62 -26.61
C GLY S 282 -68.08 41.54 -27.04
N ASN S 283 -68.04 40.44 -26.28
CA ASN S 283 -67.18 39.32 -26.63
C ASN S 283 -67.70 38.57 -27.84
N THR S 284 -69.02 38.55 -28.06
CA THR S 284 -69.57 37.87 -29.24
C THR S 284 -69.13 38.59 -30.52
N TYR S 285 -69.33 39.90 -30.58
CA TYR S 285 -68.85 40.68 -31.72
C TYR S 285 -67.32 40.67 -31.83
N THR S 286 -66.61 40.44 -30.73
CA THR S 286 -65.16 40.25 -30.86
C THR S 286 -64.87 38.97 -31.63
N LEU S 287 -65.62 37.90 -31.33
CA LEU S 287 -65.48 36.66 -32.08
C LEU S 287 -65.90 36.83 -33.53
N LEU S 288 -66.89 37.70 -33.80
CA LEU S 288 -67.28 37.99 -35.16
C LEU S 288 -66.33 38.98 -35.82
N GLN S 289 -65.34 39.48 -35.08
CA GLN S 289 -64.31 40.40 -35.54
C GLN S 289 -64.86 41.75 -35.95
N ASP S 290 -66.05 42.11 -35.45
CA ASP S 290 -66.64 43.42 -35.68
C ASP S 290 -66.31 44.26 -34.45
N TYR S 291 -65.05 44.74 -34.41
CA TYR S 291 -64.53 45.33 -33.20
C TYR S 291 -65.20 46.65 -32.86
N GLU S 292 -65.77 47.33 -33.85
CA GLU S 292 -66.50 48.57 -33.58
C GLU S 292 -67.73 48.30 -32.73
N LYS S 293 -68.52 47.29 -33.09
CA LYS S 293 -69.67 46.92 -32.29
C LYS S 293 -69.25 46.36 -30.93
N ALA S 294 -68.10 45.68 -30.89
CA ALA S 294 -67.62 45.14 -29.62
C ALA S 294 -67.31 46.27 -28.65
N ILE S 295 -66.67 47.33 -29.14
CA ILE S 295 -66.37 48.46 -28.28
C ILE S 295 -67.64 49.12 -27.77
N ASP S 296 -68.65 49.23 -28.64
CA ASP S 296 -69.92 49.84 -28.24
C ASP S 296 -70.54 49.12 -27.04
N TYR S 297 -70.61 47.80 -27.09
CA TYR S 297 -71.23 47.05 -25.98
C TYR S 297 -70.33 47.01 -24.76
N HIS S 298 -69.01 46.91 -24.96
CA HIS S 298 -68.12 46.92 -23.80
C HIS S 298 -68.15 48.28 -23.09
N LEU S 299 -68.43 49.36 -23.82
CA LEU S 299 -68.58 50.66 -23.18
C LEU S 299 -69.87 50.71 -22.36
N LYS S 300 -70.96 50.20 -22.93
CA LYS S 300 -72.22 50.15 -22.21
C LYS S 300 -72.08 49.35 -20.92
N HIS S 301 -71.31 48.27 -20.97
CA HIS S 301 -71.03 47.49 -19.76
C HIS S 301 -70.21 48.30 -18.77
N LEU S 302 -69.21 49.03 -19.28
CA LEU S 302 -68.34 49.84 -18.41
C LEU S 302 -69.16 50.87 -17.64
N ALA S 303 -70.07 51.56 -18.32
CA ALA S 303 -70.84 52.62 -17.69
C ALA S 303 -71.73 52.08 -16.57
N ILE S 304 -72.40 50.95 -16.81
CA ILE S 304 -73.21 50.34 -15.76
C ILE S 304 -72.33 49.87 -14.62
N ALA S 305 -71.13 49.38 -14.93
CA ALA S 305 -70.21 48.92 -13.90
C ALA S 305 -69.81 50.08 -12.99
N GLN S 306 -69.47 51.22 -13.59
CA GLN S 306 -69.13 52.40 -12.80
C GLN S 306 -70.33 52.87 -11.97
N GLU S 307 -71.53 52.76 -12.53
CA GLU S 307 -72.75 53.10 -11.79
C GLU S 307 -72.87 52.24 -10.54
N LEU S 308 -72.85 50.92 -10.71
CA LEU S 308 -72.99 50.00 -9.59
C LEU S 308 -71.73 49.91 -8.74
N ASN S 309 -70.71 50.73 -9.04
CA ASN S 309 -69.42 50.72 -8.35
C ASN S 309 -68.80 49.32 -8.32
N ASP S 310 -69.09 48.51 -9.33
CA ASP S 310 -68.48 47.18 -9.47
C ASP S 310 -67.05 47.36 -9.98
N ARG S 311 -66.10 47.45 -9.04
CA ARG S 311 -64.72 47.70 -9.42
C ARG S 311 -64.12 46.54 -10.20
N ILE S 312 -64.50 45.31 -9.85
CA ILE S 312 -63.98 44.13 -10.55
C ILE S 312 -64.38 44.16 -12.02
N GLY S 313 -65.68 44.32 -12.28
CA GLY S 313 -66.14 44.39 -13.66
C GLY S 313 -65.60 45.57 -14.44
N GLU S 314 -65.22 46.64 -13.75
CA GLU S 314 -64.59 47.76 -14.44
C GLU S 314 -63.26 47.35 -15.04
N GLY S 315 -62.45 46.60 -14.29
CA GLY S 315 -61.18 46.13 -14.82
C GLY S 315 -61.39 45.17 -15.98
N ARG S 316 -62.46 44.37 -15.93
CA ARG S 316 -62.72 43.44 -17.01
C ARG S 316 -63.04 44.20 -18.29
N ALA S 317 -63.79 45.30 -18.19
CA ALA S 317 -64.11 46.11 -19.34
C ALA S 317 -62.86 46.81 -19.87
N CYS S 318 -62.02 47.31 -18.98
CA CYS S 318 -60.81 48.02 -19.41
C CYS S 318 -59.90 47.11 -20.21
N TRP S 319 -59.69 45.88 -19.73
CA TRP S 319 -58.82 44.95 -20.45
C TRP S 319 -59.41 44.61 -21.81
N SER S 320 -60.73 44.37 -21.87
CA SER S 320 -61.37 44.04 -23.13
C SER S 320 -61.31 45.21 -24.11
N LEU S 321 -61.59 46.43 -23.62
CA LEU S 321 -61.53 47.61 -24.47
C LEU S 321 -60.13 47.83 -25.02
N GLY S 322 -59.12 47.63 -24.17
CA GLY S 322 -57.73 47.74 -24.63
C GLY S 322 -57.45 46.87 -25.82
N ASN S 323 -57.91 45.62 -25.77
CA ASN S 323 -57.60 44.68 -26.84
C ASN S 323 -58.49 44.92 -28.05
N ALA S 324 -59.71 45.41 -27.83
CA ALA S 324 -60.57 45.77 -28.94
C ALA S 324 -60.00 46.97 -29.71
N TYR S 325 -59.55 47.99 -28.98
CA TYR S 325 -58.95 49.14 -29.64
C TYR S 325 -57.64 48.76 -30.32
N THR S 326 -56.91 47.83 -29.72
CA THR S 326 -55.67 47.36 -30.35
C THR S 326 -55.95 46.65 -31.66
N ALA S 327 -57.05 45.90 -31.74
CA ALA S 327 -57.39 45.21 -32.97
C ALA S 327 -57.83 46.18 -34.05
N LEU S 328 -58.23 47.40 -33.68
CA LEU S 328 -58.61 48.45 -34.62
C LEU S 328 -57.42 49.31 -35.00
N GLY S 329 -56.49 49.51 -34.07
CA GLY S 329 -55.27 50.29 -34.33
C GLY S 329 -55.17 51.56 -33.52
N ASN S 330 -56.18 51.90 -32.71
CA ASN S 330 -56.18 53.08 -31.85
C ASN S 330 -55.19 52.88 -30.69
N HIS S 331 -53.90 53.13 -30.96
CA HIS S 331 -52.93 52.83 -29.90
C HIS S 331 -53.03 53.82 -28.74
N ASP S 332 -53.51 55.05 -28.99
CA ASP S 332 -53.63 55.99 -27.88
C ASP S 332 -54.78 55.62 -26.96
N GLN S 333 -55.93 55.21 -27.54
CA GLN S 333 -57.07 54.78 -26.72
C GLN S 333 -56.78 53.46 -26.04
N ALA S 334 -56.02 52.57 -26.68
CA ALA S 334 -55.63 51.32 -26.05
C ALA S 334 -54.74 51.58 -24.84
N MET S 335 -53.78 52.50 -24.95
CA MET S 335 -52.92 52.82 -23.82
C MET S 335 -53.71 53.40 -22.66
N HIS S 336 -54.83 54.07 -22.94
CA HIS S 336 -55.62 54.67 -21.87
C HIS S 336 -56.26 53.59 -21.02
N PHE S 337 -56.94 52.63 -21.67
CA PHE S 337 -57.61 51.57 -20.93
C PHE S 337 -56.63 50.58 -20.33
N ALA S 338 -55.45 50.42 -20.93
CA ALA S 338 -54.45 49.54 -20.33
C ALA S 338 -53.95 50.12 -19.02
N GLU S 339 -53.83 51.45 -18.96
CA GLU S 339 -53.48 52.11 -17.71
C GLU S 339 -54.58 51.93 -16.69
N LYS S 340 -55.84 52.12 -17.11
CA LYS S 340 -56.95 51.91 -16.20
C LYS S 340 -57.02 50.45 -15.76
N HIS S 341 -56.61 49.53 -16.63
CA HIS S 341 -56.56 48.13 -16.23
C HIS S 341 -55.51 47.91 -15.15
N LEU S 342 -54.33 48.52 -15.31
CA LEU S 342 -53.29 48.41 -14.29
C LEU S 342 -53.77 49.00 -12.97
N GLU S 343 -54.44 50.15 -13.01
CA GLU S 343 -54.88 50.81 -11.79
C GLU S 343 -55.89 49.95 -11.03
N ILE S 344 -56.91 49.47 -11.74
CA ILE S 344 -57.93 48.64 -11.08
C ILE S 344 -57.31 47.35 -10.57
N SER S 345 -56.45 46.72 -11.38
CA SER S 345 -55.85 45.46 -11.00
C SER S 345 -55.06 45.58 -9.70
N ARG S 346 -54.38 46.71 -9.49
CA ARG S 346 -53.73 46.97 -8.22
C ARG S 346 -54.75 47.13 -7.09
N GLU S 347 -55.82 47.89 -7.35
CA GLU S 347 -56.74 48.26 -6.29
C GLU S 347 -57.51 47.05 -5.76
N VAL S 348 -57.71 46.03 -6.60
CA VAL S 348 -58.53 44.88 -6.21
C VAL S 348 -57.70 43.65 -5.94
N GLY S 349 -56.37 43.74 -6.06
CA GLY S 349 -55.50 42.63 -5.77
C GLY S 349 -55.42 41.57 -6.84
N ASP S 350 -55.86 41.89 -8.07
CA ASP S 350 -55.74 40.93 -9.17
C ASP S 350 -54.28 40.88 -9.61
N LYS S 351 -53.49 39.99 -9.00
CA LYS S 351 -52.06 39.94 -9.28
C LYS S 351 -51.82 39.51 -10.73
N SER S 352 -52.65 38.61 -11.24
CA SER S 352 -52.54 38.21 -12.64
C SER S 352 -52.77 39.40 -13.56
N GLY S 353 -53.84 40.16 -13.32
CA GLY S 353 -54.16 41.30 -14.17
C GLY S 353 -53.08 42.36 -14.15
N GLU S 354 -52.48 42.58 -12.98
CA GLU S 354 -51.47 43.63 -12.85
C GLU S 354 -50.26 43.32 -13.73
N LEU S 355 -49.85 42.05 -13.76
CA LEU S 355 -48.68 41.68 -14.56
C LEU S 355 -49.00 41.76 -16.04
N THR S 356 -50.24 41.44 -16.42
CA THR S 356 -50.62 41.52 -17.82
C THR S 356 -50.69 42.97 -18.30
N ALA S 357 -51.25 43.85 -17.49
CA ALA S 357 -51.34 45.25 -17.88
C ALA S 357 -49.97 45.87 -18.07
N ARG S 358 -48.98 45.43 -17.29
CA ARG S 358 -47.61 45.89 -17.48
C ARG S 358 -47.06 45.39 -18.81
N LEU S 359 -47.21 44.09 -19.07
CA LEU S 359 -46.77 43.53 -20.35
C LEU S 359 -47.51 44.15 -21.53
N ASN S 360 -48.71 44.69 -21.30
CA ASN S 360 -49.45 45.33 -22.37
C ASN S 360 -48.93 46.74 -22.67
N LEU S 361 -48.66 47.51 -21.63
CA LEU S 361 -48.23 48.89 -21.83
C LEU S 361 -46.84 48.94 -22.45
N SER S 362 -45.94 48.04 -22.01
CA SER S 362 -44.61 47.94 -22.60
C SER S 362 -44.68 47.83 -24.11
N ASP S 363 -45.54 46.93 -24.62
CA ASP S 363 -45.64 46.72 -26.05
C ASP S 363 -46.32 47.90 -26.74
N LEU S 364 -47.42 48.38 -26.14
CA LEU S 364 -48.19 49.48 -26.73
C LEU S 364 -47.37 50.75 -26.87
N GLN S 365 -46.48 51.01 -25.92
CA GLN S 365 -45.68 52.23 -25.99
C GLN S 365 -44.80 52.29 -27.23
N MET S 366 -44.33 51.14 -27.70
CA MET S 366 -43.34 51.14 -28.78
C MET S 366 -43.95 51.39 -30.15
N VAL S 367 -45.26 51.24 -30.32
CA VAL S 367 -45.89 51.65 -31.59
C VAL S 367 -47.02 52.68 -31.41
N GLY T 9 -45.04 6.90 -6.94
CA GLY T 9 -45.14 6.72 -8.39
C GLY T 9 -45.93 7.84 -9.04
N ASN T 10 -47.22 7.91 -8.73
CA ASN T 10 -48.05 9.01 -9.19
C ASN T 10 -49.26 9.19 -8.30
N SER T 11 -49.01 9.39 -7.00
CA SER T 11 -49.99 9.94 -6.08
C SER T 11 -49.59 11.33 -5.67
N ALA T 12 -48.60 11.89 -6.34
CA ALA T 12 -48.22 13.29 -6.26
C ALA T 12 -49.08 14.13 -7.19
N LEU T 13 -50.39 13.86 -7.21
CA LEU T 13 -51.32 14.58 -8.09
C LEU T 13 -52.09 15.67 -7.37
N LEU T 14 -53.33 15.38 -6.95
CA LEU T 14 -54.08 16.40 -6.21
C LEU T 14 -53.52 16.62 -4.82
N SER T 15 -52.43 15.94 -4.48
CA SER T 15 -51.85 16.11 -3.16
C SER T 15 -50.94 17.34 -3.11
N LEU T 16 -50.41 17.75 -4.26
CA LEU T 16 -49.57 18.95 -4.31
C LEU T 16 -50.31 20.09 -4.98
N PRO T 17 -50.26 21.30 -4.41
CA PRO T 17 -51.07 22.40 -4.94
C PRO T 17 -50.70 22.85 -6.34
N GLY T 18 -51.37 22.25 -7.33
CA GLY T 18 -51.26 22.61 -8.73
C GLY T 18 -50.31 21.82 -9.61
N TYR T 19 -50.83 21.01 -10.54
CA TYR T 19 -50.03 20.12 -11.39
C TYR T 19 -50.74 19.85 -12.71
N ARG T 20 -51.14 18.57 -13.01
CA ARG T 20 -51.74 18.17 -14.30
C ARG T 20 -50.67 17.94 -15.38
N PRO T 21 -50.61 16.73 -15.98
CA PRO T 21 -49.53 16.42 -16.96
C PRO T 21 -49.77 16.43 -18.47
N THR T 22 -51.01 16.49 -18.98
CA THR T 22 -51.28 15.96 -20.33
C THR T 22 -50.96 16.97 -21.46
N THR T 23 -51.74 16.95 -22.55
CA THR T 23 -51.22 17.25 -23.89
C THR T 23 -51.18 18.75 -24.22
N ARG T 24 -50.79 19.01 -25.47
CA ARG T 24 -50.47 20.31 -26.07
C ARG T 24 -49.14 20.88 -25.59
N SER T 25 -48.30 20.08 -24.96
CA SER T 25 -46.95 20.50 -24.63
C SER T 25 -45.97 19.34 -24.82
N ARG T 42 -57.41 29.87 -19.37
CA ARG T 42 -58.40 29.98 -20.42
C ARG T 42 -57.76 29.98 -21.82
N ASN T 43 -58.46 29.37 -22.76
CA ASN T 43 -58.16 29.53 -24.19
C ASN T 43 -59.32 30.18 -24.92
N SER T 44 -60.25 30.77 -24.18
CA SER T 44 -61.40 31.49 -24.72
C SER T 44 -61.60 32.75 -23.88
N PHE T 45 -62.69 33.48 -24.16
CA PHE T 45 -62.93 34.71 -23.43
C PHE T 45 -63.31 34.41 -21.98
N TYR T 46 -63.34 35.43 -21.14
CA TYR T 46 -63.79 35.18 -19.77
C TYR T 46 -65.29 34.99 -19.83
N MET T 47 -65.70 33.78 -19.44
CA MET T 47 -66.98 33.21 -19.86
C MET T 47 -68.14 33.79 -19.07
N GLY T 48 -68.10 33.64 -17.75
CA GLY T 48 -69.28 33.96 -16.98
C GLY T 48 -70.08 32.68 -17.01
N THR T 49 -70.51 32.18 -15.87
CA THR T 49 -71.06 30.83 -15.85
C THR T 49 -72.50 30.80 -16.32
N CYS T 50 -73.19 29.71 -15.97
CA CYS T 50 -74.28 29.16 -16.75
C CYS T 50 -75.66 29.25 -16.11
N GLN T 51 -75.84 30.13 -15.12
CA GLN T 51 -77.16 30.55 -14.67
C GLN T 51 -77.99 29.37 -14.18
N ASP T 52 -77.67 28.89 -12.98
CA ASP T 52 -78.28 27.65 -12.54
C ASP T 52 -79.74 27.86 -12.15
N GLU T 53 -80.38 26.77 -11.73
CA GLU T 53 -81.76 26.86 -11.29
C GLU T 53 -81.84 27.07 -9.79
N PRO T 54 -82.61 28.04 -9.33
CA PRO T 54 -82.59 28.46 -7.93
C PRO T 54 -83.10 27.41 -6.96
N GLU T 55 -82.45 27.35 -5.79
CA GLU T 55 -82.80 26.41 -4.73
C GLU T 55 -84.22 26.68 -4.22
N GLN T 56 -85.05 25.63 -4.25
CA GLN T 56 -86.46 25.71 -3.90
C GLN T 56 -86.80 25.40 -2.45
N LEU T 57 -87.36 26.39 -1.76
CA LEU T 57 -87.96 26.26 -0.44
C LEU T 57 -89.38 26.82 -0.45
N ASP T 58 -90.34 26.00 -0.03
CA ASP T 58 -91.74 26.37 0.19
C ASP T 58 -92.12 26.15 1.65
N ASP T 59 -91.27 25.44 2.37
CA ASP T 59 -91.48 24.92 3.72
C ASP T 59 -91.75 26.01 4.73
N TRP T 60 -92.87 26.70 4.55
CA TRP T 60 -93.40 27.70 5.46
C TRP T 60 -94.88 27.42 5.71
N ASN T 61 -95.22 26.14 5.86
CA ASN T 61 -96.60 25.70 6.03
C ASN T 61 -96.70 24.51 7.00
N ARG T 62 -95.56 23.89 7.34
CA ARG T 62 -95.57 22.61 8.04
C ARG T 62 -96.03 22.74 9.49
N ILE T 63 -95.67 23.82 10.15
CA ILE T 63 -96.11 24.01 11.52
C ILE T 63 -97.61 24.29 11.58
N ALA T 64 -98.10 25.13 10.68
CA ALA T 64 -99.54 25.43 10.69
C ALA T 64 -100.37 24.22 10.31
N GLU T 65 -99.77 23.23 9.64
CA GLU T 65 -100.51 22.07 9.17
C GLU T 65 -100.66 21.09 10.34
N LEU T 66 -101.31 21.59 11.40
CA LEU T 66 -101.55 20.87 12.64
C LEU T 66 -102.96 21.25 13.09
N GLN T 67 -103.89 20.30 13.00
CA GLN T 67 -105.20 20.47 13.62
C GLN T 67 -105.68 19.27 14.44
N GLN T 68 -105.77 18.03 13.92
CA GLN T 68 -105.52 17.60 12.54
C GLN T 68 -106.82 17.45 11.75
N ARG T 69 -106.71 16.78 10.61
CA ARG T 69 -107.84 16.57 9.71
C ARG T 69 -107.85 15.13 9.17
N PRO U 2 -41.22 44.55 -39.75
CA PRO U 2 -42.61 44.12 -39.56
C PRO U 2 -42.77 42.92 -38.63
N LEU U 3 -42.36 43.09 -37.39
CA LEU U 3 -42.58 42.13 -36.33
C LEU U 3 -43.12 42.84 -35.12
N GLY U 4 -44.11 43.70 -35.32
CA GLY U 4 -44.70 44.43 -34.23
C GLY U 4 -45.89 43.73 -33.60
N SER U 5 -46.73 43.09 -34.41
CA SER U 5 -47.93 42.43 -33.90
C SER U 5 -47.60 41.01 -33.46
N MET U 6 -46.38 40.83 -32.94
CA MET U 6 -45.84 39.53 -32.56
C MET U 6 -46.34 39.09 -31.19
N PHE U 7 -46.12 39.92 -30.18
CA PHE U 7 -46.56 39.70 -28.82
C PHE U 7 -47.64 40.67 -28.39
N HIS U 8 -48.37 41.25 -29.36
CA HIS U 8 -49.46 42.22 -29.17
C HIS U 8 -50.60 41.71 -28.30
N VAL U 9 -51.57 40.98 -28.86
CA VAL U 9 -52.64 40.40 -28.05
C VAL U 9 -52.21 39.07 -27.47
N ARG U 10 -50.95 38.65 -27.68
CA ARG U 10 -50.50 37.37 -27.14
C ARG U 10 -50.03 37.49 -25.71
N TYR U 11 -49.48 38.65 -25.33
CA TYR U 11 -49.17 38.91 -23.93
C TYR U 11 -50.39 39.35 -23.13
N ARG U 12 -51.57 39.39 -23.74
CA ARG U 12 -52.71 40.13 -23.16
C ARG U 12 -53.64 39.31 -22.28
N MET U 13 -54.07 38.11 -22.70
CA MET U 13 -55.23 37.51 -22.07
C MET U 13 -55.01 37.02 -20.63
N GLU U 14 -54.23 35.95 -20.46
CA GLU U 14 -53.90 35.38 -19.15
C GLU U 14 -52.61 36.02 -18.62
N ALA U 15 -52.04 35.43 -17.56
CA ALA U 15 -50.78 35.87 -17.00
C ALA U 15 -49.69 34.82 -17.07
N SER U 16 -50.08 33.55 -17.08
CA SER U 16 -49.19 32.39 -17.08
C SER U 16 -48.46 32.19 -15.75
N CYS U 17 -48.25 30.94 -15.35
CA CYS U 17 -47.62 30.63 -14.06
C CYS U 17 -46.19 31.15 -13.95
N LEU U 18 -45.36 30.90 -14.97
CA LEU U 18 -43.95 31.31 -14.90
C LEU U 18 -43.81 32.82 -14.73
N GLU U 19 -44.64 33.59 -15.45
CA GLU U 19 -44.53 35.05 -15.38
C GLU U 19 -44.90 35.56 -13.99
N LEU U 20 -45.97 35.03 -13.39
CA LEU U 20 -46.31 35.41 -12.02
C LEU U 20 -45.18 35.04 -11.06
N ALA U 21 -44.60 33.86 -11.25
CA ALA U 21 -43.51 33.41 -10.40
C ALA U 21 -42.30 34.32 -10.50
N LEU U 22 -41.94 34.73 -11.71
CA LEU U 22 -40.78 35.59 -11.90
C LEU U 22 -41.00 36.96 -11.26
N GLU U 23 -42.23 37.46 -11.30
CA GLU U 23 -42.54 38.73 -10.64
C GLU U 23 -42.40 38.60 -9.13
N GLY U 24 -42.88 37.49 -8.57
CA GLY U 24 -42.70 37.25 -7.14
C GLY U 24 -41.23 37.24 -6.74
N GLU U 25 -40.40 36.59 -7.55
CA GLU U 25 -38.98 36.50 -7.24
C GLU U 25 -38.31 37.88 -7.29
N ARG U 26 -38.66 38.70 -8.29
CA ARG U 26 -38.10 40.04 -8.37
C ARG U 26 -38.51 40.91 -7.18
N LEU U 27 -39.73 40.74 -6.68
CA LEU U 27 -40.15 41.54 -5.53
C LEU U 27 -39.37 41.14 -4.28
N CYS U 28 -39.11 39.85 -4.11
CA CYS U 28 -38.29 39.39 -2.98
C CYS U 28 -36.85 39.86 -3.12
N LYS U 29 -36.34 39.90 -4.35
CA LYS U 29 -34.99 40.42 -4.59
C LYS U 29 -34.88 41.88 -4.16
N SER U 30 -35.93 42.66 -4.38
CA SER U 30 -35.94 44.06 -3.98
C SER U 30 -36.22 44.25 -2.50
N GLY U 31 -36.66 43.21 -1.80
CA GLY U 31 -36.86 43.26 -0.37
C GLY U 31 -38.28 43.49 0.07
N ASP U 32 -39.22 43.52 -0.87
CA ASP U 32 -40.64 43.65 -0.56
C ASP U 32 -41.28 42.26 -0.71
N CYS U 33 -41.10 41.44 0.32
CA CYS U 33 -41.54 40.06 0.28
C CYS U 33 -43.03 39.95 0.55
N ARG U 34 -43.63 41.01 1.10
CA ARG U 34 -45.07 41.02 1.32
C ARG U 34 -45.83 40.98 0.00
N ALA U 35 -45.39 41.76 -0.98
CA ALA U 35 -45.99 41.73 -2.31
C ALA U 35 -45.57 40.49 -3.08
N GLY U 36 -44.33 40.02 -2.88
CA GLY U 36 -43.86 38.84 -3.59
C GLY U 36 -44.69 37.61 -3.26
N VAL U 37 -45.13 37.48 -2.01
CA VAL U 37 -45.92 36.33 -1.60
C VAL U 37 -47.22 36.27 -2.39
N SER U 38 -47.88 37.41 -2.57
CA SER U 38 -49.14 37.43 -3.31
C SER U 38 -48.95 36.90 -4.73
N PHE U 39 -47.90 37.33 -5.40
CA PHE U 39 -47.64 36.87 -6.76
C PHE U 39 -47.23 35.40 -6.81
N PHE U 40 -46.54 34.92 -5.77
CA PHE U 40 -46.21 33.49 -5.74
C PHE U 40 -47.46 32.64 -5.56
N GLU U 41 -48.29 32.98 -4.57
CA GLU U 41 -49.51 32.22 -4.35
C GLU U 41 -50.44 32.33 -5.55
N ALA U 42 -50.35 33.42 -6.31
CA ALA U 42 -51.14 33.52 -7.53
C ALA U 42 -50.65 32.51 -8.56
N ALA U 43 -49.34 32.35 -8.68
CA ALA U 43 -48.79 31.34 -9.57
C ALA U 43 -49.20 29.95 -9.14
N VAL U 44 -49.29 29.73 -7.83
CA VAL U 44 -49.78 28.44 -7.31
C VAL U 44 -51.22 28.20 -7.79
N GLN U 45 -52.05 29.25 -7.77
CA GLN U 45 -53.44 29.11 -8.21
C GLN U 45 -53.50 28.70 -9.68
N VAL U 46 -52.64 29.29 -10.51
CA VAL U 46 -52.60 28.93 -11.93
C VAL U 46 -52.12 27.50 -12.11
N GLY U 47 -51.07 27.11 -11.39
CA GLY U 47 -50.50 25.79 -11.51
C GLY U 47 -49.61 25.67 -12.74
N THR U 48 -48.84 24.58 -12.75
CA THR U 48 -47.92 24.33 -13.86
C THR U 48 -47.77 22.84 -14.06
N GLU U 49 -47.27 22.47 -15.23
CA GLU U 49 -46.93 21.09 -15.55
C GLU U 49 -45.52 20.75 -15.13
N ASP U 50 -44.66 21.76 -15.03
CA ASP U 50 -43.23 21.59 -14.86
C ASP U 50 -42.92 21.41 -13.37
N LEU U 51 -42.56 20.18 -12.97
CA LEU U 51 -42.36 19.91 -11.55
C LEU U 51 -41.10 20.57 -11.01
N LYS U 52 -40.08 20.76 -11.84
CA LYS U 52 -38.88 21.48 -11.39
C LYS U 52 -39.22 22.93 -11.06
N THR U 53 -40.07 23.57 -11.88
CA THR U 53 -40.52 24.92 -11.58
C THR U 53 -41.33 24.95 -10.29
N LEU U 54 -42.27 24.03 -10.16
CA LEU U 54 -43.14 23.96 -8.98
C LEU U 54 -42.31 23.80 -7.71
N SER U 55 -41.28 22.95 -7.76
CA SER U 55 -40.40 22.77 -6.62
C SER U 55 -39.76 24.09 -6.21
N ALA U 56 -39.29 24.86 -7.21
CA ALA U 56 -38.67 26.15 -6.92
C ALA U 56 -39.68 27.12 -6.31
N ILE U 57 -40.93 27.09 -6.78
CA ILE U 57 -41.94 28.00 -6.25
C ILE U 57 -42.20 27.70 -4.79
N TYR U 58 -42.40 26.43 -4.45
CA TYR U 58 -42.67 26.04 -3.07
C TYR U 58 -41.54 26.49 -2.15
N SER U 59 -40.30 26.23 -2.57
CA SER U 59 -39.16 26.53 -1.71
C SER U 59 -39.02 28.02 -1.49
N GLN U 60 -39.19 28.83 -2.55
CA GLN U 60 -39.05 30.27 -2.38
C GLN U 60 -40.25 30.87 -1.68
N LEU U 61 -41.41 30.22 -1.74
CA LEU U 61 -42.53 30.66 -0.92
C LEU U 61 -42.26 30.37 0.56
N GLY U 62 -41.75 29.18 0.85
CA GLY U 62 -41.37 28.87 2.22
C GLY U 62 -40.34 29.83 2.77
N ASN U 63 -39.31 30.11 1.97
CA ASN U 63 -38.28 31.04 2.40
C ASN U 63 -38.83 32.46 2.56
N ALA U 64 -39.80 32.84 1.71
CA ALA U 64 -40.39 34.17 1.82
C ALA U 64 -41.25 34.29 3.06
N TYR U 65 -42.10 33.28 3.31
CA TYR U 65 -42.91 33.28 4.52
C TYR U 65 -42.05 33.22 5.76
N PHE U 66 -40.93 32.48 5.70
CA PHE U 66 -40.00 32.40 6.81
C PHE U 66 -39.49 33.79 7.17
N TYR U 67 -39.08 34.56 6.15
CA TYR U 67 -38.58 35.90 6.37
C TYR U 67 -39.67 36.83 6.89
N LEU U 68 -40.92 36.63 6.48
CA LEU U 68 -42.03 37.41 6.98
C LEU U 68 -42.57 36.91 8.32
N HIS U 69 -41.88 35.97 8.95
CA HIS U 69 -42.24 35.45 10.28
C HIS U 69 -43.61 34.77 10.29
N ASP U 70 -44.10 34.31 9.15
CA ASP U 70 -45.32 33.51 9.12
C ASP U 70 -44.91 32.05 9.01
N TYR U 71 -44.40 31.55 10.14
CA TYR U 71 -43.78 30.23 10.18
C TYR U 71 -44.77 29.11 9.90
N ALA U 72 -46.08 29.35 10.13
CA ALA U 72 -47.07 28.32 9.84
C ALA U 72 -47.15 28.01 8.36
N LYS U 73 -47.22 29.06 7.52
CA LYS U 73 -47.22 28.84 6.08
C LYS U 73 -45.84 28.51 5.54
N ALA U 74 -44.77 28.95 6.21
CA ALA U 74 -43.45 28.52 5.81
C ALA U 74 -43.34 27.00 5.94
N LEU U 75 -43.94 26.45 7.01
CA LEU U 75 -43.96 25.01 7.18
C LEU U 75 -44.77 24.33 6.08
N GLU U 76 -45.92 24.92 5.72
CA GLU U 76 -46.76 24.37 4.67
C GLU U 76 -46.00 24.15 3.37
N TYR U 77 -45.41 25.22 2.84
CA TYR U 77 -44.79 25.13 1.52
C TYR U 77 -43.48 24.36 1.52
N HIS U 78 -42.70 24.42 2.61
CA HIS U 78 -41.51 23.58 2.65
C HIS U 78 -41.87 22.12 2.78
N HIS U 79 -43.02 21.83 3.41
CA HIS U 79 -43.50 20.47 3.50
C HIS U 79 -43.93 19.95 2.13
N HIS U 80 -44.58 20.82 1.33
CA HIS U 80 -44.94 20.45 -0.04
C HIS U 80 -43.70 20.22 -0.89
N ASP U 81 -42.67 21.07 -0.74
CA ASP U 81 -41.45 20.89 -1.50
C ASP U 81 -40.79 19.55 -1.16
N LEU U 82 -40.76 19.20 0.13
CA LEU U 82 -40.22 17.91 0.55
C LEU U 82 -41.03 16.77 -0.04
N THR U 83 -42.36 16.86 0.02
CA THR U 83 -43.22 15.82 -0.52
C THR U 83 -42.98 15.62 -2.02
N LEU U 84 -42.87 16.71 -2.77
CA LEU U 84 -42.62 16.62 -4.20
C LEU U 84 -41.26 16.02 -4.49
N ALA U 85 -40.22 16.49 -3.79
CA ALA U 85 -38.87 15.96 -4.00
C ALA U 85 -38.80 14.47 -3.70
N ARG U 86 -39.64 13.99 -2.77
CA ARG U 86 -39.59 12.57 -2.39
C ARG U 86 -40.25 11.72 -3.45
N THR U 87 -41.40 12.16 -3.97
CA THR U 87 -42.12 11.36 -4.96
C THR U 87 -41.31 11.20 -6.24
N ILE U 88 -40.65 12.27 -6.69
CA ILE U 88 -39.86 12.20 -7.92
C ILE U 88 -38.46 11.66 -7.68
N GLY U 89 -38.11 11.34 -6.43
CA GLY U 89 -36.82 10.75 -6.14
C GLY U 89 -35.64 11.68 -6.34
N ASP U 90 -35.87 12.98 -6.34
CA ASP U 90 -34.80 13.97 -6.40
C ASP U 90 -34.18 14.06 -5.01
N GLN U 91 -33.08 13.30 -4.81
CA GLN U 91 -32.49 13.21 -3.50
C GLN U 91 -31.79 14.50 -3.09
N LEU U 92 -31.16 15.19 -4.04
CA LEU U 92 -30.56 16.48 -3.72
C LEU U 92 -31.63 17.48 -3.30
N GLY U 93 -32.75 17.53 -4.04
CA GLY U 93 -33.86 18.39 -3.65
C GLY U 93 -34.47 17.98 -2.33
N GLU U 94 -34.48 16.68 -2.04
CA GLU U 94 -35.02 16.16 -0.79
C GLU U 94 -34.20 16.64 0.39
N ALA U 95 -32.87 16.61 0.26
CA ALA U 95 -31.98 17.05 1.34
C ALA U 95 -32.15 18.53 1.62
N LYS U 96 -32.13 19.36 0.57
CA LYS U 96 -32.30 20.81 0.77
C LYS U 96 -33.66 21.16 1.34
N ALA U 97 -34.72 20.44 0.95
CA ALA U 97 -36.03 20.72 1.52
C ALA U 97 -36.08 20.32 2.99
N SER U 98 -35.42 19.20 3.34
CA SER U 98 -35.36 18.77 4.73
C SER U 98 -34.67 19.82 5.60
N GLY U 99 -33.58 20.40 5.09
CA GLY U 99 -32.87 21.43 5.84
C GLY U 99 -33.73 22.63 6.12
N ASN U 100 -34.46 23.11 5.10
CA ASN U 100 -35.34 24.26 5.30
C ASN U 100 -36.49 23.90 6.25
N LEU U 101 -37.04 22.70 6.13
CA LEU U 101 -38.08 22.27 7.05
C LEU U 101 -37.54 22.20 8.47
N GLY U 102 -36.29 21.77 8.63
CA GLY U 102 -35.69 21.70 9.95
C GLY U 102 -35.53 23.07 10.60
N ASN U 103 -35.03 24.04 9.83
CA ASN U 103 -34.85 25.38 10.37
C ASN U 103 -36.20 26.01 10.74
N THR U 104 -37.23 25.74 9.95
CA THR U 104 -38.57 26.22 10.29
C THR U 104 -39.02 25.62 11.61
N LEU U 105 -38.87 24.30 11.75
CA LEU U 105 -39.23 23.62 12.99
C LEU U 105 -38.40 24.12 14.15
N LYS U 106 -37.15 24.52 13.89
CA LYS U 106 -36.27 25.00 14.94
C LYS U 106 -36.82 26.28 15.57
N VAL U 107 -37.30 27.20 14.73
CA VAL U 107 -37.88 28.44 15.24
C VAL U 107 -39.18 28.16 15.98
N LEU U 108 -39.95 27.18 15.52
CA LEU U 108 -41.23 26.85 16.12
C LEU U 108 -41.09 26.08 17.43
N GLY U 109 -39.87 25.76 17.84
CA GLY U 109 -39.63 25.08 19.09
C GLY U 109 -39.85 23.59 19.05
N ASN U 110 -40.05 23.01 17.87
CA ASN U 110 -40.22 21.56 17.73
C ASN U 110 -38.86 20.93 17.42
N PHE U 111 -37.99 20.96 18.43
CA PHE U 111 -36.60 20.59 18.22
C PHE U 111 -36.47 19.12 17.83
N ASP U 112 -37.30 18.25 18.42
CA ASP U 112 -37.16 16.81 18.18
C ASP U 112 -37.33 16.47 16.70
N GLU U 113 -38.37 17.02 16.06
CA GLU U 113 -38.54 16.82 14.63
C GLU U 113 -37.50 17.59 13.82
N ALA U 114 -37.06 18.76 14.32
CA ALA U 114 -36.04 19.52 13.62
C ALA U 114 -34.74 18.73 13.53
N ILE U 115 -34.40 17.97 14.58
CA ILE U 115 -33.21 17.14 14.54
C ILE U 115 -33.34 16.11 13.42
N VAL U 116 -34.51 15.48 13.33
CA VAL U 116 -34.73 14.43 12.33
C VAL U 116 -34.53 14.98 10.92
N CYS U 117 -35.10 16.14 10.63
CA CYS U 117 -35.04 16.69 9.29
C CYS U 117 -33.62 17.09 8.92
N CYS U 118 -32.89 17.73 9.84
CA CYS U 118 -31.53 18.14 9.56
C CYS U 118 -30.59 16.94 9.52
N GLN U 119 -30.89 15.90 10.30
CA GLN U 119 -30.13 14.66 10.21
C GLN U 119 -30.32 14.02 8.84
N ARG U 120 -31.55 14.06 8.32
CA ARG U 120 -31.82 13.57 6.98
C ARG U 120 -31.01 14.32 5.94
N HIS U 121 -30.94 15.64 6.09
CA HIS U 121 -30.15 16.46 5.19
C HIS U 121 -28.69 16.03 5.21
N LEU U 122 -28.15 15.80 6.41
CA LEU U 122 -26.76 15.36 6.55
C LEU U 122 -26.53 14.01 5.89
N ASP U 123 -27.41 13.04 6.19
CA ASP U 123 -27.22 11.68 5.68
C ASP U 123 -27.24 11.63 4.16
N ILE U 124 -28.20 12.31 3.53
CA ILE U 124 -28.27 12.30 2.07
C ILE U 124 -27.05 12.98 1.47
N SER U 125 -26.60 14.07 2.10
CA SER U 125 -25.41 14.77 1.61
C SER U 125 -24.19 13.87 1.63
N ARG U 126 -24.00 13.12 2.72
CA ARG U 126 -22.88 12.20 2.81
C ARG U 126 -23.00 11.08 1.78
N GLU U 127 -24.24 10.65 1.52
CA GLU U 127 -24.48 9.56 0.58
C GLU U 127 -24.13 9.96 -0.84
N LEU U 128 -24.44 11.20 -1.22
CA LEU U 128 -24.15 11.71 -2.55
C LEU U 128 -22.76 12.34 -2.64
N ASN U 129 -22.00 12.34 -1.54
CA ASN U 129 -20.67 12.98 -1.48
C ASN U 129 -20.75 14.45 -1.85
N ASP U 130 -21.81 15.12 -1.41
CA ASP U 130 -22.00 16.55 -1.61
C ASP U 130 -21.38 17.25 -0.41
N LYS U 131 -20.14 17.71 -0.56
CA LYS U 131 -19.39 18.24 0.57
C LYS U 131 -19.92 19.59 1.02
N VAL U 132 -20.35 20.43 0.07
CA VAL U 132 -20.93 21.72 0.46
C VAL U 132 -22.27 21.52 1.15
N GLY U 133 -23.05 20.53 0.70
CA GLY U 133 -24.30 20.23 1.38
C GLY U 133 -24.05 19.61 2.75
N GLU U 134 -23.02 18.77 2.85
CA GLU U 134 -22.68 18.17 4.14
C GLU U 134 -22.33 19.25 5.16
N ALA U 135 -21.52 20.22 4.73
CA ALA U 135 -21.15 21.33 5.61
C ALA U 135 -22.37 22.12 6.06
N ARG U 136 -23.27 22.47 5.13
CA ARG U 136 -24.44 23.25 5.50
C ARG U 136 -25.34 22.48 6.46
N ALA U 137 -25.42 21.16 6.31
CA ALA U 137 -26.23 20.37 7.22
C ALA U 137 -25.60 20.34 8.62
N LEU U 138 -24.27 20.28 8.69
CA LEU U 138 -23.58 20.33 9.98
C LEU U 138 -23.84 21.65 10.68
N TYR U 139 -23.76 22.76 9.95
CA TYR U 139 -24.07 24.07 10.49
C TYR U 139 -25.52 24.14 10.99
N ASN U 140 -26.45 23.57 10.21
CA ASN U 140 -27.86 23.57 10.62
C ASN U 140 -28.04 22.80 11.92
N LEU U 141 -27.43 21.62 12.02
CA LEU U 141 -27.55 20.82 13.23
C LEU U 141 -26.98 21.55 14.43
N GLY U 142 -25.83 22.20 14.24
CA GLY U 142 -25.27 23.04 15.31
C GLY U 142 -26.25 24.11 15.75
N ASN U 143 -26.89 24.76 14.79
CA ASN U 143 -27.85 25.82 15.12
C ASN U 143 -29.04 25.28 15.91
N VAL U 144 -29.53 24.09 15.55
CA VAL U 144 -30.71 23.55 16.23
C VAL U 144 -30.39 23.24 17.69
N TYR U 145 -29.27 22.55 17.93
CA TYR U 145 -28.88 22.23 19.29
C TYR U 145 -28.55 23.49 20.08
N HIS U 146 -27.98 24.50 19.41
CA HIS U 146 -27.72 25.77 20.07
C HIS U 146 -29.02 26.40 20.54
N ALA U 147 -30.05 26.35 19.69
CA ALA U 147 -31.35 26.92 20.04
C ALA U 147 -32.04 26.07 21.10
N LYS U 148 -31.91 24.75 21.02
CA LYS U 148 -32.52 23.88 22.03
C LYS U 148 -31.92 24.15 23.40
N GLY U 149 -30.60 24.27 23.47
CA GLY U 149 -29.96 24.58 24.74
C GLY U 149 -30.36 25.94 25.27
N LYS U 150 -30.55 26.91 24.37
CA LYS U 150 -30.92 28.25 24.79
C LYS U 150 -32.36 28.33 25.27
N SER U 151 -33.22 27.38 24.87
CA SER U 151 -34.64 27.48 25.21
C SER U 151 -34.97 27.04 26.63
N PHE U 152 -34.02 26.54 27.40
CA PHE U 152 -34.31 26.16 28.78
C PHE U 152 -33.58 27.00 29.82
N GLY U 153 -32.53 27.71 29.41
CA GLY U 153 -31.91 28.70 30.27
C GLY U 153 -32.75 29.96 30.41
N CYS U 154 -33.88 29.87 31.13
CA CYS U 154 -34.72 31.01 31.46
C CYS U 154 -34.45 31.48 32.87
N PRO U 155 -34.07 30.58 33.78
CA PRO U 155 -33.31 31.00 34.96
C PRO U 155 -31.82 31.20 34.72
N GLY U 156 -31.35 31.18 33.48
CA GLY U 156 -30.16 31.92 33.07
C GLY U 156 -28.79 31.31 33.32
N PRO U 157 -27.95 31.29 32.27
CA PRO U 157 -26.57 30.79 32.43
C PRO U 157 -25.60 31.86 32.92
N GLN U 158 -24.82 31.52 33.94
CA GLN U 158 -23.70 32.34 34.40
C GLN U 158 -22.70 31.45 35.15
N ASP U 159 -21.49 31.39 34.60
CA ASP U 159 -20.35 30.55 35.03
C ASP U 159 -20.78 29.09 34.94
N VAL U 160 -20.18 28.22 35.74
CA VAL U 160 -20.49 26.79 35.74
C VAL U 160 -20.77 26.35 37.17
N GLY U 161 -22.03 26.06 37.46
CA GLY U 161 -22.44 25.49 38.74
C GLY U 161 -23.38 24.30 38.57
N GLU U 162 -24.27 24.08 39.52
CA GLU U 162 -25.27 23.04 39.36
C GLU U 162 -26.45 23.55 38.53
N PHE U 163 -27.11 22.60 37.84
CA PHE U 163 -27.67 22.90 36.54
C PHE U 163 -28.34 21.67 35.91
N PRO U 164 -29.53 21.80 35.29
CA PRO U 164 -30.16 20.65 34.62
C PRO U 164 -29.38 20.13 33.41
N GLU U 165 -29.00 18.85 33.48
CA GLU U 165 -28.02 18.25 32.57
C GLU U 165 -28.38 18.41 31.10
N GLU U 166 -29.65 18.49 30.77
CA GLU U 166 -30.11 18.54 29.37
C GLU U 166 -29.49 19.68 28.57
N VAL U 167 -29.31 20.85 29.19
CA VAL U 167 -28.80 22.01 28.44
C VAL U 167 -27.33 21.83 28.06
N ARG U 168 -26.49 21.36 29.00
CA ARG U 168 -25.07 21.15 28.71
C ARG U 168 -24.88 20.13 27.61
N ASP U 169 -25.66 19.05 27.64
CA ASP U 169 -25.54 18.05 26.59
C ASP U 169 -25.91 18.64 25.23
N ALA U 170 -26.95 19.48 25.19
CA ALA U 170 -27.34 20.06 23.91
C ALA U 170 -26.30 21.06 23.42
N LEU U 171 -25.77 21.89 24.32
CA LEU U 171 -24.74 22.85 23.91
C LEU U 171 -23.45 22.15 23.50
N GLN U 172 -23.09 21.07 24.19
CA GLN U 172 -21.89 20.33 23.79
C GLN U 172 -22.07 19.69 22.43
N ALA U 173 -23.30 19.23 22.13
CA ALA U 173 -23.57 18.68 20.81
C ALA U 173 -23.42 19.76 19.75
N ALA U 174 -23.83 20.99 20.08
CA ALA U 174 -23.67 22.10 19.14
C ALA U 174 -22.20 22.38 18.89
N VAL U 175 -21.39 22.31 19.93
CA VAL U 175 -19.95 22.54 19.79
C VAL U 175 -19.35 21.51 18.83
N ASP U 176 -19.74 20.24 19.01
CA ASP U 176 -19.25 19.17 18.15
C ASP U 176 -19.61 19.41 16.69
N PHE U 177 -20.89 19.73 16.43
CA PHE U 177 -21.31 20.00 15.06
C PHE U 177 -20.61 21.20 14.47
N TYR U 178 -20.48 22.30 15.22
CA TYR U 178 -19.81 23.48 14.69
C TYR U 178 -18.36 23.18 14.36
N GLU U 179 -17.68 22.40 15.20
CA GLU U 179 -16.28 22.08 14.93
C GLU U 179 -16.15 21.15 13.74
N GLU U 180 -17.09 20.22 13.57
CA GLU U 180 -17.09 19.39 12.37
C GLU U 180 -17.33 20.25 11.13
N ASN U 181 -18.29 21.17 11.20
CA ASN U 181 -18.50 22.13 10.12
C ASN U 181 -17.22 22.92 9.83
N LEU U 182 -16.60 23.45 10.88
CA LEU U 182 -15.37 24.22 10.73
C LEU U 182 -14.29 23.41 10.02
N SER U 183 -14.12 22.14 10.41
CA SER U 183 -13.10 21.30 9.78
C SER U 183 -13.35 21.15 8.28
N LEU U 184 -14.60 20.88 7.89
CA LEU U 184 -14.93 20.69 6.49
C LEU U 184 -14.88 22.01 5.73
N VAL U 185 -15.25 23.11 6.38
CA VAL U 185 -15.26 24.41 5.71
C VAL U 185 -13.84 24.92 5.52
N THR U 186 -12.96 24.73 6.51
CA THR U 186 -11.57 25.13 6.36
C THR U 186 -10.90 24.33 5.26
N ALA U 187 -11.28 23.05 5.11
CA ALA U 187 -10.74 22.24 4.04
C ALA U 187 -11.28 22.69 2.69
N LEU U 188 -12.53 23.19 2.63
CA LEU U 188 -12.93 23.65 1.31
C LEU U 188 -12.45 25.07 1.02
N GLY U 189 -11.87 25.76 1.99
CA GLY U 189 -11.42 27.12 1.79
C GLY U 189 -12.52 28.16 1.65
N ASP U 190 -13.62 28.00 2.37
CA ASP U 190 -14.74 28.94 2.33
C ASP U 190 -14.62 29.86 3.55
N ARG U 191 -14.02 31.03 3.33
CA ARG U 191 -13.73 31.94 4.44
C ARG U 191 -15.02 32.49 5.06
N ALA U 192 -16.04 32.78 4.24
CA ALA U 192 -17.30 33.28 4.78
C ALA U 192 -17.92 32.29 5.75
N ALA U 193 -18.00 31.01 5.35
CA ALA U 193 -18.57 29.99 6.23
C ALA U 193 -17.70 29.78 7.47
N GLN U 194 -16.39 29.95 7.34
CA GLN U 194 -15.52 29.86 8.51
C GLN U 194 -15.88 30.93 9.53
N GLY U 195 -16.14 32.14 9.06
CA GLY U 195 -16.54 33.22 9.96
C GLY U 195 -17.82 32.89 10.70
N ARG U 196 -18.83 32.43 9.96
CA ARG U 196 -20.12 32.13 10.59
C ARG U 196 -19.95 31.06 11.65
N ALA U 197 -19.13 30.05 11.36
CA ALA U 197 -18.87 28.97 12.31
C ALA U 197 -18.18 29.48 13.58
N PHE U 198 -17.15 30.32 13.42
CA PHE U 198 -16.44 30.84 14.58
C PHE U 198 -17.36 31.64 15.49
N GLY U 199 -18.23 32.47 14.90
CA GLY U 199 -19.15 33.26 15.70
C GLY U 199 -20.07 32.40 16.55
N ASN U 200 -20.75 31.43 15.93
CA ASN U 200 -21.68 30.59 16.67
C ASN U 200 -20.95 29.68 17.65
N LEU U 201 -19.76 29.20 17.28
CA LEU U 201 -18.96 28.41 18.22
C LEU U 201 -18.62 29.24 19.44
N GLY U 202 -18.23 30.50 19.23
CA GLY U 202 -17.90 31.36 20.36
C GLY U 202 -19.07 31.62 21.28
N ASN U 203 -20.25 31.87 20.71
CA ASN U 203 -21.42 32.09 21.54
C ASN U 203 -21.87 30.83 22.26
N THR U 204 -21.60 29.65 21.70
CA THR U 204 -21.98 28.43 22.38
C THR U 204 -21.07 28.21 23.59
N HIS U 205 -19.76 28.39 23.41
CA HIS U 205 -18.84 28.31 24.52
C HIS U 205 -19.20 29.34 25.59
N TYR U 206 -19.66 30.52 25.17
CA TYR U 206 -20.04 31.57 26.10
C TYR U 206 -21.19 31.13 26.99
N LEU U 207 -22.19 30.47 26.40
CA LEU U 207 -23.31 29.97 27.20
C LEU U 207 -22.88 28.81 28.09
N LEU U 208 -21.93 28.00 27.61
CA LEU U 208 -21.46 26.86 28.39
C LEU U 208 -20.64 27.28 29.60
N GLY U 209 -20.05 28.47 29.55
CA GLY U 209 -19.15 28.92 30.60
C GLY U 209 -17.69 28.74 30.25
N ASN U 210 -17.38 28.39 29.00
CA ASN U 210 -16.00 28.19 28.56
C ASN U 210 -15.51 29.50 27.93
N PHE U 211 -15.28 30.49 28.79
CA PHE U 211 -15.11 31.86 28.31
C PHE U 211 -13.80 32.03 27.53
N ARG U 212 -12.74 31.34 27.95
CA ARG U 212 -11.48 31.46 27.22
C ARG U 212 -11.61 30.94 25.80
N ASP U 213 -12.27 29.79 25.63
CA ASP U 213 -12.50 29.28 24.28
C ASP U 213 -13.41 30.21 23.49
N ALA U 214 -14.33 30.89 24.16
CA ALA U 214 -15.21 31.83 23.48
C ALA U 214 -14.41 32.99 22.93
N VAL U 215 -13.51 33.55 23.74
CA VAL U 215 -12.63 34.63 23.30
C VAL U 215 -11.84 34.22 22.07
N ILE U 216 -11.25 33.03 22.10
CA ILE U 216 -10.44 32.56 20.97
C ILE U 216 -11.29 32.50 19.71
N ALA U 217 -12.49 31.94 19.80
CA ALA U 217 -13.34 31.81 18.62
C ALA U 217 -13.77 33.17 18.08
N HIS U 218 -14.13 34.10 18.96
CA HIS U 218 -14.56 35.42 18.50
C HIS U 218 -13.40 36.23 17.94
N GLU U 219 -12.19 36.01 18.45
CA GLU U 219 -11.02 36.68 17.86
C GLU U 219 -10.83 36.24 16.41
N GLN U 220 -11.09 34.96 16.13
CA GLN U 220 -11.03 34.47 14.76
C GLN U 220 -12.15 35.06 13.91
N ARG U 221 -13.36 35.22 14.50
CA ARG U 221 -14.45 35.86 13.79
C ARG U 221 -14.08 37.30 13.45
N LEU U 222 -13.43 37.98 14.38
CA LEU U 222 -13.02 39.37 14.17
C LEU U 222 -12.03 39.47 13.02
N LEU U 223 -11.03 38.58 12.99
CA LEU U 223 -10.02 38.61 11.93
C LEU U 223 -10.65 38.38 10.56
N ILE U 224 -11.60 37.43 10.47
CA ILE U 224 -12.26 37.16 9.20
C ILE U 224 -13.17 38.31 8.81
N ALA U 225 -13.81 38.95 9.79
CA ALA U 225 -14.66 40.09 9.49
C ALA U 225 -13.86 41.25 8.91
N LYS U 226 -12.67 41.48 9.44
CA LYS U 226 -11.78 42.50 8.89
C LYS U 226 -11.36 42.15 7.46
N GLU U 227 -11.07 40.87 7.22
CA GLU U 227 -10.64 40.42 5.89
C GLU U 227 -11.68 40.76 4.83
N PHE U 228 -12.96 40.61 5.18
CA PHE U 228 -14.04 40.89 4.25
C PHE U 228 -14.56 42.31 4.35
N GLY U 229 -14.02 43.12 5.27
CA GLY U 229 -14.51 44.48 5.45
C GLY U 229 -15.93 44.56 5.92
N ASP U 230 -16.46 43.49 6.52
CA ASP U 230 -17.83 43.45 7.03
C ASP U 230 -17.87 44.14 8.39
N LYS U 231 -18.19 45.44 8.38
CA LYS U 231 -18.26 46.20 9.62
C LYS U 231 -19.32 45.67 10.56
N ALA U 232 -20.43 45.15 10.03
CA ALA U 232 -21.48 44.62 10.90
C ALA U 232 -20.97 43.43 11.69
N ALA U 233 -20.32 42.48 11.00
CA ALA U 233 -19.74 41.32 11.68
C ALA U 233 -18.63 41.75 12.64
N GLU U 234 -17.85 42.75 12.25
CA GLU U 234 -16.79 43.26 13.12
C GLU U 234 -17.38 43.78 14.43
N ARG U 235 -18.52 44.47 14.34
CA ARG U 235 -19.16 45.00 15.53
C ARG U 235 -19.73 43.89 16.40
N ARG U 236 -20.28 42.84 15.77
CA ARG U 236 -20.77 41.70 16.55
C ARG U 236 -19.64 41.03 17.31
N ALA U 237 -18.49 40.84 16.66
CA ALA U 237 -17.34 40.24 17.33
C ALA U 237 -16.88 41.09 18.51
N TYR U 238 -16.81 42.41 18.33
CA TYR U 238 -16.42 43.29 19.43
C TYR U 238 -17.39 43.14 20.60
N SER U 239 -18.69 43.04 20.32
CA SER U 239 -19.68 42.95 21.37
C SER U 239 -19.57 41.63 22.13
N ASN U 240 -19.41 40.52 21.39
CA ASN U 240 -19.26 39.22 22.02
C ASN U 240 -17.99 39.14 22.85
N LEU U 241 -16.91 39.78 22.37
CA LEU U 241 -15.67 39.77 23.12
C LEU U 241 -15.82 40.51 24.45
N GLY U 242 -16.45 41.69 24.42
CA GLY U 242 -16.72 42.42 25.65
C GLY U 242 -17.51 41.59 26.65
N ASN U 243 -18.57 40.93 26.17
CA ASN U 243 -19.39 40.09 27.04
C ASN U 243 -18.53 39.04 27.73
N ALA U 244 -17.65 38.39 26.98
CA ALA U 244 -16.86 37.29 27.53
C ALA U 244 -15.85 37.80 28.56
N TYR U 245 -15.21 38.93 28.30
CA TYR U 245 -14.24 39.47 29.24
C TYR U 245 -14.89 39.91 30.54
N ILE U 246 -16.16 40.33 30.49
CA ILE U 246 -16.90 40.61 31.72
C ILE U 246 -16.93 39.38 32.62
N PHE U 247 -17.30 38.22 32.06
CA PHE U 247 -17.38 37.01 32.86
C PHE U 247 -16.03 36.44 33.23
N LEU U 248 -14.96 36.84 32.55
CA LEU U 248 -13.64 36.44 33.00
C LEU U 248 -13.19 37.26 34.19
N GLY U 249 -13.76 38.45 34.37
CA GLY U 249 -13.42 39.35 35.45
C GLY U 249 -12.49 40.47 35.05
N GLU U 250 -12.09 40.54 33.77
CA GLU U 250 -11.18 41.57 33.28
C GLU U 250 -12.01 42.71 32.69
N PHE U 251 -12.49 43.57 33.59
CA PHE U 251 -13.43 44.62 33.20
C PHE U 251 -12.76 45.70 32.36
N GLU U 252 -11.48 46.01 32.63
CA GLU U 252 -10.77 47.00 31.82
C GLU U 252 -10.70 46.56 30.35
N THR U 253 -10.33 45.30 30.11
CA THR U 253 -10.32 44.80 28.73
C THR U 253 -11.71 44.87 28.12
N ALA U 254 -12.73 44.54 28.90
CA ALA U 254 -14.10 44.56 28.38
C ALA U 254 -14.51 45.97 27.96
N SER U 255 -14.15 46.97 28.74
CA SER U 255 -14.52 48.34 28.41
C SER U 255 -13.96 48.76 27.06
N GLU U 256 -12.72 48.38 26.76
CA GLU U 256 -12.13 48.77 25.48
C GLU U 256 -12.77 48.04 24.30
N TYR U 257 -13.27 46.82 24.50
CA TYR U 257 -14.03 46.18 23.43
C TYR U 257 -15.40 46.82 23.25
N TYR U 258 -16.07 47.20 24.36
CA TYR U 258 -17.35 47.88 24.22
C TYR U 258 -17.16 49.26 23.62
N LYS U 259 -16.02 49.89 23.87
CA LYS U 259 -15.72 51.18 23.24
C LYS U 259 -15.60 51.02 21.73
N LYS U 260 -15.00 49.92 21.26
CA LYS U 260 -14.87 49.70 19.83
C LYS U 260 -16.22 49.39 19.19
N THR U 261 -17.15 48.77 19.93
CA THR U 261 -18.50 48.62 19.40
C THR U 261 -19.15 49.98 19.23
N LEU U 262 -18.95 50.88 20.18
CA LEU U 262 -19.54 52.20 20.09
C LEU U 262 -18.95 52.97 18.92
N LEU U 263 -17.65 52.86 18.68
CA LEU U 263 -17.02 53.52 17.53
C LEU U 263 -17.70 53.11 16.24
N LEU U 264 -17.81 51.80 16.00
CA LEU U 264 -18.43 51.34 14.76
C LEU U 264 -19.92 51.63 14.73
N ALA U 265 -20.57 51.68 15.89
CA ALA U 265 -21.99 52.01 15.92
C ALA U 265 -22.22 53.47 15.53
N ARG U 266 -21.36 54.37 16.00
CA ARG U 266 -21.46 55.78 15.61
C ARG U 266 -21.18 55.99 14.13
N GLN U 267 -20.28 55.19 13.55
CA GLN U 267 -19.96 55.34 12.12
C GLN U 267 -21.04 54.75 11.23
N LEU U 268 -21.69 53.69 11.67
CA LEU U 268 -22.82 53.14 10.93
C LEU U 268 -24.10 53.91 11.20
N LYS U 269 -24.05 54.88 12.12
CA LYS U 269 -25.21 55.70 12.52
C LYS U 269 -26.37 54.82 12.98
N ASP U 270 -26.04 53.72 13.64
CA ASP U 270 -27.03 52.81 14.21
C ASP U 270 -27.31 53.27 15.64
N ARG U 271 -28.41 53.99 15.82
CA ARG U 271 -28.72 54.53 17.15
C ARG U 271 -29.03 53.42 18.14
N ALA U 272 -29.68 52.35 17.68
CA ALA U 272 -30.06 51.27 18.59
C ALA U 272 -28.84 50.55 19.13
N VAL U 273 -27.92 50.16 18.24
CA VAL U 273 -26.67 49.53 18.68
C VAL U 273 -25.86 50.51 19.51
N GLU U 274 -25.90 51.79 19.15
CA GLU U 274 -25.16 52.81 19.90
C GLU U 274 -25.65 52.88 21.34
N ALA U 275 -26.98 52.74 21.54
CA ALA U 275 -27.52 52.81 22.89
C ALA U 275 -27.16 51.58 23.69
N GLN U 276 -27.27 50.39 23.08
CA GLN U 276 -26.87 49.17 23.75
C GLN U 276 -25.41 49.22 24.16
N SER U 277 -24.56 49.84 23.34
CA SER U 277 -23.15 49.96 23.66
C SER U 277 -22.94 50.84 24.88
N CYS U 278 -23.64 51.98 24.94
CA CYS U 278 -23.54 52.86 26.09
C CYS U 278 -24.03 52.18 27.36
N TYR U 279 -25.09 51.37 27.25
CA TYR U 279 -25.59 50.67 28.42
C TYR U 279 -24.58 49.65 28.92
N SER U 280 -23.91 48.95 28.00
CA SER U 280 -22.88 48.00 28.42
C SER U 280 -21.71 48.71 29.07
N LEU U 281 -21.34 49.87 28.52
CA LEU U 281 -20.26 50.66 29.11
C LEU U 281 -20.65 51.15 30.49
N GLY U 282 -21.91 51.55 30.67
CA GLY U 282 -22.35 52.00 31.98
C GLY U 282 -22.23 50.92 33.04
N ASN U 283 -22.60 49.69 32.68
CA ASN U 283 -22.48 48.59 33.62
C ASN U 283 -21.02 48.19 33.83
N THR U 284 -20.17 48.34 32.80
CA THR U 284 -18.76 48.01 32.96
C THR U 284 -18.08 48.91 33.98
N TYR U 285 -18.24 50.23 33.82
CA TYR U 285 -17.71 51.17 34.79
C TYR U 285 -18.39 51.05 36.16
N THR U 286 -19.61 50.52 36.22
CA THR U 286 -20.18 50.22 37.54
C THR U 286 -19.39 49.10 38.21
N LEU U 287 -19.03 48.07 37.43
CA LEU U 287 -18.19 47.00 37.96
C LEU U 287 -16.81 47.52 38.35
N LEU U 288 -16.30 48.50 37.62
CA LEU U 288 -15.02 49.11 37.98
C LEU U 288 -15.17 50.12 39.10
N GLN U 289 -16.41 50.36 39.54
CA GLN U 289 -16.75 51.25 40.64
C GLN U 289 -16.44 52.71 40.34
N ASP U 290 -16.33 53.06 39.07
CA ASP U 290 -16.14 54.45 38.63
C ASP U 290 -17.51 54.98 38.27
N TYR U 291 -18.28 55.33 39.32
CA TYR U 291 -19.70 55.61 39.14
C TYR U 291 -19.93 56.89 38.36
N GLU U 292 -18.97 57.81 38.35
CA GLU U 292 -19.11 59.03 37.55
C GLU U 292 -19.15 58.70 36.07
N LYS U 293 -18.21 57.87 35.60
CA LYS U 293 -18.23 57.44 34.20
C LYS U 293 -19.44 56.58 33.90
N ALA U 294 -19.90 55.80 34.88
CA ALA U 294 -21.08 54.97 34.65
C ALA U 294 -22.31 55.84 34.41
N ILE U 295 -22.45 56.93 35.17
CA ILE U 295 -23.57 57.84 34.98
C ILE U 295 -23.50 58.48 33.60
N ASP U 296 -22.29 58.86 33.16
CA ASP U 296 -22.13 59.48 31.85
C ASP U 296 -22.68 58.60 30.74
N TYR U 297 -22.29 57.32 30.72
CA TYR U 297 -22.75 56.43 29.66
C TYR U 297 -24.22 56.05 29.82
N HIS U 298 -24.69 55.88 31.05
CA HIS U 298 -26.10 55.58 31.24
C HIS U 298 -26.99 56.74 30.83
N LEU U 299 -26.48 57.98 30.93
CA LEU U 299 -27.24 59.12 30.45
C LEU U 299 -27.30 59.14 28.92
N LYS U 300 -26.16 58.86 28.28
CA LYS U 300 -26.13 58.77 26.82
C LYS U 300 -27.10 57.72 26.32
N HIS U 301 -27.20 56.60 27.04
CA HIS U 301 -28.16 55.56 26.69
C HIS U 301 -29.59 56.05 26.88
N LEU U 302 -29.83 56.79 27.97
CA LEU U 302 -31.17 57.30 28.26
C LEU U 302 -31.65 58.22 27.15
N ALA U 303 -30.78 59.12 26.69
CA ALA U 303 -31.18 60.10 25.68
C ALA U 303 -31.56 59.42 24.37
N ILE U 304 -30.76 58.43 23.94
CA ILE U 304 -31.10 57.70 22.71
C ILE U 304 -32.39 56.91 22.91
N ALA U 305 -32.59 56.38 24.12
CA ALA U 305 -33.81 55.62 24.40
C ALA U 305 -35.04 56.51 24.27
N GLN U 306 -34.97 57.72 24.83
CA GLN U 306 -36.07 58.66 24.70
C GLN U 306 -36.29 59.07 23.25
N GLU U 307 -35.20 59.19 22.49
CA GLU U 307 -35.29 59.49 21.06
C GLU U 307 -36.06 58.41 20.33
N LEU U 308 -35.63 57.16 20.46
CA LEU U 308 -36.26 56.03 19.79
C LEU U 308 -37.59 55.64 20.45
N ASN U 309 -38.03 56.38 21.46
CA ASN U 309 -39.24 56.09 22.22
C ASN U 309 -39.26 54.66 22.76
N ASP U 310 -38.08 54.11 23.04
CA ASP U 310 -37.96 52.80 23.67
C ASP U 310 -38.29 52.94 25.15
N ARG U 311 -39.56 52.75 25.50
CA ARG U 311 -39.99 52.96 26.88
C ARG U 311 -39.38 51.93 27.83
N ILE U 312 -39.19 50.70 27.36
CA ILE U 312 -38.59 49.66 28.20
C ILE U 312 -37.17 50.05 28.58
N GLY U 313 -36.35 50.38 27.60
CA GLY U 313 -34.97 50.79 27.89
C GLY U 313 -34.87 52.05 28.71
N GLU U 314 -35.90 52.91 28.67
CA GLU U 314 -35.90 54.09 29.51
C GLU U 314 -35.96 53.71 30.98
N GLY U 315 -36.82 52.74 31.33
CA GLY U 315 -36.90 52.30 32.71
C GLY U 315 -35.61 51.63 33.16
N ARG U 316 -34.96 50.92 32.24
CA ARG U 316 -33.68 50.31 32.57
C ARG U 316 -32.61 51.35 32.89
N ALA U 317 -32.60 52.45 32.15
CA ALA U 317 -31.65 53.52 32.45
C ALA U 317 -31.98 54.18 33.78
N CYS U 318 -33.26 54.41 34.05
CA CYS U 318 -33.66 55.08 35.28
C CYS U 318 -33.25 54.26 36.51
N TRP U 319 -33.48 52.95 36.48
CA TRP U 319 -33.10 52.11 37.61
C TRP U 319 -31.59 52.13 37.82
N SER U 320 -30.83 52.03 36.71
CA SER U 320 -29.38 52.03 36.80
C SER U 320 -28.86 53.36 37.31
N LEU U 321 -29.41 54.47 36.79
CA LEU U 321 -28.99 55.80 37.23
C LEU U 321 -29.29 56.00 38.71
N GLY U 322 -30.45 55.54 39.17
CA GLY U 322 -30.78 55.63 40.59
C GLY U 322 -29.72 55.02 41.47
N ASN U 323 -29.25 53.83 41.10
CA ASN U 323 -28.24 53.15 41.91
C ASN U 323 -26.85 53.70 41.72
N ALA U 324 -26.55 54.23 40.53
CA ALA U 324 -25.27 54.89 40.35
C ALA U 324 -25.19 56.15 41.20
N TYR U 325 -26.26 56.94 41.19
CA TYR U 325 -26.28 58.15 42.01
C TYR U 325 -26.27 57.80 43.49
N THR U 326 -26.95 56.72 43.87
CA THR U 326 -26.94 56.28 45.27
C THR U 326 -25.54 55.88 45.71
N ALA U 327 -24.77 55.25 44.83
CA ALA U 327 -23.42 54.85 45.19
C ALA U 327 -22.50 56.06 45.32
N LEU U 328 -22.89 57.19 44.73
CA LEU U 328 -22.11 58.42 44.87
C LEU U 328 -22.59 59.27 46.05
N GLY U 329 -23.89 59.23 46.37
CA GLY U 329 -24.45 59.95 47.49
C GLY U 329 -25.44 61.03 47.13
N ASN U 330 -25.68 61.25 45.83
CA ASN U 330 -26.66 62.22 45.35
C ASN U 330 -28.08 61.70 45.63
N HIS U 331 -28.55 61.87 46.87
CA HIS U 331 -29.85 61.31 47.18
C HIS U 331 -30.99 62.06 46.50
N ASP U 332 -30.81 63.34 46.18
CA ASP U 332 -31.88 64.05 45.48
C ASP U 332 -31.99 63.57 44.04
N GLN U 333 -30.85 63.38 43.36
CA GLN U 333 -30.89 62.88 41.99
C GLN U 333 -31.34 61.44 41.93
N ALA U 334 -30.98 60.65 42.94
CA ALA U 334 -31.45 59.28 43.02
C ALA U 334 -32.96 59.22 43.16
N MET U 335 -33.54 60.08 44.01
CA MET U 335 -35.00 60.09 44.16
C MET U 335 -35.69 60.46 42.86
N HIS U 336 -35.03 61.26 42.01
CA HIS U 336 -35.66 61.67 40.76
C HIS U 336 -35.81 60.47 39.82
N PHE U 337 -34.73 59.73 39.62
CA PHE U 337 -34.77 58.59 38.71
C PHE U 337 -35.56 57.42 39.30
N ALA U 338 -35.63 57.33 40.63
CA ALA U 338 -36.45 56.28 41.22
C ALA U 338 -37.93 56.56 40.97
N GLU U 339 -38.34 57.83 40.99
CA GLU U 339 -39.71 58.15 40.59
C GLU U 339 -39.93 57.83 39.11
N LYS U 340 -38.96 58.21 38.26
CA LYS U 340 -39.09 57.90 36.84
C LYS U 340 -39.14 56.39 36.62
N HIS U 341 -38.42 55.62 37.45
CA HIS U 341 -38.47 54.17 37.37
C HIS U 341 -39.84 53.64 37.75
N LEU U 342 -40.44 54.18 38.82
CA LEU U 342 -41.79 53.78 39.20
C LEU U 342 -42.79 54.09 38.09
N GLU U 343 -42.68 55.27 37.48
CA GLU U 343 -43.63 55.66 36.45
C GLU U 343 -43.56 54.75 35.24
N ILE U 344 -42.34 54.51 34.74
CA ILE U 344 -42.19 53.65 33.56
C ILE U 344 -42.63 52.23 33.90
N SER U 345 -42.24 51.73 35.07
CA SER U 345 -42.56 50.35 35.46
C SER U 345 -44.07 50.12 35.48
N ARG U 346 -44.84 51.13 35.92
CA ARG U 346 -46.30 51.04 35.82
C ARG U 346 -46.75 51.02 34.37
N GLU U 347 -46.17 51.89 33.53
CA GLU U 347 -46.67 52.08 32.18
C GLU U 347 -46.45 50.86 31.31
N VAL U 348 -45.41 50.07 31.59
CA VAL U 348 -45.03 48.95 30.75
C VAL U 348 -45.39 47.62 31.38
N GLY U 349 -45.97 47.62 32.58
CA GLY U 349 -46.38 46.40 33.23
C GLY U 349 -45.27 45.61 33.88
N ASP U 350 -44.12 46.23 34.12
CA ASP U 350 -43.04 45.56 34.82
C ASP U 350 -43.39 45.49 36.30
N LYS U 351 -44.08 44.42 36.72
CA LYS U 351 -44.57 44.31 38.09
C LYS U 351 -43.39 44.22 39.07
N SER U 352 -42.32 43.54 38.65
CA SER U 352 -41.14 43.46 39.50
C SER U 352 -40.54 44.84 39.71
N GLY U 353 -40.37 45.60 38.63
CA GLY U 353 -39.78 46.93 38.73
C GLY U 353 -40.60 47.88 39.58
N GLU U 354 -41.93 47.77 39.50
CA GLU U 354 -42.80 48.68 40.23
C GLU U 354 -42.61 48.50 41.73
N LEU U 355 -42.51 47.24 42.18
CA LEU U 355 -42.38 46.98 43.61
C LEU U 355 -41.00 47.41 44.10
N THR U 356 -39.97 47.26 43.25
CA THR U 356 -38.64 47.70 43.65
C THR U 356 -38.55 49.21 43.76
N ALA U 357 -39.14 49.94 42.81
CA ALA U 357 -39.10 51.40 42.85
C ALA U 357 -39.80 51.92 44.10
N ARG U 358 -40.85 51.25 44.55
CA ARG U 358 -41.52 51.63 45.79
C ARG U 358 -40.61 51.41 46.98
N LEU U 359 -39.99 50.22 47.07
CA LEU U 359 -39.06 49.95 48.16
C LEU U 359 -37.86 50.88 48.14
N ASN U 360 -37.54 51.47 46.98
CA ASN U 360 -36.43 52.40 46.88
C ASN U 360 -36.79 53.78 47.38
N LEU U 361 -37.97 54.26 47.00
CA LEU U 361 -38.37 55.61 47.37
C LEU U 361 -38.63 55.70 48.86
N SER U 362 -39.23 54.65 49.44
CA SER U 362 -39.45 54.60 50.88
C SER U 362 -38.16 54.87 51.65
N ASP U 363 -37.08 54.19 51.26
CA ASP U 363 -35.82 54.32 51.97
C ASP U 363 -35.16 55.67 51.68
N LEU U 364 -35.17 56.06 50.40
CA LEU U 364 -34.54 57.32 49.97
C LEU U 364 -35.16 58.53 50.64
N GLN U 365 -36.47 58.51 50.86
CA GLN U 365 -37.12 59.63 51.52
C GLN U 365 -36.60 59.83 52.94
N MET U 366 -36.13 58.77 53.57
CA MET U 366 -35.73 58.80 54.97
C MET U 366 -34.40 59.50 55.17
N VAL U 367 -33.64 59.68 54.09
CA VAL U 367 -32.39 60.43 54.04
C VAL U 367 -32.45 61.75 54.82
N ASN V 10 -37.52 16.14 42.90
CA ASN V 10 -37.55 15.49 41.59
C ASN V 10 -38.88 14.75 41.33
N SER V 11 -39.65 14.50 42.40
CA SER V 11 -40.81 13.63 42.31
C SER V 11 -41.86 14.17 41.37
N ALA V 12 -42.50 15.29 41.73
CA ALA V 12 -43.38 16.02 40.82
C ALA V 12 -43.05 17.51 40.82
N LEU V 13 -41.83 17.86 41.26
CA LEU V 13 -41.27 19.19 41.11
C LEU V 13 -41.18 19.65 39.66
N LEU V 14 -41.00 18.73 38.73
CA LEU V 14 -40.66 19.01 37.33
C LEU V 14 -41.77 19.69 36.54
N SER V 15 -42.80 20.24 37.23
CA SER V 15 -43.90 20.90 36.54
C SER V 15 -44.08 22.41 36.75
N LEU V 16 -43.33 23.09 37.68
CA LEU V 16 -43.46 24.56 37.78
C LEU V 16 -42.21 25.28 38.32
N PRO V 17 -42.22 25.92 39.51
CA PRO V 17 -41.25 27.01 39.73
C PRO V 17 -39.87 26.63 40.26
N GLY V 18 -39.50 25.36 40.44
CA GLY V 18 -38.11 25.12 40.81
C GLY V 18 -37.78 25.26 42.28
N TYR V 19 -36.69 24.63 42.73
CA TYR V 19 -36.26 24.75 44.13
C TYR V 19 -34.85 25.34 44.25
N ARG V 20 -33.84 24.58 43.80
CA ARG V 20 -32.43 25.01 43.76
C ARG V 20 -31.78 25.10 45.16
N ARG V 42 -16.19 38.25 36.97
CA ARG V 42 -16.38 37.73 38.33
C ARG V 42 -17.82 37.90 38.81
N ASN V 43 -18.47 38.97 38.39
CA ASN V 43 -19.85 39.27 38.74
C ASN V 43 -20.70 39.37 37.48
N SER V 44 -22.02 39.51 37.67
CA SER V 44 -22.96 39.46 36.56
C SER V 44 -24.02 40.54 36.72
N PHE V 45 -24.10 41.43 35.74
CA PHE V 45 -25.05 42.54 35.70
C PHE V 45 -26.21 42.23 34.76
N TYR V 46 -27.21 43.12 34.76
CA TYR V 46 -28.29 43.00 33.78
C TYR V 46 -27.69 43.35 32.43
N MET V 47 -27.78 42.46 31.45
CA MET V 47 -26.84 42.59 30.35
C MET V 47 -27.37 43.08 29.02
N GLY V 48 -28.03 42.20 28.30
CA GLY V 48 -28.23 42.46 26.88
C GLY V 48 -27.23 41.54 26.22
N THR V 49 -27.55 40.26 26.17
CA THR V 49 -26.55 39.21 25.96
C THR V 49 -26.08 39.08 24.51
N CYS V 50 -25.42 37.93 24.27
CA CYS V 50 -24.57 37.69 23.09
C CYS V 50 -25.27 37.95 21.77
N GLN V 51 -24.44 38.23 20.73
CA GLN V 51 -24.88 38.55 19.38
C GLN V 51 -24.60 37.44 18.36
N ASP V 52 -25.65 36.69 18.02
CA ASP V 52 -25.58 35.52 17.16
C ASP V 52 -25.34 35.94 15.70
N GLU V 53 -25.31 34.95 14.78
CA GLU V 53 -25.07 35.13 13.35
C GLU V 53 -26.34 35.06 12.47
N PRO V 54 -26.33 35.78 11.34
CA PRO V 54 -27.54 35.94 10.51
C PRO V 54 -28.00 34.67 9.83
N GLU V 55 -29.32 34.37 9.93
CA GLU V 55 -29.90 33.24 9.22
C GLU V 55 -29.78 33.53 7.72
N GLN V 56 -29.07 32.67 6.99
CA GLN V 56 -28.68 32.97 5.61
C GLN V 56 -29.78 32.59 4.63
N LEU V 57 -30.40 33.60 4.05
CA LEU V 57 -31.37 33.50 2.98
C LEU V 57 -30.80 34.26 1.78
N ASP V 58 -30.73 33.60 0.63
CA ASP V 58 -30.18 34.22 -0.57
C ASP V 58 -30.96 33.89 -1.83
N ASP V 59 -31.81 32.87 -1.73
CA ASP V 59 -32.49 32.22 -2.84
C ASP V 59 -33.48 33.14 -3.54
N TRP V 60 -32.97 34.20 -4.16
CA TRP V 60 -33.77 35.20 -4.86
C TRP V 60 -33.31 35.33 -6.30
N ASN V 61 -32.86 34.21 -6.88
CA ASN V 61 -32.30 34.19 -8.23
C ASN V 61 -32.60 32.88 -8.94
N ARG V 62 -33.17 31.92 -8.21
CA ARG V 62 -33.21 30.53 -8.65
C ARG V 62 -34.07 30.33 -9.89
N ILE V 63 -35.22 31.01 -9.97
CA ILE V 63 -36.17 30.71 -11.04
C ILE V 63 -35.70 31.31 -12.36
N ALA V 64 -35.35 32.60 -12.37
CA ALA V 64 -34.88 33.21 -13.60
C ALA V 64 -33.67 32.48 -14.16
N GLU V 65 -32.91 31.79 -13.31
CA GLU V 65 -31.74 31.05 -13.74
C GLU V 65 -32.11 29.70 -14.36
N LEU V 66 -33.02 28.97 -13.71
CA LEU V 66 -33.30 27.58 -14.07
C LEU V 66 -33.55 27.45 -15.56
N GLN V 67 -33.02 26.36 -16.14
CA GLN V 67 -32.69 26.24 -17.56
C GLN V 67 -33.83 26.47 -18.54
N GLN V 68 -34.52 27.62 -18.42
CA GLN V 68 -35.60 28.05 -19.30
C GLN V 68 -36.71 27.02 -19.52
N ARG V 69 -37.78 27.16 -18.73
CA ARG V 69 -38.95 26.30 -18.81
C ARG V 69 -39.80 26.59 -20.04
N PRO W 2 -23.40 59.12 54.59
CA PRO W 2 -24.43 58.47 55.42
C PRO W 2 -24.19 56.95 55.51
N LEU W 3 -24.58 56.29 56.60
CA LEU W 3 -24.65 54.82 56.61
C LEU W 3 -25.84 54.31 55.83
N GLY W 4 -26.77 55.20 55.48
CA GLY W 4 -27.84 54.89 54.55
C GLY W 4 -27.38 54.78 53.10
N SER W 5 -26.25 55.43 52.78
CA SER W 5 -25.93 55.80 51.41
C SER W 5 -25.71 54.63 50.47
N MET W 6 -25.49 53.41 50.96
CA MET W 6 -25.62 52.27 50.05
C MET W 6 -26.70 51.32 50.56
N PHE W 7 -27.91 51.86 50.75
CA PHE W 7 -29.11 51.06 50.99
C PHE W 7 -29.71 50.48 49.71
N HIS W 8 -29.24 50.90 48.54
CA HIS W 8 -30.02 50.73 47.33
C HIS W 8 -29.32 49.97 46.22
N VAL W 9 -28.02 49.72 46.34
CA VAL W 9 -27.39 48.58 45.68
C VAL W 9 -27.65 47.40 46.60
N ARG W 10 -28.59 47.58 47.52
CA ARG W 10 -29.08 46.53 48.41
C ARG W 10 -30.58 46.59 48.59
N TYR W 11 -31.28 47.32 47.71
CA TYR W 11 -32.74 47.30 47.65
C TYR W 11 -33.31 47.31 46.24
N ARG W 12 -32.52 47.63 45.20
CA ARG W 12 -33.11 47.79 43.87
C ARG W 12 -33.08 46.53 43.01
N MET W 13 -32.01 45.75 43.06
CA MET W 13 -31.58 44.89 41.96
C MET W 13 -32.69 44.09 41.30
N GLU W 14 -33.20 43.09 41.99
CA GLU W 14 -34.42 42.44 41.55
C GLU W 14 -35.53 42.80 42.55
N ALA W 15 -36.62 42.05 42.52
CA ALA W 15 -37.58 41.99 43.61
C ALA W 15 -37.82 40.51 43.90
N SER W 16 -37.89 40.18 45.18
CA SER W 16 -37.92 38.76 45.56
C SER W 16 -39.31 38.18 45.42
N CYS W 17 -39.36 36.84 45.36
CA CYS W 17 -40.63 36.14 45.20
C CYS W 17 -41.58 36.51 46.33
N LEU W 18 -41.08 36.48 47.57
CA LEU W 18 -41.91 36.81 48.72
C LEU W 18 -42.46 38.23 48.62
N GLU W 19 -41.64 39.18 48.15
CA GLU W 19 -42.07 40.57 48.07
C GLU W 19 -43.20 40.73 47.08
N LEU W 20 -43.07 40.12 45.90
CA LEU W 20 -44.14 40.16 44.91
C LEU W 20 -45.41 39.52 45.45
N ALA W 21 -45.26 38.39 46.15
CA ALA W 21 -46.41 37.70 46.71
C ALA W 21 -47.14 38.56 47.74
N LEU W 22 -46.39 39.23 48.61
CA LEU W 22 -47.02 40.06 49.63
C LEU W 22 -47.78 41.23 49.01
N GLU W 23 -47.23 41.80 47.94
CA GLU W 23 -47.94 42.87 47.24
C GLU W 23 -49.23 42.36 46.62
N GLY W 24 -49.20 41.18 46.02
CA GLY W 24 -50.42 40.59 45.49
C GLY W 24 -51.48 40.41 46.55
N GLU W 25 -51.08 39.93 47.74
CA GLU W 25 -52.04 39.70 48.81
C GLU W 25 -52.66 41.01 49.30
N ARG W 26 -51.84 42.07 49.43
CA ARG W 26 -52.38 43.37 49.84
C ARG W 26 -53.38 43.92 48.82
N LEU W 27 -53.12 43.70 47.53
CA LEU W 27 -54.06 44.20 46.52
C LEU W 27 -55.39 43.46 46.60
N CYS W 28 -55.34 42.15 46.83
CA CYS W 28 -56.57 41.39 47.00
C CYS W 28 -57.31 41.81 48.26
N LYS W 29 -56.58 42.15 49.32
CA LYS W 29 -57.22 42.64 50.54
C LYS W 29 -57.99 43.93 50.29
N SER W 30 -57.45 44.80 49.44
CA SER W 30 -58.05 46.11 49.17
C SER W 30 -59.25 46.06 48.25
N GLY W 31 -59.44 44.94 47.53
CA GLY W 31 -60.62 44.72 46.72
C GLY W 31 -60.44 44.99 45.24
N ASP W 32 -59.27 45.48 44.82
CA ASP W 32 -58.93 45.57 43.40
C ASP W 32 -57.93 44.45 43.15
N CYS W 33 -58.45 43.25 43.08
CA CYS W 33 -57.69 42.01 42.96
C CYS W 33 -57.28 41.71 41.53
N ARG W 34 -57.74 42.51 40.56
CA ARG W 34 -57.25 42.40 39.19
C ARG W 34 -55.75 42.66 39.13
N ALA W 35 -55.28 43.67 39.86
CA ALA W 35 -53.84 43.93 39.91
C ALA W 35 -53.13 42.87 40.74
N GLY W 36 -53.79 42.32 41.76
CA GLY W 36 -53.16 41.31 42.59
C GLY W 36 -52.75 40.07 41.82
N VAL W 37 -53.55 39.69 40.83
CA VAL W 37 -53.24 38.50 40.04
C VAL W 37 -51.91 38.69 39.30
N SER W 38 -51.71 39.88 38.72
CA SER W 38 -50.47 40.14 38.00
C SER W 38 -49.25 39.98 38.89
N PHE W 39 -49.32 40.49 40.12
CA PHE W 39 -48.20 40.37 41.04
C PHE W 39 -48.01 38.94 41.54
N PHE W 40 -49.10 38.17 41.65
CA PHE W 40 -48.95 36.77 42.03
C PHE W 40 -48.28 35.96 40.93
N GLU W 41 -48.77 36.09 39.70
CA GLU W 41 -48.16 35.40 38.58
C GLU W 41 -46.72 35.85 38.37
N ALA W 42 -46.40 37.09 38.76
CA ALA W 42 -45.01 37.52 38.67
C ALA W 42 -44.15 36.77 39.66
N ALA W 43 -44.67 36.57 40.89
CA ALA W 43 -43.95 35.79 41.88
C ALA W 43 -43.77 34.35 41.41
N VAL W 44 -44.76 33.81 40.70
CA VAL W 44 -44.63 32.48 40.10
C VAL W 44 -43.46 32.43 39.13
N GLN W 45 -43.31 33.49 38.32
CA GLN W 45 -42.22 33.53 37.35
C GLN W 45 -40.87 33.53 38.05
N VAL W 46 -40.75 34.25 39.16
CA VAL W 46 -39.50 34.27 39.92
C VAL W 46 -39.24 32.90 40.54
N GLY W 47 -40.27 32.28 41.11
CA GLY W 47 -40.13 31.01 41.77
C GLY W 47 -39.51 31.13 43.15
N THR W 48 -39.63 30.05 43.91
CA THR W 48 -39.10 30.02 45.27
C THR W 48 -38.65 28.61 45.60
N GLU W 49 -37.83 28.51 46.64
CA GLU W 49 -37.40 27.23 47.19
C GLU W 49 -38.38 26.71 48.23
N ASP W 50 -39.13 27.60 48.86
CA ASP W 50 -39.95 27.29 50.02
C ASP W 50 -41.30 26.75 49.56
N LEU W 51 -41.51 25.44 49.74
CA LEU W 51 -42.73 24.82 49.23
C LEU W 51 -43.97 25.26 50.01
N LYS W 52 -43.80 25.59 51.29
CA LYS W 52 -44.94 26.09 52.06
C LYS W 52 -45.42 27.41 51.50
N THR W 53 -44.49 28.29 51.13
CA THR W 53 -44.86 29.56 50.51
C THR W 53 -45.52 29.33 49.16
N LEU W 54 -44.93 28.47 48.34
CA LEU W 54 -45.45 28.18 47.01
C LEU W 54 -46.88 27.66 47.08
N SER W 55 -47.15 26.78 48.06
CA SER W 55 -48.49 26.27 48.25
C SER W 55 -49.47 27.41 48.52
N ALA W 56 -49.07 28.36 49.38
CA ALA W 56 -49.93 29.51 49.68
C ALA W 56 -50.17 30.37 48.44
N ILE W 57 -49.15 30.53 47.59
CA ILE W 57 -49.30 31.35 46.40
C ILE W 57 -50.33 30.73 45.46
N TYR W 58 -50.18 29.43 45.20
CA TYR W 58 -51.11 28.74 44.30
C TYR W 58 -52.54 28.88 44.81
N SER W 59 -52.74 28.64 46.12
CA SER W 59 -54.09 28.65 46.68
C SER W 59 -54.71 30.04 46.58
N GLN W 60 -53.95 31.07 46.90
CA GLN W 60 -54.50 32.43 46.83
C GLN W 60 -54.64 32.92 45.40
N LEU W 61 -53.87 32.37 44.46
CA LEU W 61 -54.12 32.66 43.06
C LEU W 61 -55.41 31.99 42.59
N GLY W 62 -55.63 30.75 43.00
CA GLY W 62 -56.88 30.09 42.68
C GLY W 62 -58.07 30.83 43.25
N ASN W 63 -57.97 31.24 44.51
CA ASN W 63 -59.06 31.98 45.14
C ASN W 63 -59.25 33.34 44.47
N ALA W 64 -58.17 33.96 44.01
CA ALA W 64 -58.28 35.26 43.35
C ALA W 64 -58.93 35.13 41.98
N TYR W 65 -58.50 34.14 41.19
CA TYR W 65 -59.12 33.90 39.89
C TYR W 65 -60.57 33.50 40.06
N PHE W 66 -60.87 32.74 41.11
CA PHE W 66 -62.24 32.33 41.40
C PHE W 66 -63.13 33.56 41.56
N TYR W 67 -62.66 34.53 42.35
CA TYR W 67 -63.40 35.76 42.59
C TYR W 67 -63.52 36.60 41.32
N LEU W 68 -62.52 36.56 40.45
CA LEU W 68 -62.57 37.27 39.19
C LEU W 68 -63.30 36.49 38.09
N HIS W 69 -63.97 35.39 38.46
CA HIS W 69 -64.79 34.58 37.55
C HIS W 69 -63.99 33.99 36.40
N ASP W 70 -62.67 33.84 36.55
CA ASP W 70 -61.86 33.13 35.56
C ASP W 70 -61.64 31.72 36.08
N TYR W 71 -62.72 30.93 36.02
CA TYR W 71 -62.73 29.61 36.64
C TYR W 71 -61.75 28.65 35.98
N ALA W 72 -61.37 28.90 34.73
CA ALA W 72 -60.40 28.03 34.07
C ALA W 72 -59.04 28.10 34.73
N LYS W 73 -58.55 29.32 35.00
CA LYS W 73 -57.27 29.45 35.69
C LYS W 73 -57.41 29.19 37.19
N ALA W 74 -58.60 29.40 37.76
CA ALA W 74 -58.80 29.00 39.15
C ALA W 74 -58.60 27.50 39.29
N LEU W 75 -59.09 26.74 38.30
CA LEU W 75 -58.88 25.30 38.29
C LEU W 75 -57.39 24.96 38.15
N GLU W 76 -56.68 25.69 37.28
CA GLU W 76 -55.25 25.46 37.09
C GLU W 76 -54.47 25.52 38.40
N TYR W 77 -54.57 26.65 39.12
CA TYR W 77 -53.72 26.85 40.29
C TYR W 77 -54.16 26.03 41.49
N HIS W 78 -55.47 25.78 41.65
CA HIS W 78 -55.88 24.88 42.72
C HIS W 78 -55.46 23.45 42.41
N HIS W 79 -55.37 23.11 41.14
CA HIS W 79 -54.89 21.80 40.75
C HIS W 79 -53.40 21.67 41.06
N HIS W 80 -52.63 22.72 40.83
CA HIS W 80 -51.21 22.73 41.19
C HIS W 80 -51.03 22.64 42.70
N ASP W 81 -51.86 23.36 43.47
CA ASP W 81 -51.76 23.27 44.92
C ASP W 81 -52.03 21.85 45.41
N LEU W 82 -53.05 21.19 44.83
CA LEU W 82 -53.33 19.80 45.18
C LEU W 82 -52.16 18.90 44.80
N THR W 83 -51.62 19.07 43.60
CA THR W 83 -50.48 18.27 43.16
C THR W 83 -49.29 18.42 44.10
N LEU W 84 -48.98 19.66 44.50
CA LEU W 84 -47.85 19.90 45.40
C LEU W 84 -48.10 19.26 46.77
N ALA W 85 -49.31 19.45 47.32
CA ALA W 85 -49.63 18.86 48.62
C ALA W 85 -49.53 17.34 48.59
N ARG W 86 -49.82 16.73 47.44
CA ARG W 86 -49.79 15.28 47.35
C ARG W 86 -48.36 14.75 47.26
N THR W 87 -47.50 15.41 46.50
CA THR W 87 -46.13 14.96 46.35
C THR W 87 -45.37 15.02 47.67
N ILE W 88 -45.56 16.10 48.44
CA ILE W 88 -44.86 16.24 49.71
C ILE W 88 -45.58 15.52 50.84
N GLY W 89 -46.70 14.85 50.55
CA GLY W 89 -47.38 14.11 51.59
C GLY W 89 -47.97 14.98 52.66
N ASP W 90 -48.21 16.25 52.38
CA ASP W 90 -48.84 17.11 53.37
C ASP W 90 -50.31 16.76 53.45
N GLN W 91 -50.71 16.47 54.65
CA GLN W 91 -52.05 15.98 55.05
C GLN W 91 -53.17 17.03 55.04
N LEU W 92 -52.99 18.11 55.81
CA LEU W 92 -53.97 19.19 55.89
C LEU W 92 -54.08 19.95 54.58
N GLY W 93 -52.94 20.26 53.94
CA GLY W 93 -52.97 20.96 52.67
C GLY W 93 -53.68 20.23 51.56
N GLU W 94 -53.59 18.90 51.55
CA GLU W 94 -54.26 18.13 50.52
C GLU W 94 -55.78 18.29 50.64
N ALA W 95 -56.29 18.23 51.87
CA ALA W 95 -57.73 18.36 52.09
C ALA W 95 -58.22 19.74 51.69
N LYS W 96 -57.51 20.80 52.11
CA LYS W 96 -57.94 22.15 51.79
C LYS W 96 -57.93 22.40 50.29
N ALA W 97 -56.93 21.87 49.60
CA ALA W 97 -56.87 22.05 48.15
C ALA W 97 -57.99 21.30 47.45
N SER W 98 -58.32 20.11 47.95
CA SER W 98 -59.43 19.34 47.38
C SER W 98 -60.74 20.10 47.53
N GLY W 99 -60.97 20.74 48.67
CA GLY W 99 -62.18 21.51 48.88
C GLY W 99 -62.31 22.66 47.90
N ASN W 100 -61.22 23.42 47.71
CA ASN W 100 -61.24 24.52 46.76
C ASN W 100 -61.41 24.03 45.34
N LEU W 101 -60.77 22.92 44.99
CA LEU W 101 -60.95 22.34 43.67
C LEU W 101 -62.39 21.90 43.47
N GLY W 102 -63.01 21.36 44.53
CA GLY W 102 -64.40 20.95 44.43
C GLY W 102 -65.35 22.10 44.18
N ASN W 103 -65.17 23.19 44.92
CA ASN W 103 -66.04 24.36 44.73
C ASN W 103 -65.85 24.97 43.35
N THR W 104 -64.62 24.95 42.83
CA THR W 104 -64.40 25.43 41.46
C THR W 104 -65.15 24.55 40.47
N LEU W 105 -65.02 23.24 40.61
CA LEU W 105 -65.73 22.30 39.76
C LEU W 105 -67.24 22.46 39.91
N LYS W 106 -67.71 22.83 41.10
CA LYS W 106 -69.13 22.99 41.34
C LYS W 106 -69.70 24.11 40.47
N VAL W 107 -68.98 25.23 40.38
CA VAL W 107 -69.42 26.35 39.55
C VAL W 107 -69.37 25.98 38.08
N LEU W 108 -68.37 25.19 37.69
CA LEU W 108 -68.19 24.79 36.30
C LEU W 108 -69.19 23.72 35.85
N GLY W 109 -70.06 23.25 36.75
CA GLY W 109 -71.07 22.28 36.41
C GLY W 109 -70.57 20.85 36.33
N ASN W 110 -69.34 20.58 36.76
CA ASN W 110 -68.79 19.22 36.76
C ASN W 110 -69.02 18.62 38.14
N PHE W 111 -70.30 18.34 38.43
CA PHE W 111 -70.68 17.95 39.78
C PHE W 111 -70.07 16.60 40.16
N ASP W 112 -69.96 15.68 39.21
CA ASP W 112 -69.49 14.33 39.53
C ASP W 112 -68.07 14.36 40.10
N GLU W 113 -67.18 15.12 39.46
CA GLU W 113 -65.83 15.27 40.00
C GLU W 113 -65.81 16.15 41.24
N ALA W 114 -66.71 17.13 41.32
CA ALA W 114 -66.80 17.97 42.50
C ALA W 114 -67.15 17.15 43.74
N ILE W 115 -68.00 16.15 43.58
CA ILE W 115 -68.34 15.26 44.69
C ILE W 115 -67.08 14.55 45.17
N VAL W 116 -66.29 14.04 44.23
CA VAL W 116 -65.08 13.29 44.56
C VAL W 116 -64.13 14.13 45.38
N CYS W 117 -63.89 15.37 44.95
CA CYS W 117 -62.91 16.23 45.61
C CYS W 117 -63.37 16.62 47.01
N CYS W 118 -64.65 16.96 47.17
CA CYS W 118 -65.16 17.33 48.48
C CYS W 118 -65.28 16.11 49.39
N GLN W 119 -65.54 14.94 48.84
CA GLN W 119 -65.52 13.71 49.62
C GLN W 119 -64.13 13.44 50.15
N ARG W 120 -63.12 13.69 49.31
CA ARG W 120 -61.73 13.54 49.72
C ARG W 120 -61.39 14.48 50.86
N HIS W 121 -61.89 15.72 50.79
CA HIS W 121 -61.70 16.68 51.87
C HIS W 121 -62.30 16.15 53.16
N LEU W 122 -63.53 15.61 53.09
CA LEU W 122 -64.19 15.06 54.27
C LEU W 122 -63.40 13.90 54.85
N ASP W 123 -63.00 12.94 53.99
CA ASP W 123 -62.32 11.74 54.48
C ASP W 123 -61.01 12.08 55.20
N ILE W 124 -60.19 12.94 54.61
CA ILE W 124 -58.93 13.31 55.24
C ILE W 124 -59.18 14.04 56.56
N SER W 125 -60.19 14.90 56.60
CA SER W 125 -60.50 15.62 57.83
C SER W 125 -60.89 14.66 58.95
N ARG W 126 -61.70 13.65 58.64
CA ARG W 126 -62.07 12.65 59.63
C ARG W 126 -60.85 11.83 60.07
N GLU W 127 -59.94 11.58 59.13
CA GLU W 127 -58.76 10.79 59.44
C GLU W 127 -57.82 11.53 60.38
N LEU W 128 -57.69 12.84 60.22
CA LEU W 128 -56.83 13.65 61.07
C LEU W 128 -57.54 14.15 62.32
N ASN W 129 -58.82 13.82 62.48
CA ASN W 129 -59.64 14.33 63.60
C ASN W 129 -59.68 15.85 63.60
N ASP W 130 -59.71 16.44 62.40
CA ASP W 130 -59.83 17.89 62.25
C ASP W 130 -61.31 18.23 62.18
N LYS W 131 -61.89 18.63 63.31
CA LYS W 131 -63.34 18.78 63.39
C LYS W 131 -63.80 20.02 62.63
N VAL W 132 -63.01 21.10 62.67
CA VAL W 132 -63.37 22.29 61.92
C VAL W 132 -63.28 22.03 60.42
N GLY W 133 -62.29 21.24 60.00
CA GLY W 133 -62.18 20.87 58.60
C GLY W 133 -63.30 19.92 58.20
N GLU W 134 -63.67 19.01 59.10
CA GLU W 134 -64.76 18.09 58.81
C GLU W 134 -66.05 18.86 58.58
N ALA W 135 -66.33 19.85 59.43
CA ALA W 135 -67.53 20.67 59.28
C ALA W 135 -67.53 21.40 57.95
N ARG W 136 -66.39 22.02 57.59
CA ARG W 136 -66.32 22.78 56.35
C ARG W 136 -66.53 21.88 55.14
N ALA W 137 -66.04 20.64 55.20
CA ALA W 137 -66.24 19.71 54.10
C ALA W 137 -67.70 19.30 54.00
N LEU W 138 -68.37 19.12 55.14
CA LEU W 138 -69.80 18.80 55.13
C LEU W 138 -70.60 19.93 54.49
N TYR W 139 -70.28 21.18 54.86
CA TYR W 139 -70.94 22.34 54.26
C TYR W 139 -70.69 22.40 52.76
N ASN W 140 -69.46 22.11 52.32
CA ASN W 140 -69.15 22.11 50.90
C ASN W 140 -69.98 21.05 50.16
N LEU W 141 -70.04 19.84 50.71
CA LEU W 141 -70.81 18.78 50.07
C LEU W 141 -72.28 19.15 49.97
N GLY W 142 -72.83 19.74 51.03
CA GLY W 142 -74.19 20.25 50.97
C GLY W 142 -74.38 21.24 49.84
N ASN W 143 -73.43 22.17 49.70
CA ASN W 143 -73.52 23.17 48.66
C ASN W 143 -73.48 22.55 47.26
N VAL W 144 -72.65 21.52 47.07
CA VAL W 144 -72.53 20.92 45.74
C VAL W 144 -73.83 20.24 45.34
N TYR W 145 -74.40 19.43 46.24
CA TYR W 145 -75.66 18.77 45.94
C TYR W 145 -76.79 19.77 45.79
N HIS W 146 -76.75 20.87 46.55
CA HIS W 146 -77.74 21.91 46.41
C HIS W 146 -77.67 22.50 45.00
N ALA W 147 -76.45 22.74 44.51
CA ALA W 147 -76.27 23.29 43.17
C ALA W 147 -76.62 22.27 42.10
N LYS W 148 -76.28 21.00 42.32
CA LYS W 148 -76.63 19.95 41.35
C LYS W 148 -78.14 19.85 41.19
N GLY W 149 -78.86 19.85 42.31
CA GLY W 149 -80.32 19.78 42.24
C GLY W 149 -80.91 21.00 41.56
N LYS W 150 -80.30 22.17 41.77
CA LYS W 150 -80.82 23.40 41.18
C LYS W 150 -80.54 23.48 39.68
N SER W 151 -79.55 22.74 39.17
CA SER W 151 -79.15 22.88 37.78
C SER W 151 -80.05 22.16 36.77
N PHE W 152 -81.04 21.39 37.23
CA PHE W 152 -81.93 20.70 36.31
C PHE W 152 -83.35 21.25 36.30
N GLY W 153 -83.85 21.67 37.46
CA GLY W 153 -85.13 22.35 37.51
C GLY W 153 -85.06 23.81 37.09
N CYS W 154 -84.78 24.07 35.82
CA CYS W 154 -84.79 25.44 35.29
C CYS W 154 -85.83 25.61 34.21
N PRO W 155 -85.97 24.66 33.26
CA PRO W 155 -87.15 24.73 32.39
C PRO W 155 -88.30 23.85 32.88
N GLY W 156 -88.64 23.91 34.17
CA GLY W 156 -89.55 22.96 34.76
C GLY W 156 -90.69 23.51 35.60
N PRO W 157 -90.38 23.88 36.87
CA PRO W 157 -91.39 24.07 37.93
C PRO W 157 -92.81 24.51 37.53
N GLN W 158 -93.74 23.55 37.38
CA GLN W 158 -95.14 23.85 37.15
C GLN W 158 -96.00 22.72 37.72
N ASP W 159 -96.90 23.06 38.65
CA ASP W 159 -97.82 22.14 39.33
C ASP W 159 -97.11 21.08 40.16
N VAL W 160 -97.87 20.37 41.00
CA VAL W 160 -97.33 19.50 42.04
C VAL W 160 -96.98 18.12 41.51
N GLY W 161 -97.18 17.90 40.22
CA GLY W 161 -96.94 16.61 39.62
C GLY W 161 -95.49 16.28 39.30
N GLU W 162 -95.30 15.76 38.08
CA GLU W 162 -94.03 15.16 37.66
C GLU W 162 -92.83 16.02 38.02
N PHE W 163 -91.78 15.36 38.52
CA PHE W 163 -90.64 15.99 39.16
C PHE W 163 -89.58 14.89 39.30
N PRO W 164 -88.39 15.09 38.73
CA PRO W 164 -87.44 13.96 38.58
C PRO W 164 -86.90 13.43 39.90
N GLU W 165 -86.81 12.10 39.98
CA GLU W 165 -86.21 11.47 41.15
C GLU W 165 -84.77 11.94 41.35
N GLU W 166 -84.05 12.23 40.26
CA GLU W 166 -82.67 12.69 40.40
C GLU W 166 -82.59 13.99 41.18
N VAL W 167 -83.54 14.90 40.97
CA VAL W 167 -83.50 16.18 41.68
C VAL W 167 -83.81 15.98 43.16
N ARG W 168 -84.86 15.21 43.46
CA ARG W 168 -85.22 14.93 44.86
C ARG W 168 -84.07 14.27 45.60
N ASP W 169 -83.40 13.31 44.97
CA ASP W 169 -82.28 12.63 45.61
C ASP W 169 -81.14 13.60 45.92
N ALA W 170 -80.84 14.51 44.98
CA ALA W 170 -79.73 15.43 45.21
C ALA W 170 -80.06 16.43 46.31
N LEU W 171 -81.30 16.94 46.32
CA LEU W 171 -81.69 17.89 47.35
C LEU W 171 -81.76 17.22 48.72
N GLN W 172 -82.22 15.97 48.78
CA GLN W 172 -82.26 15.26 50.06
C GLN W 172 -80.85 14.99 50.57
N ALA W 173 -79.91 14.72 49.66
CA ALA W 173 -78.52 14.55 50.07
C ALA W 173 -77.97 15.84 50.65
N ALA W 174 -78.37 16.98 50.07
CA ALA W 174 -77.94 18.28 50.60
C ALA W 174 -78.49 18.49 52.00
N VAL W 175 -79.74 18.09 52.23
CA VAL W 175 -80.36 18.23 53.55
C VAL W 175 -79.57 17.43 54.58
N ASP W 176 -79.21 16.20 54.22
CA ASP W 176 -78.45 15.33 55.12
C ASP W 176 -77.11 15.96 55.47
N PHE W 177 -76.36 16.43 54.47
CA PHE W 177 -75.07 17.05 54.73
C PHE W 177 -75.20 18.32 55.57
N TYR W 178 -76.18 19.17 55.26
CA TYR W 178 -76.35 20.39 56.05
C TYR W 178 -76.68 20.07 57.50
N GLU W 179 -77.53 19.06 57.73
CA GLU W 179 -77.88 18.71 59.10
C GLU W 179 -76.70 18.11 59.83
N GLU W 180 -75.87 17.32 59.13
CA GLU W 180 -74.64 16.81 59.74
C GLU W 180 -73.70 17.97 60.08
N ASN W 181 -73.55 18.92 59.15
CA ASN W 181 -72.77 20.13 59.43
C ASN W 181 -73.32 20.86 60.64
N LEU W 182 -74.64 21.06 60.67
CA LEU W 182 -75.29 21.75 61.79
C LEU W 182 -74.99 21.06 63.12
N SER W 183 -75.08 19.73 63.15
CA SER W 183 -74.80 18.99 64.38
C SER W 183 -73.38 19.24 64.87
N LEU W 184 -72.40 19.17 63.97
CA LEU W 184 -71.02 19.37 64.35
C LEU W 184 -70.74 20.83 64.70
N VAL W 185 -71.39 21.76 64.00
CA VAL W 185 -71.15 23.18 64.24
C VAL W 185 -71.78 23.62 65.56
N THR W 186 -72.98 23.10 65.86
CA THR W 186 -73.59 23.41 67.16
C THR W 186 -72.77 22.86 68.31
N ALA W 187 -72.12 21.71 68.11
CA ALA W 187 -71.27 21.14 69.14
C ALA W 187 -69.98 21.94 69.31
N LEU W 188 -69.47 22.54 68.24
CA LEU W 188 -68.29 23.37 68.33
C LEU W 188 -68.61 24.78 68.81
N GLY W 189 -69.89 25.14 68.89
CA GLY W 189 -70.29 26.46 69.35
C GLY W 189 -69.95 27.59 68.41
N ASP W 190 -70.01 27.35 67.11
CA ASP W 190 -69.71 28.37 66.10
C ASP W 190 -71.05 28.92 65.60
N ARG W 191 -71.46 30.06 66.18
CA ARG W 191 -72.77 30.62 65.87
C ARG W 191 -72.84 31.10 64.42
N ALA W 192 -71.75 31.68 63.91
CA ALA W 192 -71.73 32.14 62.53
C ALA W 192 -72.00 31.01 61.55
N ALA W 193 -71.28 29.88 61.72
CA ALA W 193 -71.48 28.73 60.85
C ALA W 193 -72.87 28.14 61.02
N GLN W 194 -73.44 28.23 62.24
CA GLN W 194 -74.81 27.76 62.44
C GLN W 194 -75.78 28.57 61.60
N GLY W 195 -75.59 29.89 61.54
CA GLY W 195 -76.45 30.72 60.72
C GLY W 195 -76.37 30.34 59.26
N ARG W 196 -75.16 30.16 58.74
CA ARG W 196 -75.01 29.84 57.33
C ARG W 196 -75.68 28.50 57.02
N ALA W 197 -75.55 27.53 57.93
CA ALA W 197 -76.19 26.23 57.75
C ALA W 197 -77.71 26.35 57.72
N PHE W 198 -78.30 27.10 58.67
CA PHE W 198 -79.74 27.25 58.72
C PHE W 198 -80.29 27.87 57.44
N GLY W 199 -79.60 28.89 56.91
CA GLY W 199 -80.03 29.51 55.67
C GLY W 199 -80.10 28.55 54.51
N ASN W 200 -79.01 27.82 54.25
CA ASN W 200 -78.97 26.91 53.12
C ASN W 200 -79.91 25.73 53.35
N LEU W 201 -80.02 25.26 54.60
CA LEU W 201 -80.98 24.20 54.89
C LEU W 201 -82.40 24.66 54.58
N GLY W 202 -82.73 25.89 54.96
CA GLY W 202 -84.06 26.41 54.67
C GLY W 202 -84.36 26.52 53.20
N ASN W 203 -83.39 27.00 52.41
CA ASN W 203 -83.60 27.12 50.98
C ASN W 203 -83.68 25.76 50.30
N THR W 204 -83.01 24.75 50.85
CA THR W 204 -83.11 23.41 50.25
C THR W 204 -84.48 22.82 50.49
N HIS W 205 -84.99 22.95 51.72
CA HIS W 205 -86.36 22.52 52.01
C HIS W 205 -87.35 23.27 51.15
N TYR W 206 -87.07 24.54 50.89
CA TYR W 206 -87.96 25.37 50.07
C TYR W 206 -88.06 24.82 48.65
N LEU W 207 -86.93 24.41 48.08
CA LEU W 207 -86.95 23.83 46.74
C LEU W 207 -87.61 22.46 46.74
N LEU W 208 -87.45 21.71 47.84
CA LEU W 208 -88.02 20.37 47.93
C LEU W 208 -89.55 20.42 48.05
N GLY W 209 -90.10 21.52 48.54
CA GLY W 209 -91.50 21.60 48.82
C GLY W 209 -91.85 21.38 50.28
N ASN W 210 -90.85 21.31 51.15
CA ASN W 210 -91.08 21.10 52.57
C ASN W 210 -91.09 22.47 53.25
N PHE W 211 -92.17 23.22 53.00
CA PHE W 211 -92.18 24.64 53.34
C PHE W 211 -92.19 24.87 54.85
N ARG W 212 -92.86 24.02 55.62
CA ARG W 212 -92.88 24.21 57.09
C ARG W 212 -91.48 24.07 57.67
N ASP W 213 -90.73 23.06 57.21
CA ASP W 213 -89.35 22.93 57.66
C ASP W 213 -88.50 24.10 57.20
N ALA W 214 -88.82 24.67 56.04
CA ALA W 214 -88.07 25.83 55.55
C ALA W 214 -88.30 27.02 56.46
N VAL W 215 -89.55 27.26 56.84
CA VAL W 215 -89.88 28.34 57.78
C VAL W 215 -89.09 28.19 59.07
N ILE W 216 -89.08 26.98 59.63
CA ILE W 216 -88.38 26.74 60.89
C ILE W 216 -86.90 27.08 60.76
N ALA W 217 -86.26 26.63 59.66
CA ALA W 217 -84.83 26.88 59.49
C ALA W 217 -84.55 28.37 59.32
N HIS W 218 -85.37 29.08 58.53
CA HIS W 218 -85.14 30.50 58.31
C HIS W 218 -85.43 31.32 59.56
N GLU W 219 -86.36 30.87 60.40
CA GLU W 219 -86.59 31.55 61.67
C GLU W 219 -85.34 31.48 62.54
N GLN W 220 -84.64 30.36 62.51
CA GLN W 220 -83.37 30.24 63.23
C GLN W 220 -82.30 31.12 62.60
N ARG W 221 -82.27 31.21 61.27
CA ARG W 221 -81.34 32.12 60.61
C ARG W 221 -81.61 33.55 61.03
N LEU W 222 -82.88 33.92 61.14
CA LEU W 222 -83.26 35.27 61.54
C LEU W 222 -82.77 35.57 62.96
N LEU W 223 -82.98 34.64 63.89
CA LEU W 223 -82.55 34.84 65.27
C LEU W 223 -81.04 35.02 65.36
N ILE W 224 -80.28 34.22 64.61
CA ILE W 224 -78.82 34.34 64.64
C ILE W 224 -78.38 35.63 63.97
N ALA W 225 -79.08 36.06 62.91
CA ALA W 225 -78.74 37.32 62.26
C ALA W 225 -78.93 38.50 63.20
N LYS W 226 -80.00 38.47 64.00
CA LYS W 226 -80.21 39.51 65.01
C LYS W 226 -79.10 39.49 66.05
N GLU W 227 -78.67 38.30 66.47
CA GLU W 227 -77.62 38.17 67.48
C GLU W 227 -76.33 38.84 67.04
N PHE W 228 -76.00 38.73 65.76
CA PHE W 228 -74.79 39.32 65.19
C PHE W 228 -75.02 40.73 64.66
N GLY W 229 -76.26 41.23 64.70
CA GLY W 229 -76.57 42.53 64.14
C GLY W 229 -76.35 42.64 62.66
N ASP W 230 -76.31 41.51 61.96
CA ASP W 230 -76.10 41.47 60.50
C ASP W 230 -77.42 41.77 59.80
N LYS W 231 -77.61 43.05 59.47
CA LYS W 231 -78.83 43.49 58.79
C LYS W 231 -78.99 42.82 57.43
N ALA W 232 -77.88 42.58 56.72
CA ALA W 232 -77.99 41.96 55.40
C ALA W 232 -78.57 40.55 55.53
N ALA W 233 -78.03 39.76 56.46
CA ALA W 233 -78.57 38.42 56.70
C ALA W 233 -80.00 38.47 57.22
N GLU W 234 -80.31 39.47 58.05
CA GLU W 234 -81.67 39.63 58.55
C GLU W 234 -82.64 39.85 57.40
N ARG W 235 -82.24 40.65 56.41
CA ARG W 235 -83.08 40.92 55.27
C ARG W 235 -83.24 39.67 54.40
N ARG W 236 -82.19 38.88 54.25
CA ARG W 236 -82.30 37.64 53.49
C ARG W 236 -83.28 36.68 54.16
N ALA W 237 -83.21 36.56 55.48
CA ALA W 237 -84.15 35.71 56.22
C ALA W 237 -85.59 36.17 56.03
N TYR W 238 -85.82 37.48 56.12
CA TYR W 238 -87.16 38.01 55.91
C TYR W 238 -87.67 37.65 54.52
N SER W 239 -86.80 37.75 53.51
CA SER W 239 -87.21 37.48 52.14
C SER W 239 -87.53 36.01 51.95
N ASN W 240 -86.70 35.12 52.48
CA ASN W 240 -86.95 33.69 52.36
C ASN W 240 -88.21 33.28 53.10
N LEU W 241 -88.48 33.91 54.24
CA LEU W 241 -89.69 33.60 55.00
C LEU W 241 -90.93 33.98 54.20
N GLY W 242 -90.93 35.18 53.61
CA GLY W 242 -92.04 35.59 52.75
C GLY W 242 -92.29 34.62 51.62
N ASN W 243 -91.21 34.20 50.94
CA ASN W 243 -91.34 33.24 49.86
C ASN W 243 -92.03 31.96 50.31
N ALA W 244 -91.63 31.46 51.48
CA ALA W 244 -92.17 30.19 51.96
C ALA W 244 -93.64 30.31 52.34
N TYR W 245 -94.02 31.42 52.97
CA TYR W 245 -95.42 31.60 53.36
C TYR W 245 -96.32 31.73 52.15
N ILE W 246 -95.81 32.27 51.04
CA ILE W 246 -96.59 32.29 49.80
C ILE W 246 -96.98 30.88 49.38
N PHE W 247 -96.02 29.96 49.39
CA PHE W 247 -96.29 28.60 48.96
C PHE W 247 -97.11 27.81 49.97
N LEU W 248 -97.16 28.27 51.22
CA LEU W 248 -98.05 27.64 52.19
C LEU W 248 -99.49 28.10 51.98
N GLY W 249 -99.68 29.26 51.36
CA GLY W 249 -100.99 29.82 51.12
C GLY W 249 -101.37 30.90 52.09
N GLU W 250 -100.51 31.24 53.04
CA GLU W 250 -100.78 32.26 54.04
C GLU W 250 -100.22 33.60 53.55
N PHE W 251 -101.01 34.25 52.68
CA PHE W 251 -100.56 35.47 52.01
C PHE W 251 -100.44 36.65 52.96
N GLU W 252 -101.34 36.75 53.96
CA GLU W 252 -101.25 37.83 54.93
C GLU W 252 -99.92 37.79 55.68
N THR W 253 -99.54 36.62 56.17
CA THR W 253 -98.25 36.49 56.85
C THR W 253 -97.10 36.85 55.91
N ALA W 254 -97.20 36.42 54.65
CA ALA W 254 -96.14 36.70 53.69
C ALA W 254 -95.98 38.20 53.47
N SER W 255 -97.09 38.93 53.39
CA SER W 255 -97.01 40.37 53.17
C SER W 255 -96.23 41.06 54.27
N GLU W 256 -96.45 40.66 55.54
CA GLU W 256 -95.75 41.31 56.64
C GLU W 256 -94.26 40.97 56.65
N TYR W 257 -93.86 39.79 56.16
CA TYR W 257 -92.43 39.54 56.02
C TYR W 257 -91.82 40.33 54.86
N TYR W 258 -92.55 40.46 53.74
CA TYR W 258 -92.02 41.27 52.65
C TYR W 258 -91.98 42.74 53.04
N LYS W 259 -92.90 43.18 53.90
CA LYS W 259 -92.86 44.54 54.42
C LYS W 259 -91.60 44.79 55.23
N LYS W 260 -91.18 43.79 56.02
CA LYS W 260 -89.96 43.95 56.81
C LYS W 260 -88.72 43.94 55.93
N THR W 261 -88.75 43.23 54.80
CA THR W 261 -87.64 43.35 53.86
C THR W 261 -87.55 44.76 53.31
N LEU W 262 -88.71 45.35 53.00
CA LEU W 262 -88.73 46.70 52.45
C LEU W 262 -88.23 47.72 53.48
N LEU W 263 -88.61 47.56 54.74
CA LEU W 263 -88.14 48.45 55.79
C LEU W 263 -86.61 48.47 55.85
N LEU W 264 -85.99 47.29 55.93
CA LEU W 264 -84.52 47.21 55.98
C LEU W 264 -83.89 47.65 54.67
N ALA W 265 -84.57 47.42 53.55
CA ALA W 265 -84.02 47.85 52.27
C ALA W 265 -83.97 49.37 52.17
N ARG W 266 -85.02 50.04 52.64
CA ARG W 266 -85.03 51.49 52.65
C ARG W 266 -84.00 52.08 53.60
N GLN W 267 -83.72 51.39 54.71
CA GLN W 267 -82.72 51.91 55.65
C GLN W 267 -81.30 51.68 55.17
N LEU W 268 -81.06 50.60 54.44
CA LEU W 268 -79.76 50.38 53.83
C LEU W 268 -79.61 51.16 52.53
N LYS W 269 -80.66 51.82 52.08
CA LYS W 269 -80.68 52.59 50.83
C LYS W 269 -80.27 51.72 49.64
N ASP W 270 -80.68 50.45 49.68
CA ASP W 270 -80.44 49.52 48.58
C ASP W 270 -81.64 49.61 47.65
N ARG W 271 -81.49 50.35 46.55
CA ARG W 271 -82.61 50.56 45.64
C ARG W 271 -83.01 49.27 44.96
N ALA W 272 -82.04 48.41 44.64
CA ALA W 272 -82.34 47.17 43.93
C ALA W 272 -83.17 46.22 44.79
N VAL W 273 -82.73 45.99 46.04
CA VAL W 273 -83.51 45.16 46.95
C VAL W 273 -84.86 45.82 47.25
N GLU W 274 -84.87 47.15 47.32
CA GLU W 274 -86.11 47.87 47.58
C GLU W 274 -87.12 47.59 46.47
N ALA W 275 -86.64 47.53 45.22
CA ALA W 275 -87.54 47.29 44.10
C ALA W 275 -88.04 45.85 44.07
N GLN W 276 -87.16 44.87 44.30
CA GLN W 276 -87.61 43.49 44.40
C GLN W 276 -88.63 43.32 45.51
N SER W 277 -88.48 44.06 46.61
CA SER W 277 -89.43 43.95 47.71
C SER W 277 -90.80 44.47 47.28
N CYS W 278 -90.84 45.61 46.59
CA CYS W 278 -92.11 46.15 46.11
C CYS W 278 -92.77 45.20 45.11
N TYR W 279 -91.96 44.56 44.26
CA TYR W 279 -92.52 43.62 43.30
C TYR W 279 -93.14 42.42 44.00
N SER W 280 -92.48 41.91 45.04
CA SER W 280 -93.04 40.80 45.79
C SER W 280 -94.33 41.21 46.49
N LEU W 281 -94.35 42.43 47.03
CA LEU W 281 -95.57 42.92 47.68
C LEU W 281 -96.69 43.08 46.65
N GLY W 282 -96.38 43.53 45.45
CA GLY W 282 -97.39 43.64 44.41
C GLY W 282 -98.03 42.31 44.07
N ASN W 283 -97.22 41.26 43.96
CA ASN W 283 -97.75 39.93 43.68
C ASN W 283 -98.50 39.36 44.88
N THR W 284 -98.08 39.72 46.10
CA THR W 284 -98.77 39.22 47.28
C THR W 284 -100.19 39.76 47.36
N TYR W 285 -100.35 41.09 47.23
CA TYR W 285 -101.68 41.68 47.20
C TYR W 285 -102.47 41.26 45.96
N THR W 286 -101.82 40.83 44.89
CA THR W 286 -102.57 40.25 43.78
C THR W 286 -103.19 38.93 44.21
N LEU W 287 -102.43 38.11 44.95
CA LEU W 287 -102.97 36.87 45.49
C LEU W 287 -104.08 37.14 46.51
N LEU W 288 -103.97 38.25 47.25
CA LEU W 288 -105.04 38.61 48.16
C LEU W 288 -106.19 39.29 47.45
N GLN W 289 -106.07 39.52 46.14
CA GLN W 289 -107.08 40.11 45.27
C GLN W 289 -107.39 41.56 45.64
N ASP W 290 -106.45 42.23 46.32
CA ASP W 290 -106.56 43.65 46.64
C ASP W 290 -105.76 44.38 45.56
N TYR W 291 -106.38 44.51 44.39
CA TYR W 291 -105.64 44.96 43.21
C TYR W 291 -105.22 46.42 43.32
N GLU W 292 -105.93 47.22 44.13
CA GLU W 292 -105.53 48.61 44.33
C GLU W 292 -104.17 48.70 45.01
N LYS W 293 -103.98 47.92 46.09
CA LYS W 293 -102.68 47.89 46.76
C LYS W 293 -101.62 47.26 45.88
N ALA W 294 -102.01 46.29 45.04
CA ALA W 294 -101.05 45.67 44.13
C ALA W 294 -100.51 46.68 43.15
N ILE W 295 -101.39 47.53 42.61
CA ILE W 295 -100.96 48.57 41.68
C ILE W 295 -100.02 49.56 42.36
N ASP W 296 -100.31 49.92 43.61
CA ASP W 296 -99.46 50.85 44.35
C ASP W 296 -98.02 50.35 44.43
N TYR W 297 -97.83 49.09 44.83
CA TYR W 297 -96.48 48.55 44.96
C TYR W 297 -95.83 48.29 43.61
N HIS W 298 -96.61 47.85 42.62
CA HIS W 298 -96.02 47.64 41.30
C HIS W 298 -95.58 48.95 40.67
N LEU W 299 -96.24 50.06 41.02
CA LEU W 299 -95.80 51.36 40.52
C LEU W 299 -94.50 51.78 41.19
N LYS W 300 -94.40 51.56 42.51
CA LYS W 300 -93.17 51.88 43.23
C LYS W 300 -92.00 51.09 42.66
N HIS W 301 -92.25 49.83 42.29
CA HIS W 301 -91.23 49.03 41.64
C HIS W 301 -90.86 49.58 40.27
N LEU W 302 -91.87 50.03 39.51
CA LEU W 302 -91.63 50.57 38.18
C LEU W 302 -90.73 51.80 38.25
N ALA W 303 -90.99 52.69 39.20
CA ALA W 303 -90.23 53.94 39.29
C ALA W 303 -88.77 53.66 39.60
N ILE W 304 -88.49 52.76 40.55
CA ILE W 304 -87.11 52.40 40.86
C ILE W 304 -86.47 51.72 39.66
N ALA W 305 -87.23 50.91 38.92
CA ALA W 305 -86.69 50.24 37.74
C ALA W 305 -86.26 51.27 36.70
N GLN W 306 -87.10 52.27 36.45
CA GLN W 306 -86.74 53.32 35.51
C GLN W 306 -85.53 54.11 36.00
N GLU W 307 -85.43 54.31 37.31
CA GLU W 307 -84.27 54.98 37.89
C GLU W 307 -82.99 54.21 37.59
N LEU W 308 -82.96 52.92 37.96
CA LEU W 308 -81.78 52.10 37.75
C LEU W 308 -81.62 51.68 36.30
N ASN W 309 -82.48 52.18 35.40
CA ASN W 309 -82.47 51.83 33.98
C ASN W 309 -82.51 50.32 33.76
N ASP W 310 -83.15 49.59 34.68
CA ASP W 310 -83.36 48.15 34.54
C ASP W 310 -84.50 47.93 33.55
N ARG W 311 -84.14 47.78 32.27
CA ARG W 311 -85.17 47.67 31.24
C ARG W 311 -85.96 46.37 31.38
N ILE W 312 -85.31 45.30 31.81
CA ILE W 312 -86.00 44.02 31.97
C ILE W 312 -87.09 44.14 33.02
N GLY W 313 -86.74 44.65 34.20
CA GLY W 313 -87.72 44.82 35.26
C GLY W 313 -88.83 45.80 34.92
N GLU W 314 -88.55 46.74 34.01
CA GLU W 314 -89.60 47.66 33.56
C GLU W 314 -90.70 46.90 32.83
N GLY W 315 -90.32 45.97 31.95
CA GLY W 315 -91.32 45.18 31.25
C GLY W 315 -92.10 44.29 32.20
N ARG W 316 -91.44 43.79 33.24
CA ARG W 316 -92.12 42.96 34.22
C ARG W 316 -93.20 43.76 34.95
N ALA W 317 -92.89 45.02 35.27
CA ALA W 317 -93.87 45.86 35.93
C ALA W 317 -95.02 46.20 35.00
N CYS W 318 -94.71 46.47 33.72
CA CYS W 318 -95.76 46.83 32.77
C CYS W 318 -96.75 45.69 32.58
N TRP W 319 -96.25 44.47 32.44
CA TRP W 319 -97.15 43.32 32.28
C TRP W 319 -98.02 43.13 33.52
N SER W 320 -97.41 43.25 34.71
CA SER W 320 -98.17 43.08 35.95
C SER W 320 -99.21 44.18 36.10
N LEU W 321 -98.83 45.42 35.83
CA LEU W 321 -99.76 46.54 35.93
C LEU W 321 -100.93 46.37 34.97
N GLY W 322 -100.63 45.93 33.74
CA GLY W 322 -101.70 45.67 32.78
C GLY W 322 -102.76 44.73 33.32
N ASN W 323 -102.33 43.64 33.96
CA ASN W 323 -103.30 42.68 34.49
C ASN W 323 -103.94 43.13 35.78
N ALA W 324 -103.23 43.93 36.58
CA ALA W 324 -103.86 44.47 37.77
C ALA W 324 -104.97 45.44 37.38
N TYR W 325 -104.69 46.31 36.41
CA TYR W 325 -105.71 47.25 35.95
C TYR W 325 -106.86 46.52 35.26
N THR W 326 -106.55 45.43 34.54
CA THR W 326 -107.60 44.65 33.90
C THR W 326 -108.51 44.00 34.93
N ALA W 327 -107.95 43.55 36.05
CA ALA W 327 -108.77 42.95 37.09
C ALA W 327 -109.65 43.98 37.78
N LEU W 328 -109.30 45.26 37.67
CA LEU W 328 -110.14 46.32 38.23
C LEU W 328 -111.14 46.85 37.21
N GLY W 329 -110.79 46.87 35.92
CA GLY W 329 -111.68 47.32 34.87
C GLY W 329 -111.20 48.55 34.13
N ASN W 330 -110.08 49.14 34.54
CA ASN W 330 -109.46 50.29 33.88
C ASN W 330 -108.86 49.86 32.54
N HIS W 331 -109.72 49.76 31.52
CA HIS W 331 -109.25 49.24 30.25
C HIS W 331 -108.36 50.25 29.51
N ASP W 332 -108.54 51.53 29.76
CA ASP W 332 -107.66 52.51 29.12
C ASP W 332 -106.26 52.47 29.73
N GLN W 333 -106.17 52.38 31.06
CA GLN W 333 -104.86 52.27 31.72
C GLN W 333 -104.21 50.93 31.43
N ALA W 334 -105.01 49.87 31.30
CA ALA W 334 -104.46 48.58 30.93
C ALA W 334 -103.85 48.62 29.54
N MET W 335 -104.53 49.26 28.58
CA MET W 335 -103.99 49.35 27.23
C MET W 335 -102.68 50.14 27.21
N HIS W 336 -102.51 51.07 28.15
CA HIS W 336 -101.29 51.87 28.15
C HIS W 336 -100.08 51.02 28.52
N PHE W 337 -100.20 50.26 29.61
CA PHE W 337 -99.09 49.41 30.04
C PHE W 337 -98.89 48.21 29.13
N ALA W 338 -99.94 47.74 28.47
CA ALA W 338 -99.77 46.65 27.52
C ALA W 338 -98.94 47.11 26.32
N GLU W 339 -99.13 48.37 25.91
CA GLU W 339 -98.30 48.94 24.85
C GLU W 339 -96.86 49.07 25.33
N LYS W 340 -96.67 49.57 26.55
CA LYS W 340 -95.34 49.65 27.12
C LYS W 340 -94.72 48.27 27.26
N HIS W 341 -95.53 47.27 27.54
CA HIS W 341 -95.02 45.90 27.61
C HIS W 341 -94.54 45.43 26.24
N LEU W 342 -95.31 45.70 25.19
CA LEU W 342 -94.90 45.34 23.84
C LEU W 342 -93.59 46.04 23.47
N GLU W 343 -93.48 47.33 23.80
CA GLU W 343 -92.29 48.09 23.42
C GLU W 343 -91.05 47.53 24.10
N ILE W 344 -91.12 47.34 25.42
CA ILE W 344 -89.96 46.81 26.14
C ILE W 344 -89.62 45.40 25.66
N SER W 345 -90.65 44.56 25.46
CA SER W 345 -90.42 43.17 25.05
C SER W 345 -89.67 43.11 23.73
N ARG W 346 -89.97 44.03 22.81
CA ARG W 346 -89.19 44.12 21.58
C ARG W 346 -87.75 44.55 21.85
N GLU W 347 -87.58 45.56 22.72
CA GLU W 347 -86.26 46.15 22.90
C GLU W 347 -85.29 45.19 23.57
N VAL W 348 -85.79 44.25 24.37
CA VAL W 348 -84.92 43.35 25.14
C VAL W 348 -84.90 41.96 24.56
N GLY W 349 -85.64 41.70 23.49
CA GLY W 349 -85.64 40.40 22.86
C GLY W 349 -86.47 39.36 23.57
N ASP W 350 -87.38 39.76 24.45
CA ASP W 350 -88.27 38.81 25.10
C ASP W 350 -89.33 38.37 24.10
N LYS W 351 -89.05 37.31 23.33
CA LYS W 351 -89.96 36.88 22.27
C LYS W 351 -91.27 36.41 22.85
N SER W 352 -91.22 35.74 24.01
CA SER W 352 -92.44 35.31 24.68
C SER W 352 -93.30 36.52 25.05
N GLY W 353 -92.69 37.53 25.68
CA GLY W 353 -93.45 38.70 26.10
C GLY W 353 -94.06 39.45 24.95
N GLU W 354 -93.35 39.52 23.82
CA GLU W 354 -93.83 40.27 22.68
C GLU W 354 -95.12 39.67 22.15
N LEU W 355 -95.18 38.33 22.07
CA LEU W 355 -96.37 37.66 21.55
C LEU W 355 -97.54 37.80 22.52
N THR W 356 -97.26 37.81 23.82
CA THR W 356 -98.33 37.99 24.80
C THR W 356 -98.90 39.39 24.77
N ALA W 357 -98.02 40.40 24.67
CA ALA W 357 -98.50 41.78 24.63
C ALA W 357 -99.40 42.01 23.41
N ARG W 358 -99.10 41.35 22.30
CA ARG W 358 -99.97 41.45 21.13
C ARG W 358 -101.32 40.81 21.40
N LEU W 359 -101.32 39.58 21.94
CA LEU W 359 -102.59 38.93 22.28
C LEU W 359 -103.38 39.70 23.33
N ASN W 360 -102.71 40.54 24.11
CA ASN W 360 -103.38 41.35 25.13
C ASN W 360 -104.05 42.58 24.53
N LEU W 361 -103.33 43.27 23.65
CA LEU W 361 -103.87 44.50 23.09
C LEU W 361 -105.05 44.20 22.19
N SER W 362 -104.98 43.12 21.42
CA SER W 362 -106.11 42.71 20.58
C SER W 362 -107.39 42.61 21.41
N ASP W 363 -107.32 41.94 22.56
CA ASP W 363 -108.50 41.74 23.38
C ASP W 363 -108.91 43.02 24.08
N LEU W 364 -107.94 43.72 24.65
CA LEU W 364 -108.22 44.97 25.37
C LEU W 364 -108.91 45.97 24.47
N GLN W 365 -108.57 45.98 23.19
CA GLN W 365 -109.35 46.79 22.27
C GLN W 365 -110.78 46.24 22.19
N MET W 366 -111.65 46.77 23.06
CA MET W 366 -113.09 46.46 23.13
C MET W 366 -113.74 47.30 24.24
N VAL W 367 -112.94 47.85 25.16
CA VAL W 367 -113.17 49.18 25.80
C VAL W 367 -111.90 49.71 26.45
N GLY X 9 -83.83 3.29 22.81
CA GLY X 9 -85.14 3.23 23.44
C GLY X 9 -85.86 4.57 23.53
N ASN X 10 -86.09 5.00 24.78
CA ASN X 10 -86.88 6.19 25.06
C ASN X 10 -86.10 7.27 25.81
N SER X 11 -84.95 6.94 26.39
CA SER X 11 -84.12 7.91 27.08
C SER X 11 -82.89 8.33 26.29
N ALA X 12 -82.66 7.73 25.12
CA ALA X 12 -81.51 8.10 24.31
C ALA X 12 -81.68 9.49 23.69
N LEU X 13 -82.92 9.95 23.55
CA LEU X 13 -83.18 11.23 22.90
C LEU X 13 -83.36 12.37 23.90
N LEU X 14 -82.98 12.18 25.17
CA LEU X 14 -83.11 13.20 26.22
C LEU X 14 -82.05 14.28 26.05
N SER X 15 -81.41 14.20 24.89
CA SER X 15 -80.27 15.02 24.51
C SER X 15 -80.60 16.07 23.48
N LEU X 16 -81.80 16.14 23.04
CA LEU X 16 -82.39 17.00 22.02
C LEU X 16 -83.08 18.20 22.63
N PRO X 17 -82.99 19.35 21.96
CA PRO X 17 -83.45 20.60 22.58
C PRO X 17 -84.93 20.61 23.01
N GLY X 18 -85.38 19.60 23.75
CA GLY X 18 -86.40 19.83 24.77
C GLY X 18 -87.72 19.07 24.74
N TYR X 19 -88.02 18.22 25.73
CA TYR X 19 -89.33 17.60 25.72
C TYR X 19 -89.83 17.12 27.09
N ARG X 20 -89.88 15.80 27.32
CA ARG X 20 -90.53 15.05 28.41
C ARG X 20 -91.90 14.60 27.91
N PRO X 21 -92.38 13.42 28.33
CA PRO X 21 -93.78 13.07 28.04
C PRO X 21 -94.78 13.34 29.17
N THR X 22 -94.47 12.93 30.41
CA THR X 22 -95.24 13.25 31.64
C THR X 22 -96.68 12.77 31.71
N THR X 23 -97.56 13.59 32.29
CA THR X 23 -98.97 13.27 32.52
C THR X 23 -99.86 14.10 31.60
N ARG X 24 -100.97 13.51 31.16
CA ARG X 24 -101.87 14.18 30.24
C ARG X 24 -103.17 14.59 30.90
N PHE X 45 -97.08 34.59 36.42
CA PHE X 45 -96.74 34.94 37.80
C PHE X 45 -95.24 34.73 38.01
N TYR X 46 -94.58 35.76 38.56
CA TYR X 46 -93.19 35.68 38.96
C TYR X 46 -93.09 35.50 40.47
N MET X 47 -92.09 34.71 40.88
CA MET X 47 -91.93 34.31 42.28
C MET X 47 -90.79 35.07 42.98
N GLY X 48 -89.57 34.90 42.52
CA GLY X 48 -88.45 35.31 43.34
C GLY X 48 -87.61 34.11 43.76
N THR X 49 -86.29 34.32 43.82
CA THR X 49 -85.39 33.20 44.03
C THR X 49 -85.47 32.71 45.47
N CYS X 50 -84.69 31.67 45.75
CA CYS X 50 -84.50 31.18 47.11
C CYS X 50 -83.47 32.00 47.86
N GLN X 51 -82.84 32.97 47.20
CA GLN X 51 -81.84 33.85 47.80
C GLN X 51 -80.84 33.20 48.74
N ASP X 52 -79.76 32.65 48.19
CA ASP X 52 -78.77 31.87 48.94
C ASP X 52 -77.93 32.76 49.87
N GLU X 53 -76.92 32.13 50.52
CA GLU X 53 -75.88 32.55 51.43
C GLU X 53 -74.57 32.83 50.70
N PRO X 54 -73.89 33.91 51.10
CA PRO X 54 -72.69 34.33 50.38
C PRO X 54 -71.56 33.32 50.58
N GLU X 55 -70.88 33.00 49.49
CA GLU X 55 -69.78 32.04 49.52
C GLU X 55 -68.69 32.59 50.43
N GLN X 56 -68.35 31.86 51.49
CA GLN X 56 -67.52 32.41 52.55
C GLN X 56 -66.04 32.34 52.20
N LEU X 57 -65.47 33.48 51.81
CA LEU X 57 -64.04 33.66 51.57
C LEU X 57 -63.51 34.87 52.33
N ASP X 58 -62.28 34.75 52.84
CA ASP X 58 -61.57 35.82 53.53
C ASP X 58 -60.15 35.29 53.73
N ASP X 59 -59.82 34.25 52.96
CA ASP X 59 -58.49 33.65 52.92
C ASP X 59 -57.50 34.63 52.30
N TRP X 60 -57.23 35.73 53.01
CA TRP X 60 -56.34 36.77 52.50
C TRP X 60 -55.19 37.05 53.47
N ASN X 61 -54.72 36.03 54.18
CA ASN X 61 -53.69 36.14 55.23
C ASN X 61 -52.71 34.99 55.11
N ARG X 62 -52.96 34.06 54.20
CA ARG X 62 -52.27 32.78 54.12
C ARG X 62 -50.82 32.97 53.66
N ILE X 63 -50.57 33.89 52.73
CA ILE X 63 -49.21 34.20 52.30
C ILE X 63 -48.55 35.27 53.15
N ALA X 64 -49.02 35.44 54.39
CA ALA X 64 -48.35 36.25 55.40
C ALA X 64 -48.57 35.65 56.78
N GLU X 65 -48.84 34.35 56.87
CA GLU X 65 -49.27 33.75 58.13
C GLU X 65 -48.12 33.63 59.10
N LEU X 66 -46.92 33.35 58.61
CA LEU X 66 -45.69 33.44 59.40
C LEU X 66 -44.71 34.33 58.65
N GLN X 67 -44.55 35.57 59.12
CA GLN X 67 -43.61 36.51 58.54
C GLN X 67 -42.82 37.29 59.59
N GLN X 68 -43.50 37.90 60.55
CA GLN X 68 -42.79 38.73 61.52
C GLN X 68 -42.53 37.99 62.83
#